data_8E1P
#
_entry.id   8E1P
#
_cell.length_a   146.057
_cell.length_b   157.666
_cell.length_c   158.558
_cell.angle_alpha   90.000
_cell.angle_beta   102.973
_cell.angle_gamma   90.000
#
_symmetry.space_group_name_H-M   'P 1 21 1'
#
loop_
_entity.id
_entity.type
_entity.pdbx_description
1 polymer 'germline PGV20 heavy chain'
2 polymer 'germline PGV20 light chain'
3 polymer 'germline PGV20 light chain'
4 polymer 'PGT124 Fab Light Chain'
5 polymer BG505-SOSIP.v4.1-GT1.2gp120
6 polymer 'PGT124 Fab Heavy Chain'
7 polymer 'Envelope glycoprotein gp41'
8 branched beta-D-mannopyranose-(1-4)-2-acetamido-2-deoxy-beta-D-glucopyranose-(1-4)-2-acetamido-2-deoxy-beta-D-glucopyranose
9 branched 2-acetamido-2-deoxy-beta-D-glucopyranose-(1-4)-2-acetamido-2-deoxy-beta-D-glucopyranose
10 branched alpha-D-mannopyranose-(1-2)-alpha-D-mannopyranose-(1-2)-alpha-D-mannopyranose-(1-3)-[alpha-D-mannopyranose-(1-6)]beta-D-mannopyranose-(1-4)-2-acetamido-2-deoxy-beta-D-glucopyranose-(1-4)-2-acetamido-2-deoxy-beta-D-glucopyranose
11 branched alpha-D-mannopyranose-(1-2)-alpha-D-mannopyranose-(1-2)-alpha-D-mannopyranose-(1-3)-[alpha-D-mannopyranose-(1-3)-[alpha-D-mannopyranose-(1-6)]alpha-D-mannopyranose-(1-6)]2-acetamido-2-deoxy-beta-D-glucopyranose-(1-4)-2-acetamido-2-deoxy-beta-D-glucopyranose-(1-4)-2-acetamido-2-deoxy-beta-D-glucopyranose
12 branched alpha-D-mannopyranose-(1-3)-[alpha-D-mannopyranose-(1-6)]alpha-D-mannopyranose-(1-6)-beta-D-mannopyranose-(1-4)-2-acetamido-2-deoxy-beta-D-glucopyranose-(1-4)-2-acetamido-2-deoxy-beta-D-glucopyranose
13 branched alpha-D-mannopyranose-(1-2)-alpha-D-mannopyranose-(1-2)-alpha-D-mannopyranose
14 non-polymer 2-acetamido-2-deoxy-beta-D-glucopyranose
#
loop_
_entity_poly.entity_id
_entity_poly.type
_entity_poly.pdbx_seq_one_letter_code
_entity_poly.pdbx_strand_id
1 'polypeptide(L)'
;QVQLVQSGAEVKKPGASVKVSCKASGYTFTGYYMHWVRQAPGQGLEWMGWINPNSGGTNYAQKFQGRVTMTRDTSISTAY
MELSRLRSDDTAVYYCARRMRSQDREWDFQHWGQGTLVTVSSASTKGPSVFPLAPSSKSTSGGTAALGCLVKDYFPEPVT
VSWNSGALTSGVHTFPAVLQSSGLYSLSSVVTVPSSSLGTQTYICNVNHKPSNTKVDKKVEPKSC
;
F,H,N
2 'polypeptide(L)'
;ESALTQPASVSGSPGQSITISCTGTSSDVGGYNYVSWYQQHPGKAPKLMIYEVSNRPSGVSNRFSGSKSGNTASLTISGL
QAEDEADYYCSSYEFFGGGTKVFVLGQPKAAPSVTLFPPSSEELQANKATLVCLISDFYPGAVTVAWKADSSPVKAGVET
TTPSKQSNNKYAASSYLSLTPEQWKSHKSYSCQVTHEGSTVEKTVAPTEC
;
I
3 'polypeptide(L)'
;ESALTQPASVSGSPGQSITISCTGTSSDVGGYNYVSWYQQHPGKAPKLMIYEVSNRPSGVSNRFSGSKSGNTASLTISGL
QAEEDADYYCSSYEFFGGGTKVFVLGQPKAAPSVTLFPPSSEELQANKATLVCLISDFYPGAVTVAWKADSSPVKAGVET
TTPSKQSNNKYAASSYLSLTPEQWKSHKSYSCQVTHEGSTVEKTVAPTEC
;
L,O
4 'polypeptide(L)'
;SYVSPLSVALGETARISCGRQALGSRAVQWYQHKPGQAPILLIYNNQDRPSGIPERFSGTPDINFGTTATLTISGVEVGD
EADYYCHMWDSRSGFSWSFGGATRLTVLSQPKAAPSVTLFPPSSEELQANKATLVCLISDFYPGAVTVAWKADSSPVKAG
VETTTPSKQSNNKYAASSYLSLTPEQWKSHKSYSCQVTHEGSTVEKTVAPTECS
;
A,C,J
5 'polypeptide(L)'
;AENLWVTVYYGVPVWKDAETTLFCASDAKAYETKKHNVWATHACVPTDPNPQEIHLENVTEEFNMWKNNMVEQMHTDIIS
LWDQSLKPCVKLTPLCVTLQCTNVTNNITDDMRGELKNCSFNMTTELRDKRQKVHALFYKLDIVPINENQNTSYRLINCN
TAAITQACPKVSFEPIPIHYCAPAGFAILKCKDKKFNGTGPCPSVSTVQCTHGIKPVVSTQLLLNGSLAEEEVMIRSEDI
RDNAKNILVQFNTPVQINCTRPNNNTRKSIRIGPGQWFYATGDIIGDIRQAHCNVSKATWNETLGKVVKQLRKHFGNNTI
IRFANSSGGDLEVTTHSFNCGGEFFYCDTSGLFNSTWISNTSVQGSNSTGSNDSITLPCRIKQIINMWQRIGQAMYAPPI
QGVIRCVSNITGLILTRDGGSTDSTTETFRPSGGDMRDNWRSELYKYKVVKIEPLGVAPTRCKRRVVGRRRRRR
;
E,G,M
6 'polypeptide(L)'
;QVQLQESGPGLVRPSETLSVTCIVSGGSISNYYWTWIRQSPGKGLEWIGYISDRETTTYNPSLNSRAVISRDTSKNQLSL
QLRSVTTADTAIYFCATARRGQRIYGVVSFGEFFYYYYMDVWGKGTAVTVSSASTKGPSVFPLAPSSKSTSGGTAALGCL
VKDYFPEPVTVSWNSGALTSGVHTFPAVLQSSGLYSLSSVVTVPSSSLGTQTYICNVNHKPSNTKVDKKVEPKSCD
;
B,D,K
7 'polypeptide(L)'
;AVGIGAVFLGFLGAAGSTMGAASMTLTVQARNLLSGIVQQQSNLLRAPEAQQHLLKLTVWGIKQLQARVLAVERYLRDQQ
LLGIWGCSGKLICCTNVPWNSSWSNRNLSEIWDNMTWLQWDKEISNYTQIIYGLLEESQNQQEKNEQDLLALD
;
Y,X,Z
#
loop_
_chem_comp.id
_chem_comp.type
_chem_comp.name
_chem_comp.formula
BMA D-saccharide, beta linking beta-D-mannopyranose 'C6 H12 O6'
MAN D-saccharide, alpha linking alpha-D-mannopyranose 'C6 H12 O6'
NAG D-saccharide, beta linking 2-acetamido-2-deoxy-beta-D-glucopyranose 'C8 H15 N O6'
#
# COMPACT_ATOMS: atom_id res chain seq x y z
N GLN A 1 -6.63 37.96 -6.26
CA GLN A 1 -5.75 37.94 -7.43
C GLN A 1 -6.31 37.02 -8.52
N VAL A 2 -7.62 37.16 -8.77
CA VAL A 2 -8.30 36.34 -9.77
C VAL A 2 -7.74 36.67 -11.15
N GLN A 3 -7.23 35.66 -11.84
CA GLN A 3 -6.60 35.82 -13.14
C GLN A 3 -7.44 35.14 -14.21
N LEU A 4 -7.81 35.89 -15.25
CA LEU A 4 -8.56 35.36 -16.38
C LEU A 4 -7.79 35.62 -17.66
N VAL A 5 -7.43 34.55 -18.36
CA VAL A 5 -6.63 34.62 -19.59
C VAL A 5 -7.40 33.93 -20.70
N GLN A 6 -7.69 34.68 -21.77
CA GLN A 6 -8.37 34.13 -22.92
C GLN A 6 -7.36 33.90 -24.05
N SER A 7 -7.85 33.39 -25.18
CA SER A 7 -7.00 33.09 -26.32
C SER A 7 -6.74 34.36 -27.13
N GLY A 8 -5.90 34.23 -28.16
CA GLY A 8 -5.60 35.33 -29.04
C GLY A 8 -6.70 35.57 -30.07
N ALA A 9 -6.49 36.60 -30.88
CA ALA A 9 -7.47 36.94 -31.90
C ALA A 9 -7.57 35.84 -32.95
N GLU A 10 -8.80 35.58 -33.39
CA GLU A 10 -9.08 34.56 -34.39
C GLU A 10 -9.75 35.20 -35.59
N VAL A 11 -9.49 34.64 -36.77
CA VAL A 11 -10.09 35.11 -38.02
C VAL A 11 -10.68 33.90 -38.74
N LYS A 12 -11.99 33.91 -38.94
CA LYS A 12 -12.68 32.82 -39.62
C LYS A 12 -13.50 33.38 -40.77
N LYS A 13 -13.75 32.52 -41.76
CA LYS A 13 -14.59 32.88 -42.89
C LYS A 13 -16.07 32.69 -42.51
N PRO A 14 -16.97 33.41 -43.15
CA PRO A 14 -18.40 33.28 -42.81
C PRO A 14 -18.92 31.89 -43.16
N GLY A 15 -19.54 31.24 -42.17
CA GLY A 15 -20.04 29.89 -42.30
C GLY A 15 -19.24 28.86 -41.53
N ALA A 16 -18.01 29.18 -41.14
CA ALA A 16 -17.18 28.27 -40.37
C ALA A 16 -17.52 28.41 -38.88
N SER A 17 -16.65 27.87 -38.03
CA SER A 17 -16.86 27.94 -36.59
C SER A 17 -15.52 28.22 -35.92
N VAL A 18 -15.59 28.66 -34.66
CA VAL A 18 -14.40 29.04 -33.89
C VAL A 18 -14.65 28.70 -32.42
N LYS A 19 -13.60 28.26 -31.74
CA LYS A 19 -13.65 27.92 -30.33
C LYS A 19 -12.79 28.91 -29.55
N VAL A 20 -13.38 29.53 -28.53
CA VAL A 20 -12.73 30.58 -27.75
C VAL A 20 -12.37 30.02 -26.38
N SER A 21 -11.11 30.15 -25.99
CA SER A 21 -10.60 29.68 -24.71
C SER A 21 -10.80 30.74 -23.62
N CYS A 22 -10.73 30.30 -22.37
CA CYS A 22 -10.83 31.20 -21.22
C CYS A 22 -10.25 30.48 -20.02
N LYS A 23 -8.98 30.75 -19.72
CA LYS A 23 -8.29 30.12 -18.61
C LYS A 23 -8.47 30.94 -17.34
N ALA A 24 -8.80 30.27 -16.24
CA ALA A 24 -9.01 30.92 -14.95
C ALA A 24 -7.92 30.52 -13.97
N SER A 25 -7.63 31.41 -13.03
CA SER A 25 -6.61 31.16 -12.04
C SER A 25 -6.86 32.05 -10.82
N GLY A 26 -6.42 31.59 -9.66
CA GLY A 26 -6.53 32.36 -8.45
C GLY A 26 -7.74 32.10 -7.60
N TYR A 27 -8.55 31.10 -7.94
CA TYR A 27 -9.75 30.75 -7.18
C TYR A 27 -10.13 29.32 -7.52
N THR A 28 -11.20 28.84 -6.87
CA THR A 28 -11.70 27.50 -7.10
C THR A 28 -12.53 27.49 -8.39
N PHE A 29 -11.98 26.90 -9.45
CA PHE A 29 -12.62 26.97 -10.76
C PHE A 29 -13.99 26.31 -10.76
N THR A 30 -14.17 25.23 -9.98
CA THR A 30 -15.41 24.48 -9.99
C THR A 30 -16.42 25.00 -8.98
N GLY A 31 -16.28 26.25 -8.53
CA GLY A 31 -17.20 26.80 -7.56
C GLY A 31 -17.99 28.00 -8.07
N TYR A 32 -17.66 28.45 -9.27
CA TYR A 32 -18.27 29.64 -9.83
C TYR A 32 -18.70 29.36 -11.27
N TYR A 33 -19.91 29.80 -11.63
CA TYR A 33 -20.33 29.68 -13.01
C TYR A 33 -19.47 30.58 -13.90
N MET A 34 -19.46 30.28 -15.19
CA MET A 34 -18.68 31.03 -16.17
C MET A 34 -19.63 31.58 -17.23
N HIS A 35 -19.71 32.90 -17.34
CA HIS A 35 -20.58 33.56 -18.30
C HIS A 35 -19.80 33.97 -19.55
N TRP A 36 -20.55 34.33 -20.59
CA TRP A 36 -19.97 34.78 -21.85
C TRP A 36 -20.76 35.98 -22.36
N VAL A 37 -20.10 37.13 -22.46
CA VAL A 37 -20.73 38.35 -22.94
C VAL A 37 -19.89 38.92 -24.07
N ARG A 38 -20.52 39.16 -25.22
CA ARG A 38 -19.87 39.73 -26.39
C ARG A 38 -20.30 41.17 -26.60
N GLN A 39 -19.51 41.90 -27.38
CA GLN A 39 -19.80 43.30 -27.70
C GLN A 39 -19.36 43.57 -29.13
N ALA A 40 -20.33 43.88 -29.99
CA ALA A 40 -20.01 44.22 -31.36
C ALA A 40 -19.21 45.53 -31.41
N PRO A 41 -18.28 45.66 -32.36
CA PRO A 41 -17.45 46.87 -32.42
C PRO A 41 -18.30 48.12 -32.58
N GLY A 42 -18.23 49.00 -31.60
CA GLY A 42 -19.04 50.19 -31.57
C GLY A 42 -20.44 50.01 -31.01
N GLN A 43 -20.73 48.84 -30.43
CA GLN A 43 -22.06 48.58 -29.90
C GLN A 43 -22.00 48.29 -28.39
N GLY A 44 -23.04 47.64 -27.87
CA GLY A 44 -23.12 47.35 -26.46
C GLY A 44 -22.85 45.88 -26.13
N LEU A 45 -22.92 45.57 -24.84
CA LEU A 45 -22.69 44.21 -24.37
C LEU A 45 -23.92 43.35 -24.59
N GLU A 46 -23.69 42.05 -24.74
CA GLU A 46 -24.76 41.10 -24.99
C GLU A 46 -24.41 39.78 -24.32
N TRP A 47 -25.23 39.37 -23.36
CA TRP A 47 -25.01 38.12 -22.66
C TRP A 47 -25.42 36.94 -23.55
N MET A 48 -24.56 35.91 -23.59
CA MET A 48 -24.82 34.72 -24.40
C MET A 48 -25.27 33.52 -23.57
N GLY A 49 -24.59 33.24 -22.45
CA GLY A 49 -24.92 32.09 -21.63
C GLY A 49 -23.88 31.77 -20.59
N TRP A 50 -24.30 31.15 -19.49
CA TRP A 50 -23.40 30.73 -18.42
C TRP A 50 -23.25 29.21 -18.40
N ILE A 51 -22.08 28.75 -17.96
CA ILE A 51 -21.78 27.33 -17.86
C ILE A 51 -21.30 27.02 -16.45
N ASN A 52 -21.81 25.93 -15.89
CA ASN A 52 -21.43 25.50 -14.54
C ASN A 52 -20.28 24.50 -14.62
N PRO A 53 -19.06 24.88 -14.24
CA PRO A 53 -17.93 23.94 -14.38
C PRO A 53 -18.09 22.67 -13.58
N ASN A 54 -18.94 22.67 -12.55
CA ASN A 54 -19.21 21.49 -11.74
C ASN A 54 -19.74 20.35 -12.60
N SER A 55 -20.96 20.50 -13.12
CA SER A 55 -21.59 19.44 -13.90
C SER A 55 -21.46 19.64 -15.40
N GLY A 56 -21.19 20.85 -15.86
CA GLY A 56 -21.13 21.15 -17.27
C GLY A 56 -22.41 21.72 -17.85
N GLY A 57 -23.50 21.72 -17.08
CA GLY A 57 -24.76 22.27 -17.54
C GLY A 57 -24.66 23.74 -17.89
N THR A 58 -25.20 24.11 -19.05
CA THR A 58 -25.11 25.47 -19.55
C THR A 58 -26.50 26.12 -19.53
N ASN A 59 -26.58 27.31 -20.12
CA ASN A 59 -27.83 28.02 -20.25
C ASN A 59 -27.72 29.02 -21.40
N TYR A 60 -27.83 28.52 -22.63
CA TYR A 60 -27.66 29.37 -23.80
C TYR A 60 -28.89 30.23 -24.03
N ALA A 61 -28.66 31.48 -24.42
CA ALA A 61 -29.74 32.40 -24.72
C ALA A 61 -30.51 31.93 -25.96
N GLN A 62 -31.75 32.39 -26.07
CA GLN A 62 -32.60 31.93 -27.16
C GLN A 62 -32.10 32.44 -28.51
N LYS A 63 -31.38 33.57 -28.51
CA LYS A 63 -30.84 34.10 -29.75
C LYS A 63 -29.76 33.19 -30.32
N PHE A 64 -28.94 32.60 -29.45
CA PHE A 64 -27.89 31.68 -29.85
C PHE A 64 -28.24 30.23 -29.53
N GLN A 65 -29.52 29.95 -29.29
CA GLN A 65 -29.96 28.61 -28.94
C GLN A 65 -29.83 27.71 -30.18
N GLY A 66 -28.85 26.82 -30.17
CA GLY A 66 -28.59 25.93 -31.28
C GLY A 66 -27.38 26.28 -32.11
N ARG A 67 -26.58 27.25 -31.70
CA ARG A 67 -25.37 27.65 -32.42
C ARG A 67 -24.13 27.61 -31.54
N VAL A 68 -24.25 27.94 -30.27
CA VAL A 68 -23.12 28.00 -29.35
C VAL A 68 -23.11 26.74 -28.49
N THR A 69 -21.90 26.22 -28.23
CA THR A 69 -21.71 25.07 -27.37
C THR A 69 -20.59 25.39 -26.37
N MET A 70 -20.94 25.46 -25.10
CA MET A 70 -20.01 25.86 -24.04
C MET A 70 -19.56 24.61 -23.27
N THR A 71 -18.26 24.35 -23.31
CA THR A 71 -17.64 23.24 -22.59
C THR A 71 -16.57 23.77 -21.66
N ARG A 72 -16.05 22.89 -20.81
CA ARG A 72 -15.01 23.27 -19.87
C ARG A 72 -14.08 22.09 -19.64
N ASP A 73 -12.89 22.39 -19.14
CA ASP A 73 -11.89 21.38 -18.79
C ASP A 73 -11.46 21.67 -17.35
N THR A 74 -12.01 20.89 -16.40
CA THR A 74 -11.75 21.15 -15.00
C THR A 74 -10.31 20.84 -14.62
N SER A 75 -9.66 19.94 -15.36
CA SER A 75 -8.27 19.61 -15.05
C SER A 75 -7.35 20.81 -15.23
N ILE A 76 -7.57 21.60 -16.29
CA ILE A 76 -6.75 22.76 -16.58
C ILE A 76 -7.45 24.07 -16.22
N SER A 77 -8.68 24.01 -15.71
CA SER A 77 -9.45 25.19 -15.30
C SER A 77 -9.60 26.17 -16.46
N THR A 78 -10.19 25.68 -17.56
CA THR A 78 -10.34 26.47 -18.77
C THR A 78 -11.74 26.23 -19.34
N ALA A 79 -12.49 27.31 -19.51
CA ALA A 79 -13.80 27.25 -20.15
C ALA A 79 -13.67 27.57 -21.63
N TYR A 80 -14.58 26.99 -22.43
CA TYR A 80 -14.53 27.13 -23.87
C TYR A 80 -15.88 27.61 -24.40
N MET A 81 -15.83 28.36 -25.51
CA MET A 81 -17.03 28.90 -26.14
C MET A 81 -16.88 28.72 -27.64
N GLU A 82 -17.70 27.86 -28.23
CA GLU A 82 -17.66 27.55 -29.66
C GLU A 82 -18.95 28.02 -30.31
N LEU A 83 -18.81 28.85 -31.35
CA LEU A 83 -19.95 29.36 -32.11
C LEU A 83 -19.90 28.78 -33.51
N SER A 84 -20.94 28.04 -33.89
CA SER A 84 -21.01 27.41 -35.20
C SER A 84 -21.78 28.27 -36.19
N ARG A 85 -21.45 28.11 -37.47
CA ARG A 85 -22.08 28.85 -38.56
C ARG A 85 -22.00 30.36 -38.32
N LEU A 86 -20.82 30.94 -38.54
CA LEU A 86 -20.61 32.36 -38.26
C LEU A 86 -21.24 33.22 -39.34
N ARG A 87 -22.03 34.20 -38.92
CA ARG A 87 -22.65 35.16 -39.81
C ARG A 87 -21.84 36.45 -39.84
N SER A 88 -22.29 37.41 -40.65
CA SER A 88 -21.57 38.67 -40.80
C SER A 88 -21.60 39.49 -39.52
N ASP A 89 -22.66 39.38 -38.74
CA ASP A 89 -22.82 40.16 -37.51
C ASP A 89 -22.10 39.56 -36.32
N ASP A 90 -21.48 38.39 -36.46
CA ASP A 90 -20.83 37.73 -35.34
C ASP A 90 -19.47 38.34 -35.00
N THR A 91 -18.97 39.27 -35.80
CA THR A 91 -17.73 39.97 -35.44
C THR A 91 -17.95 40.79 -34.18
N ALA A 92 -17.23 40.44 -33.12
CA ALA A 92 -17.37 41.12 -31.84
C ALA A 92 -16.19 40.76 -30.95
N VAL A 93 -16.12 41.43 -29.80
CA VAL A 93 -15.14 41.13 -28.77
C VAL A 93 -15.84 40.29 -27.70
N TYR A 94 -15.37 39.06 -27.50
CA TYR A 94 -16.03 38.10 -26.64
C TYR A 94 -15.30 38.00 -25.31
N TYR A 95 -16.00 38.29 -24.22
CA TYR A 95 -15.46 38.21 -22.86
C TYR A 95 -16.04 37.03 -22.13
N CYS A 96 -15.28 36.51 -21.16
CA CYS A 96 -15.78 35.54 -20.19
C CYS A 96 -15.73 36.17 -18.81
N ALA A 97 -16.91 36.30 -18.18
CA ALA A 97 -17.05 36.98 -16.90
C ALA A 97 -17.28 35.97 -15.78
N ARG A 98 -17.05 36.43 -14.55
CA ARG A 98 -17.24 35.62 -13.35
C ARG A 98 -17.91 36.46 -12.28
N ARG A 99 -18.69 35.81 -11.43
CA ARG A 99 -19.45 36.50 -10.39
C ARG A 99 -18.53 37.00 -9.28
N MET A 100 -19.09 37.82 -8.41
CA MET A 100 -18.39 38.23 -7.20
C MET A 100 -18.22 37.04 -6.26
N ARG A 101 -17.10 37.03 -5.53
CA ARG A 101 -16.95 36.04 -4.47
C ARG A 101 -17.95 36.29 -3.35
N SER A 102 -18.11 37.53 -2.94
CA SER A 102 -19.09 37.91 -1.95
C SER A 102 -20.42 38.21 -2.63
N GLN A 103 -21.41 38.61 -1.83
CA GLN A 103 -22.71 39.05 -2.31
C GLN A 103 -23.36 38.01 -3.22
N ASP A 104 -24.03 37.03 -2.61
CA ASP A 104 -24.83 35.99 -3.30
C ASP A 104 -24.00 35.44 -4.46
N ARG A 105 -24.55 35.34 -5.67
CA ARG A 105 -23.81 34.79 -6.78
C ARG A 105 -24.49 35.15 -8.09
N GLU A 106 -23.68 35.24 -9.15
CA GLU A 106 -24.04 34.98 -10.54
C GLU A 106 -24.29 36.20 -11.41
N TRP A 107 -24.84 37.29 -10.87
CA TRP A 107 -25.29 38.38 -11.72
C TRP A 107 -24.63 39.72 -11.40
N ASP A 108 -23.46 39.71 -10.77
CA ASP A 108 -22.67 40.92 -10.55
C ASP A 108 -21.23 40.61 -10.96
N PHE A 109 -20.96 40.73 -12.25
CA PHE A 109 -19.67 40.36 -12.85
C PHE A 109 -18.59 41.29 -12.35
N GLN A 110 -17.82 40.85 -11.37
CA GLN A 110 -16.69 41.62 -10.87
C GLN A 110 -15.42 41.34 -11.66
N HIS A 111 -15.26 40.13 -12.18
CA HIS A 111 -14.05 39.74 -12.90
C HIS A 111 -14.36 39.50 -14.36
N TRP A 112 -13.55 40.06 -15.25
CA TRP A 112 -13.69 39.91 -16.68
C TRP A 112 -12.34 39.50 -17.27
N GLY A 113 -12.40 38.88 -18.45
CA GLY A 113 -11.19 38.60 -19.19
C GLY A 113 -10.77 39.80 -20.04
N GLN A 114 -9.57 39.67 -20.63
CA GLN A 114 -9.09 40.75 -21.48
C GLN A 114 -9.84 40.85 -22.80
N GLY A 115 -10.60 39.81 -23.16
CA GLY A 115 -11.38 39.83 -24.38
C GLY A 115 -10.70 39.11 -25.53
N THR A 116 -11.49 38.44 -26.35
CA THR A 116 -11.00 37.75 -27.54
C THR A 116 -11.73 38.31 -28.75
N LEU A 117 -10.95 38.71 -29.75
CA LEU A 117 -11.50 39.36 -30.94
C LEU A 117 -11.54 38.34 -32.08
N VAL A 118 -12.74 37.89 -32.42
CA VAL A 118 -12.98 37.04 -33.58
C VAL A 118 -13.70 37.87 -34.62
N THR A 119 -13.35 37.65 -35.89
CA THR A 119 -13.88 38.48 -36.96
C THR A 119 -14.21 37.61 -38.17
N VAL A 120 -15.29 37.96 -38.86
CA VAL A 120 -15.67 37.34 -40.12
C VAL A 120 -15.43 38.34 -41.23
N SER A 121 -14.51 38.01 -42.14
CA SER A 121 -14.17 38.88 -43.25
C SER A 121 -14.21 38.06 -44.54
N SER A 122 -15.06 38.48 -45.48
CA SER A 122 -15.20 37.81 -46.77
C SER A 122 -14.86 38.83 -47.85
N ALA A 123 -13.66 38.74 -48.41
CA ALA A 123 -13.21 39.69 -49.41
C ALA A 123 -11.94 39.17 -50.08
N SER A 124 -11.67 39.71 -51.27
CA SER A 124 -10.44 39.44 -52.00
C SER A 124 -9.67 40.73 -52.18
N THR A 125 -8.37 40.60 -52.43
CA THR A 125 -7.52 41.77 -52.61
C THR A 125 -7.96 42.55 -53.85
N LYS A 126 -8.34 43.82 -53.63
CA LYS A 126 -8.88 44.66 -54.69
C LYS A 126 -8.30 46.06 -54.59
N GLY A 127 -7.93 46.63 -55.73
CA GLY A 127 -7.38 47.96 -55.78
C GLY A 127 -8.43 49.02 -55.55
N PRO A 128 -8.04 50.15 -54.95
CA PRO A 128 -9.00 51.22 -54.69
C PRO A 128 -9.36 51.96 -55.96
N SER A 129 -10.59 52.45 -56.01
CA SER A 129 -11.10 53.24 -57.14
C SER A 129 -11.16 54.70 -56.68
N VAL A 130 -10.03 55.40 -56.79
CA VAL A 130 -9.90 56.75 -56.28
C VAL A 130 -10.63 57.72 -57.21
N PHE A 131 -11.38 58.64 -56.61
CA PHE A 131 -12.09 59.69 -57.33
C PHE A 131 -11.85 61.03 -56.64
N PRO A 132 -11.67 62.11 -57.41
CA PRO A 132 -11.41 63.41 -56.80
C PRO A 132 -12.67 64.04 -56.23
N LEU A 133 -12.45 64.98 -55.30
CA LEU A 133 -13.52 65.75 -54.67
C LEU A 133 -13.26 67.22 -54.99
N ALA A 134 -13.85 67.69 -56.09
CA ALA A 134 -13.56 69.03 -56.58
C ALA A 134 -14.10 70.08 -55.60
N PRO A 135 -13.38 71.18 -55.39
CA PRO A 135 -13.85 72.21 -54.47
C PRO A 135 -15.00 73.02 -55.06
N SER A 136 -15.66 73.76 -54.19
CA SER A 136 -16.78 74.61 -54.57
C SER A 136 -16.51 76.05 -54.14
N SER A 137 -17.27 76.97 -54.73
CA SER A 137 -17.14 78.38 -54.42
C SER A 137 -18.50 79.09 -54.47
N SER A 141 -16.47 82.98 -47.32
CA SER A 141 -15.96 81.61 -47.44
C SER A 141 -14.49 81.66 -47.71
N GLY A 142 -13.99 80.57 -48.24
CA GLY A 142 -12.66 80.62 -48.77
C GLY A 142 -12.64 81.46 -50.04
N GLY A 143 -11.60 82.28 -50.30
CA GLY A 143 -10.53 82.58 -49.35
C GLY A 143 -9.51 81.47 -49.17
N THR A 144 -10.05 80.27 -49.07
CA THR A 144 -9.45 79.05 -48.59
C THR A 144 -10.45 77.94 -48.86
N ALA A 145 -10.41 77.36 -50.05
CA ALA A 145 -11.39 76.33 -50.39
C ALA A 145 -10.96 74.98 -49.83
N ALA A 146 -11.85 74.00 -49.94
CA ALA A 146 -11.60 72.66 -49.45
C ALA A 146 -11.78 71.65 -50.57
N LEU A 147 -10.77 70.79 -50.75
CA LEU A 147 -10.80 69.78 -51.79
C LEU A 147 -10.18 68.49 -51.25
N GLY A 148 -10.56 67.38 -51.85
CA GLY A 148 -10.09 66.10 -51.38
C GLY A 148 -10.22 64.99 -52.42
N CYS A 149 -10.12 63.75 -51.93
CA CYS A 149 -10.16 62.57 -52.78
C CYS A 149 -10.96 61.48 -52.07
N LEU A 150 -11.58 60.61 -52.86
CA LEU A 150 -12.42 59.52 -52.36
C LEU A 150 -11.77 58.19 -52.70
N VAL A 151 -11.12 57.57 -51.73
CA VAL A 151 -10.59 56.22 -51.87
C VAL A 151 -11.76 55.25 -51.70
N LYS A 152 -12.23 54.68 -52.80
CA LYS A 152 -13.47 53.92 -52.82
C LYS A 152 -13.20 52.46 -53.14
N ASP A 153 -13.86 51.57 -52.38
CA ASP A 153 -13.86 50.13 -52.64
C ASP A 153 -12.46 49.54 -52.73
N TYR A 154 -11.85 49.26 -51.58
CA TYR A 154 -10.54 48.62 -51.55
C TYR A 154 -10.47 47.63 -50.39
N PHE A 155 -9.57 46.65 -50.53
CA PHE A 155 -9.31 45.65 -49.52
C PHE A 155 -7.93 45.10 -49.82
N PRO A 156 -7.09 44.88 -48.80
CA PRO A 156 -7.31 45.23 -47.40
C PRO A 156 -6.47 46.41 -46.91
N GLU A 157 -6.88 46.94 -45.77
CA GLU A 157 -6.23 48.11 -45.18
C GLU A 157 -4.84 47.77 -44.66
N PRO A 158 -3.99 48.80 -44.37
CA PRO A 158 -4.26 50.23 -44.50
C PRO A 158 -3.66 50.92 -45.72
N VAL A 159 -4.30 51.99 -46.16
CA VAL A 159 -3.83 52.80 -47.28
C VAL A 159 -3.25 54.10 -46.73
N THR A 160 -2.14 54.54 -47.29
CA THR A 160 -1.48 55.78 -46.89
C THR A 160 -1.79 56.87 -47.90
N VAL A 161 -2.25 58.02 -47.41
CA VAL A 161 -2.65 59.13 -48.26
C VAL A 161 -1.81 60.35 -47.90
N SER A 162 -1.04 60.84 -48.87
CA SER A 162 -0.27 62.06 -48.71
C SER A 162 -0.62 63.00 -49.86
N TRP A 163 -0.35 64.29 -49.66
CA TRP A 163 -0.67 65.32 -50.63
C TRP A 163 0.60 65.93 -51.20
N ASN A 164 0.61 66.11 -52.52
CA ASN A 164 1.77 66.66 -53.25
C ASN A 164 3.03 65.86 -52.98
N SER A 165 2.88 64.53 -52.84
CA SER A 165 3.99 63.62 -52.56
C SER A 165 4.74 64.02 -51.29
N GLY A 166 4.03 64.57 -50.31
CA GLY A 166 4.62 64.98 -49.05
C GLY A 166 4.89 66.46 -48.93
N ALA A 167 4.82 67.21 -50.04
CA ALA A 167 5.09 68.64 -49.97
C ALA A 167 3.96 69.40 -49.30
N LEU A 168 2.73 68.90 -49.41
CA LEU A 168 1.56 69.55 -48.83
C LEU A 168 1.14 68.76 -47.59
N THR A 169 1.35 69.34 -46.42
CA THR A 169 1.01 68.70 -45.16
C THR A 169 -0.06 69.42 -44.38
N SER A 170 -0.27 70.71 -44.59
CA SER A 170 -1.28 71.48 -43.89
C SER A 170 -2.12 72.26 -44.88
N GLY A 171 -3.44 72.17 -44.75
CA GLY A 171 -4.04 71.33 -43.72
C GLY A 171 -4.55 70.02 -44.27
N VAL A 172 -3.95 68.92 -43.86
CA VAL A 172 -4.31 67.59 -44.35
C VAL A 172 -5.03 66.84 -43.24
N HIS A 173 -6.17 66.23 -43.57
CA HIS A 173 -6.96 65.46 -42.61
C HIS A 173 -7.48 64.22 -43.32
N THR A 174 -6.83 63.08 -43.09
CA THR A 174 -7.23 61.81 -43.68
C THR A 174 -8.17 61.10 -42.71
N PHE A 175 -9.43 60.96 -43.10
CA PHE A 175 -10.42 60.34 -42.25
C PHE A 175 -10.26 58.81 -42.24
N PRO A 176 -10.62 58.16 -41.13
CA PRO A 176 -10.58 56.70 -41.11
C PRO A 176 -11.62 56.10 -42.05
N ALA A 177 -11.35 54.88 -42.46
CA ALA A 177 -12.22 54.25 -43.45
C ALA A 177 -13.46 53.63 -42.79
N VAL A 178 -14.43 53.31 -43.63
CA VAL A 178 -15.69 52.70 -43.20
C VAL A 178 -15.79 51.32 -43.83
N LEU A 179 -16.34 50.38 -43.09
CA LEU A 179 -16.49 49.02 -43.58
C LEU A 179 -17.83 48.85 -44.27
N GLN A 180 -17.82 48.14 -45.39
CA GLN A 180 -19.01 47.90 -46.19
C GLN A 180 -19.44 46.44 -46.08
N SER A 181 -20.61 46.14 -46.66
CA SER A 181 -21.13 44.78 -46.61
C SER A 181 -20.34 43.83 -47.49
N SER A 182 -19.79 44.32 -48.61
CA SER A 182 -18.99 43.49 -49.49
C SER A 182 -17.57 43.27 -49.00
N GLY A 183 -17.23 43.82 -47.83
CA GLY A 183 -15.90 43.69 -47.27
C GLY A 183 -14.93 44.78 -47.67
N LEU A 184 -15.20 45.49 -48.77
CA LEU A 184 -14.33 46.56 -49.21
C LEU A 184 -14.41 47.75 -48.25
N TYR A 185 -13.35 48.54 -48.25
CA TYR A 185 -13.24 49.72 -47.40
C TYR A 185 -13.31 50.99 -48.25
N SER A 186 -13.48 52.13 -47.56
CA SER A 186 -13.59 53.41 -48.24
C SER A 186 -13.33 54.53 -47.23
N LEU A 187 -12.44 55.45 -47.58
CA LEU A 187 -12.15 56.62 -46.74
C LEU A 187 -12.05 57.84 -47.63
N SER A 188 -11.71 58.98 -47.02
CA SER A 188 -11.59 60.24 -47.74
C SER A 188 -10.63 61.16 -47.01
N SER A 189 -9.67 61.72 -47.75
CA SER A 189 -8.75 62.71 -47.24
C SER A 189 -9.06 64.06 -47.86
N VAL A 190 -8.98 65.13 -47.06
CA VAL A 190 -9.32 66.47 -47.50
C VAL A 190 -8.24 67.44 -47.03
N VAL A 191 -7.91 68.40 -47.89
CA VAL A 191 -6.94 69.44 -47.57
C VAL A 191 -7.58 70.79 -47.79
N THR A 192 -7.42 71.69 -46.81
CA THR A 192 -7.95 73.05 -46.91
C THR A 192 -6.85 73.97 -47.44
N VAL A 193 -7.09 74.55 -48.61
CA VAL A 193 -6.08 75.36 -49.31
C VAL A 193 -6.69 76.69 -49.75
N PRO A 194 -5.91 77.75 -49.88
CA PRO A 194 -6.48 79.04 -50.31
C PRO A 194 -7.01 78.97 -51.74
N SER A 195 -8.22 79.50 -51.95
CA SER A 195 -8.83 79.48 -53.27
C SER A 195 -8.11 80.38 -54.26
N SER A 196 -7.34 81.37 -53.76
CA SER A 196 -6.55 82.20 -54.65
C SER A 196 -5.46 81.40 -55.36
N SER A 197 -5.09 80.24 -54.82
CA SER A 197 -4.11 79.38 -55.46
C SER A 197 -4.73 78.45 -56.50
N LEU A 198 -6.05 78.33 -56.53
CA LEU A 198 -6.71 77.50 -57.54
C LEU A 198 -6.54 78.13 -58.92
N GLY A 199 -5.92 77.38 -59.82
CA GLY A 199 -5.59 77.86 -61.15
C GLY A 199 -4.11 78.11 -61.36
N THR A 200 -3.33 78.20 -60.28
CA THR A 200 -1.89 78.36 -60.37
C THR A 200 -1.10 77.42 -59.46
N GLN A 201 -1.75 76.75 -58.51
CA GLN A 201 -1.12 75.80 -57.62
C GLN A 201 -1.62 74.40 -57.94
N THR A 202 -0.80 73.41 -57.59
CA THR A 202 -1.09 72.00 -57.86
C THR A 202 -1.41 71.28 -56.56
N TYR A 203 -2.48 70.48 -56.57
CA TYR A 203 -2.87 69.67 -55.42
C TYR A 203 -3.17 68.27 -55.90
N ILE A 204 -2.39 67.30 -55.44
CA ILE A 204 -2.52 65.90 -55.82
C ILE A 204 -2.51 65.05 -54.56
N CYS A 205 -3.40 64.07 -54.49
CA CYS A 205 -3.49 63.14 -53.37
C CYS A 205 -2.81 61.83 -53.76
N ASN A 206 -1.88 61.37 -52.91
CA ASN A 206 -1.09 60.18 -53.17
C ASN A 206 -1.69 59.00 -52.40
N VAL A 207 -2.43 58.16 -53.10
CA VAL A 207 -3.06 56.98 -52.51
C VAL A 207 -2.15 55.78 -52.77
N ASN A 208 -1.76 55.09 -51.71
CA ASN A 208 -0.88 53.93 -51.79
C ASN A 208 -1.56 52.74 -51.12
N HIS A 209 -1.75 51.66 -51.87
CA HIS A 209 -2.37 50.43 -51.40
C HIS A 209 -1.34 49.31 -51.53
N LYS A 210 -0.57 49.08 -50.47
CA LYS A 210 0.48 48.06 -50.51
C LYS A 210 -0.06 46.64 -50.66
N PRO A 211 -1.13 46.21 -49.98
CA PRO A 211 -1.61 44.83 -50.18
C PRO A 211 -2.03 44.51 -51.61
N SER A 212 -2.34 45.51 -52.43
CA SER A 212 -2.67 45.30 -53.83
C SER A 212 -1.61 45.81 -54.79
N ASN A 213 -0.53 46.42 -54.26
CA ASN A 213 0.56 46.95 -55.07
C ASN A 213 0.06 47.98 -56.09
N THR A 214 -0.79 48.89 -55.62
CA THR A 214 -1.42 49.90 -56.47
C THR A 214 -1.06 51.28 -55.92
N LYS A 215 -0.31 52.05 -56.71
CA LYS A 215 0.04 53.43 -56.38
C LYS A 215 -0.66 54.35 -57.37
N VAL A 216 -1.55 55.21 -56.88
CA VAL A 216 -2.36 56.08 -57.72
C VAL A 216 -2.34 57.49 -57.15
N ASP A 217 -2.34 58.48 -58.04
CA ASP A 217 -2.38 59.89 -57.67
C ASP A 217 -3.47 60.57 -58.47
N LYS A 218 -4.41 61.21 -57.77
CA LYS A 218 -5.56 61.85 -58.40
C LYS A 218 -5.39 63.37 -58.36
N LYS A 219 -5.75 64.02 -59.47
CA LYS A 219 -5.69 65.47 -59.56
C LYS A 219 -7.05 66.06 -59.23
N VAL A 220 -7.06 67.10 -58.39
CA VAL A 220 -8.31 67.70 -57.95
C VAL A 220 -8.47 69.08 -58.59
N GLU A 221 -8.97 69.13 -59.81
CA GLU A 221 -9.19 70.40 -60.47
C GLU A 221 -10.41 71.10 -59.88
N PRO A 222 -10.43 72.43 -59.87
CA PRO A 222 -11.66 73.14 -59.54
C PRO A 222 -12.74 72.86 -60.57
N LYS A 223 -13.90 72.42 -60.09
CA LYS A 223 -14.99 72.03 -60.98
C LYS A 223 -15.43 73.21 -61.85
N SER A 224 -16.06 72.88 -62.97
CA SER A 224 -16.44 73.88 -63.95
C SER A 224 -17.38 74.91 -63.33
N CYS A 225 -17.28 76.14 -63.83
CA CYS A 225 -18.05 77.28 -63.33
C CYS A 225 -17.85 77.48 -61.83
N GLN B 1 -36.52 -15.13 5.72
CA GLN B 1 -36.22 -15.84 4.49
C GLN B 1 -35.08 -16.82 4.70
N VAL B 2 -35.06 -17.47 5.86
CA VAL B 2 -34.00 -18.42 6.17
C VAL B 2 -34.14 -19.64 5.27
N GLN B 3 -33.05 -19.98 4.59
CA GLN B 3 -33.05 -21.03 3.57
C GLN B 3 -32.13 -22.16 4.00
N LEU B 4 -32.65 -23.39 4.00
CA LEU B 4 -31.88 -24.58 4.31
C LEU B 4 -31.99 -25.54 3.13
N VAL B 5 -30.85 -25.82 2.51
CA VAL B 5 -30.78 -26.73 1.36
C VAL B 5 -29.74 -27.78 1.67
N GLN B 6 -30.13 -29.05 1.58
CA GLN B 6 -29.25 -30.18 1.82
C GLN B 6 -28.91 -30.86 0.50
N SER B 7 -28.01 -31.83 0.57
CA SER B 7 -27.60 -32.56 -0.63
C SER B 7 -28.69 -33.53 -1.05
N GLY B 8 -28.43 -34.25 -2.14
CA GLY B 8 -29.39 -35.21 -2.67
C GLY B 8 -29.34 -36.53 -1.94
N ALA B 9 -30.22 -37.43 -2.36
CA ALA B 9 -30.31 -38.74 -1.74
C ALA B 9 -29.05 -39.55 -2.01
N GLU B 10 -28.61 -40.29 -1.00
CA GLU B 10 -27.42 -41.12 -1.06
C GLU B 10 -27.78 -42.58 -0.83
N VAL B 11 -27.07 -43.47 -1.51
CA VAL B 11 -27.20 -44.90 -1.29
C VAL B 11 -25.80 -45.49 -1.18
N LYS B 12 -25.49 -46.05 -0.01
CA LYS B 12 -24.16 -46.56 0.29
C LYS B 12 -24.24 -48.00 0.76
N LYS B 13 -23.14 -48.72 0.58
CA LYS B 13 -23.04 -50.10 1.02
C LYS B 13 -22.76 -50.17 2.52
N PRO B 14 -23.10 -51.28 3.16
CA PRO B 14 -22.84 -51.41 4.60
C PRO B 14 -21.35 -51.44 4.88
N GLY B 15 -20.90 -50.56 5.76
CA GLY B 15 -19.50 -50.38 6.06
C GLY B 15 -18.86 -49.18 5.39
N ALA B 16 -19.51 -48.63 4.37
CA ALA B 16 -18.98 -47.48 3.64
C ALA B 16 -19.30 -46.20 4.41
N SER B 17 -19.06 -45.06 3.76
CA SER B 17 -19.26 -43.75 4.39
C SER B 17 -20.12 -42.88 3.49
N VAL B 18 -20.72 -41.85 4.10
CA VAL B 18 -21.56 -40.91 3.37
C VAL B 18 -21.39 -39.53 4.01
N LYS B 19 -21.28 -38.52 3.16
CA LYS B 19 -21.21 -37.12 3.59
C LYS B 19 -22.42 -36.39 3.04
N VAL B 20 -23.15 -35.72 3.92
CA VAL B 20 -24.37 -35.00 3.57
C VAL B 20 -24.11 -33.51 3.67
N SER B 21 -24.51 -32.76 2.65
CA SER B 21 -24.34 -31.32 2.62
C SER B 21 -25.54 -30.61 3.23
N CYS B 22 -25.32 -29.36 3.66
CA CYS B 22 -26.40 -28.54 4.23
C CYS B 22 -25.97 -27.08 4.09
N LYS B 23 -26.36 -26.47 2.97
CA LYS B 23 -26.03 -25.09 2.68
C LYS B 23 -27.05 -24.16 3.31
N ALA B 24 -26.58 -23.12 3.97
CA ALA B 24 -27.44 -22.18 4.68
C ALA B 24 -27.47 -20.84 3.95
N SER B 25 -28.61 -20.15 4.07
CA SER B 25 -28.81 -18.87 3.41
C SER B 25 -29.85 -18.07 4.18
N GLY B 26 -29.71 -16.75 4.13
CA GLY B 26 -30.68 -15.85 4.73
C GLY B 26 -30.33 -15.35 6.11
N TYR B 27 -29.10 -15.57 6.58
CA TYR B 27 -28.68 -15.13 7.90
C TYR B 27 -27.16 -15.20 7.95
N THR B 28 -26.59 -14.74 9.06
CA THR B 28 -25.15 -14.80 9.27
C THR B 28 -24.76 -16.20 9.68
N PHE B 29 -24.09 -16.94 8.79
CA PHE B 29 -23.85 -18.36 9.00
C PHE B 29 -23.05 -18.64 10.28
N THR B 30 -22.16 -17.72 10.66
CA THR B 30 -21.29 -17.92 11.80
C THR B 30 -21.88 -17.43 13.12
N GLY B 31 -23.20 -17.32 13.22
CA GLY B 31 -23.82 -16.81 14.42
C GLY B 31 -24.76 -17.79 15.09
N TYR B 32 -25.00 -18.93 14.44
CA TYR B 32 -25.94 -19.93 14.93
C TYR B 32 -25.31 -21.31 14.85
N TYR B 33 -25.61 -22.15 15.83
CA TYR B 33 -25.17 -23.53 15.79
C TYR B 33 -25.92 -24.30 14.71
N MET B 34 -25.36 -25.43 14.29
CA MET B 34 -25.96 -26.28 13.27
C MET B 34 -26.15 -27.67 13.85
N HIS B 35 -27.41 -28.08 14.01
CA HIS B 35 -27.77 -29.37 14.58
C HIS B 35 -28.06 -30.37 13.47
N TRP B 36 -28.07 -31.64 13.85
CA TRP B 36 -28.34 -32.73 12.93
C TRP B 36 -29.30 -33.73 13.57
N VAL B 37 -30.45 -33.93 12.95
CA VAL B 37 -31.47 -34.84 13.45
C VAL B 37 -31.88 -35.78 12.32
N ARG B 38 -31.81 -37.08 12.58
CA ARG B 38 -32.23 -38.09 11.63
C ARG B 38 -33.55 -38.71 12.05
N GLN B 39 -34.20 -39.39 11.11
CA GLN B 39 -35.48 -40.05 11.39
C GLN B 39 -35.59 -41.28 10.50
N ALA B 40 -35.61 -42.46 11.12
CA ALA B 40 -35.75 -43.70 10.37
C ALA B 40 -37.13 -43.76 9.72
N PRO B 41 -37.24 -44.37 8.53
CA PRO B 41 -38.53 -44.41 7.82
C PRO B 41 -39.60 -45.10 8.64
N GLY B 42 -40.61 -44.33 9.06
CA GLY B 42 -41.64 -44.84 9.93
C GLY B 42 -41.30 -44.79 11.41
N GLN B 43 -40.26 -44.05 11.80
CA GLN B 43 -39.87 -43.97 13.20
C GLN B 43 -39.87 -42.52 13.67
N GLY B 44 -39.23 -42.26 14.82
CA GLY B 44 -39.19 -40.94 15.40
C GLY B 44 -37.88 -40.22 15.16
N LEU B 45 -37.78 -39.03 15.75
CA LEU B 45 -36.59 -38.21 15.61
C LEU B 45 -35.53 -38.61 16.63
N GLU B 46 -34.27 -38.36 16.26
CA GLU B 46 -33.14 -38.68 17.13
C GLU B 46 -32.05 -37.66 16.89
N TRP B 47 -31.75 -36.87 17.91
CA TRP B 47 -30.69 -35.87 17.81
C TRP B 47 -29.33 -36.55 17.73
N MET B 48 -28.48 -36.05 16.82
CA MET B 48 -27.16 -36.62 16.59
C MET B 48 -26.03 -35.76 17.13
N GLY B 49 -26.08 -34.45 16.93
CA GLY B 49 -25.02 -33.57 17.38
C GLY B 49 -25.05 -32.20 16.73
N TRP B 50 -24.60 -31.18 17.46
CA TRP B 50 -24.52 -29.83 16.94
C TRP B 50 -23.06 -29.44 16.73
N ILE B 51 -22.83 -28.59 15.73
CA ILE B 51 -21.51 -28.07 15.41
C ILE B 51 -21.57 -26.54 15.44
N ASN B 52 -20.53 -25.94 16.02
CA ASN B 52 -20.44 -24.48 16.10
C ASN B 52 -19.62 -23.98 14.92
N PRO B 53 -20.24 -23.38 13.90
CA PRO B 53 -19.47 -22.94 12.74
C PRO B 53 -18.44 -21.87 13.06
N ASN B 54 -18.62 -21.15 14.17
CA ASN B 54 -17.70 -20.09 14.56
C ASN B 54 -16.30 -20.64 14.80
N SER B 55 -16.18 -21.59 15.73
CA SER B 55 -14.88 -22.20 16.03
C SER B 55 -14.70 -23.57 15.41
N GLY B 56 -15.78 -24.22 14.99
CA GLY B 56 -15.72 -25.57 14.48
C GLY B 56 -16.05 -26.64 15.49
N GLY B 57 -16.07 -26.29 16.77
CA GLY B 57 -16.33 -27.25 17.83
C GLY B 57 -17.68 -27.93 17.71
N THR B 58 -17.68 -29.25 17.84
CA THR B 58 -18.88 -30.04 17.67
C THR B 58 -19.35 -30.56 19.03
N ASN B 59 -20.38 -31.41 19.00
CA ASN B 59 -20.90 -32.06 20.19
C ASN B 59 -21.65 -33.32 19.81
N TYR B 60 -20.92 -34.38 19.49
CA TYR B 60 -21.55 -35.62 19.04
C TYR B 60 -22.23 -36.32 20.22
N ALA B 61 -23.37 -36.95 19.93
CA ALA B 61 -24.06 -37.74 20.93
C ALA B 61 -23.27 -39.01 21.24
N GLN B 62 -23.56 -39.60 22.40
CA GLN B 62 -22.80 -40.76 22.84
C GLN B 62 -23.06 -41.99 21.97
N LYS B 63 -24.21 -42.05 21.29
CA LYS B 63 -24.49 -43.18 20.41
C LYS B 63 -23.64 -43.14 19.15
N PHE B 64 -23.37 -41.94 18.63
CA PHE B 64 -22.56 -41.77 17.43
C PHE B 64 -21.15 -41.26 17.75
N GLN B 65 -20.71 -41.41 19.00
CA GLN B 65 -19.38 -40.98 19.38
C GLN B 65 -18.35 -41.92 18.76
N GLY B 66 -17.57 -41.40 17.80
CA GLY B 66 -16.61 -42.20 17.07
C GLY B 66 -17.04 -42.62 15.69
N ARG B 67 -18.17 -42.10 15.18
CA ARG B 67 -18.65 -42.45 13.86
C ARG B 67 -18.96 -41.21 13.04
N VAL B 68 -19.45 -40.16 13.70
CA VAL B 68 -19.87 -38.94 13.02
C VAL B 68 -18.78 -37.89 13.15
N THR B 69 -18.47 -37.20 12.04
CA THR B 69 -17.53 -36.10 12.03
C THR B 69 -18.20 -34.94 11.29
N MET B 70 -18.42 -33.85 12.02
CA MET B 70 -19.12 -32.68 11.49
C MET B 70 -18.12 -31.55 11.26
N THR B 71 -18.02 -31.10 10.02
CA THR B 71 -17.16 -29.99 9.63
C THR B 71 -18.03 -28.91 8.99
N ARG B 72 -17.43 -27.75 8.74
CA ARG B 72 -18.14 -26.66 8.09
C ARG B 72 -17.19 -25.91 7.16
N ASP B 73 -17.78 -25.16 6.23
CA ASP B 73 -17.03 -24.33 5.29
C ASP B 73 -17.62 -22.93 5.38
N THR B 74 -16.91 -22.04 6.07
CA THR B 74 -17.41 -20.68 6.27
C THR B 74 -17.53 -19.94 4.94
N SER B 75 -16.67 -20.25 3.97
CA SER B 75 -16.66 -19.50 2.72
C SER B 75 -17.97 -19.70 1.95
N ILE B 76 -18.50 -20.93 1.93
CA ILE B 76 -19.71 -21.22 1.19
C ILE B 76 -20.93 -21.35 2.08
N SER B 77 -20.76 -21.21 3.40
CA SER B 77 -21.86 -21.32 4.37
C SER B 77 -22.56 -22.67 4.24
N THR B 78 -21.79 -23.74 4.42
CA THR B 78 -22.29 -25.11 4.28
C THR B 78 -21.73 -25.96 5.40
N ALA B 79 -22.62 -26.61 6.15
CA ALA B 79 -22.22 -27.56 7.17
C ALA B 79 -22.24 -28.98 6.60
N TYR B 80 -21.38 -29.84 7.13
CA TYR B 80 -21.24 -31.20 6.64
C TYR B 80 -21.40 -32.18 7.79
N MET B 81 -21.90 -33.37 7.46
CA MET B 81 -22.13 -34.44 8.42
C MET B 81 -21.68 -35.74 7.75
N GLU B 82 -20.63 -36.36 8.28
CA GLU B 82 -20.06 -37.57 7.71
C GLU B 82 -20.22 -38.72 8.70
N LEU B 83 -20.86 -39.80 8.26
CA LEU B 83 -21.11 -40.98 9.09
C LEU B 83 -20.33 -42.14 8.52
N SER B 84 -19.37 -42.65 9.29
CA SER B 84 -18.52 -43.76 8.88
C SER B 84 -19.09 -45.08 9.38
N ARG B 85 -18.80 -46.16 8.65
CA ARG B 85 -19.21 -47.52 8.99
C ARG B 85 -20.72 -47.60 9.17
N LEU B 86 -21.41 -47.57 8.04
CA LEU B 86 -22.86 -47.57 8.03
C LEU B 86 -23.40 -48.96 8.30
N ARG B 87 -24.39 -49.04 9.17
CA ARG B 87 -25.10 -50.27 9.48
C ARG B 87 -26.43 -50.29 8.75
N SER B 88 -27.12 -51.44 8.85
CA SER B 88 -28.43 -51.57 8.20
C SER B 88 -29.45 -50.63 8.81
N ASP B 89 -29.29 -50.29 10.10
CA ASP B 89 -30.23 -49.41 10.78
C ASP B 89 -29.97 -47.94 10.53
N ASP B 90 -28.88 -47.59 9.85
CA ASP B 90 -28.59 -46.19 9.57
C ASP B 90 -29.45 -45.60 8.47
N THR B 91 -30.25 -46.44 7.80
CA THR B 91 -31.18 -45.95 6.77
C THR B 91 -32.18 -45.00 7.40
N ALA B 92 -32.06 -43.71 7.10
CA ALA B 92 -32.90 -42.70 7.72
C ALA B 92 -32.83 -41.41 6.91
N VAL B 93 -33.74 -40.49 7.23
CA VAL B 93 -33.78 -39.17 6.64
C VAL B 93 -33.06 -38.21 7.58
N TYR B 94 -31.99 -37.60 7.09
CA TYR B 94 -31.11 -36.77 7.91
C TYR B 94 -31.43 -35.30 7.66
N TYR B 95 -31.82 -34.59 8.71
CA TYR B 95 -32.14 -33.18 8.66
C TYR B 95 -31.06 -32.36 9.35
N CYS B 96 -30.92 -31.10 8.93
CA CYS B 96 -30.11 -30.12 9.65
C CYS B 96 -31.02 -28.99 10.09
N ALA B 97 -31.06 -28.73 11.40
CA ALA B 97 -31.97 -27.76 11.99
C ALA B 97 -31.19 -26.63 12.66
N ARG B 98 -31.90 -25.54 12.93
CA ARG B 98 -31.30 -24.37 13.55
C ARG B 98 -32.26 -23.78 14.58
N ARG B 99 -31.68 -23.07 15.55
CA ARG B 99 -32.44 -22.48 16.62
C ARG B 99 -33.23 -21.27 16.12
N MET B 100 -34.11 -20.75 16.97
CA MET B 100 -34.80 -19.51 16.69
C MET B 100 -33.84 -18.33 16.80
N ARG B 101 -34.13 -17.28 16.03
CA ARG B 101 -33.35 -16.05 16.15
C ARG B 101 -33.67 -15.34 17.46
N SER B 102 -34.94 -15.40 17.89
CA SER B 102 -35.38 -14.68 19.08
C SER B 102 -34.98 -15.37 20.37
N GLN B 103 -34.64 -16.65 20.33
CA GLN B 103 -34.24 -17.38 21.52
C GLN B 103 -32.76 -17.20 21.77
N ASP B 104 -32.41 -16.98 23.05
CA ASP B 104 -31.01 -16.85 23.43
C ASP B 104 -30.31 -18.19 23.55
N ARG B 105 -30.98 -19.30 23.19
CA ARG B 105 -30.39 -20.62 23.26
C ARG B 105 -31.07 -21.52 22.23
N GLU B 106 -30.47 -22.70 22.04
CA GLU B 106 -30.93 -23.62 21.00
C GLU B 106 -32.11 -24.44 21.48
N TRP B 107 -32.27 -25.64 20.89
CA TRP B 107 -33.30 -26.62 21.23
C TRP B 107 -34.71 -26.15 20.87
N ASP B 108 -34.83 -25.05 20.13
CA ASP B 108 -36.11 -24.59 19.58
C ASP B 108 -35.93 -24.54 18.06
N PHE B 109 -35.94 -25.71 17.45
CA PHE B 109 -35.64 -25.85 16.02
C PHE B 109 -36.77 -25.26 15.20
N GLN B 110 -36.61 -23.99 14.79
CA GLN B 110 -37.61 -23.35 13.95
C GLN B 110 -37.39 -23.64 12.47
N HIS B 111 -36.15 -23.69 12.03
CA HIS B 111 -35.80 -23.88 10.62
C HIS B 111 -35.21 -25.27 10.42
N TRP B 112 -35.71 -25.97 9.40
CA TRP B 112 -35.27 -27.32 9.08
C TRP B 112 -34.98 -27.41 7.58
N GLY B 113 -34.14 -28.37 7.22
CA GLY B 113 -33.88 -28.65 5.83
C GLY B 113 -34.92 -29.57 5.23
N GLN B 114 -34.86 -29.72 3.90
CA GLN B 114 -35.79 -30.60 3.22
C GLN B 114 -35.55 -32.07 3.56
N GLY B 115 -34.40 -32.40 4.13
CA GLY B 115 -34.09 -33.77 4.48
C GLY B 115 -33.29 -34.49 3.42
N THR B 116 -32.32 -35.31 3.84
CA THR B 116 -31.51 -36.12 2.93
C THR B 116 -31.77 -37.59 3.25
N LEU B 117 -32.22 -38.34 2.26
CA LEU B 117 -32.55 -39.75 2.43
C LEU B 117 -31.29 -40.58 2.12
N VAL B 118 -30.68 -41.12 3.16
CA VAL B 118 -29.56 -42.04 3.03
C VAL B 118 -30.09 -43.46 3.23
N THR B 119 -29.64 -44.38 2.39
CA THR B 119 -30.10 -45.76 2.42
C THR B 119 -28.91 -46.69 2.39
N VAL B 120 -28.94 -47.73 3.22
CA VAL B 120 -27.90 -48.74 3.28
C VAL B 120 -28.46 -50.01 2.66
N SER B 121 -27.97 -50.36 1.47
CA SER B 121 -28.44 -51.52 0.73
C SER B 121 -27.43 -52.65 0.87
N SER B 122 -27.89 -53.78 1.42
CA SER B 122 -27.04 -54.95 1.60
C SER B 122 -27.56 -56.19 0.89
N ALA B 123 -28.73 -56.14 0.27
CA ALA B 123 -29.38 -57.34 -0.22
C ALA B 123 -28.91 -57.70 -1.63
N SER B 124 -29.04 -58.99 -1.94
CA SER B 124 -28.76 -59.53 -3.26
C SER B 124 -30.02 -60.13 -3.84
N THR B 125 -30.04 -60.29 -5.16
CA THR B 125 -31.21 -60.81 -5.85
C THR B 125 -31.43 -62.27 -5.46
N LYS B 126 -32.62 -62.57 -4.94
CA LYS B 126 -32.98 -63.91 -4.48
C LYS B 126 -34.40 -64.22 -4.91
N GLY B 127 -34.62 -65.47 -5.33
CA GLY B 127 -35.94 -65.91 -5.72
C GLY B 127 -36.85 -66.12 -4.53
N PRO B 128 -38.14 -65.84 -4.71
CA PRO B 128 -39.09 -65.99 -3.60
C PRO B 128 -39.35 -67.45 -3.26
N SER B 129 -39.58 -67.70 -1.98
CA SER B 129 -39.93 -69.02 -1.47
C SER B 129 -41.42 -68.97 -1.12
N VAL B 130 -42.27 -69.26 -2.10
CA VAL B 130 -43.70 -69.12 -1.93
C VAL B 130 -44.25 -70.35 -1.21
N PHE B 131 -45.10 -70.12 -0.21
CA PHE B 131 -45.77 -71.18 0.54
C PHE B 131 -47.27 -70.93 0.57
N PRO B 132 -48.07 -71.98 0.43
CA PRO B 132 -49.52 -71.80 0.45
C PRO B 132 -50.05 -71.58 1.87
N LEU B 133 -51.24 -71.01 1.93
CA LEU B 133 -51.93 -70.74 3.19
C LEU B 133 -53.27 -71.47 3.15
N ALA B 134 -53.28 -72.70 3.64
CA ALA B 134 -54.47 -73.53 3.54
C ALA B 134 -55.62 -72.93 4.36
N PRO B 135 -56.85 -72.98 3.85
CA PRO B 135 -57.98 -72.45 4.61
C PRO B 135 -58.34 -73.36 5.77
N SER B 136 -59.16 -72.82 6.68
CA SER B 136 -59.61 -73.54 7.86
C SER B 136 -61.13 -73.62 7.88
N SER B 137 -61.64 -74.54 8.69
CA SER B 137 -63.09 -74.73 8.82
C SER B 137 -63.46 -75.16 10.24
N SER B 141 -67.72 -66.94 6.81
CA SER B 141 -67.17 -68.27 7.02
C SER B 141 -68.29 -69.26 7.32
N GLY B 142 -68.27 -70.40 6.63
CA GLY B 142 -69.32 -71.39 6.78
C GLY B 142 -69.52 -72.31 5.59
N GLY B 143 -70.07 -71.79 4.50
CA GLY B 143 -70.49 -70.41 4.42
C GLY B 143 -69.37 -69.48 3.98
N THR B 144 -68.36 -70.06 3.33
CA THR B 144 -67.17 -69.46 2.72
C THR B 144 -65.92 -69.63 3.60
N ALA B 145 -64.76 -69.39 3.01
CA ALA B 145 -63.48 -69.52 3.69
C ALA B 145 -62.47 -68.58 3.04
N ALA B 146 -61.30 -68.46 3.66
CA ALA B 146 -60.24 -67.58 3.20
C ALA B 146 -58.94 -68.35 3.07
N LEU B 147 -58.27 -68.19 1.93
CA LEU B 147 -57.02 -68.88 1.65
C LEU B 147 -56.10 -67.92 0.91
N GLY B 148 -54.81 -68.18 0.99
CA GLY B 148 -53.85 -67.30 0.38
C GLY B 148 -52.49 -67.93 0.18
N CYS B 149 -51.50 -67.08 -0.07
CA CYS B 149 -50.14 -67.52 -0.33
C CYS B 149 -49.16 -66.59 0.37
N LEU B 150 -48.03 -67.14 0.77
CA LEU B 150 -46.99 -66.41 1.49
C LEU B 150 -45.75 -66.33 0.60
N VAL B 151 -45.52 -65.17 -0.01
CA VAL B 151 -44.29 -64.94 -0.76
C VAL B 151 -43.20 -64.56 0.23
N LYS B 152 -42.27 -65.49 0.46
CA LYS B 152 -41.28 -65.37 1.53
C LYS B 152 -39.88 -65.22 0.95
N ASP B 153 -39.12 -64.27 1.50
CA ASP B 153 -37.70 -64.09 1.20
C ASP B 153 -37.43 -63.87 -0.28
N TYR B 154 -37.61 -62.64 -0.75
CA TYR B 154 -37.30 -62.28 -2.12
C TYR B 154 -36.72 -60.86 -2.15
N PHE B 155 -35.98 -60.57 -3.21
CA PHE B 155 -35.37 -59.26 -3.40
C PHE B 155 -34.97 -59.11 -4.86
N PRO B 156 -35.15 -57.94 -5.47
CA PRO B 156 -35.85 -56.79 -4.88
C PRO B 156 -37.26 -56.65 -5.42
N GLU B 157 -37.95 -55.58 -5.02
CA GLU B 157 -39.32 -55.36 -5.41
C GLU B 157 -39.43 -55.11 -6.91
N PRO B 158 -40.62 -55.33 -7.51
CA PRO B 158 -41.82 -55.89 -6.88
C PRO B 158 -42.27 -57.22 -7.45
N VAL B 159 -43.18 -57.90 -6.77
CA VAL B 159 -43.74 -59.18 -7.22
C VAL B 159 -45.23 -59.01 -7.48
N THR B 160 -45.70 -59.52 -8.61
CA THR B 160 -47.10 -59.48 -8.99
C THR B 160 -47.75 -60.82 -8.66
N VAL B 161 -48.90 -60.78 -7.99
CA VAL B 161 -49.59 -61.98 -7.56
C VAL B 161 -51.01 -61.95 -8.14
N SER B 162 -51.34 -62.97 -8.92
CA SER B 162 -52.68 -63.13 -9.46
C SER B 162 -53.18 -64.54 -9.14
N TRP B 163 -54.50 -64.70 -9.15
CA TRP B 163 -55.14 -65.94 -8.80
C TRP B 163 -55.81 -66.54 -10.03
N ASN B 164 -55.60 -67.84 -10.25
CA ASN B 164 -56.14 -68.57 -11.40
C ASN B 164 -55.71 -67.95 -12.72
N SER B 165 -54.51 -67.37 -12.75
CA SER B 165 -53.94 -66.73 -13.95
C SER B 165 -54.83 -65.60 -14.46
N GLY B 166 -55.48 -64.88 -13.54
CA GLY B 166 -56.32 -63.76 -13.91
C GLY B 166 -57.81 -64.05 -13.89
N ALA B 167 -58.21 -65.33 -13.85
CA ALA B 167 -59.63 -65.66 -13.86
C ALA B 167 -60.28 -65.36 -12.53
N LEU B 168 -59.54 -65.44 -11.43
CA LEU B 168 -60.06 -65.19 -10.09
C LEU B 168 -59.59 -63.81 -9.64
N THR B 169 -60.47 -62.82 -9.77
CA THR B 169 -60.22 -61.48 -9.28
C THR B 169 -61.32 -61.00 -8.34
N SER B 170 -62.34 -61.82 -8.11
CA SER B 170 -63.52 -61.37 -7.37
C SER B 170 -63.19 -61.05 -5.91
N GLY B 171 -62.29 -61.81 -5.30
CA GLY B 171 -61.99 -61.59 -3.89
C GLY B 171 -60.52 -61.60 -3.53
N VAL B 172 -59.72 -60.80 -4.22
CA VAL B 172 -58.27 -60.80 -4.05
C VAL B 172 -57.85 -59.57 -3.27
N HIS B 173 -56.97 -59.77 -2.29
CA HIS B 173 -56.42 -58.68 -1.48
C HIS B 173 -54.95 -59.00 -1.23
N THR B 174 -54.07 -58.38 -2.00
CA THR B 174 -52.63 -58.58 -1.87
C THR B 174 -52.05 -57.52 -0.96
N PHE B 175 -51.48 -57.93 0.17
CA PHE B 175 -50.95 -57.00 1.14
C PHE B 175 -49.54 -56.53 0.76
N PRO B 176 -49.19 -55.29 1.11
CA PRO B 176 -47.84 -54.79 0.79
C PRO B 176 -46.77 -55.60 1.51
N ALA B 177 -45.57 -55.55 0.95
CA ALA B 177 -44.46 -56.32 1.49
C ALA B 177 -43.88 -55.65 2.72
N VAL B 178 -43.15 -56.43 3.51
CA VAL B 178 -42.49 -55.96 4.72
C VAL B 178 -40.98 -56.15 4.54
N LEU B 179 -40.22 -55.19 5.06
CA LEU B 179 -38.76 -55.24 4.99
C LEU B 179 -38.20 -55.97 6.20
N GLN B 180 -37.22 -56.83 5.96
CA GLN B 180 -36.58 -57.60 7.01
C GLN B 180 -35.17 -57.08 7.25
N SER B 181 -34.53 -57.65 8.28
CA SER B 181 -33.16 -57.25 8.60
C SER B 181 -32.18 -57.72 7.54
N SER B 182 -32.44 -58.86 6.91
CA SER B 182 -31.58 -59.38 5.85
C SER B 182 -31.81 -58.67 4.52
N GLY B 183 -32.71 -57.69 4.47
CA GLY B 183 -33.01 -56.98 3.25
C GLY B 183 -34.08 -57.64 2.39
N LEU B 184 -34.37 -58.91 2.62
CA LEU B 184 -35.40 -59.61 1.85
C LEU B 184 -36.78 -59.07 2.22
N TYR B 185 -37.71 -59.21 1.27
CA TYR B 185 -39.08 -58.78 1.46
C TYR B 185 -40.00 -59.98 1.60
N SER B 186 -41.22 -59.72 2.05
CA SER B 186 -42.22 -60.77 2.21
C SER B 186 -43.59 -60.12 2.25
N LEU B 187 -44.55 -60.70 1.53
CA LEU B 187 -45.92 -60.23 1.55
C LEU B 187 -46.83 -61.44 1.48
N SER B 188 -48.13 -61.19 1.38
CA SER B 188 -49.11 -62.28 1.32
C SER B 188 -50.37 -61.77 0.66
N SER B 189 -50.89 -62.56 -0.29
CA SER B 189 -52.16 -62.29 -0.95
C SER B 189 -53.16 -63.36 -0.53
N VAL B 190 -54.40 -62.95 -0.26
CA VAL B 190 -55.43 -63.83 0.26
C VAL B 190 -56.71 -63.59 -0.53
N VAL B 191 -57.42 -64.68 -0.84
CA VAL B 191 -58.65 -64.63 -1.61
C VAL B 191 -59.77 -65.27 -0.82
N THR B 192 -60.91 -64.58 -0.74
CA THR B 192 -62.08 -65.06 -0.01
C THR B 192 -63.02 -65.76 -0.99
N VAL B 193 -63.21 -67.07 -0.79
CA VAL B 193 -64.00 -67.89 -1.70
C VAL B 193 -64.99 -68.71 -0.88
N PRO B 194 -66.09 -69.14 -1.50
CA PRO B 194 -67.03 -70.01 -0.79
C PRO B 194 -66.42 -71.38 -0.51
N SER B 195 -66.63 -71.87 0.73
CA SER B 195 -66.09 -73.15 1.13
C SER B 195 -66.79 -74.32 0.46
N SER B 196 -68.02 -74.12 -0.03
CA SER B 196 -68.71 -75.17 -0.77
C SER B 196 -67.99 -75.54 -2.06
N SER B 197 -67.16 -74.64 -2.59
CA SER B 197 -66.37 -74.93 -3.78
C SER B 197 -65.09 -75.67 -3.47
N LEU B 198 -64.69 -75.75 -2.20
CA LEU B 198 -63.47 -76.46 -1.81
C LEU B 198 -63.66 -77.95 -2.03
N GLY B 199 -62.80 -78.54 -2.86
CA GLY B 199 -62.91 -79.93 -3.25
C GLY B 199 -63.32 -80.13 -4.70
N THR B 200 -63.89 -79.10 -5.33
CA THR B 200 -64.24 -79.13 -6.74
C THR B 200 -63.74 -77.91 -7.52
N GLN B 201 -63.39 -76.82 -6.85
CA GLN B 201 -62.84 -75.64 -7.49
C GLN B 201 -61.33 -75.58 -7.24
N THR B 202 -60.62 -74.91 -8.14
CA THR B 202 -59.17 -74.79 -8.07
C THR B 202 -58.78 -73.35 -7.79
N TYR B 203 -57.83 -73.16 -6.87
CA TYR B 203 -57.30 -71.85 -6.54
C TYR B 203 -55.77 -71.93 -6.53
N ILE B 204 -55.15 -71.16 -7.42
CA ILE B 204 -53.70 -71.13 -7.57
C ILE B 204 -53.24 -69.68 -7.63
N CYS B 205 -52.17 -69.36 -6.90
CA CYS B 205 -51.63 -68.01 -6.88
C CYS B 205 -50.41 -67.94 -7.78
N ASN B 206 -50.41 -66.96 -8.69
CA ASN B 206 -49.35 -66.77 -9.67
C ASN B 206 -48.41 -65.69 -9.16
N VAL B 207 -47.26 -66.10 -8.64
CA VAL B 207 -46.24 -65.19 -8.14
C VAL B 207 -45.19 -65.00 -9.23
N ASN B 208 -44.92 -63.74 -9.58
CA ASN B 208 -43.96 -63.40 -10.63
C ASN B 208 -42.94 -62.43 -10.06
N HIS B 209 -41.66 -62.78 -10.17
CA HIS B 209 -40.55 -61.97 -9.68
C HIS B 209 -39.61 -61.74 -10.86
N LYS B 210 -39.80 -60.63 -11.57
CA LYS B 210 -39.05 -60.31 -12.78
C LYS B 210 -37.56 -60.06 -12.52
N PRO B 211 -37.16 -59.33 -11.46
CA PRO B 211 -35.73 -59.12 -11.23
C PRO B 211 -34.94 -60.40 -10.98
N SER B 212 -35.61 -61.51 -10.66
CA SER B 212 -34.94 -62.79 -10.50
C SER B 212 -35.37 -63.81 -11.55
N ASN B 213 -36.30 -63.44 -12.45
CA ASN B 213 -36.78 -64.33 -13.51
C ASN B 213 -37.31 -65.64 -12.94
N THR B 214 -38.18 -65.53 -11.94
CA THR B 214 -38.74 -66.68 -11.24
C THR B 214 -40.26 -66.60 -11.32
N LYS B 215 -40.86 -67.53 -12.05
CA LYS B 215 -42.32 -67.66 -12.14
C LYS B 215 -42.72 -68.94 -11.42
N VAL B 216 -43.54 -68.82 -10.38
CA VAL B 216 -43.99 -69.94 -9.57
C VAL B 216 -45.48 -69.82 -9.32
N ASP B 217 -46.15 -70.98 -9.28
CA ASP B 217 -47.58 -71.05 -9.03
C ASP B 217 -47.82 -72.10 -7.95
N LYS B 218 -48.48 -71.70 -6.87
CA LYS B 218 -48.70 -72.57 -5.72
C LYS B 218 -50.18 -72.94 -5.63
N LYS B 219 -50.44 -74.22 -5.35
CA LYS B 219 -51.81 -74.71 -5.18
C LYS B 219 -52.17 -74.66 -3.71
N VAL B 220 -53.39 -74.17 -3.42
CA VAL B 220 -53.85 -74.02 -2.05
C VAL B 220 -54.95 -75.02 -1.76
N GLU B 221 -54.56 -76.25 -1.43
CA GLU B 221 -55.55 -77.27 -1.09
C GLU B 221 -56.06 -77.05 0.33
N PRO B 222 -57.32 -77.41 0.59
CA PRO B 222 -57.81 -77.38 1.97
C PRO B 222 -57.07 -78.41 2.82
N LYS B 223 -56.55 -77.96 3.96
CA LYS B 223 -55.75 -78.83 4.81
C LYS B 223 -56.59 -80.01 5.29
N SER B 224 -55.88 -81.06 5.72
CA SER B 224 -56.54 -82.30 6.11
C SER B 224 -57.51 -82.07 7.26
N CYS B 225 -58.58 -82.85 7.27
CA CYS B 225 -59.65 -82.75 8.26
C CYS B 225 -60.22 -81.33 8.34
N SER C 2 -32.94 44.48 -24.86
CA SER C 2 -32.56 45.86 -24.55
C SER C 2 -33.71 46.59 -23.87
N ALA C 3 -34.22 46.01 -22.79
CA ALA C 3 -35.33 46.61 -22.04
C ALA C 3 -34.89 47.76 -21.14
N LEU C 4 -33.58 47.98 -20.98
CA LEU C 4 -33.05 49.05 -20.16
C LEU C 4 -32.67 50.22 -21.06
N THR C 5 -33.22 51.39 -20.79
CA THR C 5 -33.03 52.58 -21.62
C THR C 5 -31.98 53.50 -21.00
N GLN C 6 -30.92 53.77 -21.75
CA GLN C 6 -29.87 54.67 -21.31
C GLN C 6 -29.68 55.81 -22.31
N PRO C 7 -29.47 57.04 -21.83
CA PRO C 7 -29.16 58.14 -22.76
C PRO C 7 -27.78 57.95 -23.38
N ALA C 8 -27.67 58.34 -24.65
CA ALA C 8 -26.43 58.13 -25.38
C ALA C 8 -25.30 59.02 -24.86
N SER C 9 -25.63 60.22 -24.38
CA SER C 9 -24.63 61.15 -23.90
C SER C 9 -25.19 61.91 -22.69
N VAL C 10 -24.38 62.02 -21.65
CA VAL C 10 -24.73 62.78 -20.46
C VAL C 10 -23.63 63.79 -20.21
N SER C 11 -24.02 64.98 -19.77
CA SER C 11 -23.10 66.10 -19.63
C SER C 11 -22.74 66.35 -18.16
N GLY C 12 -21.49 66.75 -17.95
CA GLY C 12 -20.96 67.08 -16.64
C GLY C 12 -19.59 67.70 -16.73
N SER C 13 -19.24 68.56 -15.76
CA SER C 13 -17.97 69.27 -15.76
C SER C 13 -17.04 68.72 -14.69
N PRO C 14 -15.72 68.84 -14.87
CA PRO C 14 -14.77 68.36 -13.86
C PRO C 14 -14.96 69.10 -12.54
N GLY C 15 -15.34 68.34 -11.50
CA GLY C 15 -15.58 68.93 -10.20
C GLY C 15 -17.02 68.78 -9.75
N GLN C 16 -17.97 69.06 -10.65
CA GLN C 16 -19.37 68.96 -10.31
C GLN C 16 -19.84 67.52 -10.40
N SER C 17 -21.11 67.29 -10.08
CA SER C 17 -21.68 65.95 -10.11
C SER C 17 -22.34 65.68 -11.46
N ILE C 18 -22.66 64.40 -11.68
CA ILE C 18 -23.31 63.95 -12.90
C ILE C 18 -24.28 62.83 -12.52
N THR C 19 -25.21 62.54 -13.42
CA THR C 19 -26.22 61.52 -13.15
C THR C 19 -26.60 60.82 -14.45
N ILE C 20 -26.59 59.49 -14.43
CA ILE C 20 -26.93 58.66 -15.58
C ILE C 20 -28.16 57.85 -15.23
N SER C 21 -29.26 58.10 -15.95
CA SER C 21 -30.53 57.45 -15.66
C SER C 21 -30.68 56.16 -16.46
N CYS C 22 -31.27 55.15 -15.83
CA CYS C 22 -31.50 53.84 -16.43
C CYS C 22 -32.95 53.45 -16.16
N THR C 23 -33.80 53.50 -17.19
CA THR C 23 -35.23 53.26 -17.07
C THR C 23 -35.54 51.84 -17.53
N GLY C 24 -35.95 50.99 -16.60
CA GLY C 24 -36.31 49.62 -16.92
C GLY C 24 -37.68 49.28 -16.38
N THR C 25 -38.45 48.54 -17.17
CA THR C 25 -39.80 48.18 -16.80
C THR C 25 -39.82 47.26 -15.59
N SER C 26 -40.97 47.21 -14.92
CA SER C 26 -41.21 46.42 -13.71
C SER C 26 -40.34 46.89 -12.54
N SER C 27 -40.72 46.50 -11.32
CA SER C 27 -40.02 46.95 -10.11
C SER C 27 -39.96 45.77 -9.13
N ASP C 28 -38.87 44.99 -9.23
CA ASP C 28 -38.70 43.80 -8.41
C ASP C 28 -37.33 43.16 -8.62
N ASN C 33 -36.29 43.97 -8.82
CA ASN C 33 -35.00 43.43 -9.24
C ASN C 33 -33.87 44.27 -8.67
N TYR C 34 -32.65 43.89 -9.05
CA TYR C 34 -31.43 44.62 -8.70
C TYR C 34 -30.83 45.22 -9.96
N VAL C 35 -30.16 46.35 -9.79
CA VAL C 35 -29.51 47.07 -10.88
C VAL C 35 -28.01 47.13 -10.60
N SER C 36 -27.20 46.94 -11.64
CA SER C 36 -25.76 47.01 -11.53
C SER C 36 -25.22 47.98 -12.58
N TRP C 37 -24.00 48.46 -12.35
CA TRP C 37 -23.37 49.45 -13.21
C TRP C 37 -21.95 49.03 -13.55
N TYR C 38 -21.57 49.21 -14.82
CA TYR C 38 -20.25 48.86 -15.31
C TYR C 38 -19.60 50.06 -15.96
N GLN C 39 -18.27 50.14 -15.84
CA GLN C 39 -17.47 51.21 -16.44
C GLN C 39 -16.47 50.56 -17.39
N GLN C 40 -16.61 50.84 -18.69
CA GLN C 40 -15.81 50.20 -19.72
C GLN C 40 -14.99 51.26 -20.45
N HIS C 41 -13.69 51.31 -20.17
CA HIS C 41 -12.79 52.16 -20.92
C HIS C 41 -12.49 51.53 -22.28
N PRO C 42 -12.24 52.35 -23.31
CA PRO C 42 -11.96 51.79 -24.64
C PRO C 42 -10.72 50.91 -24.62
N GLY C 43 -10.86 49.71 -25.17
CA GLY C 43 -9.80 48.74 -25.21
C GLY C 43 -9.77 47.78 -24.04
N LYS C 44 -10.46 48.11 -22.95
CA LYS C 44 -10.49 47.28 -21.75
C LYS C 44 -11.88 46.71 -21.52
N ALA C 45 -11.95 45.78 -20.58
CA ALA C 45 -13.22 45.15 -20.22
C ALA C 45 -13.99 46.02 -19.24
N PRO C 46 -15.31 45.84 -19.16
CA PRO C 46 -16.10 46.58 -18.17
C PRO C 46 -15.63 46.29 -16.75
N LYS C 47 -15.96 47.22 -15.85
CA LYS C 47 -15.56 47.14 -14.45
C LYS C 47 -16.78 47.37 -13.58
N LEU C 48 -17.04 46.43 -12.67
CA LEU C 48 -18.21 46.51 -11.81
C LEU C 48 -18.04 47.67 -10.83
N MET C 49 -18.86 48.70 -10.96
CA MET C 49 -18.80 49.88 -10.11
C MET C 49 -19.86 49.91 -9.03
N ILE C 50 -21.08 49.45 -9.34
CA ILE C 50 -22.18 49.44 -8.39
C ILE C 50 -22.93 48.13 -8.55
N TYR C 51 -23.16 47.44 -7.43
CA TYR C 51 -23.99 46.23 -7.43
C TYR C 51 -25.13 46.41 -6.42
N GLU C 52 -26.25 45.77 -6.72
CA GLU C 52 -27.46 45.84 -5.89
C GLU C 52 -27.83 47.30 -5.60
N VAL C 53 -28.18 47.99 -6.68
CA VAL C 53 -28.72 49.35 -6.64
C VAL C 53 -27.72 50.35 -6.08
N SER C 54 -27.29 50.15 -4.83
CA SER C 54 -26.48 51.14 -4.14
C SER C 54 -25.12 50.65 -3.68
N ASN C 55 -24.97 49.35 -3.39
CA ASN C 55 -23.70 48.84 -2.87
C ASN C 55 -22.59 49.01 -3.92
N ARG C 56 -21.36 49.02 -3.43
CA ARG C 56 -20.20 49.36 -4.24
C ARG C 56 -19.05 48.42 -3.89
N PRO C 57 -18.51 47.70 -4.86
CA PRO C 57 -17.43 46.74 -4.58
C PRO C 57 -16.12 47.45 -4.30
N SER C 58 -15.25 46.73 -3.60
CA SER C 58 -13.91 47.22 -3.30
C SER C 58 -13.02 47.01 -4.51
N GLY C 59 -12.23 48.03 -4.84
CA GLY C 59 -12.26 49.29 -4.12
C GLY C 59 -12.41 50.50 -5.02
N VAL C 60 -13.63 50.73 -5.52
CA VAL C 60 -13.92 51.88 -6.35
C VAL C 60 -14.28 53.05 -5.44
N SER C 61 -13.88 54.26 -5.87
CA SER C 61 -14.04 55.46 -5.07
C SER C 61 -15.48 55.69 -4.66
N ASN C 62 -15.66 56.31 -3.50
CA ASN C 62 -16.98 56.69 -2.98
C ASN C 62 -17.65 57.77 -3.81
N ARG C 63 -16.96 58.32 -4.81
CA ARG C 63 -17.57 59.30 -5.71
C ARG C 63 -18.68 58.70 -6.55
N PHE C 64 -18.72 57.37 -6.68
CA PHE C 64 -19.77 56.67 -7.40
C PHE C 64 -20.84 56.21 -6.41
N SER C 65 -22.10 56.48 -6.72
CA SER C 65 -23.20 56.06 -5.87
C SER C 65 -24.41 55.77 -6.75
N GLY C 66 -25.27 54.87 -6.27
CA GLY C 66 -26.41 54.44 -7.05
C GLY C 66 -27.74 54.62 -6.34
N SER C 67 -28.82 54.71 -7.12
CA SER C 67 -30.15 54.91 -6.58
C SER C 67 -31.17 54.32 -7.53
N LYS C 68 -32.37 54.06 -7.00
CA LYS C 68 -33.45 53.49 -7.79
C LYS C 68 -34.78 53.94 -7.20
N SER C 69 -35.69 54.38 -8.07
CA SER C 69 -37.01 54.84 -7.65
C SER C 69 -38.01 54.40 -8.71
N GLY C 70 -38.83 53.39 -8.38
CA GLY C 70 -39.79 52.87 -9.32
C GLY C 70 -39.13 52.15 -10.48
N ASN C 71 -39.34 52.66 -11.69
CA ASN C 71 -38.77 52.08 -12.90
C ASN C 71 -37.56 52.85 -13.40
N THR C 72 -36.80 53.49 -12.51
CA THR C 72 -35.68 54.34 -12.90
C THR C 72 -34.55 54.19 -11.89
N ALA C 73 -33.41 53.68 -12.37
CA ALA C 73 -32.19 53.60 -11.58
C ALA C 73 -31.19 54.62 -12.11
N SER C 74 -30.46 55.26 -11.20
CA SER C 74 -29.56 56.35 -11.56
C SER C 74 -28.20 56.17 -10.91
N LEU C 75 -27.15 56.43 -11.68
CA LEU C 75 -25.77 56.39 -11.20
C LEU C 75 -25.23 57.81 -11.13
N THR C 76 -24.67 58.19 -9.98
CA THR C 76 -24.20 59.54 -9.74
C THR C 76 -22.71 59.53 -9.46
N ILE C 77 -21.97 60.40 -10.17
CA ILE C 77 -20.54 60.55 -10.01
C ILE C 77 -20.27 61.98 -9.59
N SER C 78 -19.89 62.18 -8.33
CA SER C 78 -19.58 63.50 -7.82
C SER C 78 -18.08 63.77 -7.96
N GLY C 79 -17.74 65.00 -8.33
CA GLY C 79 -16.36 65.36 -8.52
C GLY C 79 -15.72 64.64 -9.70
N LEU C 80 -16.15 64.97 -10.91
CA LEU C 80 -15.65 64.31 -12.10
C LEU C 80 -14.17 64.63 -12.31
N GLN C 81 -13.40 63.63 -12.71
CA GLN C 81 -11.99 63.77 -13.01
C GLN C 81 -11.75 63.46 -14.48
N ALA C 82 -10.47 63.45 -14.87
CA ALA C 82 -10.10 63.11 -16.24
C ALA C 82 -9.99 61.60 -16.46
N GLU C 83 -10.04 60.79 -15.40
CA GLU C 83 -9.98 59.35 -15.52
C GLU C 83 -11.35 58.70 -15.50
N ASP C 84 -12.40 59.45 -15.20
CA ASP C 84 -13.77 58.93 -15.23
C ASP C 84 -14.35 58.90 -16.63
N GLU C 85 -13.54 58.57 -17.64
CA GLU C 85 -13.91 58.65 -19.05
C GLU C 85 -14.02 57.24 -19.61
N ALA C 86 -15.25 56.74 -19.72
CA ALA C 86 -15.49 55.38 -20.19
C ALA C 86 -16.97 55.24 -20.49
N ASP C 87 -17.36 54.04 -20.94
CA ASP C 87 -18.75 53.73 -21.22
C ASP C 87 -19.39 53.13 -19.97
N TYR C 88 -20.59 53.61 -19.64
CA TYR C 88 -21.32 53.14 -18.47
C TYR C 88 -22.58 52.40 -18.90
N TYR C 89 -22.74 51.17 -18.41
CA TYR C 89 -23.89 50.33 -18.72
C TYR C 89 -24.60 49.94 -17.44
N CYS C 90 -25.93 49.91 -17.46
CA CYS C 90 -26.72 49.39 -16.37
C CYS C 90 -27.18 47.98 -16.70
N SER C 91 -27.22 47.12 -15.68
CA SER C 91 -27.51 45.70 -15.85
C SER C 91 -28.68 45.30 -14.98
N SER C 92 -29.51 44.40 -15.49
CA SER C 92 -30.60 43.80 -14.73
C SER C 92 -30.71 42.34 -15.15
N TYR C 93 -30.39 41.43 -14.24
CA TYR C 93 -30.27 40.00 -14.54
C TYR C 93 -29.35 39.80 -15.75
N GLU C 94 -29.90 39.31 -16.86
CA GLU C 94 -29.10 39.04 -18.03
C GLU C 94 -29.11 40.18 -19.06
N PHE C 95 -29.96 41.18 -18.88
CA PHE C 95 -30.10 42.25 -19.85
C PHE C 95 -29.12 43.38 -19.56
N PHE C 96 -28.81 44.15 -20.60
CA PHE C 96 -27.91 45.29 -20.52
C PHE C 96 -28.55 46.52 -21.14
N GLY C 97 -28.00 47.69 -20.80
CA GLY C 97 -28.49 48.93 -21.35
C GLY C 97 -27.76 49.32 -22.63
N GLY C 98 -28.21 50.44 -23.20
CA GLY C 98 -27.60 50.93 -24.43
C GLY C 98 -26.21 51.50 -24.24
N GLY C 99 -25.88 51.92 -23.03
CA GLY C 99 -24.59 52.52 -22.76
C GLY C 99 -24.67 54.03 -22.67
N THR C 100 -23.69 54.61 -21.98
CA THR C 100 -23.65 56.04 -21.75
C THR C 100 -22.20 56.53 -21.85
N LYS C 101 -21.98 57.54 -22.66
CA LYS C 101 -20.66 58.13 -22.83
C LYS C 101 -20.56 59.39 -21.98
N VAL C 102 -19.45 59.53 -21.26
CA VAL C 102 -19.17 60.69 -20.42
C VAL C 102 -18.25 61.62 -21.19
N PHE C 103 -18.60 62.91 -21.24
CA PHE C 103 -17.99 63.83 -22.17
C PHE C 103 -17.01 64.81 -21.54
N VAL C 104 -16.74 64.68 -20.23
CA VAL C 104 -15.93 65.61 -19.45
C VAL C 104 -16.16 67.07 -19.86
N LEU C 105 -15.08 67.76 -20.24
CA LEU C 105 -15.16 69.13 -20.68
C LEU C 105 -14.03 69.43 -21.66
N GLY C 106 -14.31 70.28 -22.64
CA GLY C 106 -13.31 70.61 -23.67
C GLY C 106 -12.12 71.40 -23.15
N GLN C 107 -12.36 72.58 -22.57
CA GLN C 107 -13.66 73.24 -22.45
C GLN C 107 -14.28 73.65 -23.78
N PRO C 108 -13.46 74.23 -24.70
CA PRO C 108 -14.00 74.66 -26.00
C PRO C 108 -15.21 73.89 -26.52
N LYS C 109 -16.38 74.50 -26.36
CA LYS C 109 -17.64 73.96 -26.84
C LYS C 109 -17.90 74.49 -28.24
N ALA C 110 -17.99 73.58 -29.23
CA ALA C 110 -18.08 74.00 -30.62
C ALA C 110 -18.98 73.03 -31.38
N ALA C 111 -19.38 73.47 -32.57
CA ALA C 111 -20.24 72.73 -33.48
C ALA C 111 -19.43 72.22 -34.67
N PRO C 112 -19.93 71.21 -35.40
CA PRO C 112 -19.12 70.59 -36.45
C PRO C 112 -19.06 71.41 -37.74
N SER C 113 -17.87 71.43 -38.33
CA SER C 113 -17.65 72.05 -39.63
C SER C 113 -17.78 70.98 -40.70
N VAL C 114 -18.84 71.07 -41.50
CA VAL C 114 -19.21 70.02 -42.46
C VAL C 114 -18.81 70.45 -43.86
N THR C 115 -18.21 69.53 -44.61
CA THR C 115 -17.88 69.72 -46.02
C THR C 115 -18.45 68.55 -46.80
N LEU C 116 -19.32 68.85 -47.76
CA LEU C 116 -20.02 67.82 -48.52
C LEU C 116 -19.53 67.83 -49.96
N PHE C 117 -19.31 66.63 -50.51
CA PHE C 117 -18.78 66.51 -51.86
C PHE C 117 -19.70 65.63 -52.72
N PRO C 118 -19.77 65.91 -54.02
CA PRO C 118 -20.60 65.11 -54.90
C PRO C 118 -19.82 63.94 -55.47
N PRO C 119 -20.48 62.99 -56.13
CA PRO C 119 -19.75 61.92 -56.83
C PRO C 119 -18.97 62.49 -58.00
N SER C 120 -17.73 62.04 -58.13
CA SER C 120 -16.86 62.54 -59.19
C SER C 120 -17.44 62.19 -60.56
N SER C 121 -17.10 63.01 -61.56
CA SER C 121 -17.58 62.76 -62.92
C SER C 121 -17.05 61.45 -63.46
N GLU C 122 -15.83 61.07 -63.08
CA GLU C 122 -15.29 59.78 -63.49
C GLU C 122 -15.99 58.64 -62.78
N GLU C 123 -16.52 58.88 -61.58
CA GLU C 123 -17.33 57.88 -60.91
C GLU C 123 -18.68 57.72 -61.60
N LEU C 124 -19.21 58.79 -62.20
CA LEU C 124 -20.43 58.69 -62.98
C LEU C 124 -20.21 58.03 -64.33
N GLN C 125 -18.98 58.04 -64.84
CA GLN C 125 -18.67 57.26 -66.04
C GLN C 125 -18.92 55.79 -65.81
N ALA C 126 -18.56 55.28 -64.63
CA ALA C 126 -19.00 53.98 -64.19
C ALA C 126 -20.40 54.08 -63.60
N ASN C 127 -21.00 52.93 -63.30
CA ASN C 127 -22.36 52.89 -62.78
C ASN C 127 -22.38 52.93 -61.26
N LYS C 128 -21.75 53.95 -60.67
CA LYS C 128 -21.69 54.12 -59.23
C LYS C 128 -21.82 55.60 -58.88
N ALA C 129 -22.10 55.86 -57.61
CA ALA C 129 -22.23 57.23 -57.12
C ALA C 129 -22.14 57.21 -55.59
N THR C 130 -21.19 57.96 -55.05
CA THR C 130 -20.94 57.98 -53.61
C THR C 130 -20.86 59.43 -53.14
N LEU C 131 -21.55 59.74 -52.05
CA LEU C 131 -21.55 61.07 -51.45
C LEU C 131 -20.59 61.08 -50.26
N VAL C 132 -19.73 62.09 -50.20
CA VAL C 132 -18.72 62.22 -49.16
C VAL C 132 -19.10 63.41 -48.29
N CYS C 133 -19.53 63.14 -47.06
CA CYS C 133 -19.92 64.17 -46.10
C CYS C 133 -18.91 64.16 -44.95
N LEU C 134 -17.95 65.07 -45.01
CA LEU C 134 -16.85 65.11 -44.05
C LEU C 134 -17.20 66.04 -42.89
N ILE C 135 -17.04 65.55 -41.67
CA ILE C 135 -17.34 66.28 -40.46
C ILE C 135 -16.04 66.46 -39.68
N SER C 136 -15.72 67.71 -39.33
CA SER C 136 -14.42 68.04 -38.77
C SER C 136 -14.58 68.79 -37.45
N ASP C 137 -13.50 68.72 -36.64
CA ASP C 137 -13.32 69.38 -35.35
C ASP C 137 -14.61 69.77 -34.62
N PHE C 138 -15.35 68.77 -34.14
CA PHE C 138 -16.46 69.02 -33.24
C PHE C 138 -16.16 68.45 -31.86
N TYR C 139 -16.89 68.93 -30.87
CA TYR C 139 -16.69 68.47 -29.51
C TYR C 139 -17.96 68.70 -28.70
N PRO C 140 -18.43 67.70 -27.93
CA PRO C 140 -17.84 66.37 -27.77
C PRO C 140 -18.15 65.43 -28.93
N GLY C 141 -17.69 64.19 -28.84
CA GLY C 141 -17.90 63.21 -29.89
C GLY C 141 -19.28 62.57 -29.86
N ALA C 142 -20.31 63.32 -30.24
CA ALA C 142 -21.69 62.82 -30.27
C ALA C 142 -22.39 63.45 -31.47
N VAL C 143 -22.47 62.68 -32.56
CA VAL C 143 -23.02 63.19 -33.82
C VAL C 143 -23.92 62.12 -34.43
N THR C 144 -25.12 62.53 -34.86
CA THR C 144 -26.05 61.68 -35.59
C THR C 144 -26.32 62.30 -36.96
N VAL C 145 -26.02 61.55 -38.02
CA VAL C 145 -26.09 62.06 -39.40
C VAL C 145 -27.37 61.55 -40.05
N ALA C 146 -28.08 62.44 -40.74
CA ALA C 146 -29.31 62.11 -41.43
C ALA C 146 -29.26 62.65 -42.86
N TRP C 147 -29.83 61.89 -43.79
CA TRP C 147 -29.84 62.27 -45.20
C TRP C 147 -31.28 62.38 -45.68
N LYS C 148 -31.59 63.47 -46.38
CA LYS C 148 -32.90 63.70 -46.94
C LYS C 148 -32.83 63.67 -48.47
N ALA C 149 -33.98 63.37 -49.10
CA ALA C 149 -33.99 63.20 -50.56
C ALA C 149 -35.37 63.62 -51.13
N ASP C 150 -35.51 64.91 -51.45
CA ASP C 150 -34.53 65.95 -51.10
C ASP C 150 -34.73 66.34 -49.66
N SER C 151 -36.00 66.34 -49.26
CA SER C 151 -36.42 66.61 -47.91
C SER C 151 -36.98 65.36 -47.22
N SER C 152 -37.29 64.32 -47.98
CA SER C 152 -37.74 63.07 -47.40
C SER C 152 -36.55 62.31 -46.83
N PRO C 153 -36.55 61.99 -45.54
CA PRO C 153 -35.37 61.33 -44.95
C PRO C 153 -35.09 59.98 -45.59
N VAL C 154 -33.79 59.72 -45.81
CA VAL C 154 -33.33 58.49 -46.42
C VAL C 154 -32.37 57.81 -45.45
N LYS C 155 -32.62 56.52 -45.18
CA LYS C 155 -31.75 55.72 -44.32
C LYS C 155 -31.29 54.44 -45.03
N ALA C 156 -31.30 54.43 -46.36
CA ALA C 156 -30.93 53.27 -47.15
C ALA C 156 -29.61 53.55 -47.86
N GLY C 157 -28.60 52.70 -47.61
CA GLY C 157 -27.31 52.87 -48.22
C GLY C 157 -26.43 53.91 -47.56
N VAL C 158 -26.69 54.24 -46.29
CA VAL C 158 -25.95 55.27 -45.57
C VAL C 158 -24.96 54.60 -44.63
N GLU C 159 -23.71 55.06 -44.66
CA GLU C 159 -22.65 54.56 -43.79
C GLU C 159 -22.13 55.72 -42.95
N THR C 160 -22.43 55.71 -41.66
CA THR C 160 -22.05 56.79 -40.76
C THR C 160 -20.85 56.34 -39.91
N THR C 161 -19.93 57.28 -39.67
CA THR C 161 -18.71 57.01 -38.92
C THR C 161 -18.89 57.42 -37.47
N THR C 162 -18.46 56.55 -36.56
CA THR C 162 -18.42 56.92 -35.15
C THR C 162 -17.29 57.92 -34.91
N PRO C 163 -17.51 58.96 -34.12
CA PRO C 163 -16.52 60.04 -33.99
C PRO C 163 -15.19 59.52 -33.47
N SER C 164 -14.11 59.98 -34.09
CA SER C 164 -12.75 59.65 -33.69
C SER C 164 -12.01 60.92 -33.31
N LYS C 165 -11.11 60.80 -32.33
CA LYS C 165 -10.41 61.95 -31.81
C LYS C 165 -9.36 62.43 -32.81
N GLN C 166 -9.28 63.75 -32.97
CA GLN C 166 -8.33 64.37 -33.90
C GLN C 166 -6.99 64.60 -33.20
N SER C 167 -6.13 65.40 -33.84
CA SER C 167 -4.85 65.74 -33.23
C SER C 167 -4.98 66.91 -32.26
N ASN C 168 -5.97 67.78 -32.47
CA ASN C 168 -6.23 68.90 -31.57
C ASN C 168 -7.24 68.55 -30.49
N ASN C 169 -7.32 67.27 -30.10
CA ASN C 169 -8.22 66.78 -29.06
C ASN C 169 -9.70 67.03 -29.38
N LYS C 170 -10.03 67.19 -30.66
CA LYS C 170 -11.41 67.28 -31.11
C LYS C 170 -11.76 66.03 -31.89
N TYR C 171 -12.99 65.98 -32.40
CA TYR C 171 -13.53 64.78 -33.03
C TYR C 171 -13.86 65.04 -34.49
N ALA C 172 -13.82 63.97 -35.28
CA ALA C 172 -14.10 64.02 -36.71
C ALA C 172 -14.97 62.83 -37.10
N ALA C 173 -15.77 63.02 -38.14
CA ALA C 173 -16.66 61.97 -38.64
C ALA C 173 -16.74 62.08 -40.15
N SER C 174 -17.36 61.06 -40.76
CA SER C 174 -17.49 61.02 -42.22
C SER C 174 -18.62 60.05 -42.58
N SER C 175 -19.68 60.58 -43.16
CA SER C 175 -20.84 59.77 -43.57
C SER C 175 -20.90 59.67 -45.08
N TYR C 176 -21.26 58.47 -45.57
CA TYR C 176 -21.39 58.22 -46.99
C TYR C 176 -22.79 57.72 -47.31
N LEU C 177 -23.22 57.96 -48.54
CA LEU C 177 -24.53 57.53 -49.02
C LEU C 177 -24.38 57.00 -50.44
N SER C 178 -24.47 55.68 -50.60
CA SER C 178 -24.28 55.06 -51.90
C SER C 178 -25.52 55.25 -52.77
N LEU C 179 -25.31 55.65 -54.01
CA LEU C 179 -26.40 55.86 -54.97
C LEU C 179 -25.99 55.28 -56.31
N THR C 180 -26.95 55.23 -57.22
CA THR C 180 -26.74 54.81 -58.60
C THR C 180 -26.87 56.00 -59.54
N PRO C 181 -26.26 55.95 -60.72
CA PRO C 181 -26.39 57.08 -61.66
C PRO C 181 -27.82 57.40 -62.03
N GLU C 182 -28.71 56.41 -62.09
CA GLU C 182 -30.11 56.68 -62.37
C GLU C 182 -30.78 57.37 -61.19
N GLN C 183 -30.38 57.03 -59.97
CA GLN C 183 -30.88 57.74 -58.78
C GLN C 183 -30.18 59.08 -58.59
N TRP C 184 -28.92 59.19 -59.00
CA TRP C 184 -28.16 60.41 -58.76
C TRP C 184 -28.70 61.58 -59.60
N LYS C 185 -29.00 61.33 -60.86
CA LYS C 185 -29.49 62.37 -61.77
C LYS C 185 -31.01 62.53 -61.71
N SER C 186 -31.67 61.95 -60.71
CA SER C 186 -33.11 62.02 -60.60
C SER C 186 -33.55 63.25 -59.81
N HIS C 187 -33.39 63.21 -58.48
CA HIS C 187 -33.84 64.31 -57.64
C HIS C 187 -33.00 65.55 -57.86
N LYS C 188 -33.54 66.70 -57.43
CA LYS C 188 -32.89 67.99 -57.67
C LYS C 188 -31.87 68.37 -56.60
N SER C 189 -32.02 67.87 -55.37
CA SER C 189 -31.09 68.23 -54.30
C SER C 189 -30.98 67.07 -53.31
N TYR C 190 -30.12 67.25 -52.32
CA TYR C 190 -29.89 66.27 -51.25
C TYR C 190 -29.39 67.03 -50.03
N SER C 191 -29.19 66.30 -48.93
CA SER C 191 -28.78 66.93 -47.68
C SER C 191 -27.99 65.95 -46.83
N CYS C 192 -27.06 66.49 -46.03
CA CYS C 192 -26.33 65.74 -45.00
C CYS C 192 -26.48 66.53 -43.70
N GLN C 193 -27.60 66.30 -43.00
CA GLN C 193 -27.90 67.03 -41.78
C GLN C 193 -27.12 66.42 -40.62
N VAL C 194 -26.11 67.14 -40.14
CA VAL C 194 -25.26 66.69 -39.05
C VAL C 194 -25.77 67.33 -37.76
N THR C 195 -26.40 66.52 -36.91
CA THR C 195 -26.95 66.98 -35.65
C THR C 195 -25.94 66.74 -34.53
N HIS C 196 -25.52 67.83 -33.87
CA HIS C 196 -24.55 67.75 -32.80
C HIS C 196 -24.99 68.64 -31.65
N GLU C 197 -25.03 68.06 -30.44
CA GLU C 197 -25.47 68.77 -29.24
C GLU C 197 -26.88 69.36 -29.39
N GLY C 198 -27.72 68.71 -30.20
CA GLY C 198 -29.05 69.19 -30.46
C GLY C 198 -29.18 70.12 -31.64
N SER C 199 -28.10 70.82 -32.02
CA SER C 199 -28.12 71.73 -33.16
C SER C 199 -27.70 71.00 -34.43
N THR C 200 -28.32 71.35 -35.55
CA THR C 200 -28.11 70.66 -36.82
C THR C 200 -27.37 71.57 -37.79
N VAL C 201 -26.26 71.07 -38.32
CA VAL C 201 -25.46 71.77 -39.32
C VAL C 201 -25.65 71.06 -40.65
N GLU C 202 -26.31 71.74 -41.59
CA GLU C 202 -26.66 71.15 -42.88
C GLU C 202 -25.85 71.81 -44.00
N LYS C 203 -25.44 71.00 -44.98
CA LYS C 203 -24.74 71.48 -46.15
C LYS C 203 -25.49 71.04 -47.40
N THR C 204 -25.76 72.00 -48.29
CA THR C 204 -26.53 71.74 -49.48
C THR C 204 -25.69 71.03 -50.55
N VAL C 205 -26.31 70.09 -51.24
CA VAL C 205 -25.67 69.40 -52.35
C VAL C 205 -26.71 69.22 -53.45
N ALA C 206 -26.30 69.50 -54.69
CA ALA C 206 -27.19 69.43 -55.84
C ALA C 206 -26.48 68.76 -57.00
N PRO C 207 -27.13 67.82 -57.69
CA PRO C 207 -26.52 67.18 -58.85
C PRO C 207 -26.49 68.02 -60.12
N THR C 208 -26.77 69.32 -60.04
CA THR C 208 -26.75 70.19 -61.21
C THR C 208 -25.29 70.53 -61.53
N GLU C 209 -24.63 69.55 -62.15
CA GLU C 209 -23.22 69.70 -62.51
C GLU C 209 -23.08 70.50 -63.80
N CYS C 210 -22.07 71.36 -63.83
CA CYS C 210 -21.81 72.18 -65.02
C CYS C 210 -20.91 71.44 -65.99
N GLU D 1 -34.33 -45.41 26.12
CA GLU D 1 -34.56 -44.79 24.81
C GLU D 1 -35.89 -44.07 24.76
N SER D 2 -36.72 -44.30 25.78
CA SER D 2 -38.04 -43.67 25.82
C SER D 2 -37.94 -42.18 26.16
N ALA D 3 -37.30 -41.86 27.28
CA ALA D 3 -37.12 -40.49 27.74
C ALA D 3 -38.46 -39.78 27.92
N LEU D 4 -39.04 -39.26 26.84
CA LEU D 4 -40.34 -38.61 26.87
C LEU D 4 -41.37 -39.55 26.25
N THR D 5 -42.38 -39.91 27.04
CA THR D 5 -43.40 -40.87 26.62
C THR D 5 -44.60 -40.13 26.07
N GLN D 6 -44.99 -40.47 24.84
CA GLN D 6 -46.20 -39.92 24.24
C GLN D 6 -47.17 -41.04 23.90
N PRO D 7 -48.47 -40.76 23.90
CA PRO D 7 -49.43 -41.78 23.47
C PRO D 7 -49.28 -42.05 21.98
N ALA D 8 -49.39 -43.34 21.62
CA ALA D 8 -49.17 -43.74 20.23
C ALA D 8 -50.20 -43.12 19.30
N SER D 9 -51.45 -43.01 19.75
CA SER D 9 -52.51 -42.47 18.91
C SER D 9 -53.51 -41.72 19.77
N VAL D 10 -53.96 -40.57 19.27
CA VAL D 10 -54.97 -39.75 19.91
C VAL D 10 -56.04 -39.42 18.87
N SER D 11 -57.30 -39.64 19.22
CA SER D 11 -58.42 -39.50 18.30
C SER D 11 -59.16 -38.18 18.54
N GLY D 12 -59.79 -37.68 17.49
CA GLY D 12 -60.55 -36.44 17.59
C GLY D 12 -61.47 -36.28 16.41
N SER D 13 -62.54 -35.50 16.62
CA SER D 13 -63.55 -35.23 15.61
C SER D 13 -63.45 -33.79 15.11
N PRO D 14 -63.82 -33.53 13.86
CA PRO D 14 -63.74 -32.16 13.33
C PRO D 14 -64.63 -31.21 14.12
N GLY D 15 -64.00 -30.20 14.72
CA GLY D 15 -64.71 -29.23 15.51
C GLY D 15 -64.38 -29.30 16.98
N GLN D 16 -64.33 -30.50 17.54
CA GLN D 16 -64.02 -30.68 18.94
C GLN D 16 -62.52 -30.52 19.19
N SER D 17 -62.16 -30.44 20.47
CA SER D 17 -60.77 -30.26 20.85
C SER D 17 -60.06 -31.61 20.99
N ILE D 18 -58.75 -31.55 21.20
CA ILE D 18 -57.92 -32.74 21.33
C ILE D 18 -56.77 -32.41 22.27
N THR D 19 -56.19 -33.44 22.88
CA THR D 19 -55.13 -33.26 23.85
C THR D 19 -54.13 -34.39 23.77
N ILE D 20 -52.85 -34.05 23.68
CA ILE D 20 -51.75 -35.02 23.63
C ILE D 20 -50.83 -34.73 24.81
N SER D 21 -50.65 -35.72 25.67
CA SER D 21 -49.83 -35.57 26.87
C SER D 21 -48.41 -36.06 26.61
N CYS D 22 -47.45 -35.44 27.30
CA CYS D 22 -46.03 -35.73 27.13
C CYS D 22 -45.45 -36.01 28.51
N THR D 23 -45.15 -37.28 28.78
CA THR D 23 -44.64 -37.73 30.07
C THR D 23 -43.17 -38.07 29.94
N GLY D 24 -42.34 -37.47 30.78
CA GLY D 24 -40.90 -37.70 30.78
C GLY D 24 -40.48 -38.54 31.98
N THR D 25 -39.64 -39.54 31.71
CA THR D 25 -39.21 -40.46 32.75
C THR D 25 -38.26 -39.78 33.74
N SER D 26 -38.28 -40.28 34.97
CA SER D 26 -37.42 -39.77 36.06
C SER D 26 -37.56 -38.26 36.25
N ASN D 33 -39.08 -27.32 33.18
CA ASN D 33 -38.51 -26.13 32.54
C ASN D 33 -39.29 -25.77 31.27
N TYR D 34 -38.68 -25.97 30.11
CA TYR D 34 -39.26 -25.63 28.82
C TYR D 34 -39.36 -26.86 27.94
N VAL D 35 -40.54 -27.09 27.37
CA VAL D 35 -40.80 -28.18 26.44
C VAL D 35 -41.26 -27.59 25.12
N SER D 36 -40.96 -28.29 24.03
CA SER D 36 -41.31 -27.81 22.70
C SER D 36 -42.11 -28.88 21.95
N TRP D 37 -42.89 -28.43 20.98
CA TRP D 37 -43.74 -29.32 20.18
C TRP D 37 -43.48 -29.08 18.70
N TYR D 38 -43.60 -30.16 17.91
CA TYR D 38 -43.39 -30.12 16.47
C TYR D 38 -44.51 -30.87 15.76
N GLN D 39 -44.94 -30.34 14.63
CA GLN D 39 -45.93 -30.98 13.77
C GLN D 39 -45.26 -31.32 12.44
N GLN D 40 -45.26 -32.61 12.10
CA GLN D 40 -44.54 -33.11 10.93
C GLN D 40 -45.52 -33.84 10.02
N HIS D 41 -45.90 -33.19 8.92
CA HIS D 41 -46.70 -33.87 7.91
C HIS D 41 -45.85 -34.91 7.19
N PRO D 42 -46.45 -36.02 6.78
CA PRO D 42 -45.68 -37.08 6.12
C PRO D 42 -45.06 -36.58 4.83
N GLY D 43 -43.76 -36.82 4.68
CA GLY D 43 -42.99 -36.35 3.54
C GLY D 43 -42.34 -35.00 3.73
N LYS D 44 -42.76 -34.23 4.73
CA LYS D 44 -42.22 -32.91 5.00
C LYS D 44 -41.37 -32.94 6.26
N ALA D 45 -40.65 -31.85 6.48
CA ALA D 45 -39.83 -31.70 7.66
C ALA D 45 -40.68 -31.25 8.86
N PRO D 46 -40.22 -31.50 10.08
CA PRO D 46 -40.96 -31.02 11.25
C PRO D 46 -41.14 -29.50 11.23
N LYS D 47 -42.15 -29.04 11.96
CA LYS D 47 -42.47 -27.62 12.04
C LYS D 47 -42.62 -27.23 13.50
N LEU D 48 -41.90 -26.19 13.92
CA LEU D 48 -41.96 -25.71 15.29
C LEU D 48 -43.32 -25.06 15.53
N MET D 49 -44.12 -25.67 16.40
CA MET D 49 -45.45 -25.16 16.73
C MET D 49 -45.51 -24.48 18.09
N ILE D 50 -44.87 -25.05 19.10
CA ILE D 50 -44.89 -24.51 20.45
C ILE D 50 -43.49 -24.60 21.03
N TYR D 51 -42.95 -23.47 21.48
CA TYR D 51 -41.68 -23.43 22.19
C TYR D 51 -41.91 -22.87 23.59
N GLU D 52 -41.06 -23.32 24.52
CA GLU D 52 -41.13 -22.92 25.93
C GLU D 52 -42.54 -23.11 26.49
N VAL D 53 -42.92 -24.39 26.55
CA VAL D 53 -44.16 -24.85 27.19
C VAL D 53 -45.39 -24.31 26.47
N SER D 54 -45.56 -22.99 26.44
CA SER D 54 -46.79 -22.38 25.96
C SER D 54 -46.62 -21.35 24.86
N ASN D 55 -45.45 -20.71 24.74
CA ASN D 55 -45.25 -19.69 23.73
C ASN D 55 -45.36 -20.27 22.32
N ARG D 56 -45.71 -19.42 21.37
CA ARG D 56 -46.07 -19.85 20.02
C ARG D 56 -45.37 -18.97 18.99
N PRO D 57 -44.57 -19.54 18.09
CA PRO D 57 -43.90 -18.73 17.06
C PRO D 57 -44.85 -18.40 15.94
N SER D 58 -44.59 -17.25 15.32
CA SER D 58 -45.38 -16.83 14.16
C SER D 58 -45.04 -17.71 12.96
N GLY D 59 -46.07 -18.07 12.19
CA GLY D 59 -47.43 -17.70 12.50
C GLY D 59 -48.37 -18.89 12.49
N VAL D 60 -48.30 -19.72 13.52
CA VAL D 60 -49.21 -20.85 13.67
C VAL D 60 -50.47 -20.37 14.37
N SER D 61 -51.60 -20.95 13.97
CA SER D 61 -52.91 -20.53 14.45
C SER D 61 -52.99 -20.59 15.98
N ASN D 62 -53.83 -19.72 16.53
CA ASN D 62 -54.05 -19.67 17.97
C ASN D 62 -54.77 -20.90 18.49
N ARG D 63 -55.20 -21.81 17.61
CA ARG D 63 -55.86 -23.03 18.03
C ARG D 63 -54.89 -24.02 18.69
N PHE D 64 -53.58 -23.79 18.60
CA PHE D 64 -52.59 -24.61 19.27
C PHE D 64 -52.17 -23.94 20.57
N SER D 65 -52.09 -24.72 21.64
CA SER D 65 -51.68 -24.21 22.94
C SER D 65 -51.06 -25.35 23.73
N GLY D 66 -50.07 -25.00 24.56
CA GLY D 66 -49.39 -25.99 25.36
C GLY D 66 -49.44 -25.68 26.84
N SER D 67 -49.29 -26.71 27.66
CA SER D 67 -49.28 -26.56 29.11
C SER D 67 -48.38 -27.61 29.71
N LYS D 68 -48.05 -27.43 30.98
CA LYS D 68 -47.18 -28.35 31.70
C LYS D 68 -47.52 -28.31 33.18
N SER D 69 -47.65 -29.49 33.79
CA SER D 69 -47.89 -29.61 35.23
C SER D 69 -47.07 -30.80 35.73
N GLY D 70 -46.01 -30.51 36.47
CA GLY D 70 -45.18 -31.59 36.99
C GLY D 70 -44.40 -32.22 35.86
N ASN D 71 -44.49 -33.55 35.76
CA ASN D 71 -43.79 -34.31 34.73
C ASN D 71 -44.68 -34.60 33.53
N THR D 72 -45.66 -33.74 33.26
CA THR D 72 -46.61 -33.96 32.18
C THR D 72 -46.83 -32.65 31.43
N ALA D 73 -46.46 -32.63 30.16
CA ALA D 73 -46.74 -31.52 29.26
C ALA D 73 -47.83 -31.94 28.28
N SER D 74 -48.72 -31.01 27.94
CA SER D 74 -49.86 -31.32 27.09
C SER D 74 -50.00 -30.28 26.00
N LEU D 75 -50.31 -30.75 24.80
CA LEU D 75 -50.59 -29.90 23.64
C LEU D 75 -52.07 -29.98 23.33
N THR D 76 -52.71 -28.82 23.19
CA THR D 76 -54.15 -28.74 22.98
C THR D 76 -54.44 -28.11 21.63
N ILE D 77 -55.28 -28.75 20.84
CA ILE D 77 -55.71 -28.25 19.53
C ILE D 77 -57.23 -28.13 19.57
N SER D 78 -57.72 -26.90 19.56
CA SER D 78 -59.16 -26.64 19.56
C SER D 78 -59.63 -26.41 18.13
N GLY D 79 -60.85 -26.87 17.84
CA GLY D 79 -61.39 -26.76 16.50
C GLY D 79 -60.58 -27.54 15.49
N LEU D 80 -60.68 -28.88 15.56
CA LEU D 80 -59.91 -29.72 14.66
C LEU D 80 -60.40 -29.58 13.23
N GLN D 81 -59.45 -29.54 12.30
CA GLN D 81 -59.72 -29.46 10.87
C GLN D 81 -59.15 -30.70 10.18
N ALA D 82 -59.26 -30.71 8.85
CA ALA D 82 -58.76 -31.84 8.07
C ALA D 82 -57.26 -31.80 7.85
N GLU D 83 -56.62 -30.65 8.09
CA GLU D 83 -55.19 -30.50 7.91
C GLU D 83 -54.42 -30.67 9.22
N GLU D 84 -55.08 -31.18 10.26
CA GLU D 84 -54.45 -31.32 11.57
C GLU D 84 -53.86 -32.70 11.81
N ASP D 85 -54.25 -33.70 11.02
CA ASP D 85 -53.79 -35.07 11.23
C ASP D 85 -52.36 -35.19 10.72
N ALA D 86 -51.42 -35.33 11.66
CA ALA D 86 -50.00 -35.43 11.33
C ALA D 86 -49.28 -36.02 12.54
N ASP D 87 -47.96 -36.08 12.44
CA ASP D 87 -47.12 -36.55 13.53
C ASP D 87 -46.81 -35.39 14.47
N TYR D 88 -46.96 -35.62 15.77
CA TYR D 88 -46.73 -34.61 16.79
C TYR D 88 -45.70 -35.15 17.78
N TYR D 89 -44.61 -34.41 17.97
CA TYR D 89 -43.55 -34.79 18.88
C TYR D 89 -43.38 -33.69 19.94
N CYS D 90 -43.10 -34.10 21.17
CA CYS D 90 -42.68 -33.16 22.19
C CYS D 90 -41.17 -33.25 22.36
N SER D 91 -40.54 -32.10 22.59
CA SER D 91 -39.09 -31.99 22.63
C SER D 91 -38.64 -31.33 23.92
N SER D 92 -37.61 -31.91 24.54
CA SER D 92 -37.00 -31.34 25.73
C SER D 92 -35.48 -31.46 25.57
N TYR D 93 -34.82 -30.32 25.43
CA TYR D 93 -33.37 -30.25 25.20
C TYR D 93 -33.08 -31.03 23.92
N GLU D 94 -32.26 -32.08 23.99
CA GLU D 94 -31.90 -32.88 22.83
C GLU D 94 -32.82 -34.06 22.60
N PHE D 95 -33.67 -34.40 23.58
CA PHE D 95 -34.49 -35.60 23.52
C PHE D 95 -35.83 -35.34 22.85
N PHE D 96 -36.37 -36.39 22.25
CA PHE D 96 -37.65 -36.34 21.57
C PHE D 96 -38.56 -37.44 22.09
N GLY D 97 -39.87 -37.25 21.90
CA GLY D 97 -40.82 -38.27 22.22
C GLY D 97 -40.97 -39.29 21.11
N GLY D 98 -41.74 -40.34 21.38
CA GLY D 98 -41.95 -41.38 20.40
C GLY D 98 -42.81 -40.95 19.23
N GLY D 99 -43.51 -39.84 19.35
CA GLY D 99 -44.40 -39.38 18.30
C GLY D 99 -45.84 -39.80 18.54
N THR D 100 -46.76 -38.95 18.09
CA THR D 100 -48.19 -39.21 18.24
C THR D 100 -48.88 -38.91 16.92
N LYS D 101 -49.63 -39.88 16.41
CA LYS D 101 -50.38 -39.72 15.17
C LYS D 101 -51.82 -39.34 15.51
N VAL D 102 -52.27 -38.22 14.96
CA VAL D 102 -53.67 -37.81 15.08
C VAL D 102 -54.42 -38.29 13.85
N PHE D 103 -55.54 -38.99 14.07
CA PHE D 103 -56.21 -39.71 13.00
C PHE D 103 -57.58 -39.12 12.66
N VAL D 104 -57.86 -37.89 13.11
CA VAL D 104 -59.10 -37.14 12.85
C VAL D 104 -60.33 -38.04 12.68
N LEU D 105 -61.09 -37.85 11.60
CA LEU D 105 -62.34 -38.58 11.43
C LEU D 105 -62.64 -38.77 9.96
N GLY D 106 -63.52 -39.73 9.69
CA GLY D 106 -64.00 -40.04 8.35
C GLY D 106 -65.34 -40.75 8.36
N GLN D 107 -65.34 -42.06 8.59
CA GLN D 107 -66.57 -42.84 8.77
C GLN D 107 -66.46 -43.77 9.98
N PRO D 108 -66.05 -43.22 11.16
CA PRO D 108 -65.61 -44.04 12.32
C PRO D 108 -65.67 -45.55 12.26
N LYS D 109 -66.29 -46.16 13.28
CA LYS D 109 -66.44 -47.62 13.42
C LYS D 109 -65.17 -48.37 13.06
N ALA D 110 -65.30 -49.43 12.26
CA ALA D 110 -64.21 -50.18 11.65
C ALA D 110 -63.38 -50.98 12.66
N ALA D 111 -63.90 -52.12 13.08
CA ALA D 111 -63.01 -52.99 13.83
C ALA D 111 -62.22 -53.88 12.87
N PRO D 112 -60.96 -54.18 13.17
CA PRO D 112 -60.12 -54.90 12.21
C PRO D 112 -60.56 -56.35 12.03
N SER D 113 -60.70 -56.77 10.78
CA SER D 113 -61.00 -58.15 10.43
C SER D 113 -59.68 -58.89 10.25
N VAL D 114 -59.30 -59.67 11.26
CA VAL D 114 -57.98 -60.30 11.33
C VAL D 114 -58.10 -61.75 10.90
N THR D 115 -57.20 -62.17 10.01
CA THR D 115 -57.08 -63.56 9.59
C THR D 115 -55.66 -64.04 9.84
N LEU D 116 -55.53 -65.13 10.57
CA LEU D 116 -54.23 -65.65 10.98
C LEU D 116 -53.98 -66.98 10.29
N PHE D 117 -52.76 -67.15 9.78
CA PHE D 117 -52.40 -68.34 9.04
C PHE D 117 -51.22 -69.07 9.68
N PRO D 118 -51.25 -70.39 9.72
CA PRO D 118 -50.14 -71.14 10.31
C PRO D 118 -49.03 -71.35 9.31
N PRO D 119 -47.87 -71.82 9.74
CA PRO D 119 -46.81 -72.18 8.78
C PRO D 119 -47.23 -73.36 7.93
N SER D 120 -46.97 -73.24 6.62
CA SER D 120 -47.34 -74.29 5.68
C SER D 120 -46.59 -75.57 5.98
N SER D 121 -47.19 -76.70 5.60
CA SER D 121 -46.54 -78.00 5.80
C SER D 121 -45.25 -78.10 5.00
N GLU D 122 -45.22 -77.52 3.79
CA GLU D 122 -44.00 -77.52 3.00
C GLU D 122 -42.96 -76.58 3.58
N GLU D 123 -43.39 -75.50 4.22
CA GLU D 123 -42.45 -74.64 4.94
C GLU D 123 -41.85 -75.37 6.14
N LEU D 124 -42.62 -76.25 6.78
CA LEU D 124 -42.10 -77.06 7.87
C LEU D 124 -41.18 -78.18 7.38
N GLN D 125 -41.29 -78.56 6.11
CA GLN D 125 -40.31 -79.49 5.54
C GLN D 125 -38.91 -78.89 5.57
N ALA D 126 -38.81 -77.60 5.29
CA ALA D 126 -37.59 -76.86 5.54
C ALA D 126 -37.52 -76.46 7.01
N ASN D 127 -36.35 -75.99 7.43
CA ASN D 127 -36.14 -75.62 8.82
C ASN D 127 -36.58 -74.18 9.09
N LYS D 128 -37.82 -73.86 8.72
CA LYS D 128 -38.37 -72.52 8.91
C LYS D 128 -39.84 -72.62 9.30
N ALA D 129 -40.38 -71.53 9.83
CA ALA D 129 -41.76 -71.45 10.24
C ALA D 129 -42.13 -69.98 10.40
N THR D 130 -43.15 -69.54 9.66
CA THR D 130 -43.56 -68.14 9.66
C THR D 130 -45.06 -68.05 9.92
N LEU D 131 -45.45 -67.14 10.82
CA LEU D 131 -46.85 -66.89 11.13
C LEU D 131 -47.34 -65.69 10.35
N VAL D 132 -48.46 -65.85 9.67
CA VAL D 132 -49.03 -64.81 8.83
C VAL D 132 -50.31 -64.31 9.49
N CYS D 133 -50.25 -63.10 10.04
CA CYS D 133 -51.40 -62.45 10.65
C CYS D 133 -51.81 -61.31 9.72
N LEU D 134 -52.91 -61.50 8.99
CA LEU D 134 -53.40 -60.54 8.03
C LEU D 134 -54.51 -59.71 8.64
N ILE D 135 -54.36 -58.39 8.61
CA ILE D 135 -55.35 -57.46 9.14
C ILE D 135 -55.94 -56.69 7.95
N SER D 136 -57.26 -56.79 7.78
CA SER D 136 -57.93 -56.23 6.63
C SER D 136 -58.88 -55.12 7.03
N ASP D 137 -59.15 -54.22 6.07
CA ASP D 137 -60.02 -53.06 6.16
C ASP D 137 -60.33 -52.56 7.57
N PHE D 138 -59.30 -52.21 8.34
CA PHE D 138 -59.49 -51.50 9.59
C PHE D 138 -59.29 -50.00 9.34
N TYR D 139 -59.82 -49.19 10.26
CA TYR D 139 -59.92 -47.77 9.96
C TYR D 139 -60.11 -46.94 11.22
N PRO D 140 -59.26 -45.92 11.47
CA PRO D 140 -58.11 -45.60 10.62
C PRO D 140 -56.89 -46.48 10.89
N GLY D 141 -55.76 -46.12 10.31
CA GLY D 141 -54.56 -46.94 10.41
C GLY D 141 -53.84 -46.85 11.74
N ALA D 142 -54.48 -47.33 12.80
CA ALA D 142 -53.90 -47.29 14.14
C ALA D 142 -54.07 -48.67 14.77
N VAL D 143 -53.02 -49.49 14.68
CA VAL D 143 -53.06 -50.86 15.17
C VAL D 143 -51.76 -51.17 15.88
N THR D 144 -51.86 -51.74 17.08
CA THR D 144 -50.71 -52.22 17.82
C THR D 144 -50.83 -53.74 17.95
N VAL D 145 -49.85 -54.46 17.42
CA VAL D 145 -49.88 -55.91 17.34
C VAL D 145 -49.01 -56.49 18.46
N ALA D 146 -49.53 -57.52 19.12
CA ALA D 146 -48.79 -58.23 20.16
C ALA D 146 -48.98 -59.73 19.97
N TRP D 147 -47.92 -60.49 20.22
CA TRP D 147 -47.94 -61.94 20.09
C TRP D 147 -47.70 -62.55 21.45
N LYS D 148 -48.54 -63.51 21.83
CA LYS D 148 -48.43 -64.16 23.13
C LYS D 148 -48.48 -65.66 22.95
N ALA D 149 -47.50 -66.36 23.52
CA ALA D 149 -47.43 -67.81 23.36
C ALA D 149 -47.05 -68.47 24.69
N ASP D 150 -48.00 -69.18 25.29
CA ASP D 150 -49.37 -69.22 24.80
C ASP D 150 -50.07 -67.97 25.30
N SER D 151 -49.64 -67.53 26.48
CA SER D 151 -50.13 -66.32 27.12
C SER D 151 -49.02 -65.36 27.52
N SER D 152 -47.76 -65.80 27.51
CA SER D 152 -46.64 -64.91 27.83
C SER D 152 -46.28 -64.08 26.60
N PRO D 153 -46.27 -62.75 26.71
CA PRO D 153 -46.02 -61.91 25.53
C PRO D 153 -44.64 -62.17 24.94
N VAL D 154 -44.60 -62.22 23.61
CA VAL D 154 -43.36 -62.43 22.85
C VAL D 154 -43.15 -61.22 21.95
N LYS D 155 -41.94 -60.65 22.02
CA LYS D 155 -41.57 -59.52 21.18
C LYS D 155 -40.30 -59.81 20.38
N ALA D 156 -39.99 -61.09 20.17
CA ALA D 156 -38.76 -61.52 19.51
C ALA D 156 -39.11 -62.12 18.16
N GLY D 157 -38.54 -61.56 17.09
CA GLY D 157 -38.78 -62.08 15.76
C GLY D 157 -40.10 -61.68 15.16
N VAL D 158 -40.66 -60.55 15.59
CA VAL D 158 -41.95 -60.07 15.10
C VAL D 158 -41.70 -58.92 14.14
N GLU D 159 -42.35 -58.96 12.97
CA GLU D 159 -42.25 -57.92 11.95
C GLU D 159 -43.65 -57.42 11.64
N THR D 160 -43.92 -56.17 11.99
CA THR D 160 -45.26 -55.58 11.82
C THR D 160 -45.22 -54.54 10.72
N THR D 161 -46.29 -54.50 9.92
CA THR D 161 -46.41 -53.58 8.80
C THR D 161 -47.11 -52.30 9.23
N THR D 162 -46.51 -51.16 8.89
CA THR D 162 -47.20 -49.90 9.09
C THR D 162 -48.43 -49.86 8.18
N PRO D 163 -49.57 -49.41 8.68
CA PRO D 163 -50.81 -49.49 7.91
C PRO D 163 -50.75 -48.63 6.65
N SER D 164 -51.26 -49.19 5.55
CA SER D 164 -51.34 -48.49 4.27
C SER D 164 -52.81 -48.38 3.86
N LYS D 165 -53.11 -47.33 3.11
CA LYS D 165 -54.48 -47.09 2.68
C LYS D 165 -54.90 -48.09 1.62
N GLN D 166 -56.12 -48.62 1.75
CA GLN D 166 -56.65 -49.61 0.81
C GLN D 166 -57.33 -48.90 -0.36
N SER D 167 -58.04 -49.67 -1.19
CA SER D 167 -58.79 -49.09 -2.30
C SER D 167 -60.11 -48.49 -1.86
N ASN D 168 -60.72 -49.05 -0.79
CA ASN D 168 -61.96 -48.54 -0.24
C ASN D 168 -61.74 -47.51 0.86
N ASN D 169 -60.63 -46.77 0.81
CA ASN D 169 -60.30 -45.72 1.77
C ASN D 169 -60.21 -46.23 3.20
N LYS D 170 -59.95 -47.52 3.37
CA LYS D 170 -59.64 -48.10 4.67
C LYS D 170 -58.17 -48.49 4.70
N TYR D 171 -57.74 -49.09 5.79
CA TYR D 171 -56.34 -49.39 6.00
C TYR D 171 -56.11 -50.89 6.18
N ALA D 172 -54.90 -51.33 5.85
CA ALA D 172 -54.52 -52.73 5.94
C ALA D 172 -53.14 -52.85 6.56
N ALA D 173 -52.91 -53.96 7.27
CA ALA D 173 -51.63 -54.23 7.90
C ALA D 173 -51.38 -55.73 7.87
N SER D 174 -50.14 -56.11 8.20
CA SER D 174 -49.75 -57.51 8.16
C SER D 174 -48.53 -57.70 9.06
N SER D 175 -48.66 -58.54 10.08
CA SER D 175 -47.58 -58.82 11.00
C SER D 175 -47.14 -60.27 10.86
N TYR D 176 -45.82 -60.47 10.92
CA TYR D 176 -45.23 -61.80 10.82
C TYR D 176 -44.42 -62.10 12.08
N LEU D 177 -44.32 -63.38 12.42
CA LEU D 177 -43.55 -63.83 13.57
C LEU D 177 -42.73 -65.04 13.15
N SER D 178 -41.42 -64.87 13.05
CA SER D 178 -40.55 -65.95 12.62
C SER D 178 -40.27 -66.90 13.78
N LEU D 179 -40.40 -68.20 13.52
CA LEU D 179 -40.16 -69.23 14.51
C LEU D 179 -39.35 -70.34 13.86
N THR D 180 -38.95 -71.31 14.67
CA THR D 180 -38.25 -72.49 14.21
C THR D 180 -39.16 -73.72 14.35
N PRO D 181 -38.93 -74.76 13.55
CA PRO D 181 -39.79 -75.96 13.67
C PRO D 181 -39.80 -76.55 15.06
N GLU D 182 -38.66 -76.50 15.76
CA GLU D 182 -38.62 -76.99 17.14
C GLU D 182 -39.38 -76.07 18.08
N GLN D 183 -39.39 -74.76 17.80
CA GLN D 183 -40.23 -73.85 18.57
C GLN D 183 -41.69 -73.92 18.14
N TRP D 184 -41.95 -74.21 16.87
CA TRP D 184 -43.32 -74.23 16.37
C TRP D 184 -44.10 -75.41 16.95
N LYS D 185 -43.49 -76.58 16.98
CA LYS D 185 -44.15 -77.78 17.51
C LYS D 185 -44.06 -77.91 19.02
N SER D 186 -43.61 -76.85 19.71
CA SER D 186 -43.43 -76.92 21.16
C SER D 186 -44.69 -76.51 21.89
N HIS D 187 -44.98 -75.20 21.93
CA HIS D 187 -46.12 -74.70 22.66
C HIS D 187 -47.43 -75.20 22.04
N LYS D 188 -48.51 -75.11 22.82
CA LYS D 188 -49.81 -75.60 22.39
C LYS D 188 -50.62 -74.57 21.61
N SER D 189 -50.32 -73.28 21.76
CA SER D 189 -51.09 -72.25 21.07
C SER D 189 -50.24 -70.99 20.90
N TYR D 190 -50.79 -70.04 20.16
CA TYR D 190 -50.16 -68.74 19.90
C TYR D 190 -51.27 -67.72 19.67
N SER D 191 -50.88 -66.45 19.60
CA SER D 191 -51.88 -65.38 19.52
C SER D 191 -51.34 -64.20 18.72
N CYS D 192 -52.26 -63.50 18.06
CA CYS D 192 -51.99 -62.26 17.35
C CYS D 192 -53.05 -61.26 17.80
N GLN D 193 -52.79 -60.57 18.92
CA GLN D 193 -53.75 -59.63 19.48
C GLN D 193 -53.65 -58.30 18.74
N VAL D 194 -54.65 -58.01 17.92
CA VAL D 194 -54.68 -56.79 17.13
C VAL D 194 -55.55 -55.77 17.86
N THR D 195 -54.90 -54.77 18.45
CA THR D 195 -55.59 -53.75 19.24
C THR D 195 -55.83 -52.52 18.37
N HIS D 196 -57.09 -52.12 18.25
CA HIS D 196 -57.47 -50.96 17.46
C HIS D 196 -58.54 -50.16 18.19
N GLU D 197 -58.28 -48.86 18.35
CA GLU D 197 -59.22 -47.96 19.03
C GLU D 197 -59.52 -48.42 20.46
N GLY D 198 -58.56 -49.07 21.10
CA GLY D 198 -58.75 -49.63 22.41
C GLY D 198 -59.33 -51.03 22.42
N SER D 199 -59.96 -51.45 21.32
CA SER D 199 -60.55 -52.78 21.22
C SER D 199 -59.57 -53.74 20.58
N THR D 200 -59.50 -54.95 21.13
CA THR D 200 -58.53 -55.96 20.71
C THR D 200 -59.26 -57.08 19.96
N VAL D 201 -58.83 -57.35 18.74
CA VAL D 201 -59.35 -58.46 17.95
C VAL D 201 -58.27 -59.54 17.96
N GLU D 202 -58.58 -60.68 18.56
CA GLU D 202 -57.65 -61.79 18.71
C GLU D 202 -58.11 -62.98 17.88
N LYS D 203 -57.16 -63.66 17.25
CA LYS D 203 -57.44 -64.86 16.45
C LYS D 203 -56.56 -65.99 16.94
N THR D 204 -57.19 -67.11 17.30
CA THR D 204 -56.48 -68.24 17.87
C THR D 204 -55.76 -69.02 16.77
N VAL D 205 -54.58 -69.55 17.11
CA VAL D 205 -53.81 -70.40 16.22
C VAL D 205 -53.19 -71.52 17.03
N ALA D 206 -53.25 -72.75 16.50
CA ALA D 206 -52.77 -73.92 17.20
C ALA D 206 -51.96 -74.81 16.25
N PRO D 207 -50.79 -75.28 16.67
CA PRO D 207 -49.97 -76.12 15.79
C PRO D 207 -50.45 -77.57 15.73
N THR D 208 -51.69 -77.81 16.16
CA THR D 208 -52.26 -79.16 16.12
C THR D 208 -52.72 -79.44 14.70
N GLU D 209 -51.76 -79.75 13.84
CA GLU D 209 -52.04 -80.06 12.45
C GLU D 209 -52.44 -81.53 12.31
N CYS D 210 -53.42 -81.77 11.43
CA CYS D 210 -53.87 -83.13 11.18
C CYS D 210 -53.01 -83.81 10.12
N GLN E 1 19.15 -4.02 32.86
CA GLN E 1 20.02 -4.87 32.07
C GLN E 1 20.76 -4.06 31.01
N VAL E 2 21.19 -2.86 31.38
CA VAL E 2 21.88 -1.97 30.45
C VAL E 2 23.25 -2.58 30.12
N GLN E 3 23.48 -2.84 28.84
CA GLN E 3 24.70 -3.51 28.37
C GLN E 3 25.49 -2.54 27.50
N LEU E 4 26.76 -2.33 27.85
CA LEU E 4 27.68 -1.50 27.09
C LEU E 4 28.87 -2.34 26.67
N VAL E 5 29.04 -2.53 25.37
CA VAL E 5 30.10 -3.38 24.82
C VAL E 5 31.00 -2.51 23.95
N GLN E 6 32.28 -2.46 24.30
CA GLN E 6 33.27 -1.69 23.55
C GLN E 6 34.08 -2.62 22.64
N SER E 7 34.93 -2.00 21.82
CA SER E 7 35.74 -2.74 20.86
C SER E 7 36.93 -3.38 21.58
N GLY E 8 37.74 -4.10 20.81
CA GLY E 8 38.90 -4.78 21.35
C GLY E 8 40.09 -3.85 21.52
N ALA E 9 41.18 -4.43 22.03
CA ALA E 9 42.40 -3.67 22.26
C ALA E 9 42.98 -3.16 20.95
N GLU E 10 43.53 -1.95 20.99
CA GLU E 10 44.10 -1.30 19.81
C GLU E 10 45.57 -1.00 20.04
N VAL E 11 46.36 -1.06 18.96
CA VAL E 11 47.77 -0.72 18.98
C VAL E 11 48.03 0.20 17.79
N LYS E 12 48.40 1.45 18.05
CA LYS E 12 48.57 2.42 17.00
C LYS E 12 49.90 3.14 17.17
N LYS E 13 50.36 3.78 16.09
CA LYS E 13 51.58 4.56 15.97
C LYS E 13 51.33 6.00 16.40
N PRO E 14 52.36 6.71 16.89
CA PRO E 14 52.14 8.07 17.35
C PRO E 14 51.86 9.00 16.17
N GLY E 15 50.78 9.76 16.27
CA GLY E 15 50.28 10.55 15.17
C GLY E 15 49.18 9.88 14.37
N ALA E 16 49.05 8.56 14.47
CA ALA E 16 47.99 7.84 13.79
C ALA E 16 46.67 8.08 14.52
N SER E 17 45.63 7.34 14.15
CA SER E 17 44.31 7.50 14.73
C SER E 17 43.79 6.15 15.21
N VAL E 18 42.83 6.21 16.12
CA VAL E 18 42.17 5.02 16.65
C VAL E 18 40.71 5.35 16.91
N LYS E 19 39.82 4.43 16.54
CA LYS E 19 38.39 4.58 16.72
C LYS E 19 37.89 3.50 17.66
N VAL E 20 37.25 3.92 18.76
CA VAL E 20 36.77 3.02 19.79
C VAL E 20 35.26 2.88 19.67
N SER E 21 34.78 1.65 19.61
CA SER E 21 33.36 1.36 19.53
C SER E 21 32.74 1.27 20.92
N CYS E 22 31.41 1.39 20.97
CA CYS E 22 30.67 1.30 22.22
C CYS E 22 29.20 1.01 21.86
N LYS E 23 28.86 -0.27 21.81
CA LYS E 23 27.51 -0.70 21.47
C LYS E 23 26.67 -0.82 22.74
N ALA E 24 25.51 -0.19 22.75
CA ALA E 24 24.61 -0.19 23.89
C ALA E 24 23.46 -1.18 23.67
N SER E 25 22.90 -1.66 24.77
CA SER E 25 21.79 -2.62 24.70
C SER E 25 20.99 -2.54 25.99
N GLY E 26 19.69 -2.73 25.87
CA GLY E 26 18.81 -2.79 27.02
C GLY E 26 18.04 -1.52 27.33
N TYR E 27 18.14 -0.51 26.48
CA TYR E 27 17.41 0.74 26.69
C TYR E 27 17.29 1.47 25.36
N THR E 28 16.62 2.62 25.38
CA THR E 28 16.47 3.45 24.19
C THR E 28 17.75 4.25 23.98
N PHE E 29 18.47 3.92 22.91
CA PHE E 29 19.80 4.49 22.69
C PHE E 29 19.73 5.99 22.43
N THR E 30 18.63 6.48 21.86
CA THR E 30 18.51 7.88 21.47
C THR E 30 17.87 8.75 22.56
N GLY E 31 18.00 8.37 23.82
CA GLY E 31 17.36 9.12 24.89
C GLY E 31 18.32 9.57 25.98
N TYR E 32 19.57 9.14 25.89
CA TYR E 32 20.57 9.43 26.91
C TYR E 32 21.88 9.79 26.23
N TYR E 33 22.60 10.76 26.79
CA TYR E 33 23.91 11.10 26.27
C TYR E 33 24.89 9.95 26.50
N MET E 34 26.02 10.01 25.80
CA MET E 34 27.07 9.02 25.95
C MET E 34 28.37 9.74 26.24
N HIS E 35 28.98 9.42 27.38
CA HIS E 35 30.24 10.04 27.80
C HIS E 35 31.42 9.13 27.46
N TRP E 36 32.62 9.70 27.58
CA TRP E 36 33.85 8.97 27.33
C TRP E 36 34.87 9.39 28.38
N VAL E 37 35.36 8.44 29.16
CA VAL E 37 36.34 8.69 30.20
C VAL E 37 37.49 7.69 30.03
N ARG E 38 38.71 8.21 29.99
CA ARG E 38 39.92 7.40 29.89
C ARG E 38 40.68 7.44 31.21
N GLN E 39 41.59 6.48 31.37
CA GLN E 39 42.37 6.37 32.59
C GLN E 39 43.73 5.78 32.24
N ALA E 40 44.79 6.58 32.39
CA ALA E 40 46.13 6.09 32.15
C ALA E 40 46.47 5.00 33.17
N PRO E 41 47.37 4.07 32.82
CA PRO E 41 47.69 2.97 33.76
C PRO E 41 48.29 3.50 35.04
N GLY E 42 47.57 3.29 36.15
CA GLY E 42 48.03 3.78 37.43
C GLY E 42 47.61 5.18 37.77
N GLN E 43 46.65 5.75 37.03
CA GLN E 43 46.23 7.12 37.25
C GLN E 43 44.73 7.20 37.58
N GLY E 44 44.16 8.40 37.49
CA GLY E 44 42.76 8.60 37.79
C GLY E 44 41.91 8.75 36.55
N LEU E 45 40.62 9.00 36.77
CA LEU E 45 39.67 9.15 35.68
C LEU E 45 39.76 10.53 35.07
N GLU E 46 39.48 10.61 33.76
CA GLU E 46 39.59 11.85 33.01
C GLU E 46 38.47 11.90 31.98
N TRP E 47 37.53 12.83 32.16
CA TRP E 47 36.40 12.97 31.24
C TRP E 47 36.88 13.61 29.94
N MET E 48 36.43 13.05 28.81
CA MET E 48 36.81 13.54 27.50
C MET E 48 35.70 14.33 26.82
N GLY E 49 34.46 13.85 26.89
CA GLY E 49 33.35 14.53 26.26
C GLY E 49 32.12 13.67 26.09
N TRP E 50 30.95 14.28 26.05
CA TRP E 50 29.69 13.57 25.85
C TRP E 50 29.12 13.88 24.47
N ILE E 51 28.34 12.93 23.95
CA ILE E 51 27.71 13.06 22.65
C ILE E 51 26.23 12.73 22.78
N ASN E 52 25.39 13.55 22.16
CA ASN E 52 23.95 13.35 22.19
C ASN E 52 23.53 12.53 20.97
N PRO E 53 23.11 11.27 21.13
CA PRO E 53 22.74 10.47 19.97
C PRO E 53 21.59 11.05 19.15
N ASN E 54 20.75 11.89 19.76
CA ASN E 54 19.60 12.47 19.07
C ASN E 54 20.01 13.25 17.83
N SER E 55 20.64 14.41 18.04
CA SER E 55 21.07 15.25 16.94
C SER E 55 22.52 14.98 16.54
N GLY E 56 23.30 14.34 17.39
CA GLY E 56 24.71 14.12 17.15
C GLY E 56 25.62 15.15 17.77
N GLY E 57 25.07 16.23 18.32
CA GLY E 57 25.87 17.26 18.97
C GLY E 57 26.72 16.71 20.10
N THR E 58 28.01 17.02 20.07
CA THR E 58 28.96 16.53 21.06
C THR E 58 29.38 17.68 21.98
N ASN E 59 30.30 17.35 22.89
CA ASN E 59 30.86 18.34 23.79
C ASN E 59 32.25 17.89 24.24
N TYR E 60 33.25 18.04 23.37
CA TYR E 60 34.60 17.63 23.71
C TYR E 60 35.20 18.55 24.77
N ALA E 61 36.02 17.97 25.63
CA ALA E 61 36.70 18.75 26.65
C ALA E 61 37.76 19.65 25.99
N GLN E 62 38.10 20.74 26.70
CA GLN E 62 39.04 21.70 26.15
C GLN E 62 40.43 21.09 25.95
N LYS E 63 40.75 20.01 26.67
CA LYS E 63 42.06 19.39 26.53
C LYS E 63 42.19 18.65 25.20
N PHE E 64 41.10 18.05 24.72
CA PHE E 64 41.12 17.28 23.48
C PHE E 64 40.41 18.01 22.35
N GLN E 65 40.20 19.32 22.48
CA GLN E 65 39.47 20.09 21.48
C GLN E 65 40.28 20.17 20.20
N GLY E 66 39.82 19.49 19.16
CA GLY E 66 40.53 19.44 17.90
C GLY E 66 41.26 18.15 17.61
N ARG E 67 41.07 17.12 18.43
CA ARG E 67 41.71 15.83 18.24
C ARG E 67 40.71 14.68 18.24
N VAL E 68 39.65 14.78 19.04
CA VAL E 68 38.67 13.70 19.19
C VAL E 68 37.44 14.03 18.37
N THR E 69 36.88 13.01 17.72
CA THR E 69 35.64 13.14 16.95
C THR E 69 34.71 12.02 17.39
N MET E 70 33.62 12.38 18.04
CA MET E 70 32.65 11.43 18.55
C MET E 70 31.44 11.39 17.63
N THR E 71 31.16 10.22 17.08
CA THR E 71 30.01 9.99 16.22
C THR E 71 29.18 8.84 16.78
N ARG E 72 28.01 8.63 16.19
CA ARG E 72 27.12 7.57 16.64
C ARG E 72 26.37 6.99 15.46
N ASP E 73 25.88 5.76 15.64
CA ASP E 73 25.11 5.06 14.62
C ASP E 73 23.80 4.61 15.27
N THR E 74 22.71 5.32 14.96
CA THR E 74 21.43 5.03 15.61
C THR E 74 20.87 3.68 15.17
N SER E 75 21.16 3.25 13.93
CA SER E 75 20.59 2.00 13.44
C SER E 75 21.10 0.81 14.26
N ILE E 76 22.38 0.81 14.61
CA ILE E 76 22.96 -0.27 15.40
C ILE E 76 23.17 0.09 16.86
N SER E 77 22.84 1.33 17.25
CA SER E 77 22.95 1.80 18.63
C SER E 77 24.38 1.65 19.14
N THR E 78 25.29 2.35 18.47
CA THR E 78 26.72 2.27 18.80
C THR E 78 27.33 3.65 18.66
N ALA E 79 27.93 4.14 19.73
CA ALA E 79 28.67 5.40 19.70
C ALA E 79 30.15 5.13 19.45
N TYR E 80 30.81 6.09 18.81
CA TYR E 80 32.20 5.93 18.41
C TYR E 80 33.04 7.08 18.95
N MET E 81 34.29 6.76 19.27
CA MET E 81 35.24 7.74 19.79
C MET E 81 36.54 7.56 19.01
N GLU E 82 36.89 8.55 18.19
CA GLU E 82 38.09 8.52 17.36
C GLU E 82 39.04 9.62 17.81
N LEU E 83 40.28 9.22 18.12
CA LEU E 83 41.31 10.15 18.59
C LEU E 83 42.42 10.21 17.55
N SER E 84 42.65 11.40 16.99
CA SER E 84 43.68 11.62 15.99
C SER E 84 44.95 12.15 16.64
N ARG E 85 46.09 11.87 16.00
CA ARG E 85 47.41 12.30 16.45
C ARG E 85 47.67 11.86 17.90
N LEU E 86 47.92 10.56 18.02
CA LEU E 86 48.14 9.98 19.33
C LEU E 86 49.52 10.37 19.87
N ARG E 87 49.54 10.78 21.14
CA ARG E 87 50.77 11.12 21.84
C ARG E 87 51.19 9.96 22.74
N SER E 88 52.32 10.14 23.42
CA SER E 88 52.84 9.06 24.26
C SER E 88 51.99 8.83 25.50
N ASP E 89 51.33 9.88 26.00
CA ASP E 89 50.52 9.78 27.22
C ASP E 89 49.10 9.30 26.96
N ASP E 90 48.73 9.06 25.70
CA ASP E 90 47.37 8.64 25.39
C ASP E 90 47.12 7.17 25.69
N THR E 91 48.15 6.40 26.02
CA THR E 91 47.96 5.02 26.45
C THR E 91 47.06 4.98 27.68
N ALA E 92 45.85 4.46 27.52
CA ALA E 92 44.88 4.43 28.62
C ALA E 92 43.78 3.45 28.28
N VAL E 93 42.95 3.17 29.28
CA VAL E 93 41.76 2.35 29.10
C VAL E 93 40.58 3.30 28.92
N TYR E 94 39.95 3.24 27.75
CA TYR E 94 38.90 4.19 27.38
C TYR E 94 37.53 3.57 27.64
N TYR E 95 36.77 4.19 28.55
CA TYR E 95 35.44 3.73 28.90
C TYR E 95 34.39 4.66 28.31
N CYS E 96 33.21 4.10 28.03
CA CYS E 96 32.03 4.88 27.65
C CYS E 96 31.00 4.73 28.76
N ALA E 97 30.57 5.86 29.32
CA ALA E 97 29.65 5.88 30.45
C ALA E 97 28.31 6.48 30.05
N ARG E 98 27.31 6.24 30.91
CA ARG E 98 25.96 6.72 30.69
C ARG E 98 25.39 7.20 32.01
N ARG E 99 24.53 8.22 31.94
CA ARG E 99 23.95 8.78 33.14
C ARG E 99 22.95 7.81 33.75
N MET E 100 22.47 8.16 34.94
CA MET E 100 21.47 7.35 35.62
C MET E 100 20.11 7.54 34.96
N ARG E 101 19.26 6.52 35.09
CA ARG E 101 17.88 6.64 34.65
C ARG E 101 17.12 7.67 35.46
N SER E 102 17.47 7.82 36.73
CA SER E 102 16.77 8.70 37.66
C SER E 102 17.41 10.08 37.68
N GLN E 103 16.79 10.99 38.44
CA GLN E 103 17.26 12.34 38.78
C GLN E 103 17.22 13.33 37.62
N ASP E 104 16.85 12.90 36.41
CA ASP E 104 16.60 13.82 35.29
C ASP E 104 17.80 14.71 34.99
N ARG E 105 19.01 14.21 35.17
CA ARG E 105 20.21 14.99 34.83
C ARG E 105 21.37 14.04 34.60
N GLU E 106 22.48 14.62 34.14
CA GLU E 106 23.67 13.85 33.78
C GLU E 106 24.61 13.76 34.99
N TRP E 107 25.88 13.41 34.73
CA TRP E 107 26.98 13.47 35.70
C TRP E 107 26.88 12.40 36.79
N ASP E 108 26.09 11.34 36.60
CA ASP E 108 26.00 10.23 37.55
C ASP E 108 26.18 8.94 36.75
N PHE E 109 27.43 8.61 36.43
CA PHE E 109 27.74 7.48 35.55
C PHE E 109 27.52 6.17 36.31
N GLN E 110 26.34 5.59 36.12
CA GLN E 110 26.02 4.31 36.76
C GLN E 110 26.47 3.13 35.91
N HIS E 111 26.40 3.24 34.59
CA HIS E 111 26.71 2.15 33.68
C HIS E 111 28.01 2.45 32.93
N TRP E 112 28.91 1.47 32.89
CA TRP E 112 30.22 1.62 32.28
C TRP E 112 30.52 0.44 31.38
N GLY E 113 31.38 0.67 30.38
CA GLY E 113 31.84 -0.40 29.52
C GLY E 113 33.08 -1.10 30.08
N GLN E 114 33.50 -2.16 29.38
CA GLN E 114 34.65 -2.92 29.83
C GLN E 114 35.98 -2.21 29.57
N GLY E 115 35.98 -1.22 28.69
CA GLY E 115 37.18 -0.46 28.44
C GLY E 115 37.96 -0.98 27.23
N THR E 116 38.67 -0.06 26.58
CA THR E 116 39.49 -0.38 25.42
C THR E 116 40.89 0.14 25.65
N LEU E 117 41.89 -0.73 25.48
CA LEU E 117 43.27 -0.42 25.81
C LEU E 117 44.02 0.01 24.55
N VAL E 118 44.57 1.21 24.56
CA VAL E 118 45.38 1.73 23.47
C VAL E 118 46.82 1.82 23.94
N THR E 119 47.75 1.50 23.04
CA THR E 119 49.18 1.45 23.35
C THR E 119 49.94 2.35 22.39
N VAL E 120 51.09 2.85 22.84
CA VAL E 120 51.92 3.77 22.07
C VAL E 120 53.21 3.07 21.69
N SER E 121 53.41 2.86 20.39
CA SER E 121 54.63 2.31 19.82
C SER E 121 55.16 3.32 18.81
N SER E 122 56.39 3.82 18.98
CA SER E 122 57.48 3.39 19.89
C SER E 122 58.06 2.01 19.56
N ALA E 123 58.06 1.10 20.53
CA ALA E 123 58.88 -0.11 20.47
C ALA E 123 58.39 -1.12 19.45
N SER E 124 59.36 -1.83 18.86
CA SER E 124 59.15 -2.94 17.94
C SER E 124 59.71 -4.21 18.55
N THR E 125 59.44 -5.34 17.89
CA THR E 125 59.85 -6.63 18.42
C THR E 125 61.37 -6.71 18.51
N LYS E 126 61.87 -6.95 19.71
CA LYS E 126 63.30 -6.97 19.98
C LYS E 126 63.62 -8.10 20.96
N GLY E 127 64.71 -8.81 20.71
CA GLY E 127 65.13 -9.90 21.55
C GLY E 127 65.72 -9.43 22.87
N PRO E 128 65.54 -10.21 23.92
CA PRO E 128 66.05 -9.82 25.23
C PRO E 128 67.55 -10.04 25.36
N SER E 129 68.19 -9.14 26.10
CA SER E 129 69.61 -9.21 26.40
C SER E 129 69.76 -9.66 27.85
N VAL E 130 69.75 -10.97 28.06
CA VAL E 130 69.77 -11.54 29.39
C VAL E 130 71.18 -11.46 29.96
N PHE E 131 71.28 -11.05 31.23
CA PHE E 131 72.54 -10.96 31.94
C PHE E 131 72.42 -11.62 33.31
N PRO E 132 73.43 -12.37 33.74
CA PRO E 132 73.34 -13.07 35.03
C PRO E 132 73.50 -12.12 36.21
N LEU E 133 73.04 -12.60 37.37
CA LEU E 133 73.13 -11.89 38.63
C LEU E 133 73.89 -12.80 39.60
N ALA E 134 75.21 -12.66 39.63
CA ALA E 134 76.04 -13.56 40.40
C ALA E 134 75.78 -13.40 41.89
N PRO E 135 75.79 -14.49 42.66
CA PRO E 135 75.58 -14.38 44.11
C PRO E 135 76.80 -13.80 44.82
N SER E 136 76.58 -13.41 46.07
CA SER E 136 77.63 -12.83 46.91
C SER E 136 77.77 -13.64 48.19
N SER E 137 78.91 -13.43 48.85
CA SER E 137 79.20 -14.13 50.10
C SER E 137 79.97 -13.24 51.06
N SER E 141 71.56 -16.62 54.54
CA SER E 141 72.81 -16.45 53.81
C SER E 141 73.97 -17.02 54.62
N GLY E 142 74.85 -17.74 53.95
CA GLY E 142 75.95 -18.43 54.63
C GLY E 142 76.65 -19.48 53.80
N GLY E 143 75.97 -20.59 53.52
CA GLY E 143 74.61 -20.83 53.96
C GLY E 143 73.64 -21.02 52.81
N THR E 144 72.83 -20.00 52.55
CA THR E 144 71.84 -20.03 51.46
C THR E 144 71.97 -18.73 50.68
N ALA E 145 72.66 -18.80 49.54
CA ALA E 145 72.89 -17.62 48.70
C ALA E 145 71.72 -17.38 47.76
N ALA E 146 71.70 -16.19 47.16
CA ALA E 146 70.66 -15.79 46.23
C ALA E 146 71.29 -15.40 44.91
N LEU E 147 70.79 -15.96 43.81
CA LEU E 147 71.29 -15.67 42.47
C LEU E 147 70.13 -15.59 41.51
N GLY E 148 70.32 -14.86 40.41
CA GLY E 148 69.27 -14.68 39.45
C GLY E 148 69.77 -14.26 38.09
N CYS E 149 68.85 -13.71 37.30
CA CYS E 149 69.15 -13.28 35.94
C CYS E 149 68.38 -12.00 35.64
N LEU E 150 68.92 -11.20 34.72
CA LEU E 150 68.34 -9.92 34.33
C LEU E 150 67.92 -9.99 32.86
N VAL E 151 66.62 -10.14 32.63
CA VAL E 151 66.06 -10.07 31.28
C VAL E 151 65.93 -8.59 30.94
N LYS E 152 66.82 -8.08 30.10
CA LYS E 152 66.96 -6.65 29.85
C LYS E 152 66.57 -6.33 28.41
N ASP E 153 65.77 -5.27 28.25
CA ASP E 153 65.44 -4.70 26.95
C ASP E 153 64.81 -5.72 26.00
N TYR E 154 63.51 -5.94 26.14
CA TYR E 154 62.77 -6.83 25.25
C TYR E 154 61.39 -6.26 25.00
N PHE E 155 60.79 -6.67 23.88
CA PHE E 155 59.44 -6.24 23.52
C PHE E 155 58.89 -7.22 22.50
N PRO E 156 57.60 -7.58 22.59
CA PRO E 156 56.71 -7.18 23.67
C PRO E 156 56.54 -8.26 24.74
N GLU E 157 55.53 -8.09 25.59
CA GLU E 157 55.22 -9.09 26.60
C GLU E 157 54.60 -10.33 25.95
N PRO E 158 54.73 -11.51 26.58
CA PRO E 158 55.46 -11.78 27.82
C PRO E 158 56.70 -12.64 27.61
N VAL E 159 57.37 -13.00 28.71
CA VAL E 159 58.50 -13.90 28.70
C VAL E 159 58.35 -14.88 29.86
N THR E 160 58.65 -16.15 29.60
CA THR E 160 58.56 -17.20 30.61
C THR E 160 59.97 -17.54 31.09
N VAL E 161 60.15 -17.55 32.41
CA VAL E 161 61.45 -17.79 33.03
C VAL E 161 61.32 -18.99 33.96
N SER E 162 62.08 -20.05 33.67
CA SER E 162 62.17 -21.22 34.53
C SER E 162 63.64 -21.49 34.83
N TRP E 163 63.88 -22.24 35.90
CA TRP E 163 65.22 -22.56 36.35
C TRP E 163 65.50 -24.04 36.18
N ASN E 164 66.70 -24.35 35.65
CA ASN E 164 67.13 -25.73 35.39
C ASN E 164 66.14 -26.45 34.48
N SER E 165 65.56 -25.71 33.53
CA SER E 165 64.58 -26.25 32.58
C SER E 165 63.40 -26.91 33.28
N GLY E 166 63.02 -26.37 34.45
CA GLY E 166 61.91 -26.90 35.21
C GLY E 166 62.30 -27.75 36.40
N ALA E 167 63.56 -28.18 36.48
CA ALA E 167 63.98 -29.03 37.59
C ALA E 167 64.09 -28.25 38.90
N LEU E 168 64.40 -26.97 38.83
CA LEU E 168 64.53 -26.10 40.00
C LEU E 168 63.30 -25.19 40.06
N THR E 169 62.44 -25.42 41.04
CA THR E 169 61.23 -24.62 41.22
C THR E 169 61.19 -23.82 42.50
N SER E 170 61.94 -24.21 43.53
CA SER E 170 61.97 -23.51 44.80
C SER E 170 63.40 -23.18 45.17
N GLY E 171 63.65 -21.93 45.58
CA GLY E 171 62.60 -20.93 45.65
C GLY E 171 62.69 -19.91 44.53
N VAL E 172 61.97 -20.18 43.44
CA VAL E 172 61.99 -19.32 42.26
C VAL E 172 60.98 -18.20 42.44
N HIS E 173 61.40 -16.97 42.18
CA HIS E 173 60.54 -15.79 42.28
C HIS E 173 60.82 -14.91 41.07
N THR E 174 59.96 -14.98 40.06
CA THR E 174 60.08 -14.18 38.85
C THR E 174 59.27 -12.90 39.03
N PHE E 175 59.94 -11.76 39.08
CA PHE E 175 59.28 -10.48 39.32
C PHE E 175 58.64 -9.96 38.04
N PRO E 176 57.54 -9.22 38.16
CA PRO E 176 56.93 -8.62 36.96
C PRO E 176 57.85 -7.60 36.30
N ALA E 177 57.63 -7.40 35.01
CA ALA E 177 58.47 -6.51 34.24
C ALA E 177 58.11 -5.05 34.48
N VAL E 178 59.03 -4.16 34.11
CA VAL E 178 58.83 -2.73 34.21
C VAL E 178 58.90 -2.13 32.80
N LEU E 179 58.09 -1.11 32.56
CA LEU E 179 58.05 -0.46 31.25
C LEU E 179 59.02 0.71 31.22
N GLN E 180 59.74 0.83 30.11
CA GLN E 180 60.73 1.88 29.91
C GLN E 180 60.23 2.91 28.92
N SER E 181 61.03 3.97 28.75
CA SER E 181 60.65 5.04 27.84
C SER E 181 60.79 4.61 26.38
N SER E 182 61.75 3.75 26.08
CA SER E 182 61.93 3.24 24.72
C SER E 182 60.91 2.16 24.37
N GLY E 183 60.02 1.80 25.28
CA GLY E 183 59.04 0.77 25.05
C GLY E 183 59.49 -0.63 25.38
N LEU E 184 60.78 -0.85 25.56
CA LEU E 184 61.29 -2.16 25.93
C LEU E 184 60.94 -2.47 27.38
N TYR E 185 60.86 -3.76 27.70
CA TYR E 185 60.56 -4.23 29.04
C TYR E 185 61.81 -4.84 29.68
N SER E 186 61.73 -5.04 30.99
CA SER E 186 62.84 -5.61 31.75
C SER E 186 62.32 -6.17 33.06
N LEU E 187 62.68 -7.42 33.36
CA LEU E 187 62.34 -8.05 34.62
C LEU E 187 63.55 -8.82 35.13
N SER E 188 63.37 -9.50 36.27
CA SER E 188 64.44 -10.28 36.87
C SER E 188 63.84 -11.40 37.70
N SER E 189 64.35 -12.61 37.53
CA SER E 189 63.97 -13.76 38.33
C SER E 189 65.13 -14.14 39.24
N VAL E 190 64.81 -14.56 40.47
CA VAL E 190 65.82 -14.90 41.46
C VAL E 190 65.41 -16.19 42.15
N VAL E 191 66.39 -17.05 42.41
CA VAL E 191 66.16 -18.30 43.13
C VAL E 191 67.12 -18.34 44.31
N THR E 192 66.61 -18.73 45.47
CA THR E 192 67.41 -18.83 46.69
C THR E 192 67.88 -20.27 46.85
N VAL E 193 69.20 -20.47 46.85
CA VAL E 193 69.77 -21.82 46.87
C VAL E 193 70.87 -21.89 47.92
N PRO E 194 71.16 -23.06 48.49
CA PRO E 194 72.23 -23.15 49.48
C PRO E 194 73.59 -22.89 48.84
N SER E 195 74.43 -22.13 49.56
CA SER E 195 75.74 -21.77 49.04
C SER E 195 76.71 -22.95 49.07
N SER E 196 76.44 -23.97 49.88
CA SER E 196 77.28 -25.16 49.89
C SER E 196 77.21 -25.91 48.56
N SER E 197 76.13 -25.71 47.79
CA SER E 197 76.01 -26.30 46.48
C SER E 197 76.74 -25.53 45.39
N LEU E 198 77.18 -24.30 45.68
CA LEU E 198 77.93 -23.51 44.72
C LEU E 198 79.29 -24.16 44.48
N GLY E 199 79.54 -24.55 43.24
CA GLY E 199 80.74 -25.28 42.87
C GLY E 199 80.49 -26.72 42.48
N THR E 200 79.33 -27.28 42.85
CA THR E 200 78.96 -28.64 42.49
C THR E 200 77.56 -28.76 41.93
N GLN E 201 76.70 -27.75 42.11
CA GLN E 201 75.36 -27.74 41.58
C GLN E 201 75.26 -26.75 40.43
N THR E 202 74.31 -27.00 39.52
CA THR E 202 74.12 -26.17 38.34
C THR E 202 72.83 -25.37 38.49
N TYR E 203 72.89 -24.07 38.17
CA TYR E 203 71.72 -23.19 38.22
C TYR E 203 71.69 -22.39 36.92
N ILE E 204 70.66 -22.62 36.11
CA ILE E 204 70.49 -21.95 34.82
C ILE E 204 69.08 -21.40 34.73
N CYS E 205 68.95 -20.18 34.25
CA CYS E 205 67.66 -19.53 34.06
C CYS E 205 67.25 -19.64 32.59
N ASN E 206 66.04 -20.13 32.36
CA ASN E 206 65.54 -20.37 31.00
C ASN E 206 64.60 -19.22 30.61
N VAL E 207 65.12 -18.29 29.81
CA VAL E 207 64.35 -17.14 29.35
C VAL E 207 63.82 -17.46 27.95
N ASN E 208 62.50 -17.36 27.77
CA ASN E 208 61.84 -17.65 26.51
C ASN E 208 61.04 -16.43 26.09
N HIS E 209 61.32 -15.93 24.88
CA HIS E 209 60.62 -14.78 24.31
C HIS E 209 59.96 -15.23 23.01
N LYS E 210 58.71 -15.67 23.11
CA LYS E 210 58.01 -16.17 21.93
C LYS E 210 57.76 -15.12 20.85
N PRO E 211 57.35 -13.87 21.17
CA PRO E 211 57.15 -12.89 20.10
C PRO E 211 58.39 -12.61 19.27
N SER E 212 59.59 -12.90 19.79
CA SER E 212 60.82 -12.72 19.04
C SER E 212 61.47 -14.04 18.66
N ASN E 213 60.91 -15.17 19.09
CA ASN E 213 61.46 -16.49 18.78
C ASN E 213 62.90 -16.62 19.26
N THR E 214 63.15 -16.19 20.49
CA THR E 214 64.48 -16.19 21.09
C THR E 214 64.43 -16.99 22.39
N LYS E 215 65.12 -18.12 22.41
CA LYS E 215 65.26 -18.96 23.61
C LYS E 215 66.71 -18.88 24.07
N VAL E 216 66.93 -18.35 25.28
CA VAL E 216 68.26 -18.15 25.82
C VAL E 216 68.31 -18.67 27.25
N ASP E 217 69.46 -19.23 27.61
CA ASP E 217 69.69 -19.75 28.96
C ASP E 217 71.01 -19.18 29.47
N LYS E 218 70.98 -18.52 30.62
CA LYS E 218 72.16 -17.88 31.19
C LYS E 218 72.64 -18.64 32.41
N LYS E 219 73.96 -18.80 32.50
CA LYS E 219 74.58 -19.50 33.63
C LYS E 219 75.00 -18.48 34.69
N VAL E 220 74.70 -18.78 35.94
CA VAL E 220 74.97 -17.86 37.04
C VAL E 220 76.10 -18.42 37.91
N GLU E 221 77.34 -18.19 37.50
CA GLU E 221 78.47 -18.64 38.28
C GLU E 221 78.64 -17.75 39.52
N PRO E 222 79.14 -18.31 40.62
CA PRO E 222 79.54 -17.45 41.75
C PRO E 222 80.71 -16.56 41.37
N LYS E 223 80.53 -15.26 41.55
CA LYS E 223 81.53 -14.29 41.12
C LYS E 223 82.87 -14.54 41.81
N SER E 224 83.93 -14.02 41.20
CA SER E 224 85.29 -14.28 41.67
C SER E 224 85.46 -13.81 43.11
N CYS E 225 86.32 -14.51 43.84
CA CYS E 225 86.57 -14.26 45.27
C CYS E 225 85.27 -14.27 46.07
N SER F 2 41.68 18.36 38.22
CA SER F 2 42.04 17.85 39.54
C SER F 2 41.75 18.87 40.63
N ALA F 3 40.62 19.56 40.51
CA ALA F 3 40.22 20.54 41.52
C ALA F 3 39.70 19.90 42.80
N LEU F 4 39.47 18.59 42.80
CA LEU F 4 39.04 17.85 43.98
C LEU F 4 40.24 17.13 44.58
N THR F 5 40.54 17.42 45.85
CA THR F 5 41.71 16.89 46.53
C THR F 5 41.31 15.64 47.33
N GLN F 6 41.96 14.52 47.01
CA GLN F 6 41.74 13.27 47.73
C GLN F 6 43.06 12.78 48.32
N PRO F 7 43.00 12.13 49.48
CA PRO F 7 44.23 11.56 50.06
C PRO F 7 44.72 10.38 49.24
N ALA F 8 46.06 10.29 49.11
CA ALA F 8 46.65 9.25 48.27
C ALA F 8 46.44 7.86 48.87
N SER F 9 46.49 7.75 50.19
CA SER F 9 46.36 6.46 50.86
C SER F 9 45.67 6.63 52.20
N VAL F 10 44.68 5.78 52.46
CA VAL F 10 43.99 5.74 53.73
C VAL F 10 43.95 4.28 54.20
N SER F 11 44.36 4.04 55.43
CA SER F 11 44.46 2.69 55.97
C SER F 11 43.29 2.39 56.91
N GLY F 12 43.03 1.09 57.07
CA GLY F 12 41.97 0.64 57.95
C GLY F 12 42.12 -0.84 58.25
N SER F 13 41.54 -1.24 59.37
CA SER F 13 41.61 -2.63 59.80
C SER F 13 40.26 -3.33 59.59
N PRO F 14 40.28 -4.65 59.36
CA PRO F 14 39.02 -5.36 59.12
C PRO F 14 38.07 -5.22 60.30
N GLY F 15 36.89 -4.66 60.03
CA GLY F 15 35.89 -4.46 61.07
C GLY F 15 35.62 -3.01 61.37
N GLN F 16 36.66 -2.23 61.60
CA GLN F 16 36.48 -0.83 61.98
C GLN F 16 36.03 -0.01 60.77
N SER F 17 35.69 1.26 61.04
CA SER F 17 35.21 2.16 60.00
C SER F 17 36.36 2.95 59.39
N ILE F 18 36.08 3.57 58.24
CA ILE F 18 37.06 4.35 57.51
C ILE F 18 36.35 5.54 56.88
N THR F 19 37.13 6.58 56.56
CA THR F 19 36.57 7.82 56.03
C THR F 19 37.47 8.38 54.94
N ILE F 20 36.87 8.73 53.81
CA ILE F 20 37.58 9.33 52.68
C ILE F 20 37.05 10.75 52.52
N SER F 21 37.92 11.74 52.75
CA SER F 21 37.55 13.13 52.60
C SER F 21 37.87 13.62 51.19
N CYS F 22 36.95 14.40 50.63
CA CYS F 22 37.09 14.99 49.31
C CYS F 22 36.94 16.50 49.45
N THR F 23 38.06 17.22 49.42
CA THR F 23 38.06 18.66 49.54
C THR F 23 38.29 19.27 48.16
N GLY F 24 37.30 20.02 47.67
CA GLY F 24 37.39 20.67 46.38
C GLY F 24 37.40 22.19 46.57
N THR F 25 38.34 22.84 45.89
CA THR F 25 38.47 24.28 45.97
C THR F 25 37.22 24.96 45.42
N SER F 26 36.91 26.13 45.98
CA SER F 26 35.70 26.88 45.64
C SER F 26 34.47 25.99 45.78
N SER F 27 33.77 25.77 44.66
CA SER F 27 32.59 24.89 44.62
C SER F 27 31.53 25.32 45.63
N ASP F 28 31.36 26.63 45.77
CA ASP F 28 30.38 27.21 46.70
C ASP F 28 30.57 26.71 48.12
N ASN F 33 27.26 21.37 45.58
CA ASN F 33 25.88 21.07 45.94
C ASN F 33 25.61 19.57 45.84
N TYR F 34 25.98 18.98 44.71
CA TYR F 34 25.78 17.56 44.45
C TYR F 34 27.14 16.93 44.14
N VAL F 35 27.45 15.84 44.83
CA VAL F 35 28.72 15.14 44.70
C VAL F 35 28.45 13.67 44.48
N SER F 36 29.38 12.99 43.81
CA SER F 36 29.25 11.57 43.53
C SER F 36 30.54 10.85 43.90
N TRP F 37 30.42 9.54 44.15
CA TRP F 37 31.54 8.71 44.54
C TRP F 37 31.58 7.45 43.68
N TYR F 38 32.79 7.01 43.33
CA TYR F 38 33.00 5.84 42.49
C TYR F 38 34.03 4.92 43.11
N GLN F 39 33.84 3.62 42.90
CA GLN F 39 34.74 2.58 43.38
C GLN F 39 35.22 1.77 42.20
N GLN F 40 36.54 1.74 41.98
CA GLN F 40 37.14 1.06 40.83
C GLN F 40 38.16 0.04 41.31
N HIS F 41 37.80 -1.24 41.22
CA HIS F 41 38.77 -2.30 41.47
C HIS F 41 39.75 -2.39 40.30
N PRO F 42 40.99 -2.80 40.56
CA PRO F 42 41.98 -2.90 39.47
C PRO F 42 41.53 -3.90 38.41
N GLY F 43 41.58 -3.47 37.15
CA GLY F 43 41.17 -4.29 36.03
C GLY F 43 39.72 -4.14 35.64
N LYS F 44 38.90 -3.48 36.44
CA LYS F 44 37.49 -3.31 36.15
C LYS F 44 37.16 -1.82 35.99
N ALA F 45 35.95 -1.57 35.55
CA ALA F 45 35.47 -0.21 35.36
C ALA F 45 34.99 0.38 36.68
N PRO F 46 34.95 1.70 36.78
CA PRO F 46 34.40 2.33 38.00
C PRO F 46 32.96 1.93 38.23
N LYS F 47 32.53 2.09 39.49
CA LYS F 47 31.17 1.76 39.91
C LYS F 47 30.63 2.88 40.78
N LEU F 48 29.46 3.39 40.41
CA LEU F 48 28.82 4.46 41.17
C LEU F 48 28.34 3.91 42.51
N MET F 49 28.88 4.46 43.61
CA MET F 49 28.52 4.04 44.96
C MET F 49 27.64 5.03 45.67
N ILE F 50 27.91 6.33 45.52
CA ILE F 50 27.13 7.39 46.17
C ILE F 50 26.92 8.50 45.15
N TYR F 51 25.67 8.93 44.98
CA TYR F 51 25.32 10.06 44.13
C TYR F 51 24.55 11.08 44.94
N GLU F 52 24.74 12.35 44.59
CA GLU F 52 24.10 13.47 45.28
C GLU F 52 24.36 13.45 46.78
N VAL F 53 25.65 13.56 47.13
CA VAL F 53 26.13 13.68 48.50
C VAL F 53 25.83 12.43 49.32
N SER F 54 24.54 12.11 49.52
CA SER F 54 24.15 11.06 50.44
C SER F 54 23.35 9.92 49.82
N ASN F 55 22.63 10.18 48.72
CA ASN F 55 21.80 9.15 48.12
C ASN F 55 22.65 7.99 47.63
N ARG F 56 22.05 6.80 47.60
CA ARG F 56 22.78 5.58 47.29
C ARG F 56 22.00 4.78 46.24
N PRO F 57 22.64 4.36 45.14
CA PRO F 57 21.94 3.59 44.11
C PRO F 57 21.64 2.17 44.55
N SER F 58 21.07 1.37 43.65
CA SER F 58 20.75 -0.03 43.92
C SER F 58 21.65 -0.92 43.10
N GLY F 59 22.24 -1.93 43.74
CA GLY F 59 22.03 -2.18 45.15
C GLY F 59 23.32 -2.26 45.94
N VAL F 60 23.95 -1.11 46.16
CA VAL F 60 25.18 -1.04 46.95
C VAL F 60 24.82 -1.08 48.43
N SER F 61 25.64 -1.78 49.21
CA SER F 61 25.34 -2.03 50.61
C SER F 61 25.16 -0.74 51.39
N ASN F 62 24.34 -0.80 52.44
CA ASN F 62 24.12 0.35 53.31
C ASN F 62 25.36 0.74 54.11
N ARG F 63 26.43 -0.06 54.04
CA ARG F 63 27.65 0.26 54.76
C ARG F 63 28.36 1.48 54.20
N PHE F 64 28.02 1.91 52.99
CA PHE F 64 28.59 3.10 52.38
C PHE F 64 27.65 4.28 52.60
N SER F 65 28.20 5.39 53.06
CA SER F 65 27.41 6.59 53.31
C SER F 65 28.27 7.82 53.05
N GLY F 66 27.63 8.89 52.60
CA GLY F 66 28.35 10.10 52.28
C GLY F 66 27.86 11.32 53.03
N SER F 67 28.72 12.32 53.18
CA SER F 67 28.36 13.55 53.85
C SER F 67 29.19 14.68 53.26
N LYS F 68 28.71 15.91 53.47
CA LYS F 68 29.37 17.09 52.94
C LYS F 68 29.11 18.26 53.88
N SER F 69 30.15 19.03 54.16
CA SER F 69 30.04 20.23 54.98
C SER F 69 30.99 21.28 54.41
N GLY F 70 30.42 22.32 53.81
CA GLY F 70 31.25 23.36 53.22
C GLY F 70 31.97 22.84 51.99
N ASN F 71 33.29 23.06 51.94
CA ASN F 71 34.12 22.62 50.83
C ASN F 71 34.75 21.26 51.09
N THR F 72 34.09 20.41 51.87
CA THR F 72 34.63 19.10 52.22
C THR F 72 33.52 18.07 52.21
N ALA F 73 33.62 17.11 51.30
CA ALA F 73 32.73 15.96 51.26
C ALA F 73 33.47 14.73 51.77
N SER F 74 32.75 13.85 52.44
CA SER F 74 33.35 12.69 53.08
C SER F 74 32.54 11.43 52.80
N LEU F 75 33.25 10.34 52.51
CA LEU F 75 32.64 9.04 52.31
C LEU F 75 33.00 8.14 53.48
N THR F 76 31.99 7.58 54.14
CA THR F 76 32.18 6.74 55.31
C THR F 76 31.82 5.30 54.97
N ILE F 77 32.71 4.37 55.33
CA ILE F 77 32.53 2.95 55.03
C ILE F 77 32.70 2.19 56.34
N SER F 78 31.59 1.64 56.86
CA SER F 78 31.61 0.92 58.12
C SER F 78 31.64 -0.59 57.85
N GLY F 79 32.37 -1.31 58.70
CA GLY F 79 32.54 -2.74 58.52
C GLY F 79 33.32 -3.09 57.28
N LEU F 80 34.62 -2.82 57.28
CA LEU F 80 35.46 -3.10 56.13
C LEU F 80 35.66 -4.61 55.96
N GLN F 81 35.68 -5.07 54.73
CA GLN F 81 35.91 -6.47 54.40
C GLN F 81 37.20 -6.62 53.60
N ALA F 82 37.45 -7.83 53.13
CA ALA F 82 38.62 -8.12 52.31
C ALA F 82 38.44 -7.79 50.84
N GLU F 83 37.19 -7.63 50.38
CA GLU F 83 36.90 -7.23 49.01
C GLU F 83 36.67 -5.73 48.87
N GLU F 84 36.61 -5.00 49.98
CA GLU F 84 36.27 -3.59 49.96
C GLU F 84 37.41 -2.73 49.45
N ASP F 85 38.66 -3.16 49.65
CA ASP F 85 39.81 -2.34 49.27
C ASP F 85 39.85 -2.14 47.76
N ALA F 86 39.80 -0.87 47.35
CA ALA F 86 39.86 -0.50 45.94
C ALA F 86 40.18 0.98 45.84
N ASP F 87 40.22 1.48 44.62
CA ASP F 87 40.42 2.90 44.37
C ASP F 87 39.09 3.64 44.47
N TYR F 88 39.11 4.80 45.11
CA TYR F 88 37.90 5.58 45.34
C TYR F 88 38.10 6.99 44.80
N TYR F 89 37.13 7.45 44.00
CA TYR F 89 37.18 8.77 43.39
C TYR F 89 35.91 9.53 43.73
N CYS F 90 36.05 10.81 44.02
CA CYS F 90 34.90 11.70 44.19
C CYS F 90 34.73 12.54 42.94
N SER F 91 33.47 12.78 42.58
CA SER F 91 33.12 13.45 41.33
C SER F 91 32.29 14.68 41.59
N SER F 92 32.59 15.76 40.85
CA SER F 92 31.82 16.99 40.90
C SER F 92 31.72 17.53 39.48
N TYR F 93 30.52 17.54 38.92
CA TYR F 93 30.27 17.94 37.53
C TYR F 93 31.15 17.08 36.64
N GLU F 94 32.04 17.67 35.83
CA GLU F 94 32.91 16.95 34.92
C GLU F 94 34.24 16.54 35.56
N PHE F 95 34.58 17.09 36.72
CA PHE F 95 35.88 16.89 37.32
C PHE F 95 35.93 15.62 38.16
N PHE F 96 37.13 15.09 38.31
CA PHE F 96 37.39 13.92 39.14
C PHE F 96 38.54 14.23 40.10
N GLY F 97 38.60 13.46 41.18
CA GLY F 97 39.69 13.59 42.12
C GLY F 97 40.89 12.78 41.72
N GLY F 98 41.99 12.98 42.45
CA GLY F 98 43.21 12.24 42.20
C GLY F 98 43.09 10.76 42.54
N GLY F 99 42.10 10.38 43.31
CA GLY F 99 41.92 9.00 43.71
C GLY F 99 42.42 8.73 45.12
N THR F 100 41.77 7.79 45.79
CA THR F 100 42.14 7.37 47.14
C THR F 100 42.18 5.85 47.18
N LYS F 101 43.33 5.29 47.50
CA LYS F 101 43.49 3.85 47.63
C LYS F 101 43.23 3.46 49.07
N VAL F 102 42.23 2.60 49.28
CA VAL F 102 41.82 2.18 50.62
C VAL F 102 42.46 0.82 50.90
N PHE F 103 43.19 0.75 52.00
CA PHE F 103 43.86 -0.47 52.44
C PHE F 103 43.11 -1.06 53.63
N VAL F 104 43.09 -2.39 53.70
CA VAL F 104 42.37 -3.10 54.75
C VAL F 104 43.32 -4.14 55.34
N LEU F 105 44.59 -3.76 55.51
CA LEU F 105 45.64 -4.68 55.92
C LEU F 105 46.06 -4.40 57.36
N GLY F 106 46.65 -5.41 57.98
CA GLY F 106 46.95 -5.41 59.40
C GLY F 106 47.87 -4.31 59.90
N GLN F 107 49.17 -4.45 59.69
CA GLN F 107 49.73 -5.57 58.93
C GLN F 107 50.41 -6.61 59.82
N PRO F 108 50.26 -7.88 59.46
CA PRO F 108 51.12 -8.91 60.06
C PRO F 108 52.58 -8.62 59.80
N LYS F 109 53.40 -8.84 60.83
CA LYS F 109 54.78 -8.38 60.84
C LYS F 109 55.59 -8.95 59.68
N ALA F 110 56.40 -8.08 59.07
CA ALA F 110 57.46 -8.39 58.09
C ALA F 110 57.87 -7.14 57.31
N ALA F 111 59.17 -6.81 57.33
CA ALA F 111 59.74 -5.74 56.52
C ALA F 111 60.30 -6.30 55.23
N PRO F 112 60.47 -5.48 54.19
CA PRO F 112 60.88 -6.02 52.89
C PRO F 112 62.30 -6.57 52.91
N SER F 113 62.46 -7.80 52.44
CA SER F 113 63.76 -8.43 52.27
C SER F 113 64.29 -8.05 50.89
N VAL F 114 65.32 -7.20 50.87
CA VAL F 114 65.84 -6.63 49.63
C VAL F 114 67.11 -7.35 49.22
N THR F 115 67.22 -7.67 47.93
CA THR F 115 68.42 -8.26 47.35
C THR F 115 68.83 -7.41 46.16
N LEU F 116 70.06 -6.91 46.19
CA LEU F 116 70.57 -5.98 45.19
C LEU F 116 71.69 -6.64 44.40
N PHE F 117 71.63 -6.53 43.08
CA PHE F 117 72.60 -7.16 42.20
C PHE F 117 73.32 -6.14 41.33
N PRO F 118 74.60 -6.38 41.02
CA PRO F 118 75.34 -5.44 40.18
C PRO F 118 75.16 -5.76 38.71
N PRO F 119 75.55 -4.85 37.81
CA PRO F 119 75.54 -5.19 36.39
C PRO F 119 76.53 -6.30 36.09
N SER F 120 76.09 -7.25 35.28
CA SER F 120 76.92 -8.40 34.95
C SER F 120 78.19 -7.96 34.22
N SER F 121 79.26 -8.76 34.37
CA SER F 121 80.50 -8.46 33.67
C SER F 121 80.32 -8.51 32.16
N GLU F 122 79.44 -9.39 31.68
CA GLU F 122 79.15 -9.43 30.25
C GLU F 122 78.30 -8.25 29.81
N GLU F 123 77.52 -7.67 30.74
CA GLU F 123 76.80 -6.44 30.44
C GLU F 123 77.77 -5.26 30.37
N LEU F 124 78.86 -5.31 31.12
CA LEU F 124 79.90 -4.28 31.04
C LEU F 124 80.77 -4.43 29.80
N GLN F 125 80.81 -5.62 29.20
CA GLN F 125 81.46 -5.77 27.90
C GLN F 125 80.77 -4.90 26.85
N ALA F 126 79.45 -4.87 26.88
CA ALA F 126 78.70 -3.88 26.11
C ALA F 126 78.66 -2.56 26.86
N ASN F 127 78.16 -1.53 26.19
CA ASN F 127 78.14 -0.19 26.77
C ASN F 127 76.86 0.07 27.57
N LYS F 128 76.56 -0.83 28.51
CA LYS F 128 75.35 -0.72 29.32
C LYS F 128 75.65 -1.16 30.75
N ALA F 129 74.75 -0.78 31.66
CA ALA F 129 74.88 -1.13 33.08
C ALA F 129 73.52 -0.94 33.74
N THR F 130 72.96 -2.02 34.29
CA THR F 130 71.65 -1.99 34.92
C THR F 130 71.75 -2.58 36.32
N LEU F 131 71.11 -1.90 37.28
CA LEU F 131 71.08 -2.33 38.67
C LEU F 131 69.76 -3.04 38.94
N VAL F 132 69.85 -4.19 39.62
CA VAL F 132 68.68 -5.03 39.90
C VAL F 132 68.45 -5.02 41.40
N CYS F 133 67.43 -4.30 41.85
CA CYS F 133 67.07 -4.20 43.26
C CYS F 133 65.75 -4.94 43.47
N LEU F 134 65.84 -6.16 43.99
CA LEU F 134 64.69 -7.04 44.15
C LEU F 134 64.12 -6.91 45.57
N ILE F 135 62.81 -6.69 45.66
CA ILE F 135 62.12 -6.50 46.93
C ILE F 135 61.11 -7.63 47.07
N SER F 136 61.23 -8.41 48.15
CA SER F 136 60.43 -9.60 48.33
C SER F 136 59.62 -9.55 49.62
N ASP F 137 58.55 -10.35 49.63
CA ASP F 137 57.62 -10.57 50.74
C ASP F 137 57.51 -9.45 51.76
N PHE F 138 57.03 -8.28 51.34
CA PHE F 138 56.68 -7.21 52.27
C PHE F 138 55.16 -7.07 52.35
N TYR F 139 54.72 -6.35 53.39
CA TYR F 139 53.30 -6.26 53.71
C TYR F 139 53.09 -5.08 54.66
N PRO F 140 52.26 -4.08 54.31
CA PRO F 140 51.42 -3.98 53.12
C PRO F 140 52.17 -3.60 51.84
N GLY F 141 51.44 -3.52 50.73
CA GLY F 141 52.03 -3.15 49.46
C GLY F 141 52.16 -1.65 49.28
N ALA F 142 53.08 -1.04 50.03
CA ALA F 142 53.34 0.40 49.96
C ALA F 142 54.84 0.59 50.16
N VAL F 143 55.57 0.75 49.06
CA VAL F 143 57.02 0.85 49.09
C VAL F 143 57.45 2.00 48.19
N THR F 144 58.31 2.88 48.73
CA THR F 144 58.92 3.97 47.98
C THR F 144 60.43 3.71 47.93
N VAL F 145 60.97 3.58 46.72
CA VAL F 145 62.37 3.23 46.51
C VAL F 145 63.15 4.50 46.16
N ALA F 146 64.31 4.67 46.78
CA ALA F 146 65.18 5.81 46.53
C ALA F 146 66.60 5.34 46.29
N TRP F 147 67.28 5.96 45.34
CA TRP F 147 68.65 5.63 44.99
C TRP F 147 69.56 6.80 45.29
N LYS F 148 70.70 6.53 45.91
CA LYS F 148 71.68 7.55 46.25
C LYS F 148 72.98 7.29 45.50
N ALA F 149 73.71 8.37 45.21
CA ALA F 149 74.93 8.29 44.39
C ALA F 149 75.97 9.27 44.91
N ASP F 150 76.77 8.83 45.89
CA ASP F 150 76.61 7.54 46.53
C ASP F 150 75.70 7.73 47.72
N SER F 151 75.68 8.97 48.21
CA SER F 151 74.71 9.42 49.19
C SER F 151 73.82 10.55 48.67
N SER F 152 74.16 11.16 47.55
CA SER F 152 73.32 12.18 46.94
C SER F 152 72.16 11.50 46.21
N PRO F 153 70.91 11.85 46.51
CA PRO F 153 69.79 11.15 45.89
C PRO F 153 69.76 11.31 44.38
N VAL F 154 69.44 10.22 43.69
CA VAL F 154 69.35 10.19 42.24
C VAL F 154 67.95 9.72 41.86
N LYS F 155 67.32 10.46 40.93
CA LYS F 155 66.01 10.10 40.41
C LYS F 155 66.00 10.08 38.88
N ALA F 156 67.17 9.87 38.27
CA ALA F 156 67.31 9.88 36.82
C ALA F 156 67.63 8.47 36.34
N GLY F 157 66.78 7.95 35.45
CA GLY F 157 66.98 6.60 34.95
C GLY F 157 66.53 5.50 35.88
N VAL F 158 65.63 5.80 36.82
CA VAL F 158 65.16 4.82 37.80
C VAL F 158 63.78 4.34 37.41
N GLU F 159 63.60 3.02 37.41
CA GLU F 159 62.32 2.39 37.10
C GLU F 159 61.88 1.58 38.31
N THR F 160 60.84 2.05 39.00
CA THR F 160 60.35 1.41 40.21
C THR F 160 59.08 0.63 39.91
N THR F 161 58.95 -0.54 40.54
CA THR F 161 57.82 -1.42 40.33
C THR F 161 56.75 -1.16 41.39
N THR F 162 55.51 -1.03 40.95
CA THR F 162 54.40 -1.02 41.89
C THR F 162 54.23 -2.41 42.50
N PRO F 163 53.95 -2.50 43.79
CA PRO F 163 53.94 -3.82 44.46
C PRO F 163 52.89 -4.75 43.86
N SER F 164 53.30 -5.99 43.62
CA SER F 164 52.44 -7.04 43.10
C SER F 164 52.30 -8.15 44.13
N LYS F 165 51.11 -8.74 44.19
CA LYS F 165 50.83 -9.76 45.20
C LYS F 165 51.55 -11.06 44.86
N GLN F 166 52.14 -11.68 45.89
CA GLN F 166 52.88 -12.92 45.73
C GLN F 166 51.94 -14.11 45.90
N SER F 167 52.51 -15.31 46.00
CA SER F 167 51.71 -16.51 46.21
C SER F 167 51.32 -16.68 47.68
N ASN F 168 52.15 -16.17 48.60
CA ASN F 168 51.86 -16.21 50.02
C ASN F 168 51.10 -14.98 50.52
N ASN F 169 50.31 -14.36 49.64
CA ASN F 169 49.50 -13.18 49.96
C ASN F 169 50.34 -12.01 50.45
N LYS F 170 51.61 -11.97 50.10
CA LYS F 170 52.49 -10.83 50.37
C LYS F 170 52.79 -10.11 49.06
N TYR F 171 53.58 -9.05 49.15
CA TYR F 171 53.86 -8.19 48.00
C TYR F 171 55.33 -8.24 47.63
N ALA F 172 55.61 -7.97 46.35
CA ALA F 172 56.97 -7.97 45.82
C ALA F 172 57.14 -6.78 44.89
N ALA F 173 58.38 -6.29 44.82
CA ALA F 173 58.73 -5.15 43.98
C ALA F 173 60.12 -5.34 43.41
N SER F 174 60.47 -4.52 42.42
CA SER F 174 61.77 -4.63 41.77
C SER F 174 62.08 -3.29 41.12
N SER F 175 63.12 -2.60 41.61
CA SER F 175 63.53 -1.31 41.09
C SER F 175 64.82 -1.44 40.31
N TYR F 176 64.93 -0.70 39.20
CA TYR F 176 66.10 -0.72 38.34
C TYR F 176 66.62 0.70 38.17
N LEU F 177 67.93 0.80 37.92
CA LEU F 177 68.59 2.08 37.70
C LEU F 177 69.58 1.94 36.56
N SER F 178 69.25 2.50 35.40
CA SER F 178 70.10 2.40 34.22
C SER F 178 71.31 3.31 34.36
N LEU F 179 72.49 2.76 34.08
CA LEU F 179 73.73 3.52 34.13
C LEU F 179 74.56 3.21 32.90
N THR F 180 75.64 3.98 32.71
CA THR F 180 76.60 3.75 31.65
C THR F 180 77.91 3.22 32.23
N PRO F 181 78.71 2.49 31.46
CA PRO F 181 79.98 1.99 31.99
C PRO F 181 80.89 3.10 32.50
N GLU F 182 80.88 4.28 31.87
CA GLU F 182 81.65 5.39 32.39
C GLU F 182 81.06 5.91 33.69
N GLN F 183 79.73 5.85 33.86
CA GLN F 183 79.12 6.19 35.13
C GLN F 183 79.25 5.07 36.15
N TRP F 184 79.31 3.82 35.68
CA TRP F 184 79.31 2.68 36.60
C TRP F 184 80.62 2.58 37.36
N LYS F 185 81.75 2.79 36.68
CA LYS F 185 83.07 2.67 37.29
C LYS F 185 83.56 3.98 37.90
N SER F 186 82.68 4.97 38.05
CA SER F 186 83.07 6.28 38.57
C SER F 186 82.95 6.32 40.10
N HIS F 187 81.72 6.38 40.60
CA HIS F 187 81.50 6.50 42.03
C HIS F 187 81.87 5.22 42.76
N LYS F 188 82.07 5.35 44.07
CA LYS F 188 82.59 4.25 44.87
C LYS F 188 81.49 3.32 45.36
N SER F 189 80.27 3.82 45.53
CA SER F 189 79.18 3.02 46.06
C SER F 189 77.86 3.54 45.51
N TYR F 190 76.77 2.88 45.91
CA TYR F 190 75.42 3.24 45.51
C TYR F 190 74.47 2.69 46.55
N SER F 191 73.18 2.98 46.39
CA SER F 191 72.19 2.54 47.37
C SER F 191 70.84 2.35 46.71
N CYS F 192 70.08 1.39 47.24
CA CYS F 192 68.67 1.17 46.87
C CYS F 192 67.87 1.18 48.18
N GLN F 193 67.57 2.37 48.68
CA GLN F 193 66.89 2.53 49.95
C GLN F 193 65.41 2.24 49.78
N VAL F 194 64.97 1.09 50.30
CA VAL F 194 63.58 0.65 50.19
C VAL F 194 62.87 1.06 51.47
N THR F 195 62.02 2.08 51.37
CA THR F 195 61.27 2.59 52.50
C THR F 195 59.90 1.94 52.54
N HIS F 196 59.59 1.26 53.64
CA HIS F 196 58.32 0.56 53.81
C HIS F 196 57.77 0.82 55.20
N GLU F 197 56.52 1.27 55.27
CA GLU F 197 55.85 1.59 56.54
C GLU F 197 56.63 2.60 57.36
N GLY F 198 57.37 3.49 56.70
CA GLY F 198 58.19 4.48 57.35
C GLY F 198 59.62 4.04 57.61
N SER F 199 59.85 2.74 57.74
CA SER F 199 61.19 2.21 57.96
C SER F 199 61.87 1.91 56.64
N THR F 200 63.16 2.19 56.56
CA THR F 200 63.93 2.05 55.34
C THR F 200 64.89 0.87 55.47
N VAL F 201 64.81 -0.05 54.51
CA VAL F 201 65.68 -1.21 54.42
C VAL F 201 66.65 -0.96 53.27
N GLU F 202 67.94 -0.80 53.60
CA GLU F 202 68.95 -0.43 52.63
C GLU F 202 69.92 -1.59 52.42
N LYS F 203 70.38 -1.76 51.18
CA LYS F 203 71.36 -2.78 50.83
C LYS F 203 72.51 -2.12 50.08
N THR F 204 73.73 -2.37 50.55
CA THR F 204 74.92 -1.73 49.99
C THR F 204 75.32 -2.39 48.67
N VAL F 205 75.77 -1.58 47.73
CA VAL F 205 76.29 -2.05 46.45
C VAL F 205 77.52 -1.23 46.09
N ALA F 206 78.58 -1.91 45.62
CA ALA F 206 79.83 -1.25 45.30
C ALA F 206 80.37 -1.81 43.99
N PRO F 207 80.84 -0.95 43.08
CA PRO F 207 81.40 -1.44 41.81
C PRO F 207 82.82 -1.98 41.93
N THR F 208 83.27 -2.27 43.15
CA THR F 208 84.61 -2.82 43.37
C THR F 208 84.57 -4.32 43.05
N GLU F 209 84.57 -4.61 41.75
CA GLU F 209 84.49 -5.99 41.28
C GLU F 209 85.87 -6.63 41.30
N CYS F 210 85.92 -7.91 41.70
CA CYS F 210 87.17 -8.64 41.73
C CYS F 210 87.48 -9.28 40.38
N TYR G 2 45.31 -35.32 3.67
CA TYR G 2 44.49 -35.60 4.85
C TYR G 2 45.29 -35.41 6.13
N VAL G 3 46.60 -35.31 5.99
CA VAL G 3 47.50 -35.21 7.14
C VAL G 3 47.65 -33.74 7.53
N SER G 4 47.37 -33.45 8.80
CA SER G 4 47.57 -32.12 9.37
C SER G 4 48.75 -32.16 10.32
N PRO G 5 49.94 -31.72 9.91
CA PRO G 5 51.11 -31.86 10.78
C PRO G 5 51.06 -30.92 11.97
N LEU G 6 51.57 -31.41 13.10
CA LEU G 6 51.66 -30.62 14.32
C LEU G 6 52.92 -31.04 15.06
N SER G 7 53.96 -30.22 15.01
CA SER G 7 55.25 -30.55 15.58
C SER G 7 55.39 -29.92 16.96
N VAL G 8 55.78 -30.73 17.95
CA VAL G 8 56.08 -30.25 19.29
C VAL G 8 57.39 -30.87 19.76
N ALA G 9 57.61 -30.95 21.06
CA ALA G 9 58.87 -31.44 21.60
C ALA G 9 58.63 -31.96 23.02
N LEU G 10 59.73 -32.29 23.70
CA LEU G 10 59.69 -32.81 25.06
C LEU G 10 59.47 -31.66 26.04
N GLY G 11 58.31 -31.63 26.68
CA GLY G 11 58.09 -30.64 27.72
C GLY G 11 56.65 -30.28 27.99
N GLU G 12 56.10 -29.38 27.19
CA GLU G 12 54.81 -28.77 27.49
C GLU G 12 53.66 -29.59 26.92
N THR G 13 52.45 -29.06 27.02
CA THR G 13 51.23 -29.75 26.62
C THR G 13 50.78 -29.28 25.25
N ALA G 14 50.29 -30.22 24.44
CA ALA G 14 49.80 -29.93 23.10
C ALA G 14 48.33 -30.30 23.02
N ARG G 15 47.52 -29.40 22.46
CA ARG G 15 46.08 -29.61 22.33
C ARG G 15 45.73 -29.75 20.85
N ILE G 16 44.99 -30.82 20.53
CA ILE G 16 44.63 -31.15 19.16
C ILE G 16 43.20 -30.71 18.92
N SER G 17 43.02 -29.75 18.00
CA SER G 17 41.71 -29.20 17.69
C SER G 17 40.99 -30.05 16.66
N CYS G 18 39.70 -30.27 16.89
CA CYS G 18 38.89 -31.07 15.97
C CYS G 18 38.50 -30.24 14.77
N GLY G 19 38.67 -30.81 13.57
CA GLY G 19 38.42 -30.05 12.36
C GLY G 19 36.97 -29.66 12.20
N ARG G 20 36.06 -30.53 12.59
CA ARG G 20 34.64 -30.27 12.49
C ARG G 20 34.12 -29.68 13.79
N GLN G 21 33.24 -28.69 13.69
CA GLN G 21 32.60 -28.08 14.83
C GLN G 21 31.13 -28.48 14.87
N ALA G 22 30.64 -28.80 16.06
CA ALA G 22 29.31 -29.36 16.19
C ALA G 22 28.24 -28.30 15.94
N LEU G 23 27.18 -28.69 15.23
CA LEU G 23 26.05 -27.80 14.99
C LEU G 23 25.08 -27.77 16.14
N GLY G 24 25.12 -28.77 17.02
CA GLY G 24 24.27 -28.81 18.19
C GLY G 24 24.95 -29.59 19.30
N SER G 25 24.17 -30.32 20.07
CA SER G 25 24.72 -31.20 21.10
C SER G 25 25.54 -32.31 20.44
N ARG G 26 26.73 -32.57 20.99
CA ARG G 26 27.70 -33.42 20.33
C ARG G 26 28.06 -34.63 21.18
N ALA G 27 28.79 -35.56 20.55
CA ALA G 27 29.29 -36.78 21.19
C ALA G 27 30.59 -37.15 20.47
N VAL G 28 31.70 -36.57 20.94
CA VAL G 28 32.97 -36.62 20.25
C VAL G 28 33.76 -37.86 20.67
N GLN G 29 34.40 -38.51 19.70
CA GLN G 29 35.32 -39.60 19.93
C GLN G 29 36.71 -39.22 19.43
N TRP G 30 37.73 -39.80 20.08
CA TRP G 30 39.13 -39.57 19.70
C TRP G 30 39.84 -40.90 19.55
N TYR G 31 40.57 -41.05 18.46
CA TYR G 31 41.30 -42.27 18.17
C TYR G 31 42.77 -41.96 17.93
N GLN G 32 43.65 -42.83 18.42
CA GLN G 32 45.09 -42.75 18.18
C GLN G 32 45.49 -43.87 17.24
N HIS G 33 46.22 -43.53 16.18
CA HIS G 33 46.59 -44.51 15.16
C HIS G 33 48.10 -44.40 14.92
N LYS G 34 48.84 -45.40 15.39
CA LYS G 34 50.28 -45.49 15.14
C LYS G 34 50.53 -46.25 13.85
N PRO G 35 51.50 -45.81 13.05
CA PRO G 35 51.83 -46.52 11.81
C PRO G 35 52.22 -47.97 12.10
N GLY G 36 51.50 -48.90 11.48
CA GLY G 36 51.76 -50.32 11.66
C GLY G 36 50.99 -50.97 12.80
N GLN G 37 50.24 -50.20 13.57
CA GLN G 37 49.43 -50.73 14.67
C GLN G 37 47.95 -50.52 14.36
N ALA G 38 47.12 -50.91 15.30
CA ALA G 38 45.69 -50.72 15.17
C ALA G 38 45.26 -49.44 15.86
N PRO G 39 44.15 -48.83 15.42
CA PRO G 39 43.65 -47.62 16.10
C PRO G 39 43.22 -47.93 17.52
N ILE G 40 43.53 -47.00 18.42
CA ILE G 40 43.20 -47.13 19.84
C ILE G 40 42.27 -46.00 20.24
N LEU G 41 41.18 -46.34 20.92
CA LEU G 41 40.19 -45.36 21.34
C LEU G 41 40.70 -44.61 22.56
N LEU G 42 40.95 -43.31 22.40
CA LEU G 42 41.48 -42.49 23.49
C LEU G 42 40.37 -41.92 24.37
N ILE G 43 39.42 -41.22 23.75
CA ILE G 43 38.33 -40.57 24.48
C ILE G 43 37.03 -40.82 23.73
N TYR G 44 36.03 -41.35 24.42
CA TYR G 44 34.69 -41.49 23.89
C TYR G 44 33.74 -40.66 24.72
N ASN G 45 32.63 -40.26 24.10
CA ASN G 45 31.61 -39.42 24.73
C ASN G 45 32.23 -38.11 25.23
N ASN G 46 32.81 -37.36 24.28
CA ASN G 46 33.39 -36.04 24.51
C ASN G 46 34.59 -36.07 25.44
N GLN G 47 34.44 -36.64 26.64
CA GLN G 47 35.50 -36.57 27.64
C GLN G 47 35.73 -37.86 28.41
N ASP G 48 34.83 -38.83 28.38
CA ASP G 48 35.04 -40.08 29.10
C ASP G 48 36.22 -40.84 28.51
N ARG G 49 36.91 -41.59 29.37
CA ARG G 49 38.13 -42.27 29.01
C ARG G 49 38.00 -43.76 29.30
N PRO G 50 38.32 -44.63 28.36
CA PRO G 50 38.21 -46.07 28.62
C PRO G 50 39.31 -46.56 29.55
N SER G 51 39.09 -47.75 30.09
CA SER G 51 40.09 -48.39 30.95
C SER G 51 41.31 -48.78 30.13
N GLY G 52 42.49 -48.52 30.68
CA GLY G 52 43.74 -48.77 30.02
C GLY G 52 44.41 -47.54 29.45
N ILE G 53 43.65 -46.46 29.25
CA ILE G 53 44.19 -45.20 28.77
C ILE G 53 44.67 -44.39 29.98
N PRO G 54 45.95 -44.03 30.06
CA PRO G 54 46.43 -43.29 31.23
C PRO G 54 45.71 -41.95 31.37
N GLU G 55 45.77 -41.41 32.59
CA GLU G 55 45.11 -40.14 32.88
C GLU G 55 45.83 -38.98 32.20
N ARG G 56 46.18 -39.15 30.93
CA ARG G 56 46.84 -38.11 30.15
C ARG G 56 45.88 -37.45 29.17
N PHE G 57 45.14 -38.26 28.40
CA PHE G 57 44.22 -37.74 27.40
C PHE G 57 42.88 -37.42 28.04
N SER G 58 42.37 -36.22 27.80
CA SER G 58 41.05 -35.81 28.24
C SER G 58 40.41 -34.97 27.15
N GLY G 59 39.08 -34.89 27.19
CA GLY G 59 38.31 -34.16 26.20
C GLY G 59 37.60 -32.97 26.81
N THR G 60 36.97 -32.20 25.96
CA THR G 60 36.22 -31.06 26.44
C THR G 60 34.75 -31.41 26.56
N PRO G 61 34.12 -31.13 27.70
CA PRO G 61 32.71 -31.52 27.88
C PRO G 61 31.77 -30.60 27.10
N ASP G 62 30.57 -31.10 26.87
CA ASP G 62 29.54 -30.38 26.13
C ASP G 62 28.60 -29.73 27.16
N ILE G 63 28.88 -28.47 27.49
CA ILE G 63 28.04 -27.71 28.40
C ILE G 63 27.35 -26.59 27.63
N ASN G 64 27.06 -26.85 26.36
CA ASN G 64 26.31 -25.97 25.46
C ASN G 64 27.09 -24.70 25.11
N PHE G 65 28.23 -24.49 25.75
CA PHE G 65 29.07 -23.34 25.43
C PHE G 65 29.62 -23.45 24.02
N GLY G 66 29.98 -22.29 23.46
CA GLY G 66 30.59 -22.25 22.14
C GLY G 66 32.04 -22.69 22.17
N THR G 67 32.29 -23.91 22.64
CA THR G 67 33.63 -24.44 22.82
C THR G 67 33.88 -25.54 21.79
N THR G 68 35.01 -25.45 21.11
CA THR G 68 35.38 -26.45 20.11
C THR G 68 35.96 -27.69 20.79
N ALA G 69 35.60 -28.85 20.28
CA ALA G 69 36.13 -30.10 20.80
C ALA G 69 37.65 -30.15 20.62
N THR G 70 38.37 -30.41 21.70
CA THR G 70 39.82 -30.39 21.70
C THR G 70 40.36 -31.54 22.54
N LEU G 71 41.37 -32.23 22.01
CA LEU G 71 42.01 -33.32 22.71
C LEU G 71 43.09 -32.75 23.64
N THR G 72 42.88 -32.86 24.94
CA THR G 72 43.77 -32.28 25.94
C THR G 72 44.64 -33.38 26.53
N ILE G 73 45.94 -33.30 26.27
CA ILE G 73 46.91 -34.28 26.75
C ILE G 73 47.67 -33.69 27.92
N SER G 74 47.65 -34.39 29.06
CA SER G 74 48.34 -33.96 30.28
C SER G 74 49.55 -34.86 30.48
N GLY G 75 50.72 -34.38 30.07
CA GLY G 75 51.94 -35.15 30.21
C GLY G 75 52.29 -35.95 28.96
N VAL G 76 52.83 -35.28 27.96
CA VAL G 76 53.15 -35.92 26.69
C VAL G 76 54.45 -36.73 26.83
N GLU G 77 54.50 -37.84 26.10
CA GLU G 77 55.69 -38.68 26.03
C GLU G 77 56.09 -38.84 24.57
N VAL G 78 57.22 -39.54 24.35
CA VAL G 78 57.67 -39.84 23.01
C VAL G 78 56.85 -40.93 22.33
N GLY G 79 56.04 -41.67 23.10
CA GLY G 79 55.16 -42.68 22.57
C GLY G 79 53.82 -42.17 22.08
N ASP G 80 53.64 -40.85 22.06
CA ASP G 80 52.42 -40.23 21.56
C ASP G 80 52.51 -39.83 20.10
N GLU G 81 53.64 -40.07 19.45
CA GLU G 81 53.82 -39.75 18.04
C GLU G 81 52.96 -40.67 17.20
N ALA G 82 51.79 -40.17 16.80
CA ALA G 82 50.86 -40.95 16.00
C ALA G 82 49.88 -40.00 15.32
N ASP G 83 48.96 -40.57 14.56
CA ASP G 83 47.87 -39.82 13.96
C ASP G 83 46.66 -39.86 14.90
N TYR G 84 45.89 -38.77 14.88
CA TYR G 84 44.75 -38.63 15.78
C TYR G 84 43.52 -38.22 14.97
N TYR G 85 42.48 -39.04 15.02
CA TYR G 85 41.22 -38.78 14.34
C TYR G 85 40.17 -38.31 15.34
N CYS G 86 39.31 -37.40 14.88
CA CYS G 86 38.21 -36.87 15.68
C CYS G 86 36.91 -37.28 15.00
N HIS G 87 36.17 -38.19 15.63
CA HIS G 87 34.89 -38.65 15.09
C HIS G 87 33.79 -37.78 15.68
N MET G 88 33.29 -36.84 14.88
CA MET G 88 32.31 -35.86 15.34
C MET G 88 30.90 -36.38 15.11
N TRP G 89 30.07 -36.27 16.14
CA TRP G 89 28.66 -36.66 16.06
C TRP G 89 27.84 -35.58 16.73
N ASP G 90 27.00 -34.89 15.95
CA ASP G 90 26.06 -33.92 16.53
C ASP G 90 24.65 -34.26 16.08
N SER G 91 23.68 -33.61 16.73
CA SER G 91 22.28 -33.93 16.52
C SER G 91 21.73 -33.41 15.20
N ARG G 92 22.45 -32.53 14.51
CA ARG G 92 21.93 -31.91 13.30
C ARG G 92 22.60 -32.37 12.01
N SER G 93 23.87 -32.81 12.07
CA SER G 93 24.53 -33.26 10.85
C SER G 93 24.15 -34.69 10.48
N GLY G 94 23.74 -35.49 11.46
CA GLY G 94 23.31 -36.84 11.19
C GLY G 94 24.44 -37.86 11.36
N PHE G 95 24.22 -39.02 10.72
CA PHE G 95 25.17 -40.12 10.80
C PHE G 95 26.45 -39.74 10.04
N SER G 96 27.55 -39.60 10.76
CA SER G 96 28.82 -39.20 10.16
C SER G 96 29.66 -40.45 9.89
N TRP G 97 29.89 -40.73 8.61
CA TRP G 97 30.72 -41.86 8.22
C TRP G 97 32.20 -41.52 8.20
N SER G 98 32.54 -40.23 8.16
CA SER G 98 33.92 -39.79 8.02
C SER G 98 34.58 -39.61 9.37
N PHE G 99 35.78 -40.15 9.52
CA PHE G 99 36.59 -39.91 10.72
C PHE G 99 37.31 -38.57 10.67
N GLY G 100 37.14 -37.82 9.59
CA GLY G 100 37.83 -36.54 9.44
C GLY G 100 39.29 -36.71 9.10
N GLY G 101 39.98 -35.57 9.07
CA GLY G 101 41.41 -35.59 8.86
C GLY G 101 42.16 -36.04 10.10
N ALA G 102 43.35 -36.60 9.87
CA ALA G 102 44.21 -37.04 10.95
C ALA G 102 45.21 -35.95 11.31
N THR G 103 45.53 -35.86 12.59
CA THR G 103 46.51 -34.92 13.12
C THR G 103 47.76 -35.71 13.46
N ARG G 104 48.77 -35.63 12.59
CA ARG G 104 50.02 -36.35 12.81
C ARG G 104 50.89 -35.54 13.78
N LEU G 105 51.13 -36.09 14.95
CA LEU G 105 51.92 -35.43 15.98
C LEU G 105 53.38 -35.84 15.85
N THR G 106 54.27 -34.86 15.83
CA THR G 106 55.71 -35.09 15.71
C THR G 106 56.41 -34.46 16.90
N VAL G 107 57.14 -35.25 17.66
CA VAL G 107 57.85 -34.80 18.85
C VAL G 107 59.33 -34.65 18.53
N LEU G 108 59.89 -33.49 18.86
CA LEU G 108 61.29 -33.19 18.64
C LEU G 108 62.05 -33.28 19.97
N SER G 109 63.25 -32.69 20.03
CA SER G 109 64.05 -32.58 21.25
C SER G 109 64.42 -33.95 21.83
N GLN G 110 64.30 -35.01 21.05
CA GLN G 110 64.78 -36.30 21.51
C GLN G 110 66.31 -36.35 21.42
N PRO G 111 66.99 -36.88 22.45
CA PRO G 111 68.46 -36.86 22.44
C PRO G 111 69.05 -37.52 21.20
N LYS G 112 70.03 -36.84 20.61
CA LYS G 112 70.67 -37.35 19.40
C LYS G 112 71.41 -38.64 19.68
N ALA G 113 71.12 -39.67 18.90
CA ALA G 113 71.70 -41.00 19.08
C ALA G 113 72.65 -41.32 17.93
N ALA G 114 73.72 -42.04 18.24
CA ALA G 114 74.68 -42.44 17.23
C ALA G 114 74.18 -43.69 16.50
N PRO G 115 74.22 -43.71 15.18
CA PRO G 115 73.67 -44.85 14.43
C PRO G 115 74.53 -46.09 14.60
N SER G 116 73.88 -47.22 14.89
CA SER G 116 74.54 -48.51 14.99
C SER G 116 74.50 -49.18 13.62
N VAL G 117 75.66 -49.29 12.97
CA VAL G 117 75.76 -49.81 11.62
C VAL G 117 76.18 -51.27 11.67
N THR G 118 75.56 -52.09 10.81
CA THR G 118 75.89 -53.51 10.70
C THR G 118 75.91 -53.86 9.22
N LEU G 119 77.06 -54.30 8.72
CA LEU G 119 77.25 -54.64 7.31
C LEU G 119 77.42 -56.14 7.16
N PHE G 120 76.70 -56.72 6.19
CA PHE G 120 76.78 -58.15 5.93
C PHE G 120 77.32 -58.40 4.53
N PRO G 121 78.21 -59.38 4.38
CA PRO G 121 78.69 -59.74 3.03
C PRO G 121 77.70 -60.64 2.33
N PRO G 122 77.81 -60.79 1.01
CA PRO G 122 76.90 -61.70 0.30
C PRO G 122 77.03 -63.13 0.80
N SER G 123 75.89 -63.77 0.98
CA SER G 123 75.85 -65.13 1.52
C SER G 123 76.50 -66.12 0.56
N SER G 124 76.91 -67.26 1.11
CA SER G 124 77.51 -68.29 0.28
C SER G 124 76.48 -68.92 -0.65
N GLU G 125 75.24 -69.08 -0.18
CA GLU G 125 74.19 -69.61 -1.03
C GLU G 125 73.69 -68.58 -2.03
N GLU G 126 73.97 -67.29 -1.80
CA GLU G 126 73.58 -66.27 -2.76
C GLU G 126 74.59 -66.15 -3.90
N LEU G 127 75.87 -66.35 -3.60
CA LEU G 127 76.89 -66.31 -4.64
C LEU G 127 76.73 -67.47 -5.62
N GLN G 128 76.42 -68.66 -5.10
CA GLN G 128 76.16 -69.81 -5.96
C GLN G 128 74.86 -69.68 -6.73
N ALA G 129 73.99 -68.75 -6.34
CA ALA G 129 72.79 -68.42 -7.10
C ALA G 129 73.02 -67.31 -8.11
N ASN G 130 74.29 -66.99 -8.40
CA ASN G 130 74.66 -65.97 -9.39
C ASN G 130 74.15 -64.58 -9.00
N LYS G 131 74.05 -64.32 -7.70
CA LYS G 131 73.61 -63.02 -7.19
C LYS G 131 74.57 -62.57 -6.10
N ALA G 132 74.48 -61.28 -5.77
CA ALA G 132 75.34 -60.71 -4.73
C ALA G 132 74.73 -59.39 -4.26
N THR G 133 74.41 -59.30 -2.97
CA THR G 133 73.87 -58.09 -2.37
C THR G 133 74.53 -57.85 -1.03
N LEU G 134 74.88 -56.58 -0.78
CA LEU G 134 75.47 -56.17 0.49
C LEU G 134 74.43 -55.43 1.30
N VAL G 135 74.18 -55.91 2.52
CA VAL G 135 73.14 -55.38 3.39
C VAL G 135 73.80 -54.50 4.45
N CYS G 136 73.40 -53.24 4.51
CA CYS G 136 73.92 -52.29 5.49
C CYS G 136 72.76 -51.84 6.37
N LEU G 137 72.81 -52.18 7.65
CA LEU G 137 71.73 -51.93 8.59
C LEU G 137 72.09 -50.75 9.50
N ILE G 138 71.32 -49.68 9.40
CA ILE G 138 71.49 -48.50 10.23
C ILE G 138 70.28 -48.38 11.14
N SER G 139 70.52 -48.27 12.44
CA SER G 139 69.43 -48.18 13.41
C SER G 139 69.92 -47.44 14.64
N ASP G 140 68.98 -47.20 15.57
CA ASP G 140 69.28 -46.58 16.86
C ASP G 140 69.88 -45.19 16.69
N PHE G 141 69.27 -44.38 15.83
CA PHE G 141 69.75 -43.03 15.57
C PHE G 141 68.58 -42.07 15.53
N TYR G 142 68.85 -40.82 15.93
CA TYR G 142 67.88 -39.74 15.93
C TYR G 142 68.65 -38.45 15.73
N PRO G 143 68.17 -37.52 14.88
CA PRO G 143 66.94 -37.62 14.08
C PRO G 143 67.07 -38.60 12.92
N GLY G 144 66.01 -38.69 12.10
CA GLY G 144 66.00 -39.62 10.99
C GLY G 144 66.93 -39.23 9.85
N ALA G 145 67.40 -38.00 9.82
CA ALA G 145 68.27 -37.53 8.74
C ALA G 145 69.60 -38.30 8.74
N VAL G 146 69.76 -39.20 7.76
CA VAL G 146 70.96 -40.02 7.65
C VAL G 146 71.35 -40.11 6.17
N THR G 147 72.65 -39.97 5.91
CA THR G 147 73.20 -40.04 4.55
C THR G 147 74.03 -41.31 4.43
N VAL G 148 73.58 -42.23 3.58
CA VAL G 148 74.26 -43.50 3.36
C VAL G 148 74.97 -43.45 2.02
N ALA G 149 76.23 -43.90 2.00
CA ALA G 149 77.04 -43.90 0.79
C ALA G 149 77.83 -45.19 0.70
N TRP G 150 77.96 -45.71 -0.51
CA TRP G 150 78.75 -46.91 -0.78
C TRP G 150 79.99 -46.56 -1.58
N LYS G 151 81.07 -47.31 -1.32
CA LYS G 151 82.35 -47.08 -1.99
C LYS G 151 83.01 -48.41 -2.29
N ALA G 152 83.51 -48.55 -3.51
CA ALA G 152 84.27 -49.72 -3.94
C ALA G 152 85.76 -49.40 -3.83
N ASP G 153 86.44 -50.09 -2.91
CA ASP G 153 87.84 -49.81 -2.61
C ASP G 153 88.05 -48.34 -2.25
N SER G 154 88.11 -47.47 -3.27
CA SER G 154 88.30 -46.06 -3.05
C SER G 154 87.43 -45.19 -3.96
N SER G 155 86.54 -45.79 -4.75
CA SER G 155 85.67 -45.04 -5.64
C SER G 155 84.24 -45.13 -5.17
N PRO G 156 83.50 -44.01 -5.11
CA PRO G 156 82.12 -44.06 -4.62
C PRO G 156 81.20 -44.72 -5.64
N VAL G 157 80.43 -45.69 -5.17
CA VAL G 157 79.47 -46.40 -6.02
C VAL G 157 78.20 -45.58 -6.13
N LYS G 158 77.71 -45.40 -7.36
CA LYS G 158 76.52 -44.59 -7.62
C LYS G 158 75.29 -45.40 -7.96
N ALA G 159 75.46 -46.52 -8.67
CA ALA G 159 74.35 -47.35 -9.10
C ALA G 159 74.27 -48.63 -8.29
N GLY G 160 73.07 -49.20 -8.22
CA GLY G 160 72.84 -50.43 -7.50
C GLY G 160 72.52 -50.27 -6.03
N VAL G 161 72.37 -49.04 -5.54
CA VAL G 161 72.13 -48.79 -4.13
C VAL G 161 70.63 -48.68 -3.90
N GLU G 162 70.10 -49.49 -2.98
CA GLU G 162 68.69 -49.45 -2.59
C GLU G 162 68.62 -49.12 -1.11
N THR G 163 68.04 -47.97 -0.78
CA THR G 163 67.96 -47.49 0.60
C THR G 163 66.51 -47.14 0.92
N THR G 164 66.05 -47.57 2.09
CA THR G 164 64.70 -47.28 2.54
C THR G 164 64.64 -45.93 3.23
N THR G 165 63.42 -45.45 3.46
CA THR G 165 63.28 -44.19 4.17
C THR G 165 63.27 -44.43 5.68
N PRO G 166 63.85 -43.51 6.45
CA PRO G 166 63.92 -43.71 7.90
C PRO G 166 62.54 -43.75 8.55
N SER G 167 62.40 -44.60 9.56
CA SER G 167 61.15 -44.74 10.29
C SER G 167 61.47 -45.22 11.70
N LYS G 168 60.75 -44.67 12.68
CA LYS G 168 60.98 -45.03 14.07
C LYS G 168 60.54 -46.47 14.35
N GLN G 169 61.11 -47.05 15.39
CA GLN G 169 60.82 -48.43 15.76
C GLN G 169 60.18 -48.49 17.14
N SER G 170 60.23 -49.68 17.75
CA SER G 170 59.64 -49.86 19.08
C SER G 170 60.42 -49.15 20.17
N ASN G 171 61.69 -48.84 19.93
CA ASN G 171 62.51 -48.12 20.89
C ASN G 171 62.55 -46.62 20.61
N ASN G 172 61.61 -46.12 19.80
CA ASN G 172 61.50 -44.70 19.48
C ASN G 172 62.77 -44.15 18.84
N LYS G 173 63.46 -44.99 18.06
CA LYS G 173 64.64 -44.58 17.32
C LYS G 173 64.53 -45.08 15.89
N TYR G 174 64.98 -44.25 14.95
CA TYR G 174 64.85 -44.57 13.54
C TYR G 174 65.74 -45.76 13.17
N ALA G 175 65.42 -46.37 12.04
CA ALA G 175 66.18 -47.50 11.52
C ALA G 175 66.03 -47.54 10.01
N ALA G 176 67.13 -47.84 9.32
CA ALA G 176 67.15 -47.88 7.86
C ALA G 176 67.96 -49.08 7.41
N SER G 177 67.91 -49.36 6.11
CA SER G 177 68.63 -50.46 5.52
C SER G 177 69.10 -50.09 4.13
N SER G 178 70.33 -50.46 3.79
CA SER G 178 70.93 -50.15 2.49
C SER G 178 71.32 -51.46 1.81
N TYR G 179 70.94 -51.60 0.54
CA TYR G 179 71.19 -52.81 -0.24
C TYR G 179 71.92 -52.44 -1.52
N LEU G 180 73.15 -52.92 -1.67
CA LEU G 180 73.96 -52.73 -2.86
C LEU G 180 74.02 -54.06 -3.61
N SER G 181 73.26 -54.18 -4.69
CA SER G 181 73.22 -55.40 -5.48
C SER G 181 74.38 -55.43 -6.47
N LEU G 182 75.09 -56.54 -6.50
CA LEU G 182 76.24 -56.70 -7.38
C LEU G 182 76.17 -58.09 -8.01
N THR G 183 77.19 -58.45 -8.77
CA THR G 183 77.35 -59.76 -9.38
C THR G 183 78.51 -60.51 -8.76
N PRO G 184 78.50 -61.85 -8.82
CA PRO G 184 79.61 -62.62 -8.22
C PRO G 184 80.97 -62.28 -8.79
N GLU G 185 81.03 -61.81 -10.04
CA GLU G 185 82.31 -61.40 -10.63
C GLU G 185 82.70 -59.97 -10.28
N GLN G 186 81.73 -59.10 -10.00
CA GLN G 186 82.05 -57.75 -9.55
C GLN G 186 82.35 -57.71 -8.05
N TRP G 187 81.77 -58.63 -7.28
CA TRP G 187 82.09 -58.71 -5.86
C TRP G 187 83.53 -59.15 -5.64
N LYS G 188 83.99 -60.13 -6.43
CA LYS G 188 85.37 -60.60 -6.35
C LYS G 188 86.33 -59.74 -7.15
N SER G 189 85.83 -58.77 -7.92
CA SER G 189 86.70 -57.90 -8.69
C SER G 189 87.44 -56.92 -7.79
N HIS G 190 86.69 -56.15 -7.00
CA HIS G 190 87.29 -55.19 -6.09
C HIS G 190 87.80 -55.89 -4.84
N LYS G 191 88.82 -55.29 -4.23
CA LYS G 191 89.40 -55.87 -3.03
C LYS G 191 88.49 -55.72 -1.82
N SER G 192 87.68 -54.66 -1.78
CA SER G 192 86.86 -54.39 -0.60
C SER G 192 85.73 -53.44 -0.96
N TYR G 193 84.63 -53.57 -0.24
CA TYR G 193 83.52 -52.64 -0.32
C TYR G 193 83.22 -52.08 1.06
N SER G 194 82.67 -50.88 1.11
CA SER G 194 82.47 -50.16 2.36
C SER G 194 81.14 -49.42 2.34
N CYS G 195 80.37 -49.59 3.41
CA CYS G 195 79.14 -48.84 3.63
C CYS G 195 79.46 -47.67 4.56
N GLN G 196 79.40 -46.46 4.04
CA GLN G 196 79.70 -45.24 4.79
C GLN G 196 78.41 -44.50 5.06
N VAL G 197 78.11 -44.25 6.33
CA VAL G 197 76.93 -43.51 6.73
C VAL G 197 77.36 -42.19 7.36
N THR G 198 76.46 -41.21 7.32
CA THR G 198 76.71 -39.89 7.86
C THR G 198 75.47 -39.43 8.60
N HIS G 199 75.62 -39.11 9.88
CA HIS G 199 74.51 -38.72 10.74
C HIS G 199 74.91 -37.49 11.54
N GLU G 200 74.22 -36.37 11.29
CA GLU G 200 74.46 -35.11 12.00
C GLU G 200 75.90 -34.66 11.86
N GLY G 201 76.49 -34.88 10.69
CA GLY G 201 77.86 -34.52 10.42
C GLY G 201 78.89 -35.57 10.80
N SER G 202 78.55 -36.48 11.71
CA SER G 202 79.47 -37.55 12.11
C SER G 202 79.42 -38.67 11.08
N THR G 203 80.61 -39.19 10.74
CA THR G 203 80.75 -40.19 9.69
C THR G 203 81.43 -41.43 10.25
N VAL G 204 80.70 -42.54 10.30
CA VAL G 204 81.25 -43.85 10.62
C VAL G 204 81.08 -44.76 9.41
N GLU G 205 81.88 -45.82 9.37
CA GLU G 205 81.93 -46.66 8.18
C GLU G 205 82.49 -48.02 8.55
N LYS G 206 81.91 -49.07 7.98
CA LYS G 206 82.40 -50.44 8.13
C LYS G 206 82.89 -50.96 6.79
N THR G 207 83.57 -52.11 6.83
CA THR G 207 84.25 -52.62 5.65
C THR G 207 84.22 -54.14 5.65
N VAL G 208 83.84 -54.72 4.50
CA VAL G 208 83.89 -56.16 4.27
C VAL G 208 84.77 -56.42 3.06
N ALA G 209 85.19 -57.68 2.91
CA ALA G 209 86.09 -58.06 1.83
C ALA G 209 85.86 -59.52 1.49
N PRO G 210 86.00 -59.89 0.21
CA PRO G 210 85.84 -61.30 -0.16
C PRO G 210 86.95 -62.16 0.42
N THR G 211 86.56 -63.24 1.09
CA THR G 211 87.52 -64.17 1.68
C THR G 211 86.98 -65.58 1.70
N TYR H 2 -20.40 -36.13 -41.40
CA TYR H 2 -21.51 -35.27 -41.02
C TYR H 2 -22.71 -36.09 -40.56
N VAL H 3 -22.70 -37.38 -40.91
CA VAL H 3 -23.82 -38.25 -40.62
C VAL H 3 -23.75 -38.72 -39.17
N SER H 4 -24.82 -38.49 -38.42
CA SER H 4 -24.98 -39.01 -37.07
C SER H 4 -26.07 -40.08 -37.10
N PRO H 5 -25.73 -41.35 -37.26
CA PRO H 5 -26.76 -42.38 -37.35
C PRO H 5 -27.46 -42.59 -36.02
N LEU H 6 -28.76 -42.89 -36.10
CA LEU H 6 -29.58 -43.17 -34.92
C LEU H 6 -30.52 -44.31 -35.27
N SER H 7 -30.30 -45.47 -34.65
CA SER H 7 -31.11 -46.66 -34.90
C SER H 7 -32.21 -46.75 -33.85
N VAL H 8 -33.46 -46.82 -34.31
CA VAL H 8 -34.63 -46.91 -33.43
C VAL H 8 -35.60 -47.90 -34.06
N ALA H 9 -36.11 -48.82 -33.25
CA ALA H 9 -36.95 -49.91 -33.74
C ALA H 9 -38.26 -49.38 -34.30
N LEU H 10 -39.08 -50.29 -34.82
CA LEU H 10 -40.34 -49.94 -35.47
C LEU H 10 -41.42 -49.72 -34.44
N GLY H 11 -41.88 -48.48 -34.30
CA GLY H 11 -43.01 -48.14 -33.45
C GLY H 11 -42.66 -47.33 -32.23
N GLU H 12 -41.42 -47.40 -31.74
CA GLU H 12 -41.05 -46.65 -30.55
C GLU H 12 -40.66 -45.22 -30.92
N THR H 13 -40.25 -44.45 -29.92
CA THR H 13 -39.98 -43.03 -30.09
C THR H 13 -38.50 -42.81 -30.42
N ALA H 14 -38.25 -41.96 -31.41
CA ALA H 14 -36.91 -41.53 -31.77
C ALA H 14 -36.78 -40.05 -31.47
N ARG H 15 -35.77 -39.70 -30.69
CA ARG H 15 -35.56 -38.33 -30.22
C ARG H 15 -34.28 -37.79 -30.85
N ILE H 16 -34.42 -36.72 -31.63
CA ILE H 16 -33.31 -36.14 -32.38
C ILE H 16 -32.93 -34.83 -31.71
N SER H 17 -31.74 -34.80 -31.11
CA SER H 17 -31.24 -33.60 -30.47
C SER H 17 -30.49 -32.73 -31.47
N CYS H 18 -30.73 -31.43 -31.40
CA CYS H 18 -30.03 -30.49 -32.26
C CYS H 18 -28.58 -30.36 -31.81
N GLY H 19 -27.65 -30.43 -32.77
CA GLY H 19 -26.24 -30.41 -32.43
C GLY H 19 -25.78 -29.11 -31.82
N ARG H 20 -26.38 -28.00 -32.22
CA ARG H 20 -26.06 -26.69 -31.69
C ARG H 20 -27.03 -26.31 -30.60
N GLN H 21 -26.53 -25.66 -29.55
CA GLN H 21 -27.35 -25.16 -28.46
C GLN H 21 -27.45 -23.66 -28.55
N ALA H 22 -28.67 -23.13 -28.41
CA ALA H 22 -28.91 -21.71 -28.59
C ALA H 22 -28.26 -20.90 -27.49
N LEU H 23 -27.69 -19.76 -27.86
CA LEU H 23 -27.12 -18.83 -26.90
C LEU H 23 -28.12 -17.81 -26.38
N GLY H 24 -29.28 -17.71 -27.01
CA GLY H 24 -30.34 -16.81 -26.56
C GLY H 24 -31.67 -17.36 -27.04
N SER H 25 -32.62 -16.44 -27.26
CA SER H 25 -33.88 -16.83 -27.87
C SER H 25 -33.62 -17.30 -29.30
N ARG H 26 -34.21 -18.43 -29.67
CA ARG H 26 -33.86 -19.11 -30.90
C ARG H 26 -35.06 -19.15 -31.86
N ALA H 27 -34.79 -19.68 -33.05
CA ALA H 27 -35.82 -19.91 -34.07
C ALA H 27 -35.35 -21.11 -34.90
N VAL H 28 -35.79 -22.30 -34.49
CA VAL H 28 -35.26 -23.55 -35.02
C VAL H 28 -36.17 -24.06 -36.13
N GLN H 29 -35.56 -24.58 -37.19
CA GLN H 29 -36.27 -25.22 -38.30
C GLN H 29 -35.78 -26.65 -38.46
N TRP H 30 -36.68 -27.51 -38.95
CA TRP H 30 -36.39 -28.94 -39.11
C TRP H 30 -36.77 -29.38 -40.52
N TYR H 31 -35.89 -30.15 -41.15
CA TYR H 31 -36.09 -30.61 -42.52
C TYR H 31 -35.94 -32.12 -42.60
N GLN H 32 -36.77 -32.76 -43.42
CA GLN H 32 -36.68 -34.19 -43.71
C GLN H 32 -36.19 -34.37 -45.13
N HIS H 33 -35.09 -35.10 -45.30
CA HIS H 33 -34.47 -35.27 -46.61
C HIS H 33 -34.30 -36.75 -46.91
N LYS H 34 -35.08 -37.26 -47.86
CA LYS H 34 -34.90 -38.64 -48.28
C LYS H 34 -33.88 -38.70 -49.42
N PRO H 35 -33.05 -39.74 -49.47
CA PRO H 35 -32.05 -39.84 -50.54
C PRO H 35 -32.69 -39.92 -51.91
N GLY H 36 -32.31 -38.99 -52.79
CA GLY H 36 -32.85 -38.93 -54.13
C GLY H 36 -34.05 -38.02 -54.29
N GLN H 37 -34.64 -37.55 -53.20
CA GLN H 37 -35.82 -36.72 -53.25
C GLN H 37 -35.48 -35.30 -52.79
N ALA H 38 -36.50 -34.49 -52.59
CA ALA H 38 -36.32 -33.11 -52.17
C ALA H 38 -36.53 -32.97 -50.68
N PRO H 39 -35.81 -32.04 -50.04
CA PRO H 39 -36.03 -31.80 -48.61
C PRO H 39 -37.45 -31.29 -48.34
N ILE H 40 -37.98 -31.68 -47.19
CA ILE H 40 -39.33 -31.31 -46.77
C ILE H 40 -39.22 -30.51 -45.48
N LEU H 41 -39.87 -29.35 -45.44
CA LEU H 41 -39.90 -28.52 -44.25
C LEU H 41 -40.86 -29.14 -43.24
N LEU H 42 -40.31 -29.66 -42.15
CA LEU H 42 -41.13 -30.27 -41.11
C LEU H 42 -41.61 -29.26 -40.08
N ILE H 43 -40.69 -28.50 -39.50
CA ILE H 43 -41.00 -27.56 -38.42
C ILE H 43 -40.27 -26.26 -38.70
N TYR H 44 -41.01 -25.15 -38.75
CA TYR H 44 -40.42 -23.83 -38.80
C TYR H 44 -40.89 -23.04 -37.58
N ASN H 45 -40.08 -22.08 -37.15
CA ASN H 45 -40.38 -21.26 -35.99
C ASN H 45 -40.54 -22.11 -34.72
N ASN H 46 -39.52 -22.93 -34.45
CA ASN H 46 -39.40 -23.75 -33.25
C ASN H 46 -40.49 -24.82 -33.13
N GLN H 47 -41.76 -24.43 -33.21
CA GLN H 47 -42.85 -25.38 -33.02
C GLN H 47 -43.93 -25.33 -34.10
N ASP H 48 -43.98 -24.29 -34.91
CA ASP H 48 -45.02 -24.20 -35.94
C ASP H 48 -44.84 -25.30 -36.98
N ARG H 49 -45.96 -25.75 -37.54
CA ARG H 49 -45.98 -26.88 -38.46
C ARG H 49 -46.78 -26.50 -39.70
N PRO H 50 -46.26 -26.73 -40.91
CA PRO H 50 -47.01 -26.39 -42.11
C PRO H 50 -48.20 -27.32 -42.32
N SER H 51 -49.13 -26.86 -43.16
CA SER H 51 -50.29 -27.66 -43.49
C SER H 51 -49.90 -28.83 -44.38
N GLY H 52 -50.52 -29.98 -44.13
CA GLY H 52 -50.22 -31.20 -44.86
C GLY H 52 -49.16 -32.06 -44.23
N ILE H 53 -48.32 -31.51 -43.37
CA ILE H 53 -47.30 -32.28 -42.66
C ILE H 53 -47.96 -33.01 -41.49
N PRO H 54 -47.84 -34.34 -41.42
CA PRO H 54 -48.48 -35.06 -40.31
C PRO H 54 -47.91 -34.64 -38.97
N GLU H 55 -48.81 -34.42 -38.00
CA GLU H 55 -48.43 -33.91 -36.69
C GLU H 55 -47.79 -34.99 -35.83
N ARG H 56 -46.86 -35.75 -36.42
CA ARG H 56 -46.01 -36.67 -35.67
C ARG H 56 -44.66 -36.06 -35.35
N PHE H 57 -44.08 -35.32 -36.28
CA PHE H 57 -42.91 -34.51 -36.00
C PHE H 57 -43.32 -33.27 -35.22
N SER H 58 -42.53 -32.92 -34.21
CA SER H 58 -42.84 -31.76 -33.39
C SER H 58 -41.56 -31.24 -32.75
N GLY H 59 -41.55 -29.93 -32.46
CA GLY H 59 -40.41 -29.28 -31.87
C GLY H 59 -40.74 -28.72 -30.49
N THR H 60 -39.68 -28.31 -29.78
CA THR H 60 -39.82 -27.74 -28.45
C THR H 60 -39.86 -26.22 -28.53
N PRO H 61 -40.85 -25.57 -27.93
CA PRO H 61 -40.94 -24.11 -28.03
C PRO H 61 -39.86 -23.42 -27.21
N ASP H 62 -39.69 -22.13 -27.49
CA ASP H 62 -38.68 -21.30 -26.83
C ASP H 62 -39.38 -20.48 -25.76
N ILE H 63 -39.38 -20.98 -24.53
CA ILE H 63 -40.01 -20.30 -23.40
C ILE H 63 -38.93 -19.87 -22.41
N ASN H 64 -37.78 -19.44 -22.94
CA ASN H 64 -36.65 -18.90 -22.19
C ASN H 64 -35.94 -19.95 -21.36
N PHE H 65 -36.52 -21.14 -21.24
CA PHE H 65 -35.88 -22.21 -20.48
C PHE H 65 -34.58 -22.63 -21.16
N GLY H 66 -33.64 -23.11 -20.35
CA GLY H 66 -32.40 -23.65 -20.87
C GLY H 66 -32.59 -25.02 -21.47
N THR H 67 -33.51 -25.14 -22.42
CA THR H 67 -33.87 -26.41 -23.03
C THR H 67 -33.37 -26.44 -24.47
N THR H 68 -32.78 -27.55 -24.86
CA THR H 68 -32.26 -27.72 -26.20
C THR H 68 -33.39 -28.05 -27.17
N ALA H 69 -33.34 -27.47 -28.36
CA ALA H 69 -34.32 -27.77 -29.39
C ALA H 69 -34.21 -29.23 -29.80
N THR H 70 -35.35 -29.93 -29.80
CA THR H 70 -35.36 -31.37 -30.02
C THR H 70 -36.52 -31.76 -30.92
N LEU H 71 -36.23 -32.54 -31.95
CA LEU H 71 -37.26 -33.07 -32.84
C LEU H 71 -37.88 -34.31 -32.22
N THR H 72 -39.18 -34.26 -31.96
CA THR H 72 -39.91 -35.35 -31.32
C THR H 72 -40.75 -36.05 -32.38
N ILE H 73 -40.31 -37.23 -32.81
CA ILE H 73 -41.03 -38.05 -33.77
C ILE H 73 -41.80 -39.12 -33.01
N SER H 74 -43.11 -39.19 -33.23
CA SER H 74 -44.00 -40.08 -32.49
C SER H 74 -44.50 -41.19 -33.41
N GLY H 75 -44.02 -42.41 -33.19
CA GLY H 75 -44.43 -43.54 -33.99
C GLY H 75 -43.71 -43.60 -35.32
N VAL H 76 -42.45 -44.02 -35.30
CA VAL H 76 -41.65 -44.06 -36.51
C VAL H 76 -42.15 -45.17 -37.43
N GLU H 77 -42.17 -44.88 -38.73
CA GLU H 77 -42.61 -45.82 -39.76
C GLU H 77 -41.45 -46.11 -40.70
N VAL H 78 -41.70 -47.01 -41.65
CA VAL H 78 -40.69 -47.33 -42.65
C VAL H 78 -40.45 -46.17 -43.60
N GLY H 79 -41.39 -45.22 -43.66
CA GLY H 79 -41.24 -44.03 -44.46
C GLY H 79 -40.55 -42.87 -43.78
N ASP H 80 -40.12 -43.05 -42.53
CA ASP H 80 -39.40 -42.04 -41.78
C ASP H 80 -37.89 -42.21 -41.84
N GLU H 81 -37.40 -43.22 -42.54
CA GLU H 81 -35.97 -43.46 -42.66
C GLU H 81 -35.38 -42.43 -43.60
N ALA H 82 -34.77 -41.38 -43.04
CA ALA H 82 -34.19 -40.30 -43.84
C ALA H 82 -33.24 -39.51 -42.96
N ASP H 83 -32.62 -38.49 -43.54
CA ASP H 83 -31.76 -37.57 -42.83
C ASP H 83 -32.56 -36.39 -42.30
N TYR H 84 -32.12 -35.85 -41.17
CA TYR H 84 -32.81 -34.75 -40.51
C TYR H 84 -31.80 -33.67 -40.16
N TYR H 85 -32.04 -32.45 -40.64
CA TYR H 85 -31.18 -31.32 -40.37
C TYR H 85 -31.84 -30.38 -39.38
N CYS H 86 -31.02 -29.70 -38.58
CA CYS H 86 -31.48 -28.71 -37.60
C CYS H 86 -30.88 -27.37 -37.98
N HIS H 87 -31.73 -26.44 -38.42
CA HIS H 87 -31.30 -25.11 -38.82
C HIS H 87 -31.45 -24.18 -37.61
N MET H 88 -30.35 -23.85 -36.96
CA MET H 88 -30.35 -23.09 -35.73
C MET H 88 -30.24 -21.59 -36.03
N TRP H 89 -31.15 -20.81 -35.45
CA TRP H 89 -31.13 -19.35 -35.56
C TRP H 89 -31.37 -18.76 -34.18
N ASP H 90 -30.36 -18.12 -33.62
CA ASP H 90 -30.50 -17.41 -32.35
C ASP H 90 -29.98 -15.98 -32.51
N SER H 91 -30.20 -15.18 -31.46
CA SER H 91 -29.90 -13.75 -31.52
C SER H 91 -28.41 -13.44 -31.41
N ARG H 92 -27.58 -14.42 -31.05
CA ARG H 92 -26.17 -14.16 -30.86
C ARG H 92 -25.28 -14.76 -31.93
N SER H 93 -25.74 -15.81 -32.61
CA SER H 93 -24.92 -16.45 -33.64
C SER H 93 -24.96 -15.71 -34.97
N GLY H 94 -25.96 -14.86 -35.18
CA GLY H 94 -26.07 -14.15 -36.43
C GLY H 94 -26.69 -15.01 -37.52
N PHE H 95 -26.46 -14.58 -38.76
CA PHE H 95 -26.98 -15.30 -39.92
C PHE H 95 -26.31 -16.66 -40.00
N SER H 96 -27.08 -17.73 -39.78
CA SER H 96 -26.54 -19.08 -39.78
C SER H 96 -26.72 -19.68 -41.17
N TRP H 97 -25.60 -19.86 -41.88
CA TRP H 97 -25.61 -20.45 -43.22
C TRP H 97 -25.53 -21.97 -43.19
N SER H 98 -25.14 -22.55 -42.06
CA SER H 98 -24.96 -23.99 -41.97
C SER H 98 -26.24 -24.67 -41.54
N PHE H 99 -26.60 -25.75 -42.23
CA PHE H 99 -27.68 -26.63 -41.78
C PHE H 99 -27.22 -27.60 -40.70
N GLY H 100 -25.94 -27.56 -40.33
CA GLY H 100 -25.42 -28.44 -39.31
C GLY H 100 -25.26 -29.87 -39.80
N GLY H 101 -24.92 -30.75 -38.86
CA GLY H 101 -24.80 -32.15 -39.16
C GLY H 101 -26.15 -32.82 -39.29
N ALA H 102 -26.18 -33.90 -40.07
CA ALA H 102 -27.41 -34.63 -40.33
C ALA H 102 -27.56 -35.80 -39.36
N THR H 103 -28.81 -36.09 -39.01
CA THR H 103 -29.15 -37.21 -38.15
C THR H 103 -29.87 -38.25 -39.00
N ARG H 104 -29.15 -39.27 -39.43
CA ARG H 104 -29.71 -40.30 -40.28
C ARG H 104 -30.49 -41.31 -39.43
N LEU H 105 -31.78 -41.42 -39.69
CA LEU H 105 -32.66 -42.29 -38.92
C LEU H 105 -32.74 -43.66 -39.58
N THR H 106 -32.51 -44.71 -38.79
CA THR H 106 -32.57 -46.09 -39.24
C THR H 106 -33.59 -46.82 -38.39
N VAL H 107 -34.60 -47.39 -39.04
CA VAL H 107 -35.69 -48.09 -38.34
C VAL H 107 -35.38 -49.59 -38.34
N LEU H 108 -35.46 -50.20 -37.15
CA LEU H 108 -35.21 -51.62 -36.96
C LEU H 108 -36.55 -52.38 -36.95
N SER H 109 -36.55 -53.58 -36.39
CA SER H 109 -37.74 -54.43 -36.19
C SER H 109 -38.40 -54.83 -37.49
N GLN H 110 -37.70 -54.61 -38.61
CA GLN H 110 -38.11 -55.13 -39.89
C GLN H 110 -37.86 -56.64 -39.91
N PRO H 111 -38.54 -57.39 -40.78
CA PRO H 111 -38.29 -58.84 -40.86
C PRO H 111 -36.83 -59.21 -41.05
N LYS H 112 -36.32 -60.01 -40.12
CA LYS H 112 -34.91 -60.45 -40.17
C LYS H 112 -34.60 -61.23 -41.44
N ALA H 113 -33.39 -61.02 -41.96
CA ALA H 113 -32.95 -61.68 -43.19
C ALA H 113 -31.47 -61.98 -43.14
N ALA H 114 -31.07 -63.03 -43.86
CA ALA H 114 -29.69 -63.43 -44.09
C ALA H 114 -29.32 -63.18 -45.54
N PRO H 115 -28.15 -62.59 -45.80
CA PRO H 115 -27.80 -62.23 -47.18
C PRO H 115 -27.64 -63.47 -48.05
N SER H 116 -28.28 -63.45 -49.22
CA SER H 116 -28.14 -64.52 -50.21
C SER H 116 -26.97 -64.18 -51.12
N VAL H 117 -25.85 -64.87 -50.93
CA VAL H 117 -24.61 -64.57 -51.64
C VAL H 117 -24.44 -65.54 -52.81
N THR H 118 -24.01 -65.02 -53.95
CA THR H 118 -23.72 -65.82 -55.13
C THR H 118 -22.42 -65.29 -55.75
N LEU H 119 -21.41 -66.14 -55.82
CA LEU H 119 -20.09 -65.76 -56.32
C LEU H 119 -19.86 -66.38 -57.69
N PHE H 120 -19.38 -65.57 -58.64
CA PHE H 120 -19.12 -66.01 -59.99
C PHE H 120 -17.64 -65.92 -60.32
N PRO H 121 -17.09 -66.94 -60.98
CA PRO H 121 -15.70 -66.86 -61.42
C PRO H 121 -15.58 -66.09 -62.73
N PRO H 122 -14.38 -65.63 -63.08
CA PRO H 122 -14.21 -64.93 -64.36
C PRO H 122 -14.55 -65.83 -65.53
N SER H 123 -15.25 -65.26 -66.51
CA SER H 123 -15.70 -66.02 -67.67
C SER H 123 -14.52 -66.42 -68.55
N SER H 124 -14.76 -67.39 -69.43
CA SER H 124 -13.74 -67.81 -70.38
C SER H 124 -13.53 -66.77 -71.47
N GLU H 125 -14.60 -66.08 -71.88
CA GLU H 125 -14.46 -65.02 -72.86
C GLU H 125 -13.79 -63.78 -72.29
N GLU H 126 -13.78 -63.63 -70.96
CA GLU H 126 -13.06 -62.53 -70.34
C GLU H 126 -11.58 -62.84 -70.17
N LEU H 127 -11.24 -64.10 -69.93
CA LEU H 127 -9.83 -64.49 -69.82
C LEU H 127 -9.11 -64.34 -71.16
N GLN H 128 -9.77 -64.72 -72.26
CA GLN H 128 -9.18 -64.53 -73.58
C GLN H 128 -9.12 -63.06 -73.98
N ALA H 129 -9.83 -62.17 -73.30
CA ALA H 129 -9.70 -60.74 -73.47
C ALA H 129 -8.69 -60.13 -72.51
N ASN H 130 -7.86 -60.96 -71.88
CA ASN H 130 -6.81 -60.52 -70.97
C ASN H 130 -7.38 -59.79 -69.75
N LYS H 131 -8.56 -60.20 -69.30
CA LYS H 131 -9.22 -59.60 -68.15
C LYS H 131 -9.73 -60.70 -67.23
N ALA H 132 -10.03 -60.32 -65.99
CA ALA H 132 -10.55 -61.26 -64.99
C ALA H 132 -11.20 -60.47 -63.87
N THR H 133 -12.48 -60.72 -63.62
CA THR H 133 -13.22 -60.08 -62.55
C THR H 133 -14.08 -61.10 -61.83
N LEU H 134 -14.15 -61.00 -60.51
CA LEU H 134 -14.97 -61.86 -59.68
C LEU H 134 -16.17 -61.08 -59.18
N VAL H 135 -17.37 -61.55 -59.50
CA VAL H 135 -18.61 -60.86 -59.18
C VAL H 135 -19.25 -61.54 -57.98
N CYS H 136 -19.47 -60.78 -56.92
CA CYS H 136 -20.10 -61.27 -55.70
C CYS H 136 -21.41 -60.52 -55.50
N LEU H 137 -22.53 -61.25 -55.59
CA LEU H 137 -23.86 -60.67 -55.55
C LEU H 137 -24.49 -60.91 -54.18
N ILE H 138 -24.79 -59.83 -53.47
CA ILE H 138 -25.42 -59.89 -52.16
C ILE H 138 -26.78 -59.22 -52.27
N SER H 139 -27.82 -59.90 -51.79
CA SER H 139 -29.18 -59.37 -51.86
C SER H 139 -30.01 -60.02 -50.76
N ASP H 140 -31.24 -59.52 -50.61
CA ASP H 140 -32.22 -60.07 -49.67
C ASP H 140 -31.72 -59.99 -48.23
N PHE H 141 -31.23 -58.82 -47.84
CA PHE H 141 -30.72 -58.61 -46.50
C PHE H 141 -31.20 -57.27 -45.95
N TYR H 142 -31.34 -57.20 -44.62
CA TYR H 142 -31.76 -56.00 -43.92
C TYR H 142 -31.21 -56.11 -42.50
N PRO H 143 -30.64 -55.03 -41.93
CA PRO H 143 -30.48 -53.71 -42.54
C PRO H 143 -29.42 -53.65 -43.64
N GLY H 144 -29.25 -52.45 -44.22
CA GLY H 144 -28.31 -52.29 -45.32
C GLY H 144 -26.86 -52.46 -44.92
N ALA H 145 -26.55 -52.34 -43.62
CA ALA H 145 -25.18 -52.44 -43.14
C ALA H 145 -24.58 -53.80 -43.47
N VAL H 146 -23.68 -53.85 -44.45
CA VAL H 146 -23.03 -55.08 -44.87
C VAL H 146 -21.56 -54.80 -45.13
N THR H 147 -20.69 -55.68 -44.63
CA THR H 147 -19.25 -55.57 -44.82
C THR H 147 -18.78 -56.72 -45.70
N VAL H 148 -18.31 -56.40 -46.90
CA VAL H 148 -17.83 -57.39 -47.85
C VAL H 148 -16.32 -57.37 -47.86
N ALA H 149 -15.71 -58.55 -47.84
CA ALA H 149 -14.26 -58.68 -47.84
C ALA H 149 -13.85 -59.82 -48.76
N TRP H 150 -12.72 -59.63 -49.45
CA TRP H 150 -12.17 -60.65 -50.34
C TRP H 150 -10.88 -61.21 -49.75
N LYS H 151 -10.62 -62.48 -50.03
CA LYS H 151 -9.42 -63.15 -49.54
C LYS H 151 -8.87 -64.07 -50.61
N ALA H 152 -7.57 -63.97 -50.85
CA ALA H 152 -6.86 -64.86 -51.77
C ALA H 152 -6.21 -65.97 -50.94
N ASP H 153 -6.62 -67.22 -51.20
CA ASP H 153 -6.15 -68.37 -50.43
C ASP H 153 -6.46 -68.20 -48.95
N SER H 154 -5.56 -67.52 -48.22
CA SER H 154 -5.77 -67.26 -46.80
C SER H 154 -5.39 -65.84 -46.41
N SER H 155 -5.01 -64.98 -47.35
CA SER H 155 -4.66 -63.60 -47.09
C SER H 155 -5.73 -62.67 -47.64
N PRO H 156 -6.12 -61.65 -46.87
CA PRO H 156 -7.18 -60.75 -47.34
C PRO H 156 -6.69 -59.82 -48.44
N VAL H 157 -7.46 -59.74 -49.53
CA VAL H 157 -7.13 -58.85 -50.63
C VAL H 157 -7.64 -57.45 -50.29
N LYS H 158 -6.79 -56.45 -50.50
CA LYS H 158 -7.10 -55.07 -50.17
C LYS H 158 -7.36 -54.19 -51.38
N ALA H 159 -6.64 -54.41 -52.47
CA ALA H 159 -6.78 -53.59 -53.67
C ALA H 159 -7.59 -54.32 -54.73
N GLY H 160 -8.17 -53.54 -55.64
CA GLY H 160 -8.93 -54.10 -56.74
C GLY H 160 -10.37 -54.42 -56.42
N VAL H 161 -10.86 -54.07 -55.24
CA VAL H 161 -12.22 -54.38 -54.81
C VAL H 161 -13.09 -53.16 -55.08
N GLU H 162 -14.18 -53.37 -55.83
CA GLU H 162 -15.17 -52.33 -56.11
C GLU H 162 -16.52 -52.81 -55.61
N THR H 163 -17.07 -52.11 -54.63
CA THR H 163 -18.32 -52.49 -53.99
C THR H 163 -19.32 -51.35 -54.08
N THR H 164 -20.57 -51.69 -54.39
CA THR H 164 -21.63 -50.70 -54.51
C THR H 164 -22.19 -50.35 -53.12
N THR H 165 -22.97 -49.28 -53.08
CA THR H 165 -23.62 -48.92 -51.83
C THR H 165 -24.95 -49.67 -51.69
N PRO H 166 -25.32 -50.06 -50.48
CA PRO H 166 -26.58 -50.80 -50.30
C PRO H 166 -27.79 -49.97 -50.72
N SER H 167 -28.79 -50.65 -51.30
CA SER H 167 -30.00 -50.00 -51.75
C SER H 167 -31.12 -51.03 -51.82
N LYS H 168 -32.30 -50.65 -51.33
CA LYS H 168 -33.44 -51.56 -51.34
C LYS H 168 -33.94 -51.79 -52.76
N GLN H 169 -34.62 -52.92 -52.95
CA GLN H 169 -35.12 -53.30 -54.27
C GLN H 169 -36.64 -53.38 -54.28
N SER H 170 -37.19 -54.16 -55.22
CA SER H 170 -38.64 -54.28 -55.32
C SER H 170 -39.24 -55.11 -54.21
N ASN H 171 -38.44 -55.92 -53.52
CA ASN H 171 -38.90 -56.73 -52.40
C ASN H 171 -38.66 -56.05 -51.06
N ASN H 172 -38.39 -54.74 -51.06
CA ASN H 172 -38.14 -53.96 -49.84
C ASN H 172 -36.95 -54.50 -49.05
N LYS H 173 -35.97 -55.06 -49.75
CA LYS H 173 -34.76 -55.58 -49.13
C LYS H 173 -33.54 -55.06 -49.88
N TYR H 174 -32.47 -54.81 -49.14
CA TYR H 174 -31.27 -54.23 -49.73
C TYR H 174 -30.57 -55.24 -50.64
N ALA H 175 -29.71 -54.70 -51.52
CA ALA H 175 -28.92 -55.52 -52.42
C ALA H 175 -27.63 -54.79 -52.74
N ALA H 176 -26.53 -55.55 -52.85
CA ALA H 176 -25.22 -54.99 -53.10
C ALA H 176 -24.49 -55.84 -54.13
N SER H 177 -23.35 -55.34 -54.59
CA SER H 177 -22.54 -56.03 -55.58
C SER H 177 -21.07 -55.73 -55.33
N SER H 178 -20.24 -56.76 -55.41
CA SER H 178 -18.81 -56.65 -55.20
C SER H 178 -18.08 -57.16 -56.43
N TYR H 179 -17.13 -56.37 -56.93
CA TYR H 179 -16.34 -56.71 -58.12
C TYR H 179 -14.87 -56.64 -57.77
N LEU H 180 -14.18 -57.77 -57.87
CA LEU H 180 -12.74 -57.85 -57.66
C LEU H 180 -12.08 -58.12 -59.00
N SER H 181 -11.50 -57.08 -59.59
CA SER H 181 -10.85 -57.20 -60.89
C SER H 181 -9.42 -57.70 -60.71
N LEU H 182 -9.05 -58.71 -61.49
CA LEU H 182 -7.73 -59.32 -61.44
C LEU H 182 -7.21 -59.47 -62.86
N THR H 183 -6.03 -60.07 -62.98
CA THR H 183 -5.39 -60.35 -64.26
C THR H 183 -5.38 -61.87 -64.51
N PRO H 184 -5.31 -62.28 -65.77
CA PRO H 184 -5.30 -63.73 -66.05
C PRO H 184 -4.15 -64.47 -65.39
N GLU H 185 -3.06 -63.79 -65.06
CA GLU H 185 -1.95 -64.44 -64.38
C GLU H 185 -2.13 -64.43 -62.86
N GLN H 186 -2.91 -63.48 -62.34
CA GLN H 186 -3.17 -63.45 -60.90
C GLN H 186 -4.34 -64.34 -60.52
N TRP H 187 -5.30 -64.54 -61.43
CA TRP H 187 -6.42 -65.43 -61.15
C TRP H 187 -5.96 -66.88 -61.08
N LYS H 188 -5.08 -67.29 -61.99
CA LYS H 188 -4.55 -68.65 -62.00
C LYS H 188 -3.35 -68.82 -61.06
N SER H 189 -2.88 -67.76 -60.42
CA SER H 189 -1.75 -67.87 -59.50
C SER H 189 -2.18 -68.55 -58.21
N HIS H 190 -3.21 -68.02 -57.56
CA HIS H 190 -3.69 -68.58 -56.31
C HIS H 190 -4.60 -69.77 -56.56
N LYS H 191 -4.65 -70.68 -55.59
CA LYS H 191 -5.47 -71.88 -55.75
C LYS H 191 -6.96 -71.57 -55.61
N SER H 192 -7.32 -70.55 -54.84
CA SER H 192 -8.72 -70.28 -54.57
C SER H 192 -8.90 -68.84 -54.11
N TYR H 193 -10.06 -68.29 -54.42
CA TYR H 193 -10.49 -66.98 -53.93
C TYR H 193 -11.82 -67.12 -53.20
N SER H 194 -12.12 -66.16 -52.33
CA SER H 194 -13.32 -66.25 -51.51
C SER H 194 -13.90 -64.86 -51.28
N CYS H 195 -15.21 -64.73 -51.49
CA CYS H 195 -15.96 -63.52 -51.16
C CYS H 195 -16.62 -63.73 -49.80
N GLN H 196 -16.15 -62.99 -48.79
CA GLN H 196 -16.68 -63.08 -47.44
C GLN H 196 -17.44 -61.80 -47.12
N VAL H 197 -18.72 -61.94 -46.79
CA VAL H 197 -19.54 -60.81 -46.40
C VAL H 197 -19.91 -60.96 -44.93
N THR H 198 -20.23 -59.83 -44.29
CA THR H 198 -20.57 -59.79 -42.88
C THR H 198 -21.81 -58.94 -42.70
N HIS H 199 -22.87 -59.52 -42.15
CA HIS H 199 -24.15 -58.83 -41.98
C HIS H 199 -24.69 -59.12 -40.60
N GLU H 200 -24.83 -58.08 -39.78
CA GLU H 200 -25.40 -58.19 -38.43
C GLU H 200 -24.62 -59.18 -37.57
N GLY H 201 -23.29 -59.15 -37.70
CA GLY H 201 -22.43 -60.02 -36.95
C GLY H 201 -22.24 -61.40 -37.52
N SER H 202 -23.15 -61.86 -38.39
CA SER H 202 -23.01 -63.16 -39.02
C SER H 202 -22.08 -63.08 -40.22
N THR H 203 -21.23 -64.10 -40.38
CA THR H 203 -20.23 -64.13 -41.43
C THR H 203 -20.48 -65.34 -42.33
N VAL H 204 -20.86 -65.07 -43.58
CA VAL H 204 -21.01 -66.12 -44.59
C VAL H 204 -20.01 -65.84 -45.71
N GLU H 205 -19.70 -66.89 -46.46
CA GLU H 205 -18.64 -66.82 -47.46
C GLU H 205 -18.81 -67.94 -48.48
N LYS H 206 -18.59 -67.62 -49.75
CA LYS H 206 -18.51 -68.58 -50.82
C LYS H 206 -17.10 -68.61 -51.40
N THR H 207 -16.83 -69.60 -52.23
CA THR H 207 -15.47 -69.84 -52.71
C THR H 207 -15.50 -70.35 -54.15
N VAL H 208 -14.68 -69.72 -55.00
CA VAL H 208 -14.47 -70.16 -56.37
C VAL H 208 -13.01 -70.56 -56.54
N ALA H 209 -12.72 -71.27 -57.63
CA ALA H 209 -11.38 -71.75 -57.91
C ALA H 209 -11.22 -71.89 -59.41
N PRO H 210 -10.02 -71.65 -59.95
CA PRO H 210 -9.80 -71.81 -61.39
C PRO H 210 -9.90 -73.27 -61.80
N THR H 211 -10.71 -73.53 -62.83
CA THR H 211 -10.88 -74.89 -63.33
C THR H 211 -11.17 -74.87 -64.83
N GLU I 2 -48.40 51.71 40.25
CA GLU I 2 -47.80 52.70 39.37
C GLU I 2 -46.27 52.57 39.38
N ASN I 3 -45.72 52.11 40.50
CA ASN I 3 -44.29 51.85 40.61
C ASN I 3 -43.98 50.53 39.91
N LEU I 4 -43.31 50.60 38.78
CA LEU I 4 -43.03 49.43 37.96
C LEU I 4 -41.63 48.91 38.24
N TRP I 5 -41.49 47.58 38.20
CA TRP I 5 -40.21 46.93 38.41
C TRP I 5 -40.12 45.75 37.45
N VAL I 6 -38.89 45.49 36.99
CA VAL I 6 -38.71 44.37 36.07
C VAL I 6 -38.79 43.06 36.84
N THR I 7 -39.15 42.00 36.11
CA THR I 7 -39.29 40.67 36.69
C THR I 7 -38.70 39.65 35.73
N VAL I 8 -38.00 38.67 36.29
CA VAL I 8 -37.38 37.61 35.50
C VAL I 8 -38.38 36.47 35.32
N TYR I 9 -38.60 36.06 34.08
CA TYR I 9 -39.45 34.93 33.75
C TYR I 9 -38.61 33.87 33.05
N TYR I 10 -38.55 32.68 33.65
CA TYR I 10 -37.72 31.59 33.14
C TYR I 10 -38.64 30.53 32.54
N GLY I 11 -38.62 30.41 31.22
CA GLY I 11 -39.45 29.46 30.53
C GLY I 11 -40.41 30.10 29.54
N VAL I 12 -40.11 31.33 29.14
CA VAL I 12 -41.03 32.04 28.25
C VAL I 12 -40.97 31.42 26.86
N PRO I 13 -42.09 31.33 26.13
CA PRO I 13 -42.04 30.80 24.76
C PRO I 13 -41.42 31.77 23.76
N VAL I 14 -40.10 31.88 23.78
CA VAL I 14 -39.37 32.76 22.88
C VAL I 14 -38.27 31.96 22.19
N TRP I 15 -38.21 32.06 20.86
CA TRP I 15 -37.18 31.39 20.08
C TRP I 15 -36.54 32.39 19.13
N LYS I 16 -35.36 32.03 18.64
CA LYS I 16 -34.59 32.84 17.72
C LYS I 16 -34.01 31.96 16.62
N ASP I 17 -33.90 32.52 15.42
CA ASP I 17 -33.29 31.81 14.32
C ASP I 17 -31.85 31.47 14.65
N ALA I 18 -31.50 30.18 14.57
CA ALA I 18 -30.15 29.74 14.85
C ALA I 18 -29.88 28.44 14.11
N GLU I 19 -28.60 28.09 14.04
CA GLU I 19 -28.15 26.88 13.37
C GLU I 19 -27.33 26.05 14.35
N THR I 20 -27.73 24.81 14.55
CA THR I 20 -27.04 23.90 15.45
C THR I 20 -26.81 22.58 14.72
N THR I 21 -26.22 21.62 15.44
CA THR I 21 -25.88 20.32 14.87
C THR I 21 -27.05 19.36 15.09
N LEU I 22 -27.69 18.96 14.00
CA LEU I 22 -28.75 17.97 14.05
C LEU I 22 -28.16 16.58 13.87
N PHE I 23 -28.89 15.58 14.36
CA PHE I 23 -28.42 14.20 14.32
C PHE I 23 -29.44 13.31 13.63
N CYS I 24 -28.99 12.09 13.33
CA CYS I 24 -29.77 11.11 12.57
C CYS I 24 -30.87 10.50 13.43
N ALA I 25 -31.83 9.86 12.75
CA ALA I 25 -32.84 9.05 13.42
C ALA I 25 -33.47 8.13 12.40
N SER I 26 -33.55 6.84 12.73
CA SER I 26 -34.20 5.86 11.88
C SER I 26 -35.01 4.90 12.74
N ASP I 27 -36.06 4.34 12.15
CA ASP I 27 -36.93 3.44 12.87
C ASP I 27 -36.26 2.09 13.09
N ALA I 28 -36.85 1.30 13.98
CA ALA I 28 -36.30 -0.02 14.34
C ALA I 28 -36.58 -1.00 13.19
N LYS I 29 -35.78 -0.88 12.14
CA LYS I 29 -35.84 -1.78 11.00
C LYS I 29 -34.84 -2.91 11.21
N ALA I 30 -35.35 -4.11 11.45
CA ALA I 30 -34.51 -5.27 11.73
C ALA I 30 -34.35 -6.10 10.46
N TYR I 31 -33.11 -6.51 10.17
CA TYR I 31 -32.82 -7.32 9.00
C TYR I 31 -31.46 -7.99 9.14
N LYS I 34 -28.37 -9.42 5.48
CA LYS I 34 -28.31 -8.24 4.61
C LYS I 34 -28.60 -6.97 5.40
N LYS I 35 -27.55 -6.24 5.75
CA LYS I 35 -27.69 -5.01 6.53
C LYS I 35 -26.57 -4.02 6.20
N HIS I 36 -26.25 -3.15 7.16
CA HIS I 36 -25.15 -2.20 7.04
C HIS I 36 -25.35 -1.26 5.84
N ASN I 37 -26.56 -0.74 5.69
CA ASN I 37 -26.80 0.27 4.67
C ASN I 37 -26.09 1.57 5.04
N VAL I 38 -25.69 2.32 4.02
CA VAL I 38 -24.77 3.43 4.22
C VAL I 38 -25.39 4.51 5.10
N TRP I 39 -26.69 4.75 4.94
CA TRP I 39 -27.31 5.90 5.60
C TRP I 39 -27.60 5.62 7.09
N ALA I 40 -28.28 4.51 7.38
CA ALA I 40 -28.52 4.16 8.77
C ALA I 40 -27.24 3.81 9.51
N THR I 41 -26.19 3.44 8.78
CA THR I 41 -24.86 3.09 9.33
C THR I 41 -25.03 1.95 10.32
N HIS I 42 -24.14 1.87 11.31
CA HIS I 42 -24.29 0.87 12.36
C HIS I 42 -25.43 1.23 13.31
N ALA I 43 -25.45 2.48 13.78
CA ALA I 43 -26.43 2.91 14.77
C ALA I 43 -26.89 4.32 14.46
N CYS I 44 -28.17 4.47 14.14
CA CYS I 44 -28.85 5.75 14.16
C CYS I 44 -29.87 5.75 15.30
N VAL I 45 -30.22 6.94 15.77
CA VAL I 45 -31.12 7.04 16.93
C VAL I 45 -32.46 6.42 16.60
N PRO I 46 -32.98 5.50 17.42
CA PRO I 46 -34.30 4.92 17.12
C PRO I 46 -35.40 5.95 17.32
N THR I 47 -36.28 6.05 16.32
CA THR I 47 -37.38 7.00 16.39
C THR I 47 -38.34 6.63 17.51
N ASP I 48 -38.94 7.65 18.12
CA ASP I 48 -39.89 7.41 19.19
C ASP I 48 -41.14 6.71 18.63
N PRO I 49 -41.77 5.85 19.42
CA PRO I 49 -42.96 5.14 18.94
C PRO I 49 -44.10 6.08 18.55
N ASN I 50 -44.15 7.27 19.12
CA ASN I 50 -45.19 8.24 18.81
C ASN I 50 -44.60 9.64 18.71
N PRO I 51 -44.49 10.21 17.51
CA PRO I 51 -43.99 11.57 17.40
C PRO I 51 -44.98 12.57 17.97
N GLN I 52 -44.44 13.62 18.58
CA GLN I 52 -45.25 14.65 19.24
C GLN I 52 -45.21 15.92 18.41
N GLU I 53 -46.20 16.08 17.54
CA GLU I 53 -46.38 17.30 16.76
C GLU I 53 -47.36 18.19 17.49
N ILE I 54 -46.93 19.39 17.85
CA ILE I 54 -47.72 20.33 18.64
C ILE I 54 -47.97 21.57 17.81
N HIS I 55 -49.24 21.82 17.50
CA HIS I 55 -49.61 23.00 16.72
C HIS I 55 -49.53 24.25 17.58
N LEU I 56 -49.08 25.35 16.97
CA LEU I 56 -48.92 26.62 17.65
C LEU I 56 -49.90 27.62 17.03
N GLU I 57 -50.95 27.94 17.77
CA GLU I 57 -51.96 28.88 17.29
C GLU I 57 -51.46 30.31 17.41
N ASN I 58 -51.99 31.17 16.53
CA ASN I 58 -51.68 32.59 16.51
C ASN I 58 -50.18 32.85 16.37
N VAL I 59 -49.48 31.97 15.67
CA VAL I 59 -48.05 32.07 15.46
C VAL I 59 -47.79 32.16 13.97
N THR I 60 -47.09 33.22 13.55
CA THR I 60 -46.74 33.43 12.15
C THR I 60 -45.22 33.55 12.07
N GLU I 61 -44.57 32.56 11.48
CA GLU I 61 -43.12 32.48 11.42
C GLU I 61 -42.65 32.61 9.98
N GLU I 62 -41.53 33.30 9.79
CA GLU I 62 -40.92 33.41 8.47
C GLU I 62 -40.11 32.14 8.18
N PHE I 63 -40.20 31.68 6.93
CA PHE I 63 -39.45 30.52 6.48
C PHE I 63 -38.67 30.89 5.23
N ASN I 64 -37.57 30.17 5.00
CA ASN I 64 -36.72 30.43 3.83
C ASN I 64 -36.02 29.11 3.48
N MET I 65 -36.65 28.36 2.56
CA MET I 65 -36.10 27.06 2.17
C MET I 65 -34.75 27.18 1.48
N TRP I 66 -34.41 28.36 0.95
CA TRP I 66 -33.16 28.54 0.23
C TRP I 66 -31.99 28.89 1.13
N LYS I 67 -32.25 29.60 2.23
CA LYS I 67 -31.24 29.87 3.25
C LYS I 67 -31.35 28.90 4.43
N ASN I 68 -31.90 27.72 4.20
CA ASN I 68 -32.02 26.72 5.24
C ASN I 68 -30.67 26.09 5.53
N ASN I 69 -30.37 25.92 6.81
CA ASN I 69 -29.14 25.25 7.22
C ASN I 69 -29.30 23.74 7.32
N MET I 70 -30.53 23.23 7.36
CA MET I 70 -30.74 21.79 7.40
C MET I 70 -30.28 21.11 6.12
N VAL I 71 -30.38 21.81 4.99
CA VAL I 71 -29.95 21.22 3.72
C VAL I 71 -28.43 21.14 3.66
N GLU I 72 -27.75 22.21 4.07
CA GLU I 72 -26.29 22.23 4.01
C GLU I 72 -25.68 21.19 4.96
N GLN I 73 -26.32 20.92 6.10
CA GLN I 73 -25.82 19.89 7.00
C GLN I 73 -26.10 18.50 6.45
N MET I 74 -27.31 18.28 5.93
CA MET I 74 -27.66 16.96 5.43
C MET I 74 -26.79 16.58 4.23
N HIS I 75 -26.51 17.55 3.35
CA HIS I 75 -25.66 17.26 2.21
C HIS I 75 -24.26 16.84 2.66
N THR I 76 -23.75 17.45 3.73
CA THR I 76 -22.48 17.03 4.29
C THR I 76 -22.58 15.71 5.05
N ASP I 77 -23.78 15.33 5.49
CA ASP I 77 -23.95 14.05 6.18
C ASP I 77 -23.95 12.89 5.19
N ILE I 78 -24.68 13.04 4.07
CA ILE I 78 -24.74 11.96 3.09
C ILE I 78 -23.36 11.72 2.47
N ILE I 79 -22.62 12.80 2.21
CA ILE I 79 -21.29 12.66 1.63
C ILE I 79 -20.36 11.98 2.61
N SER I 80 -20.42 12.36 3.89
CA SER I 80 -19.57 11.75 4.90
C SER I 80 -19.90 10.28 5.11
N LEU I 81 -21.17 9.90 5.01
CA LEU I 81 -21.55 8.50 5.12
C LEU I 81 -21.03 7.68 3.96
N TRP I 82 -20.88 8.29 2.79
CA TRP I 82 -20.45 7.55 1.61
C TRP I 82 -18.99 7.14 1.72
N ASP I 83 -18.14 8.04 2.20
CA ASP I 83 -16.71 7.73 2.29
C ASP I 83 -16.45 6.69 3.37
N GLN I 84 -17.20 6.74 4.47
CA GLN I 84 -16.96 5.80 5.56
C GLN I 84 -17.38 4.39 5.20
N SER I 85 -18.34 4.25 4.28
CA SER I 85 -18.78 2.94 3.82
C SER I 85 -17.93 2.39 2.67
N LEU I 86 -16.97 3.17 2.19
CA LEU I 86 -16.07 2.71 1.13
C LEU I 86 -14.63 2.57 1.58
N LYS I 87 -14.25 3.16 2.72
CA LYS I 87 -12.87 3.04 3.19
C LYS I 87 -12.44 1.60 3.46
N PRO I 88 -13.22 0.76 4.15
CA PRO I 88 -12.79 -0.63 4.36
C PRO I 88 -13.03 -1.55 3.18
N CYS I 89 -13.53 -1.04 2.06
CA CYS I 89 -13.80 -1.88 0.89
C CYS I 89 -12.56 -1.94 -0.02
N VAL I 90 -12.63 -2.82 -1.01
CA VAL I 90 -11.48 -3.10 -1.85
C VAL I 90 -11.24 -1.94 -2.81
N LYS I 91 -10.05 -1.35 -2.75
CA LYS I 91 -9.65 -0.33 -3.71
C LYS I 91 -9.12 -1.00 -4.97
N LEU I 92 -9.55 -0.47 -6.12
CA LEU I 92 -9.19 -1.06 -7.41
C LEU I 92 -8.07 -0.30 -8.10
N THR I 93 -7.08 0.18 -7.34
CA THR I 93 -5.94 0.86 -7.96
C THR I 93 -5.12 -0.03 -8.89
N PRO I 94 -4.94 -1.33 -8.66
CA PRO I 94 -4.21 -2.15 -9.66
C PRO I 94 -5.03 -2.44 -10.91
N LEU I 95 -6.32 -2.14 -10.92
CA LEU I 95 -7.18 -2.43 -12.07
C LEU I 95 -7.02 -1.38 -13.17
N CYS I 96 -5.87 -0.70 -13.23
CA CYS I 96 -5.58 0.28 -14.26
C CYS I 96 -4.67 -0.29 -15.35
N VAL I 97 -4.79 -1.57 -15.63
CA VAL I 97 -4.00 -2.22 -16.67
C VAL I 97 -4.60 -1.87 -18.03
N THR I 98 -3.75 -1.84 -19.05
CA THR I 98 -4.20 -1.61 -20.42
C THR I 98 -5.12 -2.73 -20.86
N LEU I 99 -6.35 -2.38 -21.21
CA LEU I 99 -7.35 -3.36 -21.63
C LEU I 99 -7.35 -3.52 -23.13
N GLN I 100 -7.46 -4.76 -23.59
CA GLN I 100 -7.58 -5.08 -25.02
C GLN I 100 -8.95 -5.71 -25.23
N CYS I 101 -9.85 -4.97 -25.86
CA CYS I 101 -11.26 -5.31 -25.90
C CYS I 101 -11.70 -5.66 -27.32
N THR I 102 -12.93 -6.18 -27.41
CA THR I 102 -13.57 -6.49 -28.67
C THR I 102 -15.07 -6.29 -28.51
N ASN I 103 -15.81 -6.48 -29.60
CA ASN I 103 -17.24 -6.24 -29.61
C ASN I 103 -18.00 -7.56 -29.47
N VAL I 104 -19.05 -7.54 -28.66
CA VAL I 104 -19.87 -8.71 -28.41
C VAL I 104 -20.69 -9.08 -29.64
N ASN I 107 -21.64 -11.79 -31.87
CA ASN I 107 -21.45 -11.57 -33.30
C ASN I 107 -22.69 -10.90 -33.90
N ILE I 108 -22.78 -9.58 -33.76
CA ILE I 108 -23.88 -8.80 -34.30
C ILE I 108 -23.31 -7.85 -35.34
N THR I 109 -23.97 -7.79 -36.51
CA THR I 109 -23.56 -6.89 -37.58
C THR I 109 -24.31 -5.57 -37.45
N ASP I 110 -23.57 -4.46 -37.55
CA ASP I 110 -24.10 -3.10 -37.45
C ASP I 110 -25.13 -2.93 -36.33
N GLY I 114 -23.00 -1.68 -30.48
CA GLY I 114 -22.90 -2.33 -29.18
C GLY I 114 -22.46 -1.40 -28.06
N GLU I 115 -23.10 -1.54 -26.90
CA GLU I 115 -22.83 -0.67 -25.76
C GLU I 115 -21.84 -1.27 -24.76
N LEU I 116 -21.40 -2.52 -24.96
CA LEU I 116 -20.51 -3.18 -24.03
C LEU I 116 -19.48 -4.01 -24.80
N LYS I 117 -18.30 -4.15 -24.22
CA LYS I 117 -17.16 -4.78 -24.89
C LYS I 117 -16.50 -5.82 -24.01
N ASN I 118 -16.03 -6.91 -24.63
CA ASN I 118 -15.34 -7.99 -23.92
C ASN I 118 -13.84 -7.70 -23.91
N CYS I 119 -13.27 -7.55 -22.73
CA CYS I 119 -11.89 -7.15 -22.56
C CYS I 119 -11.09 -8.23 -21.85
N SER I 120 -9.88 -8.48 -22.34
CA SER I 120 -8.91 -9.34 -21.67
C SER I 120 -7.74 -8.50 -21.20
N PHE I 121 -7.13 -8.91 -20.09
CA PHE I 121 -6.02 -8.16 -19.53
C PHE I 121 -5.28 -9.04 -18.51
N ASN I 122 -4.04 -8.63 -18.23
CA ASN I 122 -3.25 -9.24 -17.17
C ASN I 122 -3.60 -8.61 -15.84
N MET I 123 -3.89 -9.44 -14.84
CA MET I 123 -4.23 -8.95 -13.52
C MET I 123 -3.35 -9.62 -12.47
N THR I 124 -3.13 -8.91 -11.37
CA THR I 124 -2.40 -9.47 -10.25
C THR I 124 -3.21 -10.56 -9.56
N THR I 125 -2.54 -11.37 -8.76
CA THR I 125 -3.15 -12.51 -8.11
C THR I 125 -2.98 -12.42 -6.59
N GLU I 126 -3.34 -13.51 -5.91
CA GLU I 126 -3.10 -13.61 -4.48
C GLU I 126 -1.62 -13.54 -4.17
N LEU I 127 -0.79 -14.12 -5.03
CA LEU I 127 0.65 -14.09 -4.87
C LEU I 127 1.25 -12.99 -5.74
N ARG I 128 2.41 -12.49 -5.31
CA ARG I 128 3.04 -11.37 -6.01
C ARG I 128 3.61 -11.80 -7.35
N ASP I 129 4.40 -12.87 -7.36
CA ASP I 129 5.12 -13.26 -8.58
C ASP I 129 4.20 -13.86 -9.63
N LYS I 130 3.04 -14.38 -9.25
CA LYS I 130 2.14 -15.00 -10.20
C LYS I 130 1.14 -13.98 -10.75
N ARG I 131 0.91 -14.04 -12.05
CA ARG I 131 -0.03 -13.17 -12.74
C ARG I 131 -1.09 -14.00 -13.43
N GLN I 132 -2.26 -13.40 -13.63
CA GLN I 132 -3.38 -14.06 -14.28
C GLN I 132 -3.90 -13.21 -15.42
N LYS I 133 -4.46 -13.86 -16.44
CA LYS I 133 -5.12 -13.19 -17.54
C LYS I 133 -6.60 -13.55 -17.50
N VAL I 134 -7.45 -12.54 -17.30
CA VAL I 134 -8.89 -12.75 -17.16
C VAL I 134 -9.63 -11.95 -18.21
N HIS I 135 -10.83 -12.42 -18.53
CA HIS I 135 -11.73 -11.77 -19.47
C HIS I 135 -12.95 -11.25 -18.72
N ALA I 136 -13.39 -10.04 -19.05
CA ALA I 136 -14.52 -9.44 -18.35
C ALA I 136 -15.22 -8.47 -19.28
N LEU I 137 -16.53 -8.33 -19.07
CA LEU I 137 -17.35 -7.42 -19.87
C LEU I 137 -17.40 -6.06 -19.19
N PHE I 138 -17.25 -5.01 -20.00
CA PHE I 138 -17.31 -3.64 -19.52
C PHE I 138 -18.27 -2.84 -20.38
N TYR I 139 -18.86 -1.80 -19.78
CA TYR I 139 -19.69 -0.86 -20.52
C TYR I 139 -18.81 0.18 -21.20
N LYS I 140 -19.26 0.62 -22.38
CA LYS I 140 -18.48 1.57 -23.17
C LYS I 140 -18.31 2.89 -22.44
N LEU I 141 -19.24 3.24 -21.55
CA LEU I 141 -19.16 4.52 -20.84
C LEU I 141 -18.09 4.53 -19.77
N ASP I 142 -17.63 3.36 -19.32
CA ASP I 142 -16.61 3.28 -18.28
C ASP I 142 -15.22 3.02 -18.84
N ILE I 143 -15.04 3.19 -20.15
CA ILE I 143 -13.80 2.84 -20.83
C ILE I 143 -13.51 3.89 -21.89
N VAL I 144 -12.25 4.30 -21.98
CA VAL I 144 -11.82 5.25 -23.00
C VAL I 144 -10.63 4.67 -23.76
N PRO I 145 -10.48 4.96 -25.04
CA PRO I 145 -9.33 4.44 -25.79
C PRO I 145 -8.03 5.10 -25.35
N ILE I 146 -6.94 4.36 -25.51
CA ILE I 146 -5.63 4.83 -25.08
C ILE I 146 -4.78 5.34 -26.25
N ASN I 147 -5.11 4.97 -27.48
CA ASN I 147 -4.28 5.31 -28.64
C ASN I 147 -4.90 6.33 -29.57
N GLU I 148 -6.23 6.48 -29.58
CA GLU I 148 -6.96 7.43 -30.42
C GLU I 148 -6.44 7.49 -31.85
N ASN I 149 -5.79 6.42 -32.32
CA ASN I 149 -5.25 6.38 -33.67
C ASN I 149 -5.42 5.09 -34.48
N GLN I 150 -6.11 4.04 -34.01
CA GLN I 150 -6.80 3.88 -32.73
C GLN I 150 -6.42 2.57 -32.06
N ASN I 151 -6.04 1.60 -32.88
CA ASN I 151 -5.71 0.23 -32.42
C ASN I 151 -6.93 -0.32 -31.69
N THR I 152 -6.70 -1.18 -30.69
CA THR I 152 -7.81 -1.75 -29.92
C THR I 152 -7.39 -1.94 -28.47
N SER I 153 -6.72 -0.94 -27.91
CA SER I 153 -6.32 -0.94 -26.50
C SER I 153 -7.07 0.17 -25.76
N TYR I 154 -7.58 -0.15 -24.58
CA TYR I 154 -8.43 0.75 -23.82
C TYR I 154 -7.94 0.84 -22.38
N ARG I 155 -8.65 1.64 -21.59
CA ARG I 155 -8.34 1.82 -20.17
C ARG I 155 -9.59 2.31 -19.47
N LEU I 156 -9.54 2.34 -18.13
CA LEU I 156 -10.68 2.79 -17.35
C LEU I 156 -10.83 4.30 -17.44
N ILE I 157 -12.06 4.77 -17.17
CA ILE I 157 -12.37 6.18 -17.32
C ILE I 157 -11.72 7.01 -16.22
N ASN I 158 -11.59 6.45 -15.02
CA ASN I 158 -11.06 7.20 -13.89
C ASN I 158 -9.55 7.09 -13.73
N CYS I 159 -8.93 6.01 -14.23
CA CYS I 159 -7.52 5.74 -13.98
C CYS I 159 -6.60 6.89 -14.39
N ASN I 160 -7.09 7.82 -15.21
CA ASN I 160 -6.28 8.97 -15.61
C ASN I 160 -6.44 10.16 -14.67
N THR I 161 -7.52 10.19 -13.89
CA THR I 161 -7.89 11.39 -13.13
C THR I 161 -7.99 11.14 -11.63
N ALA I 162 -8.67 10.07 -11.22
CA ALA I 162 -8.99 9.85 -9.82
C ALA I 162 -8.83 8.38 -9.47
N ALA I 163 -8.74 8.09 -8.18
CA ALA I 163 -8.68 6.71 -7.73
C ALA I 163 -10.09 6.12 -7.72
N ILE I 164 -10.14 4.78 -7.68
CA ILE I 164 -11.40 4.05 -7.75
C ILE I 164 -11.46 3.04 -6.61
N THR I 165 -12.63 2.93 -5.99
CA THR I 165 -12.87 2.03 -4.88
C THR I 165 -14.12 1.21 -5.15
N GLN I 166 -14.00 -0.12 -5.06
CA GLN I 166 -15.13 -1.00 -5.28
C GLN I 166 -16.03 -1.03 -4.05
N ALA I 167 -17.30 -0.73 -4.25
CA ALA I 167 -18.25 -0.79 -3.15
C ALA I 167 -18.40 -2.23 -2.66
N CYS I 168 -18.44 -2.39 -1.33
CA CYS I 168 -18.59 -3.71 -0.76
C CYS I 168 -19.91 -4.33 -1.22
N PRO I 169 -19.93 -5.63 -1.52
CA PRO I 169 -21.19 -6.27 -1.94
C PRO I 169 -22.17 -6.50 -0.80
N LYS I 170 -21.82 -6.14 0.43
CA LYS I 170 -22.73 -6.31 1.56
C LYS I 170 -23.60 -5.09 1.80
N VAL I 171 -23.04 -3.88 1.65
CA VAL I 171 -23.82 -2.67 1.86
C VAL I 171 -24.86 -2.52 0.76
N SER I 172 -25.97 -1.90 1.09
CA SER I 172 -27.06 -1.66 0.15
C SER I 172 -27.21 -0.16 -0.09
N PHE I 173 -27.68 0.18 -1.29
CA PHE I 173 -27.88 1.56 -1.68
C PHE I 173 -29.34 1.98 -1.59
N GLU I 174 -30.19 1.16 -1.01
CA GLU I 174 -31.61 1.48 -0.96
C GLU I 174 -31.87 2.59 0.05
N PRO I 175 -32.51 3.68 -0.35
CA PRO I 175 -32.78 4.77 0.61
C PRO I 175 -33.91 4.40 1.55
N ILE I 176 -33.66 4.56 2.85
CA ILE I 176 -34.66 4.31 3.88
C ILE I 176 -34.98 5.64 4.55
N PRO I 177 -36.16 5.81 5.14
CA PRO I 177 -36.50 7.09 5.75
C PRO I 177 -35.52 7.50 6.84
N ILE I 178 -35.12 8.76 6.81
CA ILE I 178 -34.21 9.34 7.80
C ILE I 178 -34.91 10.54 8.43
N HIS I 179 -34.97 10.56 9.75
CA HIS I 179 -35.57 11.66 10.49
C HIS I 179 -34.46 12.51 11.10
N TYR I 180 -34.48 13.80 10.82
CA TYR I 180 -33.53 14.74 11.40
C TYR I 180 -34.14 15.35 12.66
N CYS I 181 -33.48 15.19 13.79
CA CYS I 181 -33.98 15.66 15.07
C CYS I 181 -33.13 16.82 15.57
N ALA I 182 -33.70 17.57 16.51
CA ALA I 182 -33.04 18.70 17.13
C ALA I 182 -32.56 18.35 18.53
N PRO I 183 -31.39 18.82 18.93
CA PRO I 183 -30.91 18.56 20.29
C PRO I 183 -31.71 19.36 21.31
N ALA I 184 -31.40 19.08 22.58
CA ALA I 184 -32.10 19.75 23.67
C ALA I 184 -31.81 21.24 23.67
N GLY I 185 -32.84 22.05 23.91
CA GLY I 185 -32.74 23.48 23.81
C GLY I 185 -33.06 24.05 22.44
N PHE I 186 -33.22 23.20 21.44
CA PHE I 186 -33.55 23.61 20.08
C PHE I 186 -34.84 22.92 19.64
N ALA I 187 -35.50 23.50 18.65
CA ALA I 187 -36.74 22.94 18.16
C ALA I 187 -36.85 23.17 16.66
N ILE I 188 -37.60 22.29 16.00
CA ILE I 188 -37.84 22.38 14.57
C ILE I 188 -39.30 22.79 14.37
N LEU I 189 -39.50 23.86 13.58
CA LEU I 189 -40.83 24.37 13.30
C LEU I 189 -41.25 23.94 11.90
N LYS I 190 -42.35 23.21 11.80
CA LYS I 190 -42.88 22.76 10.52
C LYS I 190 -43.99 23.70 10.06
N CYS I 191 -43.94 24.10 8.79
CA CYS I 191 -44.98 24.91 8.18
C CYS I 191 -45.99 24.00 7.50
N LYS I 192 -47.23 24.01 7.99
CA LYS I 192 -48.28 23.14 7.49
C LYS I 192 -49.20 23.84 6.50
N ASP I 193 -48.74 24.90 5.84
CA ASP I 193 -49.58 25.62 4.89
C ASP I 193 -49.64 24.87 3.57
N LYS I 194 -50.87 24.58 3.12
CA LYS I 194 -51.04 23.85 1.87
C LYS I 194 -50.54 24.66 0.68
N LYS I 195 -50.79 25.97 0.69
CA LYS I 195 -50.41 26.85 -0.41
C LYS I 195 -49.13 27.62 -0.12
N PHE I 196 -48.21 27.02 0.62
CA PHE I 196 -46.97 27.70 1.02
C PHE I 196 -45.95 27.62 -0.10
N ASN I 197 -45.52 28.77 -0.61
CA ASN I 197 -44.52 28.78 -1.66
C ASN I 197 -43.13 28.69 -1.03
N GLY I 198 -42.10 29.14 -1.74
CA GLY I 198 -40.74 29.04 -1.23
C GLY I 198 -40.51 29.72 0.11
N THR I 199 -40.53 31.05 0.11
CA THR I 199 -40.28 31.86 1.29
C THR I 199 -41.55 32.60 1.70
N GLY I 200 -41.45 33.35 2.80
CA GLY I 200 -42.54 34.14 3.28
C GLY I 200 -43.08 33.65 4.61
N PRO I 201 -43.96 34.45 5.23
CA PRO I 201 -44.52 34.06 6.52
C PRO I 201 -45.53 32.91 6.38
N CYS I 202 -45.47 31.97 7.31
CA CYS I 202 -46.35 30.82 7.30
C CYS I 202 -47.43 30.96 8.35
N PRO I 203 -48.71 30.95 7.97
CA PRO I 203 -49.79 31.12 8.95
C PRO I 203 -49.89 29.96 9.93
N SER I 204 -50.10 28.76 9.42
CA SER I 204 -50.25 27.56 10.24
C SER I 204 -48.86 26.99 10.53
N VAL I 205 -48.41 27.14 11.78
CA VAL I 205 -47.09 26.70 12.20
C VAL I 205 -47.24 25.75 13.38
N SER I 206 -46.64 24.57 13.27
CA SER I 206 -46.54 23.61 14.36
C SER I 206 -45.05 23.37 14.67
N THR I 207 -44.79 22.58 15.69
CA THR I 207 -43.43 22.25 16.09
C THR I 207 -43.29 20.75 16.29
N VAL I 208 -42.14 20.21 15.87
CA VAL I 208 -41.82 18.80 16.04
C VAL I 208 -40.37 18.69 16.52
N GLN I 209 -40.04 17.52 17.06
CA GLN I 209 -38.67 17.26 17.47
C GLN I 209 -37.86 16.60 16.37
N CYS I 210 -38.50 15.81 15.50
CA CYS I 210 -37.83 15.18 14.37
C CYS I 210 -38.65 15.40 13.11
N THR I 211 -37.97 15.42 11.98
CA THR I 211 -38.63 15.56 10.69
C THR I 211 -39.30 14.25 10.29
N HIS I 212 -40.05 14.29 9.19
CA HIS I 212 -40.72 13.10 8.70
C HIS I 212 -39.72 12.18 8.03
N GLY I 213 -40.22 11.05 7.52
CA GLY I 213 -39.38 10.07 6.87
C GLY I 213 -38.87 10.52 5.51
N ILE I 214 -37.68 11.11 5.47
CA ILE I 214 -37.10 11.63 4.24
C ILE I 214 -36.17 10.57 3.66
N LYS I 215 -36.51 10.08 2.47
CA LYS I 215 -35.70 9.06 1.81
C LYS I 215 -34.63 9.74 0.97
N PRO I 216 -33.35 9.60 1.29
CA PRO I 216 -32.30 10.24 0.49
C PRO I 216 -32.13 9.59 -0.87
N VAL I 217 -32.93 10.00 -1.85
CA VAL I 217 -32.89 9.43 -3.19
C VAL I 217 -32.03 10.34 -4.06
N VAL I 218 -30.86 9.84 -4.47
CA VAL I 218 -29.96 10.59 -5.33
C VAL I 218 -30.49 10.49 -6.77
N SER I 219 -30.97 11.60 -7.31
CA SER I 219 -31.60 11.63 -8.61
C SER I 219 -31.13 12.85 -9.39
N THR I 220 -31.53 12.91 -10.66
CA THR I 220 -31.29 14.04 -11.54
C THR I 220 -32.55 14.33 -12.34
N GLN I 221 -32.84 15.62 -12.55
CA GLN I 221 -34.02 16.05 -13.28
C GLN I 221 -35.30 15.62 -12.58
N LEU I 222 -35.58 14.32 -12.58
CA LEU I 222 -36.79 13.78 -11.99
C LEU I 222 -36.57 13.46 -10.51
N LEU I 223 -37.51 13.88 -9.68
CA LEU I 223 -37.47 13.57 -8.25
C LEU I 223 -38.29 12.30 -8.01
N LEU I 224 -37.63 11.24 -7.57
CA LEU I 224 -38.26 9.94 -7.39
C LEU I 224 -38.52 9.67 -5.91
N ASN I 225 -39.65 9.04 -5.62
CA ASN I 225 -40.01 8.62 -4.27
C ASN I 225 -40.00 9.79 -3.28
N GLY I 226 -40.43 10.96 -3.74
CA GLY I 226 -40.48 12.14 -2.91
C GLY I 226 -41.87 12.40 -2.35
N SER I 227 -41.95 13.36 -1.44
CA SER I 227 -43.22 13.69 -0.81
C SER I 227 -44.07 14.54 -1.76
N LEU I 228 -45.32 14.13 -1.94
CA LEU I 228 -46.24 14.84 -2.82
C LEU I 228 -46.79 16.09 -2.15
N ALA I 229 -47.25 17.02 -2.98
CA ALA I 229 -47.86 18.25 -2.48
C ALA I 229 -49.37 18.07 -2.38
N GLU I 230 -49.96 18.61 -1.32
CA GLU I 230 -51.39 18.55 -1.13
C GLU I 230 -52.07 19.64 -1.96
N GLU I 231 -53.33 19.41 -2.29
CA GLU I 231 -54.14 20.32 -3.11
C GLU I 231 -53.54 20.48 -4.50
N GLU I 232 -53.04 21.67 -4.85
CA GLU I 232 -52.51 21.88 -6.19
C GLU I 232 -50.99 21.68 -6.21
N VAL I 233 -50.45 21.47 -7.41
CA VAL I 233 -49.01 21.36 -7.57
C VAL I 233 -48.36 22.71 -7.26
N MET I 234 -47.11 22.65 -6.80
CA MET I 234 -46.42 23.83 -6.32
C MET I 234 -45.18 24.11 -7.15
N ILE I 235 -44.93 25.39 -7.43
CA ILE I 235 -43.76 25.85 -8.16
C ILE I 235 -42.98 26.76 -7.23
N ARG I 236 -41.90 26.23 -6.65
CA ARG I 236 -41.06 26.98 -5.72
C ARG I 236 -39.75 27.34 -6.39
N SER I 237 -39.32 28.58 -6.19
CA SER I 237 -38.08 29.07 -6.78
C SER I 237 -37.59 30.25 -5.95
N GLU I 238 -36.27 30.39 -5.88
CA GLU I 238 -35.69 31.52 -5.16
C GLU I 238 -35.92 32.82 -5.91
N ASP I 239 -35.91 32.77 -7.25
CA ASP I 239 -36.19 33.93 -8.07
C ASP I 239 -36.75 33.41 -9.39
N ILE I 240 -38.07 33.51 -9.55
CA ILE I 240 -38.71 33.00 -10.77
C ILE I 240 -38.26 33.80 -11.98
N ARG I 241 -38.00 35.09 -11.81
CA ARG I 241 -37.51 35.94 -12.90
C ARG I 241 -36.03 35.71 -13.20
N ASP I 242 -35.36 34.80 -12.48
CA ASP I 242 -33.96 34.50 -12.69
C ASP I 242 -33.83 33.15 -13.37
N ASN I 243 -33.04 33.08 -14.45
CA ASN I 243 -32.82 31.83 -15.14
C ASN I 243 -31.74 30.99 -14.48
N ALA I 244 -30.81 31.64 -13.77
CA ALA I 244 -29.69 30.92 -13.18
C ALA I 244 -30.10 30.07 -11.97
N LYS I 245 -31.27 30.33 -11.40
CA LYS I 245 -31.74 29.58 -10.25
C LYS I 245 -32.70 28.50 -10.70
N ASN I 246 -32.51 27.29 -10.19
CA ASN I 246 -33.31 26.15 -10.58
C ASN I 246 -34.76 26.32 -10.12
N ILE I 247 -35.66 25.60 -10.79
CA ILE I 247 -37.08 25.67 -10.51
C ILE I 247 -37.50 24.31 -9.95
N LEU I 248 -37.89 24.30 -8.68
CA LEU I 248 -38.32 23.08 -8.01
C LEU I 248 -39.81 22.89 -8.19
N VAL I 249 -40.20 21.79 -8.83
CA VAL I 249 -41.60 21.45 -9.08
C VAL I 249 -41.98 20.30 -8.17
N GLN I 250 -43.19 20.37 -7.61
CA GLN I 250 -43.72 19.32 -6.74
C GLN I 250 -45.09 18.93 -7.26
N PHE I 251 -45.28 17.65 -7.55
CA PHE I 251 -46.56 17.17 -8.05
C PHE I 251 -47.54 16.95 -6.91
N ASN I 252 -48.82 16.79 -7.27
CA ASN I 252 -49.85 16.32 -6.36
C ASN I 252 -50.32 14.92 -6.67
N THR I 253 -50.36 14.55 -7.95
CA THR I 253 -50.68 13.19 -8.37
C THR I 253 -49.40 12.50 -8.82
N PRO I 254 -49.00 11.40 -8.19
CA PRO I 254 -47.73 10.77 -8.55
C PRO I 254 -47.82 10.05 -9.90
N VAL I 255 -46.75 10.17 -10.68
CA VAL I 255 -46.62 9.48 -11.97
C VAL I 255 -45.78 8.23 -11.77
N GLN I 256 -46.14 7.16 -12.49
CA GLN I 256 -45.49 5.87 -12.32
C GLN I 256 -44.48 5.65 -13.45
N ILE I 257 -43.34 5.05 -13.10
CA ILE I 257 -42.28 4.76 -14.07
C ILE I 257 -41.67 3.41 -13.70
N ASN I 258 -41.68 2.47 -14.64
CA ASN I 258 -41.12 1.14 -14.45
C ASN I 258 -39.82 1.06 -15.22
N CYS I 259 -38.72 0.77 -14.52
CA CYS I 259 -37.41 0.64 -15.14
C CYS I 259 -36.91 -0.79 -14.93
N THR I 260 -36.37 -1.39 -15.98
CA THR I 260 -35.85 -2.75 -15.93
C THR I 260 -34.51 -2.81 -16.64
N ARG I 261 -33.70 -3.79 -16.22
CA ARG I 261 -32.45 -4.14 -16.90
C ARG I 261 -32.62 -5.57 -17.41
N PRO I 262 -33.07 -5.75 -18.64
CA PRO I 262 -33.37 -7.11 -19.12
C PRO I 262 -32.15 -8.01 -19.19
N ASN I 263 -30.94 -7.46 -19.23
CA ASN I 263 -29.74 -8.28 -19.31
C ASN I 263 -29.60 -9.13 -18.05
N ASN I 264 -29.44 -10.43 -18.26
CA ASN I 264 -29.23 -11.39 -17.16
C ASN I 264 -27.72 -11.51 -16.93
N ASN I 265 -27.17 -10.50 -16.25
CA ASN I 265 -25.75 -10.45 -15.99
C ASN I 265 -25.34 -11.53 -14.98
N THR I 266 -24.05 -11.87 -15.00
CA THR I 266 -23.47 -12.85 -14.09
C THR I 266 -22.27 -12.25 -13.39
N ARG I 267 -22.12 -12.57 -12.10
CA ARG I 267 -21.02 -12.05 -11.30
C ARG I 267 -19.81 -12.98 -11.42
N LYS I 268 -18.68 -12.42 -11.83
CA LYS I 268 -17.44 -13.18 -12.01
C LYS I 268 -16.44 -12.69 -10.97
N SER I 269 -16.36 -13.41 -9.85
CA SER I 269 -15.45 -13.05 -8.76
C SER I 269 -14.05 -13.57 -9.07
N ILE I 270 -13.09 -12.65 -9.14
CA ILE I 270 -11.70 -12.99 -9.40
C ILE I 270 -10.83 -12.34 -8.31
N ARG I 271 -9.99 -13.17 -7.68
CA ARG I 271 -9.16 -12.69 -6.58
C ARG I 271 -7.93 -11.97 -7.11
N ILE I 272 -7.69 -10.76 -6.61
CA ILE I 272 -6.59 -9.92 -7.07
C ILE I 272 -5.59 -9.63 -5.96
N GLY I 273 -5.66 -10.36 -4.85
CA GLY I 273 -4.74 -10.14 -3.75
C GLY I 273 -5.19 -10.79 -2.46
N PRO I 274 -4.32 -10.78 -1.44
CA PRO I 274 -4.67 -11.41 -0.16
C PRO I 274 -5.82 -10.72 0.53
N GLY I 275 -7.02 -11.30 0.44
CA GLY I 275 -8.22 -10.69 0.95
C GLY I 275 -8.91 -9.76 -0.02
N GLN I 276 -8.26 -9.38 -1.12
CA GLN I 276 -8.85 -8.50 -2.12
C GLN I 276 -9.63 -9.33 -3.12
N TRP I 277 -10.93 -9.04 -3.25
CA TRP I 277 -11.81 -9.73 -4.19
C TRP I 277 -12.47 -8.69 -5.08
N PHE I 278 -12.17 -8.75 -6.39
CA PHE I 278 -12.76 -7.86 -7.37
C PHE I 278 -13.82 -8.61 -8.15
N TYR I 279 -15.04 -8.07 -8.17
CA TYR I 279 -16.18 -8.69 -8.83
C TYR I 279 -16.40 -8.01 -10.17
N ALA I 280 -16.15 -8.73 -11.27
CA ALA I 280 -16.35 -8.22 -12.61
C ALA I 280 -17.64 -8.79 -13.20
N THR I 281 -17.94 -8.38 -14.43
CA THR I 281 -19.16 -8.84 -15.11
C THR I 281 -18.83 -10.04 -15.98
N GLY I 282 -19.52 -11.15 -15.75
CA GLY I 282 -19.40 -12.31 -16.59
C GLY I 282 -20.27 -12.19 -17.84
N ASP I 283 -20.17 -13.19 -18.70
CA ASP I 283 -20.93 -13.18 -19.94
C ASP I 283 -22.43 -13.22 -19.66
N ILE I 284 -23.18 -12.39 -20.39
CA ILE I 284 -24.61 -12.31 -20.17
C ILE I 284 -25.27 -13.56 -20.72
N ILE I 285 -26.04 -14.23 -19.87
CA ILE I 285 -26.76 -15.45 -20.25
C ILE I 285 -28.09 -15.04 -20.84
N GLY I 286 -28.26 -15.28 -22.14
CA GLY I 286 -29.49 -14.91 -22.81
C GLY I 286 -29.29 -13.84 -23.86
N ASP I 287 -30.30 -13.00 -24.03
CA ASP I 287 -30.27 -11.96 -25.06
C ASP I 287 -29.70 -10.66 -24.52
N ILE I 288 -29.19 -9.84 -25.43
CA ILE I 288 -28.71 -8.50 -25.11
C ILE I 288 -29.86 -7.52 -25.31
N ARG I 289 -30.30 -6.89 -24.22
CA ARG I 289 -31.35 -5.89 -24.30
C ARG I 289 -30.95 -4.73 -23.42
N GLN I 290 -30.90 -3.53 -24.00
CA GLN I 290 -30.52 -2.35 -23.23
C GLN I 290 -31.67 -1.89 -22.36
N ALA I 291 -31.33 -1.30 -21.22
CA ALA I 291 -32.32 -0.93 -20.23
C ALA I 291 -33.21 0.20 -20.76
N HIS I 292 -34.36 0.35 -20.10
CA HIS I 292 -35.35 1.34 -20.50
C HIS I 292 -36.28 1.58 -19.33
N CYS I 293 -37.11 2.62 -19.47
CA CYS I 293 -38.14 2.94 -18.49
C CYS I 293 -39.41 3.30 -19.24
N ASN I 294 -40.54 2.77 -18.76
CA ASN I 294 -41.84 3.04 -19.37
C ASN I 294 -42.61 4.03 -18.50
N VAL I 295 -43.18 5.04 -19.14
CA VAL I 295 -43.98 6.07 -18.48
C VAL I 295 -45.30 6.19 -19.21
N SER I 296 -46.40 6.13 -18.46
CA SER I 296 -47.73 6.22 -19.06
C SER I 296 -47.91 7.58 -19.72
N LYS I 297 -48.13 7.57 -21.04
CA LYS I 297 -48.28 8.82 -21.77
C LYS I 297 -49.52 9.59 -21.32
N ALA I 298 -50.61 8.87 -21.04
CA ALA I 298 -51.83 9.53 -20.61
C ALA I 298 -51.65 10.23 -19.26
N THR I 299 -50.91 9.60 -18.34
CA THR I 299 -50.68 10.22 -17.05
C THR I 299 -49.62 11.32 -17.11
N TRP I 300 -48.56 11.08 -17.89
CA TRP I 300 -47.48 12.08 -17.98
C TRP I 300 -47.97 13.35 -18.63
N ASN I 301 -48.68 13.24 -19.74
CA ASN I 301 -49.22 14.43 -20.41
C ASN I 301 -50.22 15.16 -19.52
N GLU I 302 -51.05 14.40 -18.79
CA GLU I 302 -52.01 15.01 -17.89
C GLU I 302 -51.29 15.76 -16.77
N THR I 303 -50.30 15.12 -16.14
CA THR I 303 -49.55 15.77 -15.08
C THR I 303 -48.76 16.96 -15.59
N LEU I 304 -48.15 16.83 -16.77
CA LEU I 304 -47.41 17.94 -17.36
C LEU I 304 -48.35 19.09 -17.71
N GLY I 305 -49.58 18.77 -18.13
CA GLY I 305 -50.55 19.83 -18.37
C GLY I 305 -50.95 20.54 -17.09
N LYS I 306 -51.05 19.79 -15.99
CA LYS I 306 -51.31 20.41 -14.70
C LYS I 306 -50.17 21.33 -14.26
N VAL I 307 -48.97 21.12 -14.79
CA VAL I 307 -47.83 21.96 -14.43
C VAL I 307 -47.91 23.31 -15.13
N VAL I 308 -48.20 23.29 -16.44
CA VAL I 308 -48.24 24.53 -17.20
C VAL I 308 -49.36 25.45 -16.73
N LYS I 309 -50.41 24.91 -16.09
CA LYS I 309 -51.48 25.75 -15.57
C LYS I 309 -50.98 26.59 -14.40
N GLN I 310 -50.09 26.04 -13.59
CA GLN I 310 -49.50 26.78 -12.47
C GLN I 310 -48.29 27.61 -12.89
N LEU I 311 -47.64 27.26 -14.00
CA LEU I 311 -46.56 28.10 -14.50
C LEU I 311 -47.10 29.40 -15.07
N ARG I 312 -48.31 29.39 -15.63
CA ARG I 312 -48.92 30.61 -16.16
C ARG I 312 -49.25 31.61 -15.07
N LYS I 313 -49.26 31.21 -13.79
CA LYS I 313 -49.50 32.14 -12.70
C LYS I 313 -48.32 33.07 -12.47
N HIS I 314 -47.18 32.84 -13.14
CA HIS I 314 -46.01 33.70 -12.98
C HIS I 314 -45.48 34.23 -14.31
N PHE I 315 -46.09 33.87 -15.44
CA PHE I 315 -45.60 34.30 -16.75
C PHE I 315 -46.74 34.74 -17.66
N GLY I 316 -47.84 35.20 -17.08
CA GLY I 316 -48.95 35.68 -17.89
C GLY I 316 -50.04 34.64 -18.08
N ASN I 317 -51.29 35.11 -18.13
CA ASN I 317 -52.42 34.21 -18.26
C ASN I 317 -52.37 33.42 -19.57
N ASN I 318 -51.90 34.05 -20.64
CA ASN I 318 -51.79 33.41 -21.95
C ASN I 318 -50.36 33.61 -22.46
N THR I 319 -49.62 32.52 -22.58
CA THR I 319 -48.25 32.60 -23.06
C THR I 319 -47.86 31.23 -23.59
N ILE I 320 -46.78 31.20 -24.36
CA ILE I 320 -46.30 29.98 -25.01
C ILE I 320 -45.29 29.31 -24.08
N ILE I 321 -45.54 28.04 -23.73
CA ILE I 321 -44.68 27.28 -22.85
C ILE I 321 -44.30 25.99 -23.56
N ARG I 322 -43.00 25.78 -23.77
CA ARG I 322 -42.49 24.59 -24.43
C ARG I 322 -41.51 23.85 -23.53
N PHE I 323 -41.30 22.58 -23.84
CA PHE I 323 -40.37 21.71 -23.12
C PHE I 323 -39.45 21.01 -24.11
N ALA I 324 -38.14 21.09 -23.87
CA ALA I 324 -37.14 20.48 -24.73
C ALA I 324 -36.14 19.71 -23.88
N ASN I 325 -35.31 18.90 -24.53
CA ASN I 325 -34.35 18.10 -23.80
C ASN I 325 -33.16 18.95 -23.37
N SER I 326 -32.40 18.43 -22.41
CA SER I 326 -31.28 19.19 -21.84
C SER I 326 -30.22 19.45 -22.90
N SER I 327 -29.96 20.73 -23.17
CA SER I 327 -28.98 21.14 -24.17
C SER I 327 -27.63 21.52 -23.57
N GLY I 328 -27.51 21.47 -22.25
CA GLY I 328 -26.25 21.83 -21.60
C GLY I 328 -25.78 20.73 -20.68
N GLY I 329 -24.47 20.45 -20.72
CA GLY I 329 -23.86 19.45 -19.87
C GLY I 329 -23.66 18.13 -20.58
N ASP I 330 -23.08 17.19 -19.83
CA ASP I 330 -22.85 15.85 -20.33
C ASP I 330 -23.03 14.85 -19.20
N LEU I 331 -22.96 13.56 -19.55
CA LEU I 331 -22.95 12.45 -18.61
C LEU I 331 -24.23 12.37 -17.79
N GLU I 332 -24.21 12.95 -16.60
CA GLU I 332 -25.26 12.74 -15.61
C GLU I 332 -26.31 13.84 -15.58
N VAL I 333 -25.99 15.04 -16.08
CA VAL I 333 -26.93 16.15 -16.02
C VAL I 333 -27.81 16.21 -17.26
N THR I 334 -27.49 15.46 -18.32
CA THR I 334 -28.32 15.37 -19.50
C THR I 334 -29.24 14.15 -19.49
N THR I 335 -29.06 13.25 -18.54
CA THR I 335 -29.86 12.03 -18.45
C THR I 335 -30.44 11.91 -17.05
N HIS I 336 -31.58 11.23 -16.97
CA HIS I 336 -32.19 10.94 -15.67
C HIS I 336 -31.38 9.86 -14.94
N SER I 337 -30.45 10.28 -14.09
CA SER I 337 -29.59 9.35 -13.40
C SER I 337 -30.16 9.00 -12.03
N PHE I 338 -30.09 7.73 -11.68
CA PHE I 338 -30.60 7.23 -10.42
C PHE I 338 -30.01 5.85 -10.17
N ASN I 339 -30.20 5.36 -8.95
CA ASN I 339 -29.80 4.01 -8.58
C ASN I 339 -31.03 3.12 -8.49
N CYS I 340 -30.87 1.86 -8.88
CA CYS I 340 -31.99 0.93 -8.92
C CYS I 340 -31.42 -0.48 -8.77
N GLY I 341 -31.57 -1.05 -7.57
CA GLY I 341 -31.09 -2.39 -7.31
C GLY I 341 -29.59 -2.54 -7.25
N GLY I 342 -28.83 -1.45 -7.34
CA GLY I 342 -27.39 -1.52 -7.30
C GLY I 342 -26.72 -0.96 -8.53
N GLU I 343 -27.32 -1.15 -9.70
CA GLU I 343 -26.80 -0.59 -10.93
C GLU I 343 -27.28 0.85 -11.10
N PHE I 344 -26.47 1.63 -11.81
CA PHE I 344 -26.74 3.06 -12.00
C PHE I 344 -27.20 3.30 -13.43
N PHE I 345 -28.43 3.76 -13.58
CA PHE I 345 -29.03 4.03 -14.87
C PHE I 345 -28.79 5.48 -15.28
N TYR I 346 -28.91 5.73 -16.59
CA TYR I 346 -28.78 7.07 -17.15
C TYR I 346 -29.76 7.15 -18.32
N CYS I 347 -30.97 7.63 -18.05
CA CYS I 347 -32.07 7.57 -19.00
C CYS I 347 -32.21 8.89 -19.73
N ASP I 348 -32.36 8.82 -21.05
CA ASP I 348 -32.56 9.99 -21.88
C ASP I 348 -34.00 10.47 -21.77
N THR I 349 -34.18 11.67 -21.21
CA THR I 349 -35.52 12.24 -21.04
C THR I 349 -35.95 13.06 -22.24
N SER I 350 -35.58 12.65 -23.45
CA SER I 350 -36.01 13.39 -24.64
C SER I 350 -37.49 13.16 -24.95
N GLY I 351 -38.01 11.99 -24.65
CA GLY I 351 -39.42 11.70 -24.90
C GLY I 351 -40.39 12.33 -23.92
N LEU I 352 -39.90 12.80 -22.77
CA LEU I 352 -40.78 13.42 -21.80
C LEU I 352 -41.01 14.89 -22.10
N PHE I 353 -39.96 15.61 -22.47
CA PHE I 353 -40.01 17.04 -22.73
C PHE I 353 -39.93 17.27 -24.23
N ASN I 354 -41.06 17.04 -24.91
CA ASN I 354 -41.16 17.23 -26.34
C ASN I 354 -42.58 17.71 -26.67
N SER I 355 -43.00 18.80 -26.03
CA SER I 355 -44.34 19.34 -26.22
C SER I 355 -44.28 20.86 -26.23
N THR I 356 -45.35 21.45 -26.76
CA THR I 356 -45.51 22.90 -26.80
C THR I 356 -46.94 23.24 -26.42
N TRP I 357 -47.10 24.19 -25.50
CA TRP I 357 -48.41 24.50 -24.93
C TRP I 357 -48.80 25.93 -25.26
N ILE I 358 -50.06 26.11 -25.65
CA ILE I 358 -50.61 27.41 -26.00
C ILE I 358 -52.06 27.46 -25.58
N SER I 359 -52.58 28.68 -25.40
CA SER I 359 -53.96 28.93 -24.99
C SER I 359 -54.31 28.15 -23.72
N ASN I 372 -50.86 0.90 -21.96
CA ASN I 372 -51.72 1.78 -22.76
C ASN I 372 -50.91 2.91 -23.37
N ASP I 373 -50.12 2.58 -24.40
CA ASP I 373 -49.32 3.56 -25.13
C ASP I 373 -48.39 4.32 -24.19
N SER I 374 -47.53 3.56 -23.50
CA SER I 374 -46.59 4.15 -22.56
C SER I 374 -45.35 4.67 -23.29
N ILE I 375 -44.71 5.67 -22.68
CA ILE I 375 -43.51 6.28 -23.25
C ILE I 375 -42.30 5.50 -22.76
N THR I 376 -41.42 5.13 -23.69
CA THR I 376 -40.21 4.40 -23.37
C THR I 376 -39.02 5.35 -23.39
N LEU I 377 -38.16 5.24 -22.38
CA LEU I 377 -36.98 6.09 -22.25
C LEU I 377 -35.73 5.23 -22.30
N PRO I 378 -34.91 5.31 -23.34
CA PRO I 378 -33.67 4.53 -23.37
C PRO I 378 -32.73 4.93 -22.25
N CYS I 379 -32.12 3.93 -21.62
CA CYS I 379 -31.23 4.17 -20.50
C CYS I 379 -29.89 3.49 -20.74
N ARG I 380 -28.84 4.09 -20.22
CA ARG I 380 -27.50 3.54 -20.27
C ARG I 380 -27.01 3.31 -18.84
N ILE I 381 -26.13 2.32 -18.67
CA ILE I 381 -25.69 1.87 -17.36
C ILE I 381 -24.18 2.02 -17.27
N LYS I 382 -23.71 2.61 -16.17
CA LYS I 382 -22.29 2.72 -15.88
C LYS I 382 -21.94 1.85 -14.68
N GLN I 383 -20.65 1.80 -14.38
CA GLN I 383 -20.16 1.15 -13.17
C GLN I 383 -19.13 1.99 -12.42
N ILE I 384 -18.51 2.97 -13.05
CA ILE I 384 -17.57 3.89 -12.39
C ILE I 384 -18.24 5.25 -12.36
N ILE I 385 -18.63 5.71 -11.17
CA ILE I 385 -19.42 6.92 -11.03
C ILE I 385 -18.65 7.96 -10.24
N ASN I 386 -18.97 9.23 -10.51
CA ASN I 386 -18.34 10.40 -9.87
C ASN I 386 -19.45 11.34 -9.41
N MET I 387 -20.05 11.04 -8.28
CA MET I 387 -21.18 11.83 -7.77
C MET I 387 -20.73 12.83 -6.73
N TRP I 388 -21.47 13.95 -6.67
CA TRP I 388 -21.28 15.02 -5.69
C TRP I 388 -19.96 15.76 -5.90
N GLN I 389 -19.68 16.13 -7.14
CA GLN I 389 -18.53 16.96 -7.50
C GLN I 389 -17.19 16.33 -7.10
N ARG I 390 -17.21 15.07 -6.67
CA ARG I 390 -16.03 14.45 -6.06
C ARG I 390 -14.92 14.31 -7.10
N ILE I 391 -13.95 15.23 -7.03
CA ILE I 391 -12.75 15.16 -7.85
C ILE I 391 -11.70 14.43 -7.01
N GLY I 392 -11.48 13.15 -7.30
CA GLY I 392 -10.48 12.39 -6.58
C GLY I 392 -10.91 10.98 -6.25
N GLN I 393 -12.19 10.77 -6.00
CA GLN I 393 -12.72 9.48 -5.62
C GLN I 393 -13.78 9.03 -6.60
N ALA I 394 -13.62 7.80 -7.11
CA ALA I 394 -14.59 7.17 -8.00
C ALA I 394 -15.01 5.84 -7.38
N MET I 395 -16.27 5.49 -7.54
CA MET I 395 -16.81 4.25 -6.98
C MET I 395 -17.12 3.27 -8.09
N TYR I 396 -16.75 2.00 -7.89
CA TYR I 396 -17.05 0.93 -8.81
C TYR I 396 -18.24 0.15 -8.27
N ALA I 397 -19.37 0.24 -8.97
CA ALA I 397 -20.56 -0.52 -8.58
C ALA I 397 -20.40 -1.97 -9.02
N PRO I 398 -20.41 -2.93 -8.09
CA PRO I 398 -20.27 -4.32 -8.49
C PRO I 398 -21.47 -4.75 -9.31
N PRO I 399 -21.29 -5.73 -10.21
CA PRO I 399 -22.42 -6.19 -11.03
C PRO I 399 -23.45 -6.91 -10.18
N ILE I 400 -24.71 -6.50 -10.34
CA ILE I 400 -25.82 -7.15 -9.64
C ILE I 400 -26.20 -8.40 -10.42
N GLN I 401 -26.10 -9.56 -9.77
CA GLN I 401 -26.39 -10.82 -10.43
C GLN I 401 -27.90 -11.01 -10.54
N GLY I 402 -28.37 -11.23 -11.76
CA GLY I 402 -29.78 -11.41 -12.03
C GLY I 402 -30.36 -10.29 -12.87
N VAL I 403 -31.68 -10.21 -12.85
CA VAL I 403 -32.43 -9.19 -13.59
C VAL I 403 -32.96 -8.17 -12.59
N ILE I 404 -32.79 -6.89 -12.93
CA ILE I 404 -33.16 -5.78 -12.05
C ILE I 404 -34.47 -5.18 -12.52
N ARG I 405 -35.38 -4.92 -11.58
CA ARG I 405 -36.62 -4.21 -11.88
C ARG I 405 -37.01 -3.41 -10.64
N CYS I 406 -37.29 -2.12 -10.84
CA CYS I 406 -37.76 -1.26 -9.78
C CYS I 406 -38.87 -0.36 -10.32
N VAL I 407 -39.84 -0.06 -9.46
CA VAL I 407 -40.96 0.82 -9.80
C VAL I 407 -40.88 2.04 -8.90
N SER I 408 -40.76 3.21 -9.51
CA SER I 408 -40.57 4.45 -8.78
C SER I 408 -41.76 5.38 -8.97
N ASN I 409 -41.71 6.48 -8.23
CA ASN I 409 -42.86 7.35 -7.98
C ASN I 409 -42.45 8.80 -8.23
N ILE I 410 -42.27 9.18 -9.50
CA ILE I 410 -41.78 10.53 -9.78
C ILE I 410 -42.77 11.55 -9.27
N THR I 411 -42.34 12.36 -8.30
CA THR I 411 -43.19 13.37 -7.67
C THR I 411 -42.74 14.80 -7.94
N GLY I 412 -41.57 15.01 -8.55
CA GLY I 412 -41.08 16.35 -8.74
C GLY I 412 -40.17 16.48 -9.94
N LEU I 413 -39.89 17.72 -10.31
CA LEU I 413 -39.02 18.04 -11.43
C LEU I 413 -38.10 19.18 -11.04
N ILE I 414 -36.94 19.24 -11.70
CA ILE I 414 -35.97 20.31 -11.52
C ILE I 414 -35.71 20.90 -12.90
N LEU I 415 -36.40 22.00 -13.21
CA LEU I 415 -36.33 22.62 -14.52
C LEU I 415 -35.48 23.90 -14.46
N THR I 416 -35.21 24.45 -15.63
CA THR I 416 -34.40 25.67 -15.75
C THR I 416 -34.74 26.35 -17.06
N ARG I 417 -34.98 27.66 -17.01
CA ARG I 417 -35.30 28.43 -18.20
C ARG I 417 -34.07 28.58 -19.10
N ASP I 418 -34.31 29.04 -20.33
CA ASP I 418 -33.23 29.34 -21.25
C ASP I 418 -32.89 30.82 -21.32
N GLY I 419 -33.83 31.70 -20.96
CA GLY I 419 -33.56 33.12 -21.06
C GLY I 419 -33.41 33.56 -22.51
N GLY I 420 -32.73 34.68 -22.69
CA GLY I 420 -32.48 35.23 -24.00
C GLY I 420 -33.22 36.54 -24.21
N SER I 421 -33.15 37.03 -25.45
CA SER I 421 -33.73 38.31 -25.84
C SER I 421 -35.17 38.18 -26.31
N THR I 422 -35.90 37.17 -25.83
CA THR I 422 -37.30 37.01 -26.20
C THR I 422 -38.16 38.07 -25.52
N ASP I 423 -39.13 38.60 -26.26
CA ASP I 423 -40.03 39.63 -25.75
C ASP I 423 -41.23 39.04 -25.04
N SER I 424 -40.97 38.06 -24.16
CA SER I 424 -42.00 37.36 -23.39
C SER I 424 -43.07 36.77 -24.30
N THR I 425 -42.69 36.43 -25.53
CA THR I 425 -43.62 35.81 -26.46
C THR I 425 -43.70 34.30 -26.22
N THR I 426 -42.56 33.62 -26.25
CA THR I 426 -42.47 32.21 -25.97
C THR I 426 -41.55 31.99 -24.77
N GLU I 427 -41.73 30.86 -24.09
CA GLU I 427 -40.98 30.55 -22.89
C GLU I 427 -40.65 29.06 -22.90
N THR I 428 -39.36 28.74 -22.81
CA THR I 428 -38.89 27.36 -22.86
C THR I 428 -38.46 26.88 -21.48
N PHE I 429 -38.61 25.58 -21.26
CA PHE I 429 -38.22 24.95 -19.99
C PHE I 429 -37.46 23.66 -20.29
N ARG I 430 -36.27 23.53 -19.70
CA ARG I 430 -35.44 22.36 -19.90
C ARG I 430 -35.04 21.76 -18.56
N PRO I 431 -35.03 20.44 -18.44
CA PRO I 431 -34.67 19.83 -17.17
C PRO I 431 -33.17 19.94 -16.90
N SER I 432 -32.83 20.00 -15.62
CA SER I 432 -31.43 20.14 -15.21
C SER I 432 -31.25 19.56 -13.82
N GLY I 433 -29.99 19.51 -13.39
CA GLY I 433 -29.62 19.04 -12.08
C GLY I 433 -28.22 19.48 -11.72
N GLY I 434 -27.99 20.80 -11.71
CA GLY I 434 -26.66 21.34 -11.50
C GLY I 434 -26.07 21.03 -10.14
N ASP I 435 -26.91 20.70 -9.15
CA ASP I 435 -26.45 20.40 -7.81
C ASP I 435 -27.32 19.29 -7.23
N MET I 436 -26.86 18.73 -6.11
CA MET I 436 -27.61 17.71 -5.40
C MET I 436 -28.43 18.26 -4.24
N ARG I 437 -28.09 19.46 -3.75
CA ARG I 437 -28.79 20.05 -2.62
C ARG I 437 -30.23 20.41 -2.95
N ASP I 438 -30.60 20.48 -4.23
CA ASP I 438 -31.98 20.72 -4.59
C ASP I 438 -32.88 19.56 -4.22
N ASN I 439 -32.32 18.35 -4.14
CA ASN I 439 -33.11 17.19 -3.75
C ASN I 439 -33.56 17.28 -2.30
N TRP I 440 -32.68 17.74 -1.41
CA TRP I 440 -33.04 17.87 0.00
C TRP I 440 -33.93 19.08 0.26
N ARG I 441 -33.85 20.12 -0.59
CA ARG I 441 -34.73 21.27 -0.43
C ARG I 441 -36.18 20.90 -0.70
N SER I 442 -36.42 19.91 -1.55
CA SER I 442 -37.77 19.42 -1.81
C SER I 442 -38.37 18.66 -0.64
N GLU I 443 -37.57 18.32 0.37
CA GLU I 443 -38.05 17.63 1.56
C GLU I 443 -37.74 18.38 2.85
N LEU I 444 -37.06 19.53 2.77
CA LEU I 444 -36.79 20.35 3.94
C LEU I 444 -37.35 21.76 3.82
N TYR I 445 -38.21 22.00 2.82
CA TYR I 445 -38.72 23.35 2.61
C TYR I 445 -39.61 23.80 3.76
N LYS I 446 -40.21 22.86 4.48
CA LYS I 446 -41.16 23.20 5.53
C LYS I 446 -40.54 23.27 6.91
N TYR I 447 -39.36 22.71 7.11
CA TYR I 447 -38.75 22.66 8.43
C TYR I 447 -37.83 23.87 8.65
N LYS I 448 -37.63 24.19 9.93
CA LYS I 448 -36.79 25.31 10.32
C LYS I 448 -36.33 25.11 11.75
N VAL I 449 -35.02 25.25 11.99
CA VAL I 449 -34.43 25.01 13.29
C VAL I 449 -34.25 26.35 14.01
N VAL I 450 -34.71 26.41 15.26
CA VAL I 450 -34.59 27.60 16.08
C VAL I 450 -34.17 27.20 17.48
N LYS I 451 -33.41 28.08 18.13
CA LYS I 451 -32.98 27.89 19.51
C LYS I 451 -33.97 28.55 20.46
N ILE I 452 -34.10 28.00 21.65
CA ILE I 452 -35.02 28.50 22.67
C ILE I 452 -34.23 29.39 23.62
N GLU I 453 -34.68 30.63 23.79
CA GLU I 453 -34.12 31.56 24.76
C GLU I 453 -35.16 31.81 25.85
N PRO I 454 -35.11 31.07 26.96
CA PRO I 454 -36.19 31.15 27.96
C PRO I 454 -36.10 32.34 28.89
N LEU I 455 -35.14 33.24 28.72
CA LEU I 455 -34.98 34.39 29.60
C LEU I 455 -35.77 35.56 29.05
N GLY I 456 -36.69 36.10 29.85
CA GLY I 456 -37.47 37.25 29.44
C GLY I 456 -37.80 38.18 30.58
N VAL I 457 -37.60 39.47 30.39
CA VAL I 457 -37.92 40.48 31.39
C VAL I 457 -39.21 41.18 31.00
N ALA I 458 -39.96 41.62 32.02
CA ALA I 458 -41.23 42.28 31.82
C ALA I 458 -41.54 43.11 33.06
N PRO I 459 -42.12 44.30 32.91
CA PRO I 459 -42.41 45.13 34.09
C PRO I 459 -43.73 44.79 34.75
N THR I 460 -43.73 44.67 36.08
CA THR I 460 -44.94 44.51 36.87
C THR I 460 -44.84 45.44 38.08
N ARG I 461 -45.87 45.44 38.90
CA ARG I 461 -45.90 46.24 40.12
C ARG I 461 -45.41 45.45 41.33
N CYS I 462 -44.41 44.60 41.16
CA CYS I 462 -43.94 43.72 42.21
C CYS I 462 -42.50 44.06 42.58
N LYS I 463 -42.23 44.08 43.89
CA LYS I 463 -40.91 44.40 44.42
C LYS I 463 -40.44 43.26 45.32
N ARG I 464 -39.14 42.97 45.27
CA ARG I 464 -38.57 41.92 46.11
C ARG I 464 -38.71 42.27 47.58
N ARG I 465 -39.10 41.28 48.37
CA ARG I 465 -39.22 41.48 49.81
C ARG I 465 -37.84 41.63 50.45
N VAL I 466 -37.66 42.70 51.22
CA VAL I 466 -36.37 42.96 51.86
C VAL I 466 -36.13 41.96 52.99
N VAL I 467 -37.14 41.72 53.81
CA VAL I 467 -37.08 40.84 54.99
C VAL I 467 -35.76 40.91 55.74
N GLU J 2 -51.95 13.56 60.79
CA GLU J 2 -52.87 12.81 59.94
C GLU J 2 -52.91 13.37 58.53
N ASN J 3 -52.71 14.69 58.41
CA ASN J 3 -52.68 15.35 57.11
C ASN J 3 -51.32 15.08 56.47
N LEU J 4 -51.31 14.32 55.39
CA LEU J 4 -50.07 13.87 54.76
C LEU J 4 -49.75 14.72 53.55
N TRP J 5 -48.46 14.98 53.35
CA TRP J 5 -47.98 15.77 52.23
C TRP J 5 -46.69 15.13 51.71
N VAL J 6 -46.47 15.23 50.39
CA VAL J 6 -45.27 14.65 49.81
C VAL J 6 -44.07 15.52 50.14
N THR J 7 -42.89 14.90 50.18
CA THR J 7 -41.65 15.59 50.48
C THR J 7 -40.53 15.05 49.60
N VAL J 8 -39.66 15.94 49.16
CA VAL J 8 -38.57 15.60 48.26
C VAL J 8 -37.32 15.31 49.09
N TYR J 9 -36.69 14.17 48.82
CA TYR J 9 -35.44 13.79 49.48
C TYR J 9 -34.37 13.61 48.41
N TYR J 10 -33.31 14.41 48.48
CA TYR J 10 -32.22 14.40 47.52
C TYR J 10 -31.00 13.73 48.15
N GLY J 11 -30.74 12.48 47.76
CA GLY J 11 -29.58 11.78 48.27
C GLY J 11 -29.93 10.44 48.88
N VAL J 12 -31.06 9.86 48.49
CA VAL J 12 -31.54 8.60 49.04
C VAL J 12 -30.79 7.44 48.40
N PRO J 13 -30.39 6.44 49.18
CA PRO J 13 -29.69 5.28 48.60
C PRO J 13 -30.62 4.39 47.80
N VAL J 14 -30.85 4.74 46.54
CA VAL J 14 -31.69 3.97 45.63
C VAL J 14 -30.94 3.79 44.32
N TRP J 15 -30.80 2.55 43.87
CA TRP J 15 -30.13 2.26 42.62
C TRP J 15 -30.99 1.35 41.76
N LYS J 16 -30.72 1.37 40.46
CA LYS J 16 -31.43 0.56 39.49
C LYS J 16 -30.43 -0.07 38.54
N ASP J 17 -30.74 -1.29 38.09
CA ASP J 17 -29.89 -1.97 37.13
C ASP J 17 -29.78 -1.15 35.86
N ALA J 18 -28.54 -0.88 35.43
CA ALA J 18 -28.32 -0.11 34.21
C ALA J 18 -26.98 -0.52 33.62
N GLU J 19 -26.80 -0.16 32.35
CA GLU J 19 -25.55 -0.40 31.64
C GLU J 19 -25.03 0.92 31.10
N THR J 20 -23.82 1.30 31.51
CA THR J 20 -23.18 2.53 31.07
C THR J 20 -21.80 2.20 30.56
N THR J 21 -21.07 3.23 30.13
CA THR J 21 -19.72 3.07 29.61
C THR J 21 -18.73 3.10 30.77
N LEU J 22 -18.02 1.99 30.97
CA LEU J 22 -17.01 1.90 32.01
C LEU J 22 -15.65 2.25 31.43
N PHE J 23 -14.78 2.80 32.28
CA PHE J 23 -13.45 3.24 31.86
C PHE J 23 -12.38 2.48 32.61
N CYS J 24 -11.13 2.68 32.18
CA CYS J 24 -9.98 1.94 32.66
C CYS J 24 -9.42 2.55 33.94
N ALA J 25 -8.59 1.76 34.62
CA ALA J 25 -7.83 2.22 35.77
C ALA J 25 -6.68 1.25 36.00
N SER J 26 -5.46 1.79 36.09
CA SER J 26 -4.29 0.96 36.29
C SER J 26 -3.32 1.71 37.21
N ASP J 27 -2.48 0.95 37.89
CA ASP J 27 -1.52 1.54 38.81
C ASP J 27 -0.37 2.20 38.05
N ALA J 28 0.43 2.98 38.78
CA ALA J 28 1.53 3.73 38.20
C ALA J 28 2.71 2.79 37.97
N LYS J 29 2.61 2.00 36.90
CA LYS J 29 3.67 1.08 36.50
C LYS J 29 4.62 1.82 35.55
N ALA J 30 5.79 2.19 36.06
CA ALA J 30 6.77 2.95 35.30
C ALA J 30 7.81 2.02 34.72
N TYR J 31 8.12 2.21 33.44
CA TYR J 31 9.12 1.39 32.75
C TYR J 31 9.53 2.05 31.43
N LYS J 34 10.98 -0.06 27.69
CA LYS J 34 10.04 -1.10 27.30
C LYS J 34 8.66 -0.80 27.87
N LYS J 35 7.79 -0.22 27.06
CA LYS J 35 6.47 0.22 27.52
C LYS J 35 5.47 0.12 26.37
N HIS J 36 4.39 0.91 26.47
CA HIS J 36 3.38 1.01 25.43
C HIS J 36 2.79 -0.36 25.09
N ASN J 37 2.46 -1.13 26.13
CA ASN J 37 1.73 -2.36 25.93
C ASN J 37 0.35 -2.05 25.36
N VAL J 38 -0.23 -3.04 24.67
CA VAL J 38 -1.44 -2.80 23.89
C VAL J 38 -2.59 -2.33 24.79
N TRP J 39 -2.76 -2.94 25.95
CA TRP J 39 -3.94 -2.67 26.75
C TRP J 39 -3.85 -1.33 27.47
N ALA J 40 -2.85 -1.14 28.33
CA ALA J 40 -2.72 0.11 29.05
C ALA J 40 -2.52 1.30 28.13
N THR J 41 -2.02 1.06 26.92
CA THR J 41 -1.81 2.08 25.89
C THR J 41 -0.87 3.15 26.44
N HIS J 42 -1.02 4.40 25.99
CA HIS J 42 -0.18 5.47 26.48
C HIS J 42 -0.59 5.91 27.88
N ALA J 43 -1.87 6.22 28.07
CA ALA J 43 -2.36 6.75 29.34
C ALA J 43 -3.71 6.14 29.67
N CYS J 44 -3.77 5.45 30.81
CA CYS J 44 -5.03 5.09 31.45
C CYS J 44 -5.05 5.73 32.84
N VAL J 45 -6.25 5.81 33.41
CA VAL J 45 -6.43 6.57 34.65
C VAL J 45 -5.66 5.92 35.79
N PRO J 46 -4.85 6.66 36.54
CA PRO J 46 -4.10 6.04 37.65
C PRO J 46 -5.04 5.67 38.79
N THR J 47 -4.89 4.45 39.29
CA THR J 47 -5.74 3.98 40.37
C THR J 47 -5.52 4.79 41.64
N ASP J 48 -6.56 4.89 42.46
CA ASP J 48 -6.47 5.62 43.71
C ASP J 48 -5.51 4.92 44.67
N PRO J 49 -4.79 5.68 45.49
CA PRO J 49 -3.84 5.06 46.43
C PRO J 49 -4.50 4.12 47.41
N ASN J 50 -5.76 4.35 47.76
CA ASN J 50 -6.47 3.50 48.71
C ASN J 50 -7.89 3.21 48.23
N PRO J 51 -8.18 1.98 47.82
CA PRO J 51 -9.55 1.64 47.39
C PRO J 51 -10.50 1.60 48.59
N GLN J 52 -11.71 2.09 48.36
CA GLN J 52 -12.74 2.20 49.40
C GLN J 52 -13.87 1.24 49.07
N GLU J 53 -13.74 -0.01 49.51
CA GLU J 53 -14.80 -1.00 49.39
C GLU J 53 -15.68 -0.93 50.64
N ILE J 54 -16.95 -0.63 50.45
CA ILE J 54 -17.89 -0.40 51.54
C ILE J 54 -18.93 -1.50 51.53
N HIS J 55 -18.97 -2.28 52.61
CA HIS J 55 -19.97 -3.34 52.73
C HIS J 55 -21.35 -2.74 53.01
N LEU J 56 -22.38 -3.37 52.45
CA LEU J 56 -23.76 -2.90 52.58
C LEU J 56 -24.54 -3.90 53.42
N GLU J 57 -24.95 -3.47 54.61
CA GLU J 57 -25.67 -4.34 55.53
C GLU J 57 -27.16 -4.37 55.18
N ASN J 58 -27.78 -5.53 55.42
CA ASN J 58 -29.20 -5.76 55.16
C ASN J 58 -29.56 -5.49 53.71
N VAL J 59 -28.65 -5.79 52.79
CA VAL J 59 -28.83 -5.55 51.37
C VAL J 59 -28.67 -6.87 50.64
N THR J 60 -29.68 -7.26 49.87
CA THR J 60 -29.62 -8.46 49.04
C THR J 60 -29.97 -8.08 47.62
N GLU J 61 -29.03 -8.27 46.70
CA GLU J 61 -29.16 -7.86 45.31
C GLU J 61 -29.09 -9.08 44.41
N GLU J 62 -29.84 -9.03 43.31
CA GLU J 62 -29.82 -10.10 42.33
C GLU J 62 -28.63 -9.93 41.38
N PHE J 63 -28.01 -11.03 41.02
CA PHE J 63 -26.87 -11.03 40.10
C PHE J 63 -27.13 -12.01 38.97
N ASN J 64 -26.51 -11.73 37.82
CA ASN J 64 -26.63 -12.60 36.65
C ASN J 64 -25.37 -12.39 35.80
N MET J 65 -24.39 -13.28 36.02
CA MET J 65 -23.14 -13.19 35.28
C MET J 65 -23.30 -13.50 33.81
N TRP J 66 -24.38 -14.17 33.42
CA TRP J 66 -24.52 -14.56 32.02
C TRP J 66 -25.14 -13.45 31.19
N LYS J 67 -26.06 -12.68 31.77
CA LYS J 67 -26.62 -11.51 31.12
C LYS J 67 -25.97 -10.21 31.62
N ASN J 68 -24.72 -10.29 32.03
CA ASN J 68 -23.98 -9.12 32.47
C ASN J 68 -23.49 -8.33 31.26
N ASN J 69 -23.60 -7.00 31.35
CA ASN J 69 -23.16 -6.13 30.27
C ASN J 69 -21.68 -5.75 30.37
N MET J 70 -21.07 -5.95 31.53
CA MET J 70 -19.64 -5.70 31.65
C MET J 70 -18.80 -6.66 30.81
N VAL J 71 -19.34 -7.85 30.52
CA VAL J 71 -18.62 -8.80 29.68
C VAL J 71 -18.65 -8.36 28.22
N GLU J 72 -19.81 -7.86 27.75
CA GLU J 72 -19.92 -7.44 26.36
C GLU J 72 -19.09 -6.20 26.07
N GLN J 73 -18.92 -5.32 27.06
CA GLN J 73 -18.09 -4.13 26.85
C GLN J 73 -16.62 -4.49 26.85
N MET J 74 -16.19 -5.34 27.79
CA MET J 74 -14.78 -5.71 27.85
C MET J 74 -14.36 -6.46 26.59
N HIS J 75 -15.23 -7.32 26.07
CA HIS J 75 -14.91 -8.07 24.86
C HIS J 75 -14.66 -7.14 23.68
N THR J 76 -15.43 -6.05 23.60
CA THR J 76 -15.21 -5.07 22.53
C THR J 76 -14.05 -4.14 22.81
N ASP J 77 -13.58 -4.06 24.06
CA ASP J 77 -12.46 -3.19 24.38
C ASP J 77 -11.12 -3.86 24.06
N ILE J 78 -11.01 -5.15 24.32
CA ILE J 78 -9.78 -5.87 23.97
C ILE J 78 -9.61 -5.91 22.46
N ILE J 79 -10.70 -6.11 21.73
CA ILE J 79 -10.62 -6.14 20.27
C ILE J 79 -10.25 -4.77 19.72
N SER J 80 -10.86 -3.72 20.25
CA SER J 80 -10.53 -2.37 19.79
C SER J 80 -9.10 -1.99 20.14
N LEU J 81 -8.62 -2.41 21.32
CA LEU J 81 -7.24 -2.16 21.68
C LEU J 81 -6.28 -2.90 20.76
N TRP J 82 -6.67 -4.09 20.31
CA TRP J 82 -5.81 -4.88 19.43
C TRP J 82 -5.62 -4.20 18.09
N ASP J 83 -6.70 -3.64 17.53
CA ASP J 83 -6.62 -3.02 16.21
C ASP J 83 -5.84 -1.70 16.28
N GLN J 84 -5.99 -0.95 17.37
CA GLN J 84 -5.30 0.33 17.48
C GLN J 84 -3.79 0.14 17.62
N SER J 85 -3.37 -0.98 18.18
CA SER J 85 -1.95 -1.29 18.30
C SER J 85 -1.37 -1.95 17.06
N LEU J 86 -2.20 -2.31 16.09
CA LEU J 86 -1.75 -2.86 14.82
C LEU J 86 -1.94 -1.93 13.64
N LYS J 87 -2.76 -0.89 13.80
CA LYS J 87 -2.95 0.07 12.71
C LYS J 87 -1.64 0.69 12.23
N PRO J 88 -0.75 1.20 13.08
CA PRO J 88 0.51 1.78 12.59
C PRO J 88 1.65 0.80 12.39
N CYS J 89 1.42 -0.50 12.48
CA CYS J 89 2.51 -1.45 12.30
C CYS J 89 2.60 -1.90 10.84
N VAL J 90 3.67 -2.63 10.54
CA VAL J 90 4.05 -2.97 9.17
C VAL J 90 3.12 -4.05 8.63
N LYS J 91 2.42 -3.74 7.55
CA LYS J 91 1.56 -4.72 6.87
C LYS J 91 2.40 -5.51 5.87
N LEU J 92 2.27 -6.83 5.91
CA LEU J 92 3.09 -7.74 5.12
C LEU J 92 2.38 -8.22 3.86
N THR J 93 1.68 -7.32 3.15
CA THR J 93 1.06 -7.73 1.89
C THR J 93 2.06 -8.24 0.84
N PRO J 94 3.29 -7.69 0.70
CA PRO J 94 4.22 -8.27 -0.27
C PRO J 94 4.81 -9.61 0.13
N LEU J 95 4.60 -10.06 1.37
CA LEU J 95 5.15 -11.33 1.83
C LEU J 95 4.39 -12.54 1.27
N CYS J 96 3.51 -12.34 0.29
CA CYS J 96 2.77 -13.43 -0.33
C CYS J 96 3.46 -13.99 -1.58
N VAL J 97 4.78 -13.97 -1.61
CA VAL J 97 5.54 -14.51 -2.75
C VAL J 97 5.54 -16.03 -2.67
N THR J 98 5.56 -16.66 -3.84
CA THR J 98 5.66 -18.11 -3.91
C THR J 98 6.94 -18.58 -3.23
N LEU J 99 6.80 -19.35 -2.15
CA LEU J 99 7.94 -19.84 -1.40
C LEU J 99 8.40 -21.18 -1.96
N GLN J 100 9.71 -21.41 -1.88
CA GLN J 100 10.31 -22.71 -2.20
C GLN J 100 11.08 -23.16 -0.97
N CYS J 101 10.47 -24.06 -0.20
CA CYS J 101 10.97 -24.48 1.10
C CYS J 101 11.55 -25.88 1.04
N THR J 102 12.22 -26.27 2.13
CA THR J 102 12.75 -27.60 2.30
C THR J 102 12.62 -27.96 3.78
N ASN J 103 13.15 -29.11 4.18
CA ASN J 103 13.07 -29.59 5.54
C ASN J 103 14.39 -29.38 6.25
N VAL J 104 14.36 -28.70 7.40
CA VAL J 104 15.57 -28.55 8.21
C VAL J 104 16.00 -29.87 8.80
N THR J 105 15.08 -30.83 8.90
CA THR J 105 15.36 -32.15 9.46
C THR J 105 15.77 -33.10 8.33
N ASN J 106 16.94 -32.82 7.77
CA ASN J 106 17.46 -33.64 6.69
C ASN J 106 17.86 -35.02 7.20
N ASN J 107 17.65 -36.03 6.33
CA ASN J 107 18.00 -37.42 6.58
C ASN J 107 17.15 -38.06 7.68
N ILE J 108 16.99 -37.37 8.81
CA ILE J 108 16.20 -37.90 9.92
C ILE J 108 14.71 -37.78 9.60
N THR J 109 13.95 -38.79 10.02
CA THR J 109 12.52 -38.80 9.72
C THR J 109 11.81 -37.76 10.56
N ASP J 110 10.71 -37.25 10.01
CA ASP J 110 9.87 -36.17 10.54
C ASP J 110 10.46 -34.87 11.08
N GLY J 114 9.99 -33.74 10.55
CA GLY J 114 10.34 -32.42 11.06
C GLY J 114 9.10 -31.52 11.03
N GLU J 115 9.10 -30.52 11.92
CA GLU J 115 7.96 -29.67 12.11
C GLU J 115 8.11 -28.29 11.47
N LEU J 116 9.31 -27.82 11.18
CA LEU J 116 9.52 -26.48 10.62
C LEU J 116 10.39 -26.58 9.38
N LYS J 117 10.38 -25.51 8.57
CA LYS J 117 10.94 -25.58 7.23
C LYS J 117 11.78 -24.36 6.93
N ASN J 118 12.81 -24.55 6.10
CA ASN J 118 13.73 -23.51 5.65
C ASN J 118 13.29 -23.07 4.26
N CYS J 119 12.89 -21.80 4.14
CA CYS J 119 12.26 -21.29 2.93
C CYS J 119 13.11 -20.19 2.31
N SER J 120 13.33 -20.27 1.01
CA SER J 120 13.92 -19.20 0.22
C SER J 120 12.85 -18.61 -0.70
N PHE J 121 12.95 -17.30 -0.94
CA PHE J 121 11.96 -16.61 -1.75
C PHE J 121 12.51 -15.26 -2.16
N ASN J 122 11.83 -14.63 -3.12
CA ASN J 122 12.19 -13.31 -3.62
C ASN J 122 11.34 -12.26 -2.91
N MET J 123 11.98 -11.25 -2.35
CA MET J 123 11.31 -10.25 -1.55
C MET J 123 11.75 -8.85 -1.97
N THR J 124 10.82 -7.89 -1.84
CA THR J 124 11.10 -6.52 -2.24
C THR J 124 12.09 -5.86 -1.29
N THR J 125 12.69 -4.77 -1.76
CA THR J 125 13.73 -4.06 -1.02
C THR J 125 13.33 -2.61 -0.81
N GLU J 126 14.29 -1.82 -0.30
CA GLU J 126 14.09 -0.38 -0.12
C GLU J 126 13.85 0.32 -1.45
N LEU J 127 14.42 -0.19 -2.53
CA LEU J 127 14.27 0.37 -3.85
C LEU J 127 13.22 -0.41 -4.64
N ARG J 128 12.56 0.27 -5.57
CA ARG J 128 11.49 -0.36 -6.34
C ARG J 128 12.05 -1.38 -7.33
N ASP J 129 13.05 -0.99 -8.11
CA ASP J 129 13.57 -1.86 -9.16
C ASP J 129 14.38 -3.03 -8.60
N LYS J 130 14.93 -2.90 -7.40
CA LYS J 130 15.83 -3.91 -6.84
C LYS J 130 15.04 -4.91 -6.01
N ARG J 131 15.35 -6.20 -6.20
CA ARG J 131 14.75 -7.29 -5.45
C ARG J 131 15.85 -8.12 -4.81
N GLN J 132 15.53 -8.74 -3.67
CA GLN J 132 16.49 -9.56 -2.96
C GLN J 132 15.91 -10.96 -2.75
N LYS J 133 16.81 -11.93 -2.60
CA LYS J 133 16.45 -13.30 -2.26
C LYS J 133 16.93 -13.58 -0.85
N VAL J 134 15.99 -13.87 0.05
CA VAL J 134 16.29 -14.06 1.46
C VAL J 134 15.73 -15.41 1.90
N HIS J 135 16.32 -15.95 2.96
CA HIS J 135 15.94 -17.24 3.51
C HIS J 135 15.42 -17.04 4.93
N ALA J 136 14.39 -17.81 5.29
CA ALA J 136 13.78 -17.69 6.61
C ALA J 136 13.14 -19.01 7.01
N LEU J 137 12.95 -19.17 8.32
CA LEU J 137 12.33 -20.36 8.89
C LEU J 137 10.87 -20.08 9.18
N PHE J 138 10.00 -20.96 8.69
CA PHE J 138 8.58 -20.88 8.97
C PHE J 138 8.12 -22.20 9.58
N TYR J 139 7.00 -22.13 10.30
CA TYR J 139 6.39 -23.33 10.86
C TYR J 139 5.44 -23.95 9.83
N LYS J 140 5.35 -25.28 9.87
CA LYS J 140 4.51 -26.00 8.93
C LYS J 140 3.05 -25.58 9.03
N LEU J 141 2.62 -25.12 10.21
CA LEU J 141 1.25 -24.68 10.38
C LEU J 141 0.97 -23.36 9.65
N ASP J 142 2.01 -22.60 9.33
CA ASP J 142 1.86 -21.34 8.61
C ASP J 142 2.14 -21.48 7.11
N ILE J 143 2.15 -22.69 6.59
CA ILE J 143 2.55 -22.96 5.22
C ILE J 143 1.68 -24.05 4.63
N VAL J 144 1.16 -23.81 3.43
CA VAL J 144 0.34 -24.80 2.74
C VAL J 144 0.90 -24.99 1.34
N PRO J 145 0.83 -26.19 0.76
CA PRO J 145 1.34 -26.39 -0.60
C PRO J 145 0.50 -25.64 -1.61
N ILE J 146 1.16 -25.22 -2.69
CA ILE J 146 0.51 -24.44 -3.73
C ILE J 146 0.07 -25.29 -4.92
N ASN J 147 0.60 -26.51 -5.05
CA ASN J 147 0.24 -27.39 -6.15
C ASN J 147 -0.59 -28.60 -5.74
N GLU J 148 -0.53 -28.99 -4.46
CA GLU J 148 -1.14 -30.22 -3.93
C GLU J 148 -1.10 -31.40 -4.89
N ASN J 149 -0.11 -31.44 -5.77
CA ASN J 149 0.06 -32.55 -6.70
C ASN J 149 1.50 -33.03 -6.97
N GLN J 150 2.53 -32.65 -6.21
CA GLN J 150 2.56 -31.75 -5.06
C GLN J 150 3.68 -30.73 -5.21
N ASN J 151 4.77 -31.16 -5.84
CA ASN J 151 5.95 -30.33 -6.09
C ASN J 151 6.55 -29.93 -4.74
N THR J 152 7.24 -28.78 -4.69
CA THR J 152 7.85 -28.32 -3.44
C THR J 152 7.81 -26.79 -3.39
N SER J 153 6.69 -26.20 -3.79
CA SER J 153 6.49 -24.76 -3.72
C SER J 153 5.34 -24.47 -2.76
N TYR J 154 5.53 -23.46 -1.91
CA TYR J 154 4.63 -23.17 -0.81
C TYR J 154 4.25 -21.69 -0.82
N ARG J 155 3.35 -21.35 0.10
CA ARG J 155 2.94 -19.97 0.33
C ARG J 155 2.44 -19.87 1.77
N LEU J 156 2.17 -18.64 2.20
CA LEU J 156 1.63 -18.45 3.54
C LEU J 156 0.15 -18.81 3.57
N ILE J 157 -0.30 -19.23 4.76
CA ILE J 157 -1.66 -19.75 4.90
C ILE J 157 -2.70 -18.67 4.70
N ASN J 158 -2.41 -17.43 5.11
CA ASN J 158 -3.41 -16.37 5.10
C ASN J 158 -3.56 -15.70 3.76
N CYS J 159 -2.59 -15.83 2.85
CA CYS J 159 -2.61 -15.07 1.61
C CYS J 159 -3.80 -15.40 0.73
N ASN J 160 -4.54 -16.47 1.01
CA ASN J 160 -5.70 -16.82 0.21
C ASN J 160 -7.01 -16.26 0.76
N THR J 161 -7.02 -15.81 2.01
CA THR J 161 -8.27 -15.43 2.65
C THR J 161 -8.27 -14.02 3.22
N ALA J 162 -7.19 -13.59 3.86
CA ALA J 162 -7.17 -12.31 4.54
C ALA J 162 -5.80 -11.66 4.41
N ALA J 163 -5.73 -10.39 4.77
CA ALA J 163 -4.47 -9.66 4.80
C ALA J 163 -3.70 -9.98 6.08
N ILE J 164 -2.42 -9.61 6.10
CA ILE J 164 -1.54 -9.93 7.21
C ILE J 164 -0.83 -8.66 7.67
N THR J 165 -0.67 -8.53 8.99
CA THR J 165 -0.04 -7.36 9.61
C THR J 165 0.95 -7.84 10.66
N GLN J 166 2.20 -7.42 10.53
CA GLN J 166 3.23 -7.78 11.48
C GLN J 166 3.10 -6.93 12.74
N ALA J 167 3.10 -7.59 13.90
CA ALA J 167 3.03 -6.86 15.16
C ALA J 167 4.32 -6.07 15.38
N CYS J 168 4.18 -4.85 15.85
CA CYS J 168 5.36 -4.04 16.15
C CYS J 168 6.18 -4.71 17.25
N PRO J 169 7.51 -4.64 17.19
CA PRO J 169 8.34 -5.28 18.22
C PRO J 169 8.44 -4.50 19.51
N LYS J 170 7.85 -3.30 19.58
CA LYS J 170 7.88 -2.53 20.82
C LYS J 170 6.71 -2.83 21.73
N VAL J 171 5.54 -3.13 21.18
CA VAL J 171 4.38 -3.45 22.01
C VAL J 171 4.57 -4.83 22.64
N SER J 172 4.11 -4.97 23.88
CA SER J 172 4.19 -6.22 24.61
C SER J 172 2.80 -6.83 24.75
N PHE J 173 2.75 -8.16 24.77
CA PHE J 173 1.51 -8.89 24.91
C PHE J 173 1.27 -9.37 26.33
N GLU J 174 2.04 -8.89 27.30
CA GLU J 174 1.87 -9.32 28.67
C GLU J 174 0.68 -8.60 29.31
N PRO J 175 -0.36 -9.32 29.70
CA PRO J 175 -1.52 -8.64 30.30
C PRO J 175 -1.18 -8.06 31.66
N ILE J 176 -1.65 -6.85 31.90
CA ILE J 176 -1.45 -6.20 33.19
C ILE J 176 -2.84 -5.98 33.82
N PRO J 177 -2.93 -5.82 35.13
CA PRO J 177 -4.25 -5.65 35.76
C PRO J 177 -4.95 -4.40 35.26
N ILE J 178 -6.23 -4.55 34.90
CA ILE J 178 -7.07 -3.45 34.45
C ILE J 178 -8.29 -3.39 35.36
N HIS J 179 -8.56 -2.20 35.91
CA HIS J 179 -9.70 -1.98 36.78
C HIS J 179 -10.79 -1.26 35.99
N TYR J 180 -11.94 -1.91 35.82
CA TYR J 180 -13.09 -1.29 35.18
C TYR J 180 -13.86 -0.48 36.21
N CYS J 181 -14.04 0.81 35.95
CA CYS J 181 -14.67 1.73 36.89
C CYS J 181 -15.97 2.27 36.32
N ALA J 182 -16.84 2.71 37.22
CA ALA J 182 -18.11 3.32 36.85
C ALA J 182 -18.04 4.83 36.98
N PRO J 183 -18.63 5.58 36.06
CA PRO J 183 -18.62 7.04 36.18
C PRO J 183 -19.42 7.51 37.38
N ALA J 184 -19.36 8.82 37.62
CA ALA J 184 -20.06 9.42 38.74
C ALA J 184 -21.56 9.24 38.59
N GLY J 185 -22.24 8.96 39.69
CA GLY J 185 -23.65 8.64 39.67
C GLY J 185 -23.96 7.19 39.38
N PHE J 186 -22.94 6.39 39.10
CA PHE J 186 -23.07 4.95 38.96
C PHE J 186 -22.20 4.28 40.02
N ALA J 187 -22.49 3.02 40.30
CA ALA J 187 -21.72 2.25 41.27
C ALA J 187 -21.64 0.81 40.79
N ILE J 188 -20.65 0.09 41.32
CA ILE J 188 -20.49 -1.33 41.06
C ILE J 188 -20.82 -2.08 42.34
N LEU J 189 -21.64 -3.12 42.21
CA LEU J 189 -22.07 -3.94 43.34
C LEU J 189 -21.31 -5.25 43.31
N LYS J 190 -20.46 -5.47 44.31
CA LYS J 190 -19.67 -6.70 44.38
C LYS J 190 -20.39 -7.72 45.25
N CYS J 191 -20.48 -8.96 44.77
CA CYS J 191 -21.07 -10.06 45.53
C CYS J 191 -19.95 -10.79 46.27
N LYS J 192 -19.98 -10.70 47.60
CA LYS J 192 -18.94 -11.29 48.44
C LYS J 192 -19.37 -12.63 49.04
N ASP J 193 -20.21 -13.38 48.33
CA ASP J 193 -20.66 -14.68 48.81
C ASP J 193 -19.62 -15.74 48.47
N LYS J 194 -19.22 -16.52 49.48
CA LYS J 194 -18.21 -17.55 49.26
C LYS J 194 -18.72 -18.64 48.33
N LYS J 195 -19.98 -19.05 48.47
CA LYS J 195 -20.56 -20.13 47.69
C LYS J 195 -21.54 -19.60 46.64
N PHE J 196 -21.28 -18.43 46.07
CA PHE J 196 -22.19 -17.84 45.09
C PHE J 196 -22.01 -18.53 43.75
N ASN J 197 -23.08 -19.12 43.23
CA ASN J 197 -23.02 -19.73 41.91
C ASN J 197 -23.19 -18.66 40.83
N GLY J 198 -23.79 -19.02 39.69
CA GLY J 198 -23.96 -18.07 38.62
C GLY J 198 -24.90 -16.94 38.96
N THR J 199 -26.19 -17.25 39.03
CA THR J 199 -27.24 -16.27 39.22
C THR J 199 -27.93 -16.48 40.56
N GLY J 200 -28.80 -15.54 40.92
CA GLY J 200 -29.54 -15.62 42.16
C GLY J 200 -29.20 -14.49 43.10
N PRO J 201 -29.95 -14.38 44.19
CA PRO J 201 -29.71 -13.30 45.14
C PRO J 201 -28.44 -13.55 45.94
N CYS J 202 -27.65 -12.48 46.12
CA CYS J 202 -26.42 -12.54 46.88
C CYS J 202 -26.64 -11.87 48.23
N PRO J 203 -26.50 -12.59 49.34
CA PRO J 203 -26.73 -11.98 50.66
C PRO J 203 -25.73 -10.89 50.99
N SER J 204 -24.44 -11.22 50.93
CA SER J 204 -23.38 -10.29 51.28
C SER J 204 -22.98 -9.49 50.05
N VAL J 205 -23.36 -8.20 50.04
CA VAL J 205 -23.12 -7.32 48.91
C VAL J 205 -22.41 -6.06 49.41
N SER J 206 -21.31 -5.72 48.76
CA SER J 206 -20.59 -4.47 48.99
C SER J 206 -20.65 -3.62 47.73
N THR J 207 -20.08 -2.42 47.80
CA THR J 207 -20.04 -1.52 46.66
C THR J 207 -18.61 -1.01 46.46
N VAL J 208 -18.19 -0.96 45.19
CA VAL J 208 -16.89 -0.43 44.83
C VAL J 208 -17.06 0.52 43.65
N GLN J 209 -16.06 1.39 43.47
CA GLN J 209 -16.03 2.24 42.29
C GLN J 209 -15.32 1.59 41.12
N CYS J 210 -14.34 0.73 41.39
CA CYS J 210 -13.61 0.00 40.35
C CYS J 210 -13.52 -1.47 40.75
N THR J 211 -13.49 -2.34 39.74
CA THR J 211 -13.33 -3.75 39.98
C THR J 211 -11.89 -4.05 40.42
N HIS J 212 -11.59 -5.33 40.61
CA HIS J 212 -10.25 -5.72 41.02
C HIS J 212 -9.33 -5.76 39.80
N GLY J 213 -8.05 -6.03 40.04
CA GLY J 213 -7.08 -6.13 38.97
C GLY J 213 -7.35 -7.30 38.06
N ILE J 214 -8.00 -7.04 36.92
CA ILE J 214 -8.35 -8.08 35.96
C ILE J 214 -7.28 -8.10 34.87
N LYS J 215 -6.53 -9.20 34.81
CA LYS J 215 -5.51 -9.36 33.79
C LYS J 215 -6.12 -10.02 32.56
N PRO J 216 -6.24 -9.32 31.43
CA PRO J 216 -6.88 -9.92 30.25
C PRO J 216 -5.99 -10.94 29.56
N VAL J 217 -6.04 -12.18 30.03
CA VAL J 217 -5.24 -13.27 29.46
C VAL J 217 -6.12 -14.03 28.48
N VAL J 218 -5.73 -14.03 27.20
CA VAL J 218 -6.48 -14.72 26.15
C VAL J 218 -6.07 -16.19 26.19
N SER J 219 -7.01 -17.06 26.60
CA SER J 219 -6.74 -18.47 26.81
C SER J 219 -7.82 -19.32 26.16
N THR J 220 -7.57 -20.63 26.13
CA THR J 220 -8.51 -21.61 25.62
C THR J 220 -8.51 -22.81 26.53
N GLN J 221 -9.71 -23.34 26.82
CA GLN J 221 -9.90 -24.48 27.70
C GLN J 221 -9.42 -24.19 29.12
N LEU J 222 -8.11 -24.07 29.30
CA LEU J 222 -7.53 -23.81 30.60
C LEU J 222 -7.46 -22.31 30.84
N LEU J 223 -7.94 -21.87 32.00
CA LEU J 223 -7.92 -20.46 32.37
C LEU J 223 -6.65 -20.19 33.18
N LEU J 224 -5.80 -19.29 32.68
CA LEU J 224 -4.48 -19.05 33.26
C LEU J 224 -4.47 -17.74 34.02
N ASN J 225 -3.74 -17.73 35.14
CA ASN J 225 -3.51 -16.53 35.96
C ASN J 225 -4.83 -15.86 36.38
N GLY J 226 -5.77 -16.69 36.83
CA GLY J 226 -7.05 -16.20 37.28
C GLY J 226 -7.12 -16.05 38.80
N SER J 227 -8.24 -15.50 39.25
CA SER J 227 -8.48 -15.34 40.68
C SER J 227 -9.03 -16.65 41.26
N LEU J 228 -8.44 -17.10 42.35
CA LEU J 228 -8.84 -18.34 42.97
C LEU J 228 -10.20 -18.20 43.67
N ALA J 229 -10.95 -19.30 43.69
CA ALA J 229 -12.22 -19.34 44.40
C ALA J 229 -11.97 -19.66 45.87
N GLU J 230 -12.65 -18.94 46.74
CA GLU J 230 -12.53 -19.20 48.16
C GLU J 230 -13.34 -20.43 48.56
N GLU J 231 -12.93 -21.05 49.67
CA GLU J 231 -13.56 -22.26 50.20
C GLU J 231 -13.50 -23.40 49.19
N GLU J 232 -14.64 -23.80 48.65
CA GLU J 232 -14.74 -24.92 47.73
C GLU J 232 -14.70 -24.45 46.29
N VAL J 233 -14.32 -25.37 45.40
CA VAL J 233 -14.34 -25.07 43.97
C VAL J 233 -15.77 -24.90 43.50
N MET J 234 -15.96 -24.05 42.49
CA MET J 234 -17.28 -23.67 42.02
C MET J 234 -17.50 -24.18 40.60
N ILE J 235 -18.72 -24.64 40.35
CA ILE J 235 -19.13 -25.12 39.03
C ILE J 235 -20.28 -24.22 38.59
N ARG J 236 -19.97 -23.22 37.77
CA ARG J 236 -20.96 -22.27 37.31
C ARG J 236 -21.37 -22.56 35.87
N SER J 237 -22.66 -22.48 35.59
CA SER J 237 -23.18 -22.74 34.25
C SER J 237 -24.54 -22.06 34.10
N GLU J 238 -24.79 -21.53 32.90
CA GLU J 238 -26.07 -20.91 32.62
C GLU J 238 -27.20 -21.92 32.67
N ASP J 239 -26.93 -23.18 32.30
CA ASP J 239 -27.93 -24.25 32.38
C ASP J 239 -27.17 -25.57 32.39
N ILE J 240 -27.04 -26.17 33.58
CA ILE J 240 -26.33 -27.43 33.70
C ILE J 240 -27.05 -28.54 32.95
N ARG J 241 -28.38 -28.46 32.86
CA ARG J 241 -29.16 -29.45 32.12
C ARG J 241 -28.98 -29.32 30.61
N ASP J 242 -28.27 -28.30 30.15
CA ASP J 242 -28.03 -28.06 28.73
C ASP J 242 -26.56 -28.31 28.42
N ASN J 243 -26.30 -29.15 27.42
CA ASN J 243 -24.92 -29.40 27.00
C ASN J 243 -24.39 -28.32 26.07
N ALA J 244 -25.27 -27.58 25.40
CA ALA J 244 -24.82 -26.50 24.53
C ALA J 244 -24.24 -25.34 25.30
N LYS J 245 -24.51 -25.25 26.60
CA LYS J 245 -23.98 -24.16 27.41
C LYS J 245 -22.71 -24.63 28.11
N ASN J 246 -21.69 -23.77 28.07
CA ASN J 246 -20.40 -24.12 28.64
C ASN J 246 -20.46 -24.17 30.17
N ILE J 247 -19.47 -24.83 30.75
CA ILE J 247 -19.38 -25.01 32.19
C ILE J 247 -18.13 -24.27 32.67
N LEU J 248 -18.31 -23.27 33.53
CA LEU J 248 -17.21 -22.50 34.06
C LEU J 248 -16.76 -23.11 35.38
N VAL J 249 -15.48 -23.50 35.43
CA VAL J 249 -14.89 -24.11 36.62
C VAL J 249 -13.90 -23.11 37.22
N GLN J 250 -13.96 -22.95 38.54
CA GLN J 250 -13.04 -22.07 39.26
C GLN J 250 -12.38 -22.86 40.38
N PHE J 251 -11.06 -22.92 40.37
CA PHE J 251 -10.31 -23.68 41.35
C PHE J 251 -10.14 -22.87 42.64
N ASN J 252 -9.80 -23.60 43.71
CA ASN J 252 -9.39 -23.02 44.98
C ASN J 252 -7.90 -23.15 45.23
N THR J 253 -7.31 -24.28 44.81
CA THR J 253 -5.88 -24.49 44.92
C THR J 253 -5.26 -24.30 43.54
N PRO J 254 -4.32 -23.37 43.38
CA PRO J 254 -3.75 -23.12 42.04
C PRO J 254 -2.82 -24.24 41.61
N VAL J 255 -3.01 -24.70 40.39
CA VAL J 255 -2.15 -25.70 39.78
C VAL J 255 -1.05 -24.98 39.02
N GLN J 256 0.15 -25.57 39.02
CA GLN J 256 1.31 -24.96 38.38
C GLN J 256 1.58 -25.63 37.04
N ILE J 257 1.92 -24.82 36.04
CA ILE J 257 2.20 -25.30 34.70
C ILE J 257 3.41 -24.56 34.15
N ASN J 258 4.42 -25.30 33.70
CA ASN J 258 5.64 -24.74 33.16
C ASN J 258 5.68 -25.01 31.66
N CYS J 259 5.65 -23.94 30.86
CA CYS J 259 5.72 -24.04 29.40
C CYS J 259 6.98 -23.37 28.92
N THR J 260 7.73 -24.05 28.04
CA THR J 260 8.98 -23.55 27.51
C THR J 260 9.05 -23.78 26.01
N ARG J 261 9.87 -22.96 25.36
CA ARG J 261 10.21 -23.14 23.95
C ARG J 261 11.72 -23.35 23.86
N PRO J 262 12.19 -24.60 23.80
CA PRO J 262 13.64 -24.85 23.91
C PRO J 262 14.43 -24.30 22.74
N ASN J 263 13.80 -24.03 21.60
CA ASN J 263 14.53 -23.50 20.46
C ASN J 263 15.11 -22.13 20.79
N ASN J 264 16.41 -21.97 20.52
CA ASN J 264 17.10 -20.69 20.72
C ASN J 264 17.07 -19.95 19.38
N ASN J 265 15.90 -19.39 19.08
CA ASN J 265 15.67 -18.72 17.80
C ASN J 265 16.42 -17.40 17.74
N THR J 266 16.62 -16.93 16.51
CA THR J 266 17.27 -15.65 16.25
C THR J 266 16.39 -14.80 15.35
N ARG J 267 16.49 -13.49 15.52
CA ARG J 267 15.72 -12.54 14.71
C ARG J 267 16.55 -12.13 13.50
N LYS J 268 16.03 -12.41 12.31
CA LYS J 268 16.67 -12.06 11.05
C LYS J 268 15.87 -10.90 10.44
N SER J 269 16.31 -9.68 10.73
CA SER J 269 15.60 -8.49 10.27
C SER J 269 16.01 -8.18 8.83
N ILE J 270 15.02 -8.11 7.93
CA ILE J 270 15.26 -7.82 6.53
C ILE J 270 14.35 -6.67 6.11
N ARG J 271 14.94 -5.65 5.51
CA ARG J 271 14.19 -4.47 5.07
C ARG J 271 13.42 -4.78 3.80
N ILE J 272 12.13 -4.48 3.79
CA ILE J 272 11.26 -4.77 2.66
C ILE J 272 10.62 -3.51 2.10
N GLY J 273 11.10 -2.33 2.49
CA GLY J 273 10.57 -1.08 1.99
C GLY J 273 11.17 0.10 2.70
N PRO J 274 10.91 1.31 2.19
CA PRO J 274 11.39 2.52 2.87
C PRO J 274 10.81 2.66 4.26
N GLY J 275 11.60 2.32 5.28
CA GLY J 275 11.16 2.33 6.65
C GLY J 275 10.45 1.08 7.10
N GLN J 276 9.97 0.25 6.17
CA GLN J 276 9.27 -0.98 6.51
C GLN J 276 10.29 -2.08 6.77
N TRP J 277 10.26 -2.65 7.98
CA TRP J 277 11.19 -3.68 8.38
C TRP J 277 10.43 -4.94 8.77
N PHE J 278 10.67 -6.03 8.04
CA PHE J 278 10.03 -7.31 8.30
C PHE J 278 11.00 -8.19 9.07
N TYR J 279 10.55 -8.73 10.21
CA TYR J 279 11.39 -9.53 11.09
C TYR J 279 11.02 -11.01 10.89
N ALA J 280 11.97 -11.78 10.36
CA ALA J 280 11.77 -13.18 10.08
C ALA J 280 12.61 -14.04 11.02
N THR J 281 12.43 -15.35 10.92
CA THR J 281 13.10 -16.29 11.81
C THR J 281 14.43 -16.71 11.21
N GLY J 282 15.50 -16.53 11.98
CA GLY J 282 16.80 -17.04 11.61
C GLY J 282 16.98 -18.49 12.03
N ASP J 283 18.16 -19.03 11.73
CA ASP J 283 18.44 -20.41 12.07
C ASP J 283 18.47 -20.61 13.58
N ILE J 284 17.93 -21.74 14.02
CA ILE J 284 17.90 -22.06 15.45
C ILE J 284 19.30 -22.45 15.89
N ILE J 285 19.84 -21.71 16.86
CA ILE J 285 21.17 -21.99 17.40
C ILE J 285 21.04 -23.12 18.41
N GLY J 286 21.62 -24.27 18.08
CA GLY J 286 21.60 -25.40 18.98
C GLY J 286 20.74 -26.55 18.49
N ASP J 287 20.03 -27.20 19.40
CA ASP J 287 19.23 -28.37 19.08
C ASP J 287 17.80 -27.97 18.71
N ILE J 288 17.14 -28.84 17.95
CA ILE J 288 15.77 -28.62 17.52
C ILE J 288 14.85 -29.37 18.48
N ARG J 289 14.14 -28.62 19.32
CA ARG J 289 13.27 -29.20 20.33
C ARG J 289 11.92 -28.49 20.31
N GLN J 290 10.84 -29.26 20.20
CA GLN J 290 9.51 -28.68 20.17
C GLN J 290 9.08 -28.27 21.57
N ALA J 291 8.25 -27.23 21.63
CA ALA J 291 7.79 -26.67 22.90
C ALA J 291 6.88 -27.66 23.63
N HIS J 292 6.77 -27.47 24.94
CA HIS J 292 5.96 -28.36 25.75
C HIS J 292 5.60 -27.68 27.06
N CYS J 293 4.58 -28.22 27.72
CA CYS J 293 4.18 -27.82 29.07
C CYS J 293 4.15 -29.08 29.93
N ASN J 294 4.42 -28.91 31.23
CA ASN J 294 4.52 -30.09 32.07
C ASN J 294 3.32 -30.28 33.00
N VAL J 295 3.27 -29.57 34.15
CA VAL J 295 2.21 -29.73 35.16
C VAL J 295 2.42 -31.01 35.95
N SER J 296 2.35 -30.90 37.28
CA SER J 296 2.48 -32.06 38.16
C SER J 296 1.26 -32.96 38.03
N LYS J 297 1.49 -34.23 37.72
CA LYS J 297 0.39 -35.19 37.61
C LYS J 297 -0.29 -35.41 38.96
N ALA J 298 0.49 -35.45 40.03
CA ALA J 298 -0.08 -35.61 41.36
C ALA J 298 -1.00 -34.44 41.69
N THR J 299 -0.56 -33.22 41.41
CA THR J 299 -1.39 -32.05 41.70
C THR J 299 -2.59 -31.98 40.76
N TRP J 300 -2.41 -32.37 39.49
CA TRP J 300 -3.52 -32.33 38.55
C TRP J 300 -4.59 -33.36 38.92
N ASN J 301 -4.17 -34.57 39.32
CA ASN J 301 -5.13 -35.57 39.76
C ASN J 301 -5.91 -35.10 40.98
N GLU J 302 -5.22 -34.47 41.93
CA GLU J 302 -5.89 -33.99 43.14
C GLU J 302 -6.92 -32.91 42.83
N THR J 303 -6.54 -31.94 41.99
CA THR J 303 -7.49 -30.90 41.60
C THR J 303 -8.62 -31.47 40.77
N LEU J 304 -8.32 -32.42 39.88
CA LEU J 304 -9.36 -33.05 39.08
C LEU J 304 -10.37 -33.76 39.97
N GLY J 305 -9.89 -34.39 41.04
CA GLY J 305 -10.79 -35.04 41.97
C GLY J 305 -11.69 -34.07 42.71
N LYS J 306 -11.13 -32.93 43.14
CA LYS J 306 -11.93 -31.94 43.84
C LYS J 306 -13.01 -31.34 42.95
N VAL J 307 -12.84 -31.42 41.63
CA VAL J 307 -13.88 -30.95 40.71
C VAL J 307 -15.02 -31.96 40.62
N VAL J 308 -14.68 -33.22 40.40
CA VAL J 308 -15.69 -34.25 40.18
C VAL J 308 -16.54 -34.47 41.43
N LYS J 309 -16.02 -34.15 42.62
CA LYS J 309 -16.86 -34.18 43.81
C LYS J 309 -17.95 -33.12 43.74
N GLN J 310 -17.62 -31.94 43.22
CA GLN J 310 -18.62 -30.90 43.03
C GLN J 310 -19.49 -31.14 41.80
N LEU J 311 -18.98 -31.87 40.82
CA LEU J 311 -19.80 -32.22 39.65
C LEU J 311 -20.92 -33.19 40.02
N ARG J 312 -20.67 -34.09 40.97
CA ARG J 312 -21.70 -35.03 41.38
C ARG J 312 -22.84 -34.33 42.12
N LYS J 313 -22.61 -33.12 42.64
CA LYS J 313 -23.67 -32.34 43.24
C LYS J 313 -24.73 -31.90 42.23
N HIS J 314 -24.44 -32.02 40.92
CA HIS J 314 -25.40 -31.71 39.88
C HIS J 314 -25.76 -32.92 39.03
N PHE J 315 -25.18 -34.09 39.30
CA PHE J 315 -25.48 -35.28 38.52
C PHE J 315 -25.64 -36.51 39.42
N GLY J 316 -26.13 -36.31 40.64
CA GLY J 316 -26.32 -37.42 41.55
C GLY J 316 -25.06 -37.77 42.31
N ASN J 317 -25.20 -38.21 43.56
CA ASN J 317 -24.04 -38.43 44.40
C ASN J 317 -23.13 -39.53 43.87
N ASN J 318 -23.69 -40.47 43.10
CA ASN J 318 -22.91 -41.56 42.53
C ASN J 318 -23.27 -41.72 41.06
N THR J 319 -22.32 -41.42 40.19
CA THR J 319 -22.47 -41.58 38.75
C THR J 319 -21.09 -41.65 38.13
N ILE J 320 -21.05 -42.08 36.87
CA ILE J 320 -19.79 -42.25 36.15
C ILE J 320 -19.44 -40.94 35.46
N ILE J 321 -18.24 -40.44 35.73
CA ILE J 321 -17.74 -39.18 35.17
C ILE J 321 -16.39 -39.45 34.51
N ARG J 322 -16.31 -39.24 33.20
CA ARG J 322 -15.08 -39.45 32.46
C ARG J 322 -14.69 -38.18 31.72
N PHE J 323 -13.42 -38.13 31.30
CA PHE J 323 -12.85 -36.98 30.60
C PHE J 323 -12.10 -37.46 29.37
N ALA J 324 -12.44 -36.89 28.21
CA ALA J 324 -11.81 -37.26 26.95
C ALA J 324 -11.30 -36.01 26.26
N ASN J 325 -10.49 -36.22 25.21
CA ASN J 325 -9.90 -35.10 24.48
C ASN J 325 -10.92 -34.49 23.53
N SER J 326 -10.73 -33.21 23.20
CA SER J 326 -11.68 -32.47 22.40
C SER J 326 -11.89 -33.14 21.05
N SER J 327 -13.13 -33.56 20.80
CA SER J 327 -13.47 -34.28 19.58
C SER J 327 -14.06 -33.38 18.50
N GLY J 328 -14.25 -32.11 18.79
CA GLY J 328 -14.84 -31.19 17.83
C GLY J 328 -14.00 -29.95 17.66
N GLY J 329 -13.86 -29.50 16.42
CA GLY J 329 -13.19 -28.26 16.11
C GLY J 329 -11.80 -28.49 15.52
N ASP J 330 -11.15 -27.36 15.24
CA ASP J 330 -9.80 -27.36 14.69
C ASP J 330 -9.04 -26.16 15.22
N LEU J 331 -7.74 -26.13 14.93
CA LEU J 331 -6.86 -24.99 15.17
C LEU J 331 -6.71 -24.67 16.66
N GLU J 332 -7.51 -23.72 17.15
CA GLU J 332 -7.30 -23.13 18.46
C GLU J 332 -8.25 -23.65 19.54
N VAL J 333 -9.39 -24.23 19.14
CA VAL J 333 -10.38 -24.70 20.11
C VAL J 333 -10.14 -26.14 20.54
N THR J 334 -9.26 -26.87 19.88
CA THR J 334 -8.91 -28.22 20.27
C THR J 334 -7.59 -28.30 21.04
N THR J 335 -6.85 -27.20 21.11
CA THR J 335 -5.59 -27.15 21.83
C THR J 335 -5.61 -25.99 22.81
N HIS J 336 -4.84 -26.13 23.88
CA HIS J 336 -4.70 -25.06 24.87
C HIS J 336 -3.86 -23.95 24.27
N SER J 337 -4.52 -22.90 23.76
CA SER J 337 -3.83 -21.79 23.13
C SER J 337 -3.66 -20.65 24.11
N PHE J 338 -2.48 -20.03 24.09
CA PHE J 338 -2.17 -18.90 24.96
C PHE J 338 -0.95 -18.20 24.41
N ASN J 339 -0.67 -17.03 24.96
CA ASN J 339 0.52 -16.26 24.62
C ASN J 339 1.49 -16.30 25.80
N CYS J 340 2.79 -16.37 25.48
CA CYS J 340 3.82 -16.50 26.51
C CYS J 340 5.10 -15.89 25.97
N GLY J 341 5.40 -14.66 26.40
CA GLY J 341 6.59 -13.96 25.96
C GLY J 341 6.56 -13.47 24.53
N GLY J 342 5.45 -13.62 23.83
CA GLY J 342 5.37 -13.23 22.44
C GLY J 342 4.94 -14.36 21.52
N GLU J 343 5.47 -15.55 21.75
CA GLU J 343 5.09 -16.71 20.96
C GLU J 343 3.72 -17.24 21.37
N PHE J 344 3.00 -17.80 20.40
CA PHE J 344 1.66 -18.32 20.61
C PHE J 344 1.70 -19.84 20.58
N PHE J 345 1.44 -20.46 21.72
CA PHE J 345 1.48 -21.91 21.88
C PHE J 345 0.14 -22.52 21.52
N TYR J 346 0.19 -23.80 21.13
CA TYR J 346 -1.00 -24.59 20.80
C TYR J 346 -0.72 -26.02 21.28
N CYS J 347 -1.05 -26.28 22.54
CA CYS J 347 -0.62 -27.50 23.21
C CYS J 347 -1.75 -28.52 23.25
N ASP J 348 -1.38 -29.78 23.02
CA ASP J 348 -2.35 -30.88 22.98
C ASP J 348 -2.68 -31.31 24.40
N THR J 349 -3.93 -31.10 24.81
CA THR J 349 -4.39 -31.47 26.14
C THR J 349 -4.98 -32.87 26.19
N SER J 350 -4.45 -33.79 25.39
CA SER J 350 -4.96 -35.17 25.43
C SER J 350 -4.52 -35.91 26.67
N GLY J 351 -3.40 -35.52 27.28
CA GLY J 351 -2.93 -36.13 28.51
C GLY J 351 -3.53 -35.60 29.79
N LEU J 352 -4.19 -34.44 29.72
CA LEU J 352 -4.83 -33.90 30.91
C LEU J 352 -6.23 -34.47 31.09
N PHE J 353 -6.97 -34.63 29.99
CA PHE J 353 -8.36 -35.08 30.03
C PHE J 353 -8.44 -36.51 29.53
N ASN J 354 -7.90 -37.43 30.34
CA ASN J 354 -7.87 -38.85 30.04
C ASN J 354 -8.06 -39.62 31.34
N SER J 355 -9.22 -39.44 31.98
CA SER J 355 -9.52 -40.05 33.26
C SER J 355 -10.98 -40.51 33.28
N THR J 356 -11.27 -41.44 34.17
CA THR J 356 -12.63 -41.92 34.38
C THR J 356 -12.86 -42.10 35.87
N TRP J 357 -13.91 -41.46 36.39
CA TRP J 357 -14.20 -41.44 37.81
C TRP J 357 -15.48 -42.23 38.10
N ILE J 358 -15.48 -42.94 39.22
CA ILE J 358 -16.62 -43.76 39.63
C ILE J 358 -16.68 -43.76 41.15
N SER J 359 -17.87 -44.04 41.68
CA SER J 359 -18.13 -44.09 43.13
C SER J 359 -17.65 -42.81 43.84
N ASN J 372 8.35 -34.59 39.61
CA ASN J 372 7.66 -35.66 40.32
C ASN J 372 6.59 -36.29 39.42
N ASP J 373 7.04 -37.04 38.41
CA ASP J 373 6.16 -37.74 37.48
C ASP J 373 5.15 -36.78 36.86
N SER J 374 5.66 -35.68 36.33
CA SER J 374 4.80 -34.68 35.70
C SER J 374 4.35 -35.15 34.32
N ILE J 375 3.13 -34.76 33.95
CA ILE J 375 2.67 -35.02 32.59
C ILE J 375 3.44 -34.12 31.63
N THR J 376 3.61 -34.57 30.41
CA THR J 376 4.20 -33.74 29.36
C THR J 376 3.13 -33.48 28.30
N LEU J 377 3.08 -32.23 27.82
CA LEU J 377 2.08 -31.81 26.86
C LEU J 377 2.76 -31.36 25.58
N PRO J 378 2.55 -32.04 24.45
CA PRO J 378 3.15 -31.57 23.20
C PRO J 378 2.52 -30.27 22.74
N CYS J 379 3.38 -29.32 22.34
CA CYS J 379 2.94 -28.01 21.89
C CYS J 379 3.48 -27.74 20.49
N ARG J 380 2.67 -27.05 19.68
CA ARG J 380 3.08 -26.56 18.37
C ARG J 380 2.92 -25.05 18.34
N ILE J 381 3.81 -24.38 17.63
CA ILE J 381 3.88 -22.93 17.62
C ILE J 381 3.52 -22.40 16.23
N LYS J 382 2.71 -21.36 16.20
CA LYS J 382 2.36 -20.66 14.98
C LYS J 382 2.86 -19.22 15.05
N GLN J 383 2.78 -18.53 13.91
CA GLN J 383 3.09 -17.12 13.83
C GLN J 383 2.03 -16.30 13.13
N ILE J 384 1.14 -16.91 12.36
CA ILE J 384 0.04 -16.23 11.70
C ILE J 384 -1.23 -16.66 12.42
N ILE J 385 -1.84 -15.71 13.16
CA ILE J 385 -2.95 -16.03 14.05
C ILE J 385 -4.17 -15.21 13.65
N ASN J 386 -5.35 -15.77 13.95
CA ASN J 386 -6.66 -15.15 13.66
C ASN J 386 -7.51 -15.28 14.92
N MET J 387 -7.21 -14.47 15.93
CA MET J 387 -7.95 -14.55 17.19
C MET J 387 -9.20 -13.69 17.14
N TRP J 388 -10.24 -14.14 17.86
CA TRP J 388 -11.53 -13.46 17.96
C TRP J 388 -12.29 -13.49 16.64
N GLN J 389 -12.17 -14.59 15.90
CA GLN J 389 -12.92 -14.80 14.65
C GLN J 389 -12.62 -13.73 13.60
N ARG J 390 -11.53 -13.00 13.75
CA ARG J 390 -11.23 -11.89 12.86
C ARG J 390 -11.03 -12.36 11.43
N ILE J 391 -12.09 -12.27 10.62
CA ILE J 391 -12.03 -12.64 9.21
C ILE J 391 -11.71 -11.38 8.42
N GLY J 392 -10.48 -11.28 7.92
CA GLY J 392 -10.07 -10.12 7.17
C GLY J 392 -8.71 -9.60 7.59
N GLN J 393 -8.36 -9.79 8.85
CA GLN J 393 -7.07 -9.34 9.38
C GLN J 393 -6.38 -10.50 10.08
N ALA J 394 -5.16 -10.80 9.64
CA ALA J 394 -4.30 -11.80 10.27
C ALA J 394 -3.06 -11.11 10.81
N MET J 395 -2.58 -11.54 11.98
CA MET J 395 -1.43 -10.94 12.62
C MET J 395 -0.23 -11.87 12.51
N TYR J 396 0.91 -11.31 12.12
CA TYR J 396 2.17 -12.05 12.10
C TYR J 396 2.91 -11.80 13.40
N ALA J 397 3.13 -12.86 14.17
CA ALA J 397 3.89 -12.75 15.40
C ALA J 397 5.38 -12.70 15.07
N PRO J 398 6.08 -11.61 15.37
CA PRO J 398 7.52 -11.57 15.12
C PRO J 398 8.24 -12.60 15.97
N PRO J 399 9.33 -13.15 15.47
CA PRO J 399 10.06 -14.17 16.26
C PRO J 399 10.68 -13.57 17.50
N ILE J 400 10.47 -14.24 18.63
CA ILE J 400 11.04 -13.80 19.90
C ILE J 400 12.45 -14.37 20.01
N GLN J 401 13.43 -13.48 20.08
CA GLN J 401 14.83 -13.88 20.05
C GLN J 401 15.24 -14.46 21.39
N GLY J 402 15.75 -15.68 21.37
CA GLY J 402 16.20 -16.36 22.57
C GLY J 402 15.32 -17.54 22.94
N VAL J 403 15.40 -17.92 24.20
CA VAL J 403 14.62 -19.04 24.75
C VAL J 403 13.53 -18.47 25.65
N ILE J 404 12.34 -19.04 25.56
CA ILE J 404 11.17 -18.55 26.28
C ILE J 404 10.79 -19.55 27.37
N ARG J 405 10.54 -19.05 28.57
CA ARG J 405 10.08 -19.87 29.69
C ARG J 405 9.13 -19.03 30.53
N CYS J 406 7.91 -19.54 30.73
CA CYS J 406 6.91 -18.87 31.56
C CYS J 406 6.23 -19.88 32.47
N VAL J 407 5.83 -19.43 33.65
CA VAL J 407 5.15 -20.25 34.65
C VAL J 407 3.77 -19.65 34.88
N SER J 408 2.73 -20.45 34.66
CA SER J 408 1.35 -20.00 34.78
C SER J 408 0.67 -20.68 35.97
N ASN J 409 -0.56 -20.23 36.26
CA ASN J 409 -1.25 -20.59 37.50
C ASN J 409 -2.55 -21.35 37.28
N ILE J 410 -2.89 -21.72 36.03
CA ILE J 410 -4.11 -22.39 35.60
C ILE J 410 -5.17 -22.52 36.71
N THR J 411 -6.18 -21.65 36.67
CA THR J 411 -7.15 -21.54 37.75
C THR J 411 -8.55 -21.98 37.36
N GLY J 412 -8.77 -22.37 36.11
CA GLY J 412 -10.11 -22.73 35.69
C GLY J 412 -10.09 -23.60 34.46
N LEU J 413 -11.26 -24.18 34.18
CA LEU J 413 -11.46 -25.05 33.03
C LEU J 413 -12.77 -24.67 32.33
N ILE J 414 -12.83 -24.98 31.03
CA ILE J 414 -14.03 -24.77 30.23
C ILE J 414 -14.38 -26.12 29.60
N LEU J 415 -15.39 -26.78 30.17
CA LEU J 415 -15.79 -28.11 29.73
C LEU J 415 -17.16 -28.07 29.07
N THR J 416 -17.52 -29.18 28.46
CA THR J 416 -18.81 -29.30 27.77
C THR J 416 -19.19 -30.77 27.70
N ARG J 417 -20.43 -31.08 28.10
CA ARG J 417 -20.92 -32.45 28.03
C ARG J 417 -21.01 -32.92 26.58
N ASP J 418 -21.20 -34.22 26.41
CA ASP J 418 -21.47 -34.78 25.10
C ASP J 418 -22.94 -35.04 24.86
N GLY J 419 -23.75 -35.15 25.91
CA GLY J 419 -25.16 -35.40 25.70
C GLY J 419 -25.40 -36.76 25.07
N GLY J 420 -26.53 -36.88 24.41
CA GLY J 420 -26.92 -38.11 23.75
C GLY J 420 -28.06 -38.81 24.47
N SER J 421 -28.42 -39.99 23.95
CA SER J 421 -29.54 -40.77 24.46
C SER J 421 -29.16 -41.68 25.61
N THR J 422 -28.11 -41.34 26.36
CA THR J 422 -27.73 -42.13 27.52
C THR J 422 -28.76 -42.00 28.63
N ASP J 423 -29.01 -43.10 29.33
CA ASP J 423 -29.99 -43.16 30.41
C ASP J 423 -29.39 -42.72 31.75
N SER J 424 -28.68 -41.58 31.73
CA SER J 424 -28.06 -41.00 32.92
C SER J 424 -27.16 -42.01 33.64
N THR J 425 -26.59 -42.95 32.88
CA THR J 425 -25.67 -43.92 33.47
C THR J 425 -24.26 -43.33 33.55
N THR J 426 -23.73 -42.88 32.41
CA THR J 426 -22.41 -42.28 32.33
C THR J 426 -22.52 -40.87 31.77
N GLU J 427 -21.52 -40.05 32.09
CA GLU J 427 -21.51 -38.64 31.67
C GLU J 427 -20.08 -38.25 31.36
N THR J 428 -19.85 -37.78 30.13
CA THR J 428 -18.51 -37.44 29.65
C THR J 428 -18.34 -35.94 29.56
N PHE J 429 -17.12 -35.48 29.82
CA PHE J 429 -16.77 -34.06 29.78
C PHE J 429 -15.56 -33.85 28.88
N ARG J 430 -15.66 -32.91 27.94
CA ARG J 430 -14.60 -32.61 27.00
C ARG J 430 -14.27 -31.12 27.04
N PRO J 431 -13.00 -30.76 26.90
CA PRO J 431 -12.64 -29.34 26.90
C PRO J 431 -13.06 -28.67 25.61
N SER J 432 -13.39 -27.38 25.71
CA SER J 432 -13.79 -26.61 24.54
C SER J 432 -13.45 -25.14 24.77
N GLY J 433 -13.84 -24.32 23.81
CA GLY J 433 -13.62 -22.88 23.86
C GLY J 433 -14.52 -22.20 22.85
N GLY J 434 -15.82 -22.37 23.00
CA GLY J 434 -16.78 -21.86 22.03
C GLY J 434 -16.81 -20.35 21.94
N ASP J 435 -16.29 -19.65 22.94
CA ASP J 435 -16.26 -18.19 22.91
C ASP J 435 -15.04 -17.71 23.67
N MET J 436 -14.72 -16.43 23.48
CA MET J 436 -13.69 -15.77 24.28
C MET J 436 -14.26 -15.01 25.46
N ARG J 437 -15.55 -14.65 25.39
CA ARG J 437 -16.19 -13.92 26.50
C ARG J 437 -16.28 -14.76 27.77
N ASP J 438 -16.23 -16.09 27.65
CA ASP J 438 -16.21 -16.94 28.83
C ASP J 438 -14.98 -16.67 29.70
N ASN J 439 -13.90 -16.21 29.08
CA ASN J 439 -12.71 -15.86 29.85
C ASN J 439 -12.95 -14.65 30.74
N TRP J 440 -13.64 -13.64 30.21
CA TRP J 440 -13.94 -12.46 31.01
C TRP J 440 -15.09 -12.69 31.98
N ARG J 441 -15.96 -13.66 31.70
CA ARG J 441 -17.02 -14.02 32.65
C ARG J 441 -16.45 -14.65 33.91
N SER J 442 -15.33 -15.37 33.80
CA SER J 442 -14.72 -15.99 34.96
C SER J 442 -14.13 -14.97 35.92
N GLU J 443 -14.10 -13.69 35.56
CA GLU J 443 -13.58 -12.64 36.42
C GLU J 443 -14.58 -11.52 36.66
N LEU J 444 -15.77 -11.59 36.08
CA LEU J 444 -16.80 -10.58 36.30
C LEU J 444 -18.10 -11.17 36.85
N TYR J 445 -18.08 -12.43 37.31
CA TYR J 445 -19.28 -13.05 37.85
C TYR J 445 -19.79 -12.31 39.07
N LYS J 446 -18.89 -11.67 39.81
CA LYS J 446 -19.26 -11.05 41.07
C LYS J 446 -19.67 -9.59 40.92
N TYR J 447 -19.35 -8.94 39.81
CA TYR J 447 -19.57 -7.51 39.68
C TYR J 447 -20.87 -7.22 38.93
N LYS J 448 -21.39 -6.02 39.16
CA LYS J 448 -22.66 -5.58 38.58
C LYS J 448 -22.71 -4.06 38.65
N VAL J 449 -23.11 -3.43 37.56
CA VAL J 449 -23.15 -1.97 37.45
C VAL J 449 -24.59 -1.50 37.59
N VAL J 450 -24.81 -0.49 38.42
CA VAL J 450 -26.13 0.09 38.61
C VAL J 450 -26.01 1.60 38.71
N LYS J 451 -27.08 2.30 38.32
CA LYS J 451 -27.14 3.76 38.39
C LYS J 451 -27.88 4.19 39.65
N ILE J 452 -27.49 5.35 40.18
CA ILE J 452 -28.03 5.87 41.42
C ILE J 452 -29.11 6.88 41.11
N GLU J 453 -30.28 6.73 41.74
CA GLU J 453 -31.37 7.68 41.60
C GLU J 453 -31.61 8.38 42.93
N PRO J 454 -31.03 9.55 43.16
CA PRO J 454 -31.10 10.18 44.47
C PRO J 454 -32.40 10.89 44.79
N LEU J 455 -33.39 10.88 43.90
CA LEU J 455 -34.64 11.56 44.12
C LEU J 455 -35.71 10.59 44.58
N GLY J 456 -36.42 10.95 45.65
CA GLY J 456 -37.47 10.12 46.19
C GLY J 456 -38.50 10.91 46.96
N VAL J 457 -39.78 10.66 46.68
CA VAL J 457 -40.89 11.31 47.36
C VAL J 457 -41.43 10.37 48.41
N ALA J 458 -41.92 10.95 49.51
CA ALA J 458 -42.49 10.20 50.61
C ALA J 458 -43.45 11.11 51.37
N PRO J 459 -44.53 10.56 51.94
CA PRO J 459 -45.46 11.39 52.71
C PRO J 459 -45.02 11.57 54.15
N THR J 460 -45.13 12.81 54.62
CA THR J 460 -44.89 13.16 56.02
C THR J 460 -46.01 14.09 56.49
N ARG J 461 -45.97 14.44 57.76
CA ARG J 461 -46.89 15.41 58.34
C ARG J 461 -46.35 16.83 58.30
N CYS J 462 -45.55 17.16 57.30
CA CYS J 462 -44.99 18.50 57.14
C CYS J 462 -45.61 19.16 55.92
N LYS J 463 -45.92 20.46 56.04
CA LYS J 463 -46.45 21.25 54.95
C LYS J 463 -45.56 22.47 54.73
N ARG J 464 -45.39 22.84 53.47
CA ARG J 464 -44.60 24.02 53.13
C ARG J 464 -45.26 25.27 53.68
N ARG J 465 -44.45 26.15 54.29
CA ARG J 465 -44.96 27.39 54.84
C ARG J 465 -45.42 28.31 53.71
N VAL J 466 -46.64 28.83 53.83
CA VAL J 466 -47.20 29.66 52.77
C VAL J 466 -46.50 31.01 52.71
N VAL J 467 -46.26 31.63 53.87
CA VAL J 467 -45.63 32.94 54.02
C VAL J 467 -46.05 33.93 52.93
N TYR K 2 26.76 29.08 -42.46
CA TYR K 2 27.02 29.99 -41.35
C TYR K 2 26.51 31.39 -41.66
N VAL K 3 26.19 31.63 -42.93
CA VAL K 3 25.77 32.95 -43.38
C VAL K 3 24.28 33.12 -43.13
N SER K 4 23.92 34.20 -42.42
CA SER K 4 22.53 34.54 -42.16
C SER K 4 22.14 35.71 -43.06
N PRO K 5 21.40 35.48 -44.15
CA PRO K 5 21.05 36.57 -45.05
C PRO K 5 20.10 37.56 -44.40
N LEU K 6 20.36 38.85 -44.61
CA LEU K 6 19.56 39.92 -44.03
C LEU K 6 19.35 40.99 -45.10
N SER K 7 18.12 41.09 -45.60
CA SER K 7 17.78 42.06 -46.64
C SER K 7 17.22 43.32 -46.00
N VAL K 8 17.92 44.45 -46.19
CA VAL K 8 17.50 45.75 -45.70
C VAL K 8 17.61 46.74 -46.86
N ALA K 9 17.00 47.90 -46.69
CA ALA K 9 17.05 48.98 -47.65
C ALA K 9 18.10 50.00 -47.25
N LEU K 10 18.09 51.16 -47.91
CA LEU K 10 19.08 52.21 -47.65
C LEU K 10 18.72 52.91 -46.36
N GLY K 11 19.36 52.51 -45.26
CA GLY K 11 19.27 53.25 -44.01
C GLY K 11 17.95 53.14 -43.28
N GLU K 12 17.29 51.98 -43.34
CA GLU K 12 16.07 51.77 -42.57
C GLU K 12 16.44 51.24 -41.18
N THR K 13 15.44 50.89 -40.38
CA THR K 13 15.68 50.31 -39.07
C THR K 13 15.94 48.82 -39.21
N ALA K 14 17.13 48.39 -38.78
CA ALA K 14 17.57 47.01 -38.93
C ALA K 14 17.84 46.41 -37.56
N ARG K 15 17.24 45.24 -37.29
CA ARG K 15 17.42 44.52 -36.04
C ARG K 15 18.18 43.23 -36.33
N ILE K 16 19.36 43.10 -35.74
CA ILE K 16 20.18 41.89 -35.89
C ILE K 16 20.06 41.11 -34.58
N SER K 17 19.23 40.07 -34.59
CA SER K 17 19.03 39.25 -33.41
C SER K 17 20.13 38.21 -33.28
N CYS K 18 20.58 37.99 -32.05
CA CYS K 18 21.61 36.99 -31.80
C CYS K 18 21.02 35.59 -31.94
N GLY K 19 21.73 34.71 -32.65
CA GLY K 19 21.24 33.36 -32.85
C GLY K 19 21.10 32.58 -31.56
N ARG K 20 21.99 32.80 -30.61
CA ARG K 20 21.95 32.16 -29.31
C ARG K 20 21.25 33.06 -28.31
N GLN K 21 20.43 32.47 -27.45
CA GLN K 21 19.77 33.17 -26.36
C GLN K 21 20.45 32.79 -25.04
N ALA K 22 20.74 33.80 -24.22
CA ALA K 22 21.46 33.55 -22.98
C ALA K 22 20.59 32.82 -21.97
N LEU K 23 21.20 31.89 -21.25
CA LEU K 23 20.47 31.16 -20.21
C LEU K 23 20.47 31.90 -18.88
N GLY K 24 21.34 32.89 -18.72
CA GLY K 24 21.42 33.67 -17.50
C GLY K 24 21.96 35.05 -17.79
N SER K 25 22.59 35.65 -16.79
CA SER K 25 23.24 36.94 -16.99
C SER K 25 24.32 36.81 -18.06
N ARG K 26 24.31 37.73 -19.02
CA ARG K 26 25.12 37.61 -20.22
C ARG K 26 26.10 38.77 -20.35
N ALA K 27 27.03 38.61 -21.29
CA ALA K 27 28.01 39.65 -21.64
C ALA K 27 28.28 39.49 -23.14
N VAL K 28 27.50 40.18 -23.96
CA VAL K 28 27.49 39.99 -25.40
C VAL K 28 28.52 40.88 -26.07
N GLN K 29 29.25 40.31 -27.02
CA GLN K 29 30.15 41.06 -27.89
C GLN K 29 29.65 41.03 -29.32
N TRP K 30 29.89 42.12 -30.05
CA TRP K 30 29.49 42.25 -31.44
C TRP K 30 30.70 42.62 -32.28
N TYR K 31 30.84 41.96 -33.43
CA TYR K 31 31.95 42.20 -34.33
C TYR K 31 31.45 42.50 -35.73
N GLN K 32 32.10 43.45 -36.40
CA GLN K 32 31.84 43.80 -37.79
C GLN K 32 33.00 43.29 -38.64
N HIS K 33 32.70 42.43 -39.62
CA HIS K 33 33.73 41.83 -40.45
C HIS K 33 33.40 42.07 -41.92
N LYS K 34 34.22 42.86 -42.58
CA LYS K 34 34.13 43.09 -44.02
C LYS K 34 35.04 42.12 -44.76
N PRO K 35 34.56 41.54 -45.86
CA PRO K 35 35.34 40.52 -46.58
C PRO K 35 36.69 41.08 -47.03
N GLY K 36 37.76 40.44 -46.55
CA GLY K 36 39.10 40.85 -46.88
C GLY K 36 39.74 41.82 -45.91
N GLN K 37 39.01 42.25 -44.88
CA GLN K 37 39.52 43.20 -43.90
C GLN K 37 39.63 42.52 -42.54
N ALA K 38 39.95 43.31 -41.52
CA ALA K 38 40.08 42.82 -40.15
C ALA K 38 38.76 43.01 -39.39
N PRO K 39 38.45 42.10 -38.47
CA PRO K 39 37.25 42.28 -37.65
C PRO K 39 37.33 43.55 -36.81
N ILE K 40 36.18 44.18 -36.62
CA ILE K 40 36.08 45.43 -35.87
C ILE K 40 35.15 45.21 -34.69
N LEU K 41 35.61 45.57 -33.49
CA LEU K 41 34.83 45.44 -32.28
C LEU K 41 33.78 46.55 -32.23
N LEU K 42 32.51 46.17 -32.39
CA LEU K 42 31.41 47.14 -32.34
C LEU K 42 30.94 47.38 -30.92
N ILE K 43 30.52 46.33 -30.23
CA ILE K 43 29.94 46.41 -28.89
C ILE K 43 30.56 45.34 -28.02
N TYR K 44 31.06 45.73 -26.85
CA TYR K 44 31.53 44.80 -25.84
C TYR K 44 30.80 45.06 -24.53
N ASN K 45 30.62 43.99 -23.75
CA ASN K 45 29.88 44.03 -22.49
C ASN K 45 28.45 44.54 -22.71
N ASN K 46 27.72 43.81 -23.55
CA ASN K 46 26.30 44.02 -23.83
C ASN K 46 26.01 45.34 -24.54
N GLN K 47 26.53 46.46 -24.03
CA GLN K 47 26.19 47.76 -24.63
C GLN K 47 27.37 48.72 -24.78
N ASP K 48 28.49 48.54 -24.08
CA ASP K 48 29.60 49.47 -24.19
C ASP K 48 30.28 49.34 -25.55
N ARG K 49 30.78 50.46 -26.06
CA ARG K 49 31.51 50.48 -27.31
C ARG K 49 32.80 51.27 -27.13
N PRO K 50 33.89 50.84 -27.78
CA PRO K 50 35.15 51.59 -27.68
C PRO K 50 35.10 52.86 -28.52
N SER K 51 36.10 53.71 -28.30
CA SER K 51 36.20 54.95 -29.05
C SER K 51 36.48 54.67 -30.51
N GLY K 52 35.94 55.52 -31.38
CA GLY K 52 36.03 55.33 -32.81
C GLY K 52 34.80 54.72 -33.44
N ILE K 53 33.90 54.16 -32.64
CA ILE K 53 32.64 53.60 -33.14
C ILE K 53 31.61 54.72 -33.18
N PRO K 54 31.09 55.07 -34.36
CA PRO K 54 30.07 56.13 -34.42
C PRO K 54 28.82 55.74 -33.64
N GLU K 55 28.06 56.76 -33.26
CA GLU K 55 26.85 56.54 -32.46
C GLU K 55 25.73 55.93 -33.30
N ARG K 56 26.05 54.92 -34.09
CA ARG K 56 25.08 54.17 -34.89
C ARG K 56 24.87 52.75 -34.37
N PHE K 57 25.94 52.10 -33.93
CA PHE K 57 25.87 50.74 -33.41
C PHE K 57 25.55 50.78 -31.93
N SER K 58 24.60 49.95 -31.51
CA SER K 58 24.21 49.87 -30.10
C SER K 58 23.88 48.42 -29.76
N GLY K 59 23.93 48.11 -28.47
CA GLY K 59 23.60 46.79 -27.98
C GLY K 59 22.48 46.83 -26.95
N THR K 60 21.99 45.65 -26.60
CA THR K 60 20.92 45.53 -25.63
C THR K 60 21.50 45.25 -24.25
N PRO K 61 21.17 46.05 -23.24
CA PRO K 61 21.72 45.82 -21.89
C PRO K 61 21.04 44.64 -21.20
N ASP K 62 21.72 44.16 -20.16
CA ASP K 62 21.28 42.98 -19.41
C ASP K 62 20.72 43.46 -18.07
N ILE K 63 19.42 43.71 -18.04
CA ILE K 63 18.75 44.15 -16.81
C ILE K 63 17.86 43.02 -16.31
N ASN K 64 18.32 41.78 -16.47
CA ASN K 64 17.65 40.57 -15.97
C ASN K 64 16.32 40.31 -16.67
N PHE K 65 15.84 41.28 -17.45
CA PHE K 65 14.62 41.08 -18.22
C PHE K 65 14.79 39.94 -19.22
N GLY K 66 13.67 39.37 -19.63
CA GLY K 66 13.70 38.33 -20.65
C GLY K 66 13.87 38.90 -22.04
N THR K 67 14.94 39.64 -22.26
CA THR K 67 15.22 40.31 -23.53
C THR K 67 16.36 39.59 -24.23
N THR K 68 16.16 39.30 -25.52
CA THR K 68 17.19 38.65 -26.31
C THR K 68 18.23 39.67 -26.76
N ALA K 69 19.49 39.22 -26.81
CA ALA K 69 20.56 40.09 -27.28
C ALA K 69 20.36 40.43 -28.75
N THR K 70 20.40 41.72 -29.06
CA THR K 70 20.14 42.21 -30.41
C THR K 70 21.11 43.32 -30.76
N LEU K 71 21.73 43.21 -31.93
CA LEU K 71 22.60 44.27 -32.45
C LEU K 71 21.74 45.34 -33.13
N THR K 72 21.76 46.55 -32.57
CA THR K 72 20.90 47.64 -33.03
C THR K 72 21.72 48.57 -33.89
N ILE K 73 21.62 48.40 -35.22
CA ILE K 73 22.24 49.29 -36.19
C ILE K 73 21.12 50.10 -36.82
N SER K 74 21.23 51.42 -36.71
CA SER K 74 20.18 52.34 -37.14
C SER K 74 20.72 53.26 -38.23
N GLY K 75 20.14 53.19 -39.42
CA GLY K 75 20.55 54.03 -40.52
C GLY K 75 21.80 53.54 -41.22
N VAL K 76 21.70 52.40 -41.89
CA VAL K 76 22.87 51.78 -42.51
C VAL K 76 23.26 52.54 -43.76
N GLU K 77 24.57 52.64 -43.99
CA GLU K 77 25.11 53.16 -45.23
C GLU K 77 25.66 52.00 -46.07
N VAL K 78 26.15 52.32 -47.26
CA VAL K 78 26.79 51.31 -48.09
C VAL K 78 28.10 50.82 -47.50
N GLY K 79 28.65 51.54 -46.52
CA GLY K 79 29.85 51.13 -45.82
C GLY K 79 29.62 50.24 -44.61
N ASP K 80 28.37 50.02 -44.23
CA ASP K 80 28.02 49.11 -43.16
C ASP K 80 27.65 47.72 -43.67
N GLU K 81 27.68 47.52 -44.99
CA GLU K 81 27.33 46.24 -45.62
C GLU K 81 28.45 45.25 -45.34
N ALA K 82 28.25 44.40 -44.33
CA ALA K 82 29.28 43.45 -43.92
C ALA K 82 28.63 42.32 -43.13
N ASP K 83 29.47 41.43 -42.61
CA ASP K 83 29.03 40.34 -41.76
C ASP K 83 29.10 40.75 -40.30
N TYR K 84 28.23 40.15 -39.48
CA TYR K 84 28.14 40.46 -38.07
C TYR K 84 28.06 39.17 -37.26
N TYR K 85 28.96 39.03 -36.29
CA TYR K 85 28.99 37.88 -35.40
C TYR K 85 28.50 38.30 -34.02
N CYS K 86 27.93 37.34 -33.28
CA CYS K 86 27.41 37.56 -31.94
C CYS K 86 28.16 36.63 -30.99
N HIS K 87 29.02 37.21 -30.14
CA HIS K 87 29.81 36.46 -29.19
C HIS K 87 29.08 36.46 -27.84
N MET K 88 28.51 35.33 -27.48
CA MET K 88 27.65 35.20 -26.31
C MET K 88 28.41 34.59 -25.15
N TRP K 89 28.35 35.25 -23.98
CA TRP K 89 28.97 34.78 -22.76
C TRP K 89 27.94 34.87 -21.64
N ASP K 90 27.48 33.71 -21.16
CA ASP K 90 26.58 33.67 -20.02
C ASP K 90 27.14 32.73 -18.95
N SER K 91 26.58 32.85 -17.74
CA SER K 91 27.05 32.08 -16.61
C SER K 91 26.73 30.59 -16.73
N ARG K 92 25.93 30.18 -17.70
CA ARG K 92 25.51 28.80 -17.81
C ARG K 92 26.12 28.05 -18.98
N SER K 93 26.47 28.74 -20.06
CA SER K 93 27.04 28.05 -21.20
C SER K 93 28.53 27.75 -21.02
N GLY K 94 29.22 28.51 -20.17
CA GLY K 94 30.63 28.30 -19.97
C GLY K 94 31.47 29.11 -20.94
N PHE K 95 32.70 28.64 -21.15
CA PHE K 95 33.63 29.31 -22.05
C PHE K 95 33.17 29.09 -23.49
N SER K 96 32.72 30.15 -24.14
CA SER K 96 32.18 30.06 -25.50
C SER K 96 33.31 30.34 -26.48
N TRP K 97 33.74 29.29 -27.20
CA TRP K 97 34.77 29.43 -28.23
C TRP K 97 34.20 29.77 -29.60
N SER K 98 32.90 29.59 -29.80
CA SER K 98 32.28 29.86 -31.09
C SER K 98 31.80 31.30 -31.14
N PHE K 99 32.09 31.98 -32.24
CA PHE K 99 31.49 33.27 -32.53
C PHE K 99 30.10 33.14 -33.15
N GLY K 100 29.62 31.91 -33.34
CA GLY K 100 28.31 31.69 -33.91
C GLY K 100 28.28 31.99 -35.40
N GLY K 101 27.08 31.87 -35.96
CA GLY K 101 26.87 32.20 -37.35
C GLY K 101 26.99 33.69 -37.61
N ALA K 102 27.24 34.03 -38.86
CA ALA K 102 27.38 35.41 -39.28
C ALA K 102 26.10 35.90 -39.95
N THR K 103 25.73 37.13 -39.65
CA THR K 103 24.57 37.78 -40.27
C THR K 103 25.09 38.72 -41.35
N ARG K 104 24.98 38.30 -42.61
CA ARG K 104 25.51 39.06 -43.72
C ARG K 104 24.52 40.14 -44.11
N LEU K 105 24.89 41.39 -43.91
CA LEU K 105 24.04 42.53 -44.22
C LEU K 105 24.18 42.92 -45.68
N THR K 106 23.04 43.18 -46.31
CA THR K 106 23.00 43.62 -47.71
C THR K 106 22.17 44.89 -47.80
N VAL K 107 22.78 45.96 -48.28
CA VAL K 107 22.13 47.26 -48.39
C VAL K 107 21.57 47.41 -49.81
N LEU K 108 20.27 47.66 -49.90
CA LEU K 108 19.59 47.81 -51.18
C LEU K 108 19.29 49.29 -51.44
N SER K 109 18.47 49.55 -52.46
CA SER K 109 18.02 50.89 -52.84
C SER K 109 19.17 51.81 -53.24
N GLN K 110 20.33 51.24 -53.59
CA GLN K 110 21.47 52.05 -54.01
C GLN K 110 21.27 52.53 -55.44
N PRO K 111 21.61 53.79 -55.73
CA PRO K 111 21.44 54.31 -57.10
C PRO K 111 22.16 53.45 -58.13
N LYS K 112 21.47 53.18 -59.23
CA LYS K 112 22.01 52.33 -60.28
C LYS K 112 23.20 53.01 -60.95
N ALA K 113 24.30 52.27 -61.11
CA ALA K 113 25.52 52.79 -61.70
C ALA K 113 25.81 52.05 -63.00
N ALA K 114 26.37 52.78 -63.97
CA ALA K 114 26.69 52.21 -65.27
C ALA K 114 28.09 51.64 -65.27
N PRO K 115 28.29 50.42 -65.79
CA PRO K 115 29.63 49.82 -65.77
C PRO K 115 30.58 50.52 -66.72
N SER K 116 31.79 50.80 -66.25
CA SER K 116 32.85 51.40 -67.06
C SER K 116 33.76 50.27 -67.55
N VAL K 117 33.69 49.98 -68.84
CA VAL K 117 34.43 48.87 -69.44
C VAL K 117 35.70 49.39 -70.10
N THR K 118 36.78 48.62 -69.97
CA THR K 118 38.04 48.95 -70.62
C THR K 118 38.68 47.65 -71.09
N LEU K 119 38.96 47.55 -72.39
CA LEU K 119 39.47 46.34 -73.01
C LEU K 119 40.91 46.57 -73.46
N PHE K 120 41.78 45.61 -73.16
CA PHE K 120 43.18 45.67 -73.54
C PHE K 120 43.54 44.53 -74.47
N PRO K 121 44.39 44.78 -75.47
CA PRO K 121 44.84 43.70 -76.35
C PRO K 121 46.05 43.00 -75.76
N PRO K 122 46.36 41.78 -76.21
CA PRO K 122 47.53 41.07 -75.69
C PRO K 122 48.81 41.87 -75.94
N SER K 123 49.70 41.85 -74.96
CA SER K 123 50.93 42.62 -75.04
C SER K 123 51.89 42.01 -76.08
N SER K 124 52.86 42.82 -76.50
CA SER K 124 53.83 42.36 -77.48
C SER K 124 54.79 41.35 -76.87
N GLU K 125 55.18 41.55 -75.61
CA GLU K 125 56.03 40.58 -74.93
C GLU K 125 55.30 39.26 -74.69
N GLU K 126 53.96 39.26 -74.73
CA GLU K 126 53.19 38.04 -74.58
C GLU K 126 53.13 37.25 -75.89
N LEU K 127 53.08 37.94 -77.02
CA LEU K 127 53.06 37.25 -78.30
C LEU K 127 54.37 36.50 -78.55
N GLN K 128 55.49 37.12 -78.23
CA GLN K 128 56.78 36.47 -78.41
C GLN K 128 56.96 35.29 -77.45
N ALA K 129 56.16 35.22 -76.39
CA ALA K 129 56.14 34.07 -75.50
C ALA K 129 55.11 33.03 -75.92
N ASN K 130 54.60 33.12 -77.15
CA ASN K 130 53.63 32.17 -77.71
C ASN K 130 52.33 32.15 -76.90
N LYS K 131 51.94 33.30 -76.35
CA LYS K 131 50.71 33.42 -75.58
C LYS K 131 49.93 34.64 -76.05
N ALA K 132 48.65 34.68 -75.69
CA ALA K 132 47.77 35.78 -76.08
C ALA K 132 46.53 35.75 -75.19
N THR K 133 46.29 36.85 -74.48
CA THR K 133 45.13 36.96 -73.60
C THR K 133 44.52 38.34 -73.73
N LEU K 134 43.18 38.38 -73.76
CA LEU K 134 42.43 39.63 -73.84
C LEU K 134 41.81 39.90 -72.48
N VAL K 135 42.11 41.07 -71.92
CA VAL K 135 41.68 41.45 -70.57
C VAL K 135 40.58 42.50 -70.69
N CYS K 136 39.40 42.18 -70.16
CA CYS K 136 38.25 43.07 -70.18
C CYS K 136 37.90 43.43 -68.74
N LEU K 137 38.04 44.71 -68.40
CA LEU K 137 37.88 45.18 -67.03
C LEU K 137 36.59 45.96 -66.89
N ILE K 138 35.68 45.45 -66.06
CA ILE K 138 34.40 46.08 -65.77
C ILE K 138 34.39 46.50 -64.31
N SER K 139 33.98 47.75 -64.05
CA SER K 139 33.95 48.26 -62.69
C SER K 139 32.91 49.39 -62.62
N ASP K 140 32.71 49.88 -61.40
CA ASP K 140 31.85 51.04 -61.14
C ASP K 140 30.40 50.77 -61.58
N PHE K 141 29.89 49.60 -61.22
CA PHE K 141 28.52 49.23 -61.58
C PHE K 141 27.79 48.65 -60.37
N TYR K 142 26.46 48.80 -60.39
CA TYR K 142 25.59 48.30 -59.35
C TYR K 142 24.22 48.07 -59.97
N PRO K 143 23.55 46.94 -59.67
CA PRO K 143 24.02 45.84 -58.82
C PRO K 143 25.10 44.98 -59.47
N GLY K 144 25.51 43.91 -58.80
CA GLY K 144 26.60 43.09 -59.27
C GLY K 144 26.26 42.19 -60.44
N ALA K 145 24.97 42.02 -60.75
CA ALA K 145 24.55 41.16 -61.84
C ALA K 145 25.06 41.68 -63.18
N VAL K 146 26.06 41.00 -63.75
CA VAL K 146 26.67 41.40 -65.01
C VAL K 146 26.94 40.14 -65.84
N THR K 147 26.59 40.20 -67.13
CA THR K 147 26.80 39.09 -68.06
C THR K 147 27.82 39.52 -69.10
N VAL K 148 28.98 38.87 -69.10
CA VAL K 148 30.07 39.19 -70.01
C VAL K 148 30.14 38.13 -71.09
N ALA K 149 30.26 38.57 -72.34
CA ALA K 149 30.33 37.66 -73.49
C ALA K 149 31.38 38.15 -74.47
N TRP K 150 32.06 37.21 -75.11
CA TRP K 150 33.07 37.50 -76.11
C TRP K 150 32.60 37.05 -77.49
N LYS K 151 33.03 37.79 -78.51
CA LYS K 151 32.65 37.50 -79.89
C LYS K 151 33.83 37.71 -80.81
N ALA K 152 34.09 36.73 -81.66
CA ALA K 152 35.13 36.83 -82.69
C ALA K 152 34.46 37.25 -84.00
N ASP K 153 34.86 38.41 -84.52
CA ASP K 153 34.25 38.99 -85.72
C ASP K 153 32.76 39.16 -85.53
N SER K 154 31.99 38.09 -85.77
CA SER K 154 30.55 38.11 -85.58
C SER K 154 30.02 36.84 -84.95
N SER K 155 30.89 35.91 -84.54
CA SER K 155 30.49 34.68 -83.91
C SER K 155 30.88 34.68 -82.43
N PRO K 156 29.99 34.27 -81.54
CA PRO K 156 30.33 34.30 -80.11
C PRO K 156 31.32 33.21 -79.75
N VAL K 157 32.36 33.59 -79.02
CA VAL K 157 33.36 32.64 -78.53
C VAL K 157 32.84 32.01 -77.24
N LYS K 158 32.93 30.69 -77.16
CA LYS K 158 32.42 29.95 -76.00
C LYS K 158 33.51 29.39 -75.10
N ALA K 159 34.64 28.97 -75.66
CA ALA K 159 35.72 28.37 -74.90
C ALA K 159 36.85 29.37 -74.69
N GLY K 160 37.61 29.16 -73.62
CA GLY K 160 38.73 30.01 -73.28
C GLY K 160 38.37 31.27 -72.51
N VAL K 161 37.13 31.42 -72.07
CA VAL K 161 36.69 32.61 -71.36
C VAL K 161 36.79 32.35 -69.86
N GLU K 162 37.51 33.23 -69.17
CA GLU K 162 37.65 33.17 -67.72
C GLU K 162 37.14 34.48 -67.13
N THR K 163 36.10 34.42 -66.32
CA THR K 163 35.47 35.60 -65.75
C THR K 163 35.40 35.48 -64.23
N THR K 164 35.70 36.58 -63.55
CA THR K 164 35.67 36.62 -62.09
C THR K 164 34.25 36.83 -61.60
N THR K 165 34.07 36.65 -60.29
CA THR K 165 32.78 36.90 -59.66
C THR K 165 32.68 38.36 -59.22
N PRO K 166 31.49 38.96 -59.33
CA PRO K 166 31.35 40.37 -58.96
C PRO K 166 31.66 40.60 -57.49
N SER K 167 32.26 41.74 -57.19
CA SER K 167 32.65 42.08 -55.83
C SER K 167 32.81 43.58 -55.72
N LYS K 168 32.23 44.17 -54.67
CA LYS K 168 32.37 45.60 -54.46
C LYS K 168 33.81 45.97 -54.13
N GLN K 169 34.13 47.25 -54.31
CA GLN K 169 35.48 47.75 -54.06
C GLN K 169 35.45 48.88 -53.04
N SER K 170 36.48 49.73 -53.06
CA SER K 170 36.58 50.83 -52.12
C SER K 170 35.57 51.93 -52.39
N ASN K 171 35.00 51.98 -53.59
CA ASN K 171 33.99 52.97 -53.94
C ASN K 171 32.57 52.45 -53.77
N ASN K 172 32.40 51.33 -53.06
CA ASN K 172 31.09 50.72 -52.82
C ASN K 172 30.40 50.36 -54.13
N LYS K 173 31.17 50.01 -55.15
CA LYS K 173 30.65 49.58 -56.44
C LYS K 173 31.38 48.31 -56.86
N TYR K 174 30.65 47.43 -57.56
CA TYR K 174 31.20 46.16 -57.96
C TYR K 174 32.21 46.33 -59.09
N ALA K 175 33.06 45.31 -59.26
CA ALA K 175 34.07 45.29 -60.30
C ALA K 175 34.31 43.85 -60.71
N ALA K 176 34.54 43.64 -62.00
CA ALA K 176 34.76 42.30 -62.53
C ALA K 176 35.90 42.34 -63.54
N SER K 177 36.33 41.14 -63.96
CA SER K 177 37.41 41.02 -64.93
C SER K 177 37.13 39.80 -65.81
N SER K 178 37.43 39.94 -67.10
CA SER K 178 37.24 38.86 -68.07
C SER K 178 38.55 38.61 -68.80
N TYR K 179 38.97 37.35 -68.88
CA TYR K 179 40.22 36.96 -69.53
C TYR K 179 39.92 35.92 -70.59
N LEU K 180 40.20 36.25 -71.85
CA LEU K 180 40.03 35.34 -72.97
C LEU K 180 41.43 34.95 -73.47
N SER K 181 41.86 33.74 -73.11
CA SER K 181 43.17 33.26 -73.52
C SER K 181 43.09 32.65 -74.91
N LEU K 182 44.01 33.06 -75.79
CA LEU K 182 44.08 32.56 -77.15
C LEU K 182 45.52 32.22 -77.49
N THR K 183 45.74 31.85 -78.75
CA THR K 183 47.06 31.54 -79.27
C THR K 183 47.49 32.60 -80.29
N PRO K 184 48.80 32.79 -80.49
CA PRO K 184 49.24 33.81 -81.46
C PRO K 184 48.70 33.59 -82.87
N GLU K 185 48.38 32.35 -83.22
CA GLU K 185 47.81 32.07 -84.54
C GLU K 185 46.30 32.28 -84.56
N GLN K 186 45.63 32.16 -83.41
CA GLN K 186 44.20 32.44 -83.36
C GLN K 186 43.91 33.92 -83.16
N TRP K 187 44.82 34.66 -82.52
CA TRP K 187 44.63 36.09 -82.34
C TRP K 187 44.75 36.83 -83.66
N LYS K 188 45.73 36.46 -84.48
CA LYS K 188 45.92 37.07 -85.79
C LYS K 188 45.06 36.45 -86.87
N SER K 189 44.29 35.41 -86.55
CA SER K 189 43.40 34.79 -87.54
C SER K 189 42.20 35.68 -87.83
N HIS K 190 41.46 36.07 -86.79
CA HIS K 190 40.30 36.91 -86.95
C HIS K 190 40.71 38.37 -87.09
N LYS K 191 39.86 39.14 -87.78
CA LYS K 191 40.16 40.55 -88.00
C LYS K 191 39.95 41.38 -86.74
N SER K 192 39.03 40.97 -85.86
CA SER K 192 38.70 41.76 -84.70
C SER K 192 38.02 40.88 -83.65
N TYR K 193 38.21 41.26 -82.39
CA TYR K 193 37.53 40.64 -81.26
C TYR K 193 36.79 41.73 -80.47
N SER K 194 35.79 41.31 -79.70
CA SER K 194 34.93 42.24 -78.98
C SER K 194 34.52 41.66 -77.64
N CYS K 195 34.67 42.47 -76.58
CA CYS K 195 34.18 42.12 -75.25
C CYS K 195 32.85 42.82 -75.05
N GLN K 196 31.78 42.04 -74.96
CA GLN K 196 30.43 42.57 -74.79
C GLN K 196 29.91 42.17 -73.41
N VAL K 197 29.58 43.17 -72.60
CA VAL K 197 29.02 42.93 -71.27
C VAL K 197 27.57 43.41 -71.27
N THR K 198 26.80 42.87 -70.32
CA THR K 198 25.39 43.18 -70.18
C THR K 198 25.09 43.44 -68.72
N HIS K 199 24.58 44.63 -68.42
CA HIS K 199 24.29 45.02 -67.04
C HIS K 199 22.94 45.70 -66.99
N GLU K 200 21.99 45.10 -66.27
CA GLU K 200 20.65 45.65 -66.07
C GLU K 200 19.93 45.87 -67.41
N GLY K 201 20.13 44.93 -68.34
CA GLY K 201 19.53 45.01 -69.65
C GLY K 201 20.26 45.87 -70.66
N SER K 202 21.14 46.76 -70.20
CA SER K 202 21.92 47.59 -71.12
C SER K 202 23.13 46.81 -71.62
N THR K 203 23.45 47.00 -72.90
CA THR K 203 24.52 46.27 -73.56
C THR K 203 25.55 47.26 -74.09
N VAL K 204 26.76 47.24 -73.49
CA VAL K 204 27.88 48.02 -73.98
C VAL K 204 28.98 47.07 -74.42
N GLU K 205 29.87 47.56 -75.27
CA GLU K 205 30.87 46.70 -75.90
C GLU K 205 32.03 47.55 -76.41
N LYS K 206 33.24 47.04 -76.22
CA LYS K 206 34.44 47.60 -76.82
C LYS K 206 35.06 46.59 -77.77
N THR K 207 36.01 47.07 -78.59
CA THR K 207 36.54 46.26 -79.68
C THR K 207 38.02 46.53 -79.85
N VAL K 208 38.81 45.46 -79.98
CA VAL K 208 40.23 45.53 -80.29
C VAL K 208 40.48 44.79 -81.59
N ALA K 209 41.66 45.04 -82.17
CA ALA K 209 42.02 44.45 -83.46
C ALA K 209 43.54 44.33 -83.54
N PRO K 210 44.04 43.28 -84.18
CA PRO K 210 45.50 43.13 -84.32
C PRO K 210 46.09 44.23 -85.20
N THR K 211 47.14 44.86 -84.71
CA THR K 211 47.82 45.93 -85.45
C THR K 211 49.31 45.94 -85.16
N GLU L 2 -15.85 35.77 71.73
CA GLU L 2 -14.81 34.80 72.06
C GLU L 2 -15.11 33.44 71.45
N ASN L 3 -16.40 33.15 71.27
CA ASN L 3 -16.82 31.90 70.65
C ASN L 3 -16.70 32.02 69.13
N LEU L 4 -15.85 31.20 68.55
CA LEU L 4 -15.55 31.25 67.11
C LEU L 4 -16.30 30.15 66.37
N TRP L 5 -16.82 30.51 65.20
CA TRP L 5 -17.53 29.57 64.33
C TRP L 5 -17.00 29.73 62.90
N VAL L 6 -16.96 28.61 62.18
CA VAL L 6 -16.47 28.65 60.81
C VAL L 6 -17.49 29.35 59.91
N THR L 7 -16.98 29.89 58.80
CA THR L 7 -17.81 30.62 57.86
C THR L 7 -17.32 30.35 56.44
N VAL L 8 -18.26 30.15 55.53
CA VAL L 8 -17.95 29.82 54.14
C VAL L 8 -17.75 31.11 53.37
N TYR L 9 -16.64 31.20 52.64
CA TYR L 9 -16.35 32.32 51.76
C TYR L 9 -16.13 31.79 50.35
N TYR L 10 -16.93 32.26 49.40
CA TYR L 10 -16.85 31.81 48.01
C TYR L 10 -16.23 32.92 47.18
N GLY L 11 -15.02 32.69 46.70
CA GLY L 11 -14.32 33.66 45.88
C GLY L 11 -13.04 34.18 46.50
N VAL L 12 -12.41 33.36 47.33
CA VAL L 12 -11.18 33.76 48.02
C VAL L 12 -10.00 33.67 47.06
N PRO L 13 -9.09 34.65 47.06
CA PRO L 13 -7.94 34.60 46.15
C PRO L 13 -6.93 33.54 46.55
N VAL L 14 -7.20 32.28 46.18
CA VAL L 14 -6.31 31.16 46.48
C VAL L 14 -6.10 30.37 45.19
N TRP L 15 -4.83 30.14 44.85
CA TRP L 15 -4.49 29.32 43.70
C TRP L 15 -3.39 28.33 44.09
N LYS L 16 -3.28 27.26 43.31
CA LYS L 16 -2.28 26.24 43.53
C LYS L 16 -1.69 25.80 42.19
N ASP L 17 -0.42 25.45 42.21
CA ASP L 17 0.27 25.03 40.98
C ASP L 17 -0.41 23.82 40.37
N ALA L 18 -0.83 23.94 39.11
CA ALA L 18 -1.51 22.85 38.44
C ALA L 18 -1.16 22.88 36.95
N GLU L 19 -1.30 21.72 36.32
CA GLU L 19 -1.03 21.55 34.88
C GLU L 19 -2.30 21.04 34.22
N THR L 20 -2.82 21.82 33.27
CA THR L 20 -4.05 21.47 32.55
C THR L 20 -3.80 21.57 31.05
N THR L 21 -4.81 21.16 30.28
CA THR L 21 -4.75 21.26 28.83
C THR L 21 -5.14 22.67 28.41
N LEU L 22 -4.20 23.41 27.85
CA LEU L 22 -4.45 24.76 27.35
C LEU L 22 -4.87 24.68 25.90
N PHE L 23 -5.83 25.53 25.52
CA PHE L 23 -6.38 25.53 24.17
C PHE L 23 -5.91 26.76 23.41
N CYS L 24 -6.24 26.77 22.12
CA CYS L 24 -5.73 27.74 21.18
C CYS L 24 -6.54 29.04 21.21
N ALA L 25 -5.91 30.11 20.77
CA ALA L 25 -6.57 31.41 20.64
C ALA L 25 -5.82 32.22 19.60
N SER L 26 -6.52 32.66 18.55
CA SER L 26 -5.89 33.38 17.45
C SER L 26 -6.81 34.51 17.00
N ASP L 27 -6.22 35.56 16.45
CA ASP L 27 -6.98 36.69 15.96
C ASP L 27 -7.68 36.35 14.65
N ALA L 28 -8.61 37.21 14.25
CA ALA L 28 -9.41 37.00 13.05
C ALA L 28 -8.57 37.34 11.82
N LYS L 29 -7.71 36.39 11.45
CA LYS L 29 -6.87 36.52 10.26
C LYS L 29 -7.60 35.88 9.09
N ALA L 30 -8.15 36.71 8.21
CA ALA L 30 -8.96 36.24 7.08
C ALA L 30 -8.10 36.18 5.82
N TYR L 31 -8.21 35.06 5.10
CA TYR L 31 -7.50 34.87 3.84
C TYR L 31 -8.08 33.70 3.06
N LYS L 34 -5.89 31.10 -0.38
CA LYS L 34 -4.66 30.64 0.25
C LYS L 34 -4.84 30.60 1.77
N LYS L 35 -5.03 29.40 2.31
CA LYS L 35 -5.23 29.22 3.74
C LYS L 35 -4.74 27.86 4.22
N HIS L 36 -5.37 27.34 5.27
CA HIS L 36 -5.05 26.02 5.81
C HIS L 36 -3.58 25.90 6.22
N ASN L 37 -3.06 26.93 6.88
CA ASN L 37 -1.75 26.80 7.48
C ASN L 37 -1.83 25.83 8.66
N VAL L 38 -0.73 25.09 8.88
CA VAL L 38 -0.76 23.97 9.81
C VAL L 38 -1.22 24.42 11.19
N TRP L 39 -0.74 25.57 11.66
CA TRP L 39 -0.93 25.93 13.06
C TRP L 39 -2.34 26.47 13.32
N ALA L 40 -2.72 27.56 12.66
CA ALA L 40 -4.08 28.08 12.84
C ALA L 40 -5.14 27.09 12.37
N THR L 41 -4.78 26.20 11.44
CA THR L 41 -5.65 25.11 11.00
C THR L 41 -7.04 25.61 10.62
N HIS L 42 -8.05 24.73 10.65
CA HIS L 42 -9.38 25.12 10.22
C HIS L 42 -9.96 26.17 11.15
N ALA L 43 -10.17 25.82 12.41
CA ALA L 43 -10.86 26.68 13.36
C ALA L 43 -10.14 26.65 14.71
N CYS L 44 -9.68 27.81 15.15
CA CYS L 44 -9.20 28.00 16.51
C CYS L 44 -9.99 29.16 17.12
N VAL L 45 -10.04 29.18 18.45
CA VAL L 45 -10.94 30.10 19.15
C VAL L 45 -10.52 31.54 18.88
N PRO L 46 -11.43 32.43 18.49
CA PRO L 46 -11.03 33.83 18.23
C PRO L 46 -10.70 34.56 19.52
N THR L 47 -9.54 35.22 19.53
CA THR L 47 -9.13 35.98 20.69
C THR L 47 -10.14 37.08 21.01
N ASP L 48 -10.22 37.43 22.29
CA ASP L 48 -11.15 38.46 22.71
C ASP L 48 -10.71 39.83 22.15
N PRO L 49 -11.67 40.69 21.82
CA PRO L 49 -11.29 42.01 21.27
C PRO L 49 -10.43 42.83 22.20
N ASN L 50 -10.57 42.66 23.51
CA ASN L 50 -9.79 43.43 24.49
C ASN L 50 -9.34 42.49 25.60
N PRO L 51 -8.06 42.10 25.61
CA PRO L 51 -7.57 41.26 26.70
C PRO L 51 -7.48 42.03 28.00
N GLN L 52 -7.73 41.32 29.10
CA GLN L 52 -7.77 41.90 30.44
C GLN L 52 -6.57 41.37 31.22
N GLU L 53 -5.49 42.14 31.22
CA GLU L 53 -4.32 41.83 32.04
C GLU L 53 -4.49 42.51 33.39
N ILE L 54 -4.49 41.72 34.45
CA ILE L 54 -4.83 42.19 35.80
C ILE L 54 -3.62 41.99 36.70
N HIS L 55 -3.06 43.09 37.19
CA HIS L 55 -1.90 43.04 38.06
C HIS L 55 -2.30 42.66 39.48
N LEU L 56 -1.43 41.90 40.14
CA LEU L 56 -1.65 41.44 41.50
C LEU L 56 -0.64 42.12 42.41
N GLU L 57 -1.13 42.98 43.30
CA GLU L 57 -0.26 43.76 44.18
C GLU L 57 0.28 42.90 45.32
N ASN L 58 1.53 43.17 45.69
CA ASN L 58 2.20 42.51 46.81
C ASN L 58 2.09 40.99 46.75
N VAL L 59 2.12 40.43 45.54
CA VAL L 59 2.01 38.99 45.33
C VAL L 59 3.36 38.49 44.83
N THR L 60 3.94 37.54 45.56
CA THR L 60 5.22 36.93 45.19
C THR L 60 5.00 35.45 44.93
N GLU L 61 5.24 35.03 43.69
CA GLU L 61 5.00 33.66 43.26
C GLU L 61 6.30 33.05 42.75
N GLU L 62 6.52 31.77 43.06
CA GLU L 62 7.68 31.06 42.59
C GLU L 62 7.49 30.62 41.14
N PHE L 63 8.55 30.77 40.34
CA PHE L 63 8.53 30.38 38.94
C PHE L 63 9.68 29.43 38.65
N ASN L 64 9.48 28.54 37.69
CA ASN L 64 10.53 27.61 37.27
C ASN L 64 10.28 27.30 35.79
N MET L 65 10.94 28.07 34.92
CA MET L 65 10.77 27.89 33.49
C MET L 65 11.23 26.52 33.01
N TRP L 66 12.14 25.87 33.74
CA TRP L 66 12.73 24.61 33.28
C TRP L 66 11.90 23.40 33.65
N LYS L 67 11.09 23.49 34.72
CA LYS L 67 10.12 22.47 35.06
C LYS L 67 8.71 22.88 34.67
N ASN L 68 8.59 23.75 33.67
CA ASN L 68 7.27 24.19 33.21
C ASN L 68 6.61 23.10 32.39
N ASN L 69 5.32 22.89 32.65
CA ASN L 69 4.55 21.93 31.87
C ASN L 69 3.97 22.52 30.60
N MET L 70 3.91 23.84 30.48
CA MET L 70 3.41 24.46 29.27
C MET L 70 4.30 24.14 28.07
N VAL L 71 5.60 23.91 28.33
CA VAL L 71 6.53 23.62 27.24
C VAL L 71 6.28 22.25 26.65
N GLU L 72 6.05 21.25 27.51
CA GLU L 72 5.83 19.89 27.03
C GLU L 72 4.51 19.76 26.27
N GLN L 73 3.50 20.56 26.66
CA GLN L 73 2.24 20.56 25.92
C GLN L 73 2.43 21.15 24.53
N MET L 74 3.01 22.34 24.45
CA MET L 74 3.19 23.00 23.16
C MET L 74 4.07 22.17 22.25
N HIS L 75 5.10 21.53 22.79
CA HIS L 75 5.99 20.70 21.97
C HIS L 75 5.23 19.52 21.37
N THR L 76 4.29 18.95 22.14
CA THR L 76 3.47 17.85 21.63
C THR L 76 2.31 18.32 20.78
N ASP L 77 2.03 19.63 20.76
CA ASP L 77 1.00 20.18 19.90
C ASP L 77 1.52 20.48 18.49
N ILE L 78 2.74 21.04 18.40
CA ILE L 78 3.34 21.27 17.10
C ILE L 78 3.52 19.96 16.36
N ILE L 79 4.04 18.94 17.04
CA ILE L 79 4.28 17.65 16.39
C ILE L 79 2.96 17.02 15.95
N SER L 80 1.94 17.09 16.80
CA SER L 80 0.64 16.51 16.42
C SER L 80 0.00 17.28 15.27
N LEU L 81 0.18 18.61 15.22
CA LEU L 81 -0.32 19.40 14.11
C LEU L 81 0.35 19.01 12.80
N TRP L 82 1.64 18.65 12.86
CA TRP L 82 2.37 18.29 11.65
C TRP L 82 1.81 17.03 11.01
N ASP L 83 1.54 16.01 11.82
CA ASP L 83 1.07 14.73 11.27
C ASP L 83 -0.35 14.85 10.72
N GLN L 84 -1.19 15.67 11.34
CA GLN L 84 -2.55 15.81 10.84
C GLN L 84 -2.59 16.45 9.47
N SER L 85 -1.60 17.29 9.15
CA SER L 85 -1.53 17.97 7.87
C SER L 85 -0.78 17.19 6.81
N LEU L 86 -0.19 16.04 7.16
CA LEU L 86 0.51 15.20 6.20
C LEU L 86 -0.21 13.88 5.93
N LYS L 87 -1.21 13.51 6.74
CA LYS L 87 -1.95 12.29 6.49
C LYS L 87 -2.68 12.29 5.15
N PRO L 88 -3.40 13.34 4.76
CA PRO L 88 -4.09 13.30 3.46
C PRO L 88 -3.23 13.66 2.27
N CYS L 89 -1.94 13.92 2.45
CA CYS L 89 -1.10 14.32 1.33
C CYS L 89 -0.47 13.10 0.66
N VAL L 90 0.19 13.33 -0.46
CA VAL L 90 0.68 12.26 -1.32
C VAL L 90 1.98 11.70 -0.75
N LYS L 91 2.04 10.37 -0.62
CA LYS L 91 3.24 9.70 -0.18
C LYS L 91 4.10 9.32 -1.38
N LEU L 92 5.39 9.65 -1.30
CA LEU L 92 6.34 9.38 -2.39
C LEU L 92 7.03 8.04 -2.23
N THR L 93 6.28 7.01 -1.82
CA THR L 93 6.88 5.69 -1.66
C THR L 93 7.43 5.09 -2.95
N PRO L 94 6.84 5.27 -4.13
CA PRO L 94 7.47 4.75 -5.35
C PRO L 94 8.70 5.54 -5.79
N LEU L 95 8.92 6.73 -5.24
CA LEU L 95 10.06 7.56 -5.64
C LEU L 95 11.38 7.01 -5.15
N CYS L 96 11.41 5.77 -4.66
CA CYS L 96 12.66 5.16 -4.21
C CYS L 96 13.29 4.29 -5.28
N VAL L 97 13.09 4.63 -6.55
CA VAL L 97 13.74 3.92 -7.65
C VAL L 97 15.21 4.32 -7.68
N THR L 98 16.06 3.42 -8.20
CA THR L 98 17.47 3.72 -8.36
C THR L 98 17.67 4.92 -9.28
N LEU L 99 18.16 6.02 -8.73
CA LEU L 99 18.37 7.24 -9.50
C LEU L 99 19.73 7.21 -10.16
N GLN L 100 19.80 7.72 -11.39
CA GLN L 100 21.06 7.92 -12.10
C GLN L 100 21.19 9.41 -12.38
N CYS L 101 22.13 10.05 -11.70
CA CYS L 101 22.25 11.49 -11.69
C CYS L 101 23.47 11.94 -12.49
N THR L 102 23.63 13.24 -12.61
CA THR L 102 24.80 13.87 -13.20
C THR L 102 24.97 15.23 -12.53
N ASN L 103 25.74 16.11 -13.15
CA ASN L 103 26.01 17.43 -12.59
C ASN L 103 25.16 18.47 -13.32
N VAL L 104 24.21 19.07 -12.59
CA VAL L 104 23.44 20.16 -13.19
C VAL L 104 24.30 21.41 -13.32
N THR L 105 25.42 21.46 -12.61
CA THR L 105 26.40 22.54 -12.73
C THR L 105 26.57 22.86 -14.21
N ASN L 106 26.04 24.02 -14.62
CA ASN L 106 25.95 24.41 -16.02
C ASN L 106 27.28 24.29 -16.74
N ASN L 107 27.71 23.05 -17.01
CA ASN L 107 28.98 22.76 -17.67
C ASN L 107 30.15 23.40 -16.94
N ILE L 108 30.07 23.42 -15.61
CA ILE L 108 31.06 24.09 -14.78
C ILE L 108 32.19 23.12 -14.44
N THR L 109 33.42 23.57 -14.62
CA THR L 109 34.60 22.81 -14.23
C THR L 109 35.06 23.25 -12.85
N ASP L 110 35.41 22.28 -12.01
CA ASP L 110 35.87 22.49 -10.63
C ASP L 110 35.08 23.57 -9.89
N GLY L 114 29.43 21.35 -7.05
CA GLY L 114 28.00 21.58 -7.18
C GLY L 114 27.18 20.96 -6.08
N GLU L 115 26.12 21.64 -5.67
CA GLU L 115 25.29 21.20 -4.55
C GLU L 115 24.01 20.50 -4.99
N LEU L 116 23.79 20.32 -6.29
CA LEU L 116 22.56 19.71 -6.77
C LEU L 116 22.86 18.88 -8.01
N LYS L 117 22.14 17.76 -8.14
CA LYS L 117 22.37 16.81 -9.22
C LYS L 117 21.06 16.59 -9.98
N ASN L 118 21.18 16.01 -11.17
CA ASN L 118 20.11 16.10 -12.16
C ASN L 118 19.24 14.85 -12.26
N CYS L 119 19.74 13.69 -11.84
CA CYS L 119 18.95 12.48 -11.57
C CYS L 119 17.78 12.20 -12.50
N SER L 120 17.96 11.27 -13.42
CA SER L 120 16.86 10.75 -14.23
C SER L 120 16.49 9.35 -13.74
N PHE L 121 15.20 9.02 -13.84
CA PHE L 121 14.73 7.76 -13.28
C PHE L 121 13.46 7.31 -13.98
N ASN L 122 13.13 6.04 -13.79
CA ASN L 122 11.90 5.46 -14.31
C ASN L 122 10.82 5.56 -13.23
N MET L 123 9.65 6.10 -13.60
CA MET L 123 8.59 6.35 -12.64
C MET L 123 7.28 5.75 -13.13
N THR L 124 6.41 5.39 -12.18
CA THR L 124 5.09 4.86 -12.50
C THR L 124 4.18 5.98 -12.97
N THR L 125 3.14 5.59 -13.71
CA THR L 125 2.24 6.54 -14.37
C THR L 125 0.84 6.40 -13.79
N GLU L 126 -0.12 7.08 -14.44
CA GLU L 126 -1.53 6.92 -14.09
C GLU L 126 -1.97 5.47 -14.29
N LEU L 127 -1.42 4.80 -15.29
CA LEU L 127 -1.68 3.38 -15.51
C LEU L 127 -0.60 2.54 -14.82
N ARG L 128 -0.96 1.29 -14.52
CA ARG L 128 -0.04 0.41 -13.80
C ARG L 128 1.01 -0.19 -14.72
N ASP L 129 0.58 -0.73 -15.87
CA ASP L 129 1.52 -1.36 -16.79
C ASP L 129 2.45 -0.35 -17.45
N LYS L 130 2.05 0.92 -17.54
CA LYS L 130 2.84 1.95 -18.20
C LYS L 130 3.81 2.58 -17.21
N ARG L 131 5.08 2.69 -17.61
CA ARG L 131 6.11 3.36 -16.84
C ARG L 131 6.73 4.47 -17.68
N GLN L 132 7.09 5.57 -17.02
CA GLN L 132 7.65 6.74 -17.69
C GLN L 132 9.05 7.04 -17.17
N LYS L 133 9.83 7.74 -17.99
CA LYS L 133 11.15 8.21 -17.61
C LYS L 133 11.12 9.74 -17.59
N VAL L 134 11.36 10.32 -16.41
CA VAL L 134 11.29 11.76 -16.22
C VAL L 134 12.57 12.24 -15.56
N HIS L 135 12.84 13.53 -15.71
CA HIS L 135 14.01 14.18 -15.15
C HIS L 135 13.58 15.20 -14.11
N ALA L 136 14.37 15.32 -13.05
CA ALA L 136 14.04 16.23 -11.96
C ALA L 136 15.32 16.61 -11.23
N LEU L 137 15.39 17.86 -10.78
CA LEU L 137 16.55 18.35 -10.06
C LEU L 137 16.42 18.07 -8.58
N PHE L 138 17.51 17.59 -7.97
CA PHE L 138 17.57 17.32 -6.55
C PHE L 138 18.83 17.91 -5.97
N TYR L 139 18.80 18.16 -4.67
CA TYR L 139 19.97 18.67 -3.97
C TYR L 139 20.87 17.53 -3.52
N LYS L 140 22.17 17.81 -3.47
CA LYS L 140 23.14 16.77 -3.09
C LYS L 140 22.94 16.29 -1.67
N LEU L 141 22.40 17.15 -0.80
CA LEU L 141 22.19 16.78 0.60
C LEU L 141 21.05 15.79 0.77
N ASP L 142 20.17 15.68 -0.22
CA ASP L 142 19.03 14.76 -0.13
C ASP L 142 19.25 13.48 -0.93
N ILE L 143 20.49 13.19 -1.33
CA ILE L 143 20.76 12.07 -2.21
C ILE L 143 22.14 11.51 -1.91
N VAL L 144 22.23 10.19 -1.76
CA VAL L 144 23.49 9.50 -1.51
C VAL L 144 23.71 8.45 -2.60
N PRO L 145 24.96 8.14 -2.95
CA PRO L 145 25.20 7.13 -3.98
C PRO L 145 24.75 5.74 -3.53
N ILE L 146 24.39 4.93 -4.51
CA ILE L 146 23.83 3.61 -4.22
C ILE L 146 24.88 2.51 -4.19
N ASN L 147 26.04 2.73 -4.82
CA ASN L 147 27.08 1.72 -4.89
C ASN L 147 28.32 2.04 -4.08
N GLU L 148 28.62 3.33 -3.87
CA GLU L 148 29.92 3.81 -3.41
C GLU L 148 31.07 2.98 -3.98
N ASN L 149 30.90 2.51 -5.22
CA ASN L 149 31.87 1.68 -5.91
C ASN L 149 32.35 2.13 -7.30
N GLN L 150 31.90 3.27 -7.87
CA GLN L 150 30.94 4.24 -7.36
C GLN L 150 29.89 4.52 -8.41
N ASN L 151 30.31 4.48 -9.66
CA ASN L 151 29.43 4.71 -10.82
C ASN L 151 28.81 6.11 -10.66
N THR L 152 27.60 6.30 -11.16
CA THR L 152 26.87 7.53 -10.98
C THR L 152 25.39 7.22 -10.79
N SER L 153 25.10 6.22 -9.96
CA SER L 153 23.75 5.83 -9.60
C SER L 153 23.50 6.19 -8.14
N TYR L 154 22.32 6.75 -7.87
CA TYR L 154 22.02 7.34 -6.57
C TYR L 154 20.65 6.89 -6.10
N ARG L 155 20.29 7.32 -4.89
CA ARG L 155 18.97 7.11 -4.32
C ARG L 155 18.67 8.25 -3.36
N LEU L 156 17.44 8.31 -2.91
CA LEU L 156 17.06 9.32 -1.93
C LEU L 156 17.67 9.00 -0.57
N ILE L 157 17.87 10.05 0.23
CA ILE L 157 18.54 9.92 1.52
C ILE L 157 17.69 9.10 2.49
N ASN L 158 16.37 9.20 2.39
CA ASN L 158 15.48 8.60 3.38
C ASN L 158 15.06 7.18 3.04
N CYS L 159 15.12 6.78 1.76
CA CYS L 159 14.54 5.51 1.34
C CYS L 159 15.13 4.30 2.06
N ASN L 160 16.22 4.47 2.82
CA ASN L 160 16.83 3.36 3.54
C ASN L 160 16.40 3.28 5.00
N THR L 161 15.88 4.36 5.57
CA THR L 161 15.54 4.40 6.99
C THR L 161 14.08 4.71 7.27
N ALA L 162 13.48 5.65 6.54
CA ALA L 162 12.14 6.13 6.85
C ALA L 162 11.34 6.29 5.57
N ALA L 163 10.03 6.42 5.74
CA ALA L 163 9.16 6.69 4.61
C ALA L 163 9.12 8.18 4.31
N ILE L 164 8.61 8.53 3.14
CA ILE L 164 8.57 9.91 2.69
C ILE L 164 7.16 10.25 2.23
N THR L 165 6.71 11.47 2.58
CA THR L 165 5.39 11.94 2.21
C THR L 165 5.52 13.38 1.71
N GLN L 166 5.00 13.65 0.52
CA GLN L 166 5.10 14.97 -0.08
C GLN L 166 4.07 15.90 0.55
N ALA L 167 4.56 16.99 1.16
CA ALA L 167 3.67 17.96 1.77
C ALA L 167 2.76 18.59 0.72
N CYS L 168 1.54 18.89 1.11
CA CYS L 168 0.58 19.47 0.18
C CYS L 168 0.97 20.91 -0.15
N PRO L 169 0.85 21.31 -1.42
CA PRO L 169 1.30 22.65 -1.82
C PRO L 169 0.37 23.78 -1.38
N LYS L 170 -0.78 23.47 -0.78
CA LYS L 170 -1.69 24.50 -0.32
C LYS L 170 -1.36 25.00 1.08
N VAL L 171 -0.86 24.13 1.95
CA VAL L 171 -0.53 24.54 3.30
C VAL L 171 0.75 25.37 3.29
N SER L 172 0.80 26.36 4.17
CA SER L 172 1.97 27.22 4.32
C SER L 172 2.62 26.97 5.68
N PHE L 173 3.94 27.10 5.70
CA PHE L 173 4.71 26.87 6.92
C PHE L 173 5.00 28.16 7.68
N GLU L 174 4.30 29.25 7.34
CA GLU L 174 4.56 30.53 7.99
C GLU L 174 3.99 30.53 9.41
N PRO L 175 4.80 30.78 10.44
CA PRO L 175 4.28 30.79 11.81
C PRO L 175 3.44 32.04 12.05
N ILE L 176 2.24 31.83 12.58
CA ILE L 176 1.35 32.93 12.93
C ILE L 176 1.23 32.98 14.46
N PRO L 177 0.87 34.11 15.05
CA PRO L 177 0.80 34.19 16.51
C PRO L 177 -0.23 33.21 17.07
N ILE L 178 0.15 32.55 18.17
CA ILE L 178 -0.70 31.59 18.87
C ILE L 178 -0.80 32.03 20.31
N HIS L 179 -2.03 32.21 20.79
CA HIS L 179 -2.29 32.53 22.20
C HIS L 179 -2.74 31.25 22.90
N TYR L 180 -1.91 30.75 23.81
CA TYR L 180 -2.30 29.60 24.63
C TYR L 180 -3.18 30.09 25.77
N CYS L 181 -4.41 29.58 25.84
CA CYS L 181 -5.38 30.04 26.81
C CYS L 181 -5.72 28.92 27.79
N ALA L 182 -6.08 29.31 29.01
CA ALA L 182 -6.44 28.44 30.12
C ALA L 182 -7.95 28.39 30.29
N PRO L 183 -8.52 27.22 30.54
CA PRO L 183 -9.98 27.12 30.68
C PRO L 183 -10.46 27.84 31.94
N ALA L 184 -11.78 28.03 32.00
CA ALA L 184 -12.37 28.67 33.17
C ALA L 184 -12.06 27.85 34.42
N GLY L 185 -11.81 28.56 35.52
CA GLY L 185 -11.36 27.93 36.74
C GLY L 185 -9.86 27.81 36.87
N PHE L 186 -9.12 28.03 35.78
CA PHE L 186 -7.67 28.08 35.80
C PHE L 186 -7.22 29.48 35.38
N ALA L 187 -6.00 29.82 35.77
CA ALA L 187 -5.45 31.13 35.46
C ALA L 187 -3.95 30.99 35.18
N ILE L 188 -3.43 31.94 34.41
CA ILE L 188 -2.01 31.99 34.07
C ILE L 188 -1.40 33.19 34.79
N LEU L 189 -0.35 32.94 35.57
CA LEU L 189 0.34 33.99 36.29
C LEU L 189 1.55 34.43 35.48
N LYS L 190 1.52 35.68 35.02
CA LYS L 190 2.60 36.26 34.24
C LYS L 190 3.57 37.00 35.16
N CYS L 191 4.86 36.76 34.98
CA CYS L 191 5.90 37.44 35.74
C CYS L 191 6.34 38.68 34.96
N LYS L 192 6.00 39.86 35.47
CA LYS L 192 6.32 41.12 34.82
C LYS L 192 7.60 41.75 35.36
N ASP L 193 8.52 40.95 35.90
CA ASP L 193 9.78 41.47 36.41
C ASP L 193 10.75 41.69 35.25
N LYS L 194 11.28 42.91 35.15
CA LYS L 194 12.21 43.22 34.07
C LYS L 194 13.53 42.47 34.24
N LYS L 195 13.98 42.31 35.50
CA LYS L 195 15.26 41.67 35.79
C LYS L 195 15.09 40.25 36.33
N PHE L 196 14.08 39.53 35.85
CA PHE L 196 13.80 38.17 36.31
C PHE L 196 14.68 37.18 35.56
N ASN L 197 15.51 36.44 36.29
CA ASN L 197 16.32 35.40 35.64
C ASN L 197 15.46 34.17 35.42
N GLY L 198 16.07 32.99 35.33
CA GLY L 198 15.34 31.78 35.02
C GLY L 198 14.29 31.39 36.05
N THR L 199 14.73 30.96 37.23
CA THR L 199 13.85 30.53 38.30
C THR L 199 13.97 31.47 39.49
N GLY L 200 13.09 31.25 40.48
CA GLY L 200 13.09 32.04 41.68
C GLY L 200 11.81 32.83 41.85
N PRO L 201 11.74 33.62 42.92
CA PRO L 201 10.53 34.41 43.16
C PRO L 201 10.41 35.61 42.24
N CYS L 202 9.21 35.85 41.75
CA CYS L 202 8.92 37.00 40.90
C CYS L 202 8.22 38.08 41.73
N PRO L 203 8.79 39.27 41.84
CA PRO L 203 8.11 40.33 42.62
C PRO L 203 6.79 40.77 42.02
N SER L 204 6.82 41.30 40.79
CA SER L 204 5.62 41.80 40.13
C SER L 204 4.98 40.65 39.35
N VAL L 205 3.81 40.21 39.80
CA VAL L 205 3.08 39.10 39.20
C VAL L 205 1.68 39.59 38.84
N SER L 206 1.26 39.30 37.61
CA SER L 206 -0.08 39.58 37.15
C SER L 206 -0.73 38.27 36.69
N THR L 207 -2.01 38.35 36.31
CA THR L 207 -2.74 37.19 35.85
C THR L 207 -3.42 37.49 34.53
N VAL L 208 -3.42 36.50 33.64
CA VAL L 208 -4.03 36.60 32.32
C VAL L 208 -4.80 35.33 32.03
N GLN L 209 -5.72 35.42 31.07
CA GLN L 209 -6.47 34.24 30.65
C GLN L 209 -5.72 33.45 29.58
N CYS L 210 -5.23 34.13 28.54
CA CYS L 210 -4.40 33.52 27.53
C CYS L 210 -3.01 34.15 27.54
N THR L 211 -2.05 33.43 26.97
CA THR L 211 -0.70 33.96 26.79
C THR L 211 -0.68 34.93 25.61
N HIS L 212 0.47 35.55 25.37
CA HIS L 212 0.60 36.47 24.26
C HIS L 212 0.76 35.71 22.95
N GLY L 213 0.81 36.45 21.84
CA GLY L 213 0.91 35.84 20.53
C GLY L 213 2.26 35.18 20.28
N ILE L 214 2.37 33.90 20.59
CA ILE L 214 3.62 33.16 20.44
C ILE L 214 3.65 32.55 19.05
N LYS L 215 4.60 33.01 18.23
CA LYS L 215 4.78 32.45 16.89
C LYS L 215 5.65 31.21 16.98
N PRO L 216 5.14 30.02 16.64
CA PRO L 216 5.96 28.81 16.71
C PRO L 216 7.00 28.74 15.61
N VAL L 217 8.14 29.40 15.82
CA VAL L 217 9.21 29.48 14.83
C VAL L 217 10.20 28.36 15.12
N VAL L 218 10.17 27.31 14.30
CA VAL L 218 11.08 26.18 14.47
C VAL L 218 12.47 26.61 14.01
N SER L 219 13.38 26.82 14.96
CA SER L 219 14.70 27.36 14.68
C SER L 219 15.79 26.51 15.32
N THR L 220 17.03 26.83 14.96
CA THR L 220 18.21 26.20 15.53
C THR L 220 19.27 27.27 15.79
N GLN L 221 19.96 27.14 16.92
CA GLN L 221 21.01 28.09 17.31
C GLN L 221 20.46 29.49 17.44
N LEU L 222 20.05 30.08 16.32
CA LEU L 222 19.50 31.43 16.30
C LEU L 222 17.98 31.37 16.46
N LEU L 223 17.45 32.22 17.35
CA LEU L 223 16.02 32.33 17.57
C LEU L 223 15.49 33.50 16.76
N LEU L 224 14.62 33.21 15.80
CA LEU L 224 14.11 34.20 14.87
C LEU L 224 12.67 34.56 15.20
N ASN L 225 12.32 35.83 14.96
CA ASN L 225 10.97 36.34 15.18
C ASN L 225 10.52 36.12 16.62
N GLY L 226 11.41 36.37 17.58
CA GLY L 226 11.12 36.15 18.97
C GLY L 226 10.84 37.45 19.72
N SER L 227 10.44 37.29 20.98
CA SER L 227 10.11 38.42 21.84
C SER L 227 11.36 38.95 22.52
N LEU L 228 11.56 40.26 22.47
CA LEU L 228 12.75 40.88 23.01
C LEU L 228 12.66 41.00 24.52
N ALA L 229 13.82 41.05 25.17
CA ALA L 229 13.89 41.26 26.60
C ALA L 229 14.03 42.75 26.89
N GLU L 230 13.28 43.22 27.88
CA GLU L 230 13.33 44.63 28.23
C GLU L 230 14.55 44.90 29.12
N GLU L 231 14.98 46.17 29.11
CA GLU L 231 16.11 46.65 29.90
C GLU L 231 17.36 45.93 29.42
N GLU L 232 18.02 45.11 30.23
CA GLU L 232 19.26 44.45 29.84
C GLU L 232 18.98 43.07 29.26
N VAL L 233 19.96 42.56 28.52
CA VAL L 233 19.85 41.20 27.99
C VAL L 233 19.89 40.20 29.14
N MET L 234 19.25 39.06 28.94
CA MET L 234 19.07 38.06 29.98
C MET L 234 19.82 36.79 29.63
N ILE L 235 20.48 36.21 30.62
CA ILE L 235 21.20 34.95 30.47
C ILE L 235 20.46 33.92 31.30
N ARG L 236 19.62 33.12 30.67
CA ARG L 236 18.83 32.10 31.34
C ARG L 236 19.41 30.73 31.05
N SER L 237 19.52 29.91 32.10
CA SER L 237 20.04 28.56 31.99
C SER L 237 19.53 27.75 33.17
N GLU L 238 19.28 26.45 32.94
CA GLU L 238 18.88 25.60 34.05
C GLU L 238 19.96 25.50 35.10
N ASP L 239 21.23 25.52 34.68
CA ASP L 239 22.35 25.51 35.63
C ASP L 239 23.56 26.07 34.88
N ILE L 240 23.96 27.29 35.22
CA ILE L 240 25.13 27.89 34.59
C ILE L 240 26.38 27.08 34.91
N ARG L 241 26.44 26.50 36.10
CA ARG L 241 27.56 25.64 36.49
C ARG L 241 27.52 24.28 35.79
N ASP L 242 26.51 24.02 34.96
CA ASP L 242 26.41 22.79 34.19
C ASP L 242 26.74 23.10 32.73
N ASN L 243 27.69 22.35 32.17
CA ASN L 243 28.03 22.52 30.76
C ASN L 243 27.09 21.75 29.84
N ALA L 244 26.45 20.69 30.34
CA ALA L 244 25.52 19.91 29.54
C ALA L 244 24.18 20.61 29.32
N LYS L 245 23.89 21.65 30.10
CA LYS L 245 22.63 22.37 29.98
C LYS L 245 22.80 23.59 29.08
N ASN L 246 21.87 23.74 28.14
CA ASN L 246 21.93 24.84 27.18
C ASN L 246 21.72 26.18 27.88
N ILE L 247 22.22 27.23 27.24
CA ILE L 247 22.11 28.60 27.76
C ILE L 247 21.23 29.39 26.79
N LEU L 248 20.04 29.76 27.26
CA LEU L 248 19.11 30.57 26.48
C LEU L 248 19.40 32.04 26.72
N VAL L 249 19.79 32.76 25.67
CA VAL L 249 20.09 34.19 25.74
C VAL L 249 18.99 34.93 24.99
N GLN L 250 18.46 35.98 25.62
CA GLN L 250 17.43 36.82 25.01
C GLN L 250 17.97 38.23 24.87
N PHE L 251 17.89 38.79 23.67
CA PHE L 251 18.45 40.10 23.42
C PHE L 251 17.49 41.20 23.87
N ASN L 252 18.01 42.42 23.88
CA ASN L 252 17.20 43.62 24.06
C ASN L 252 17.05 44.44 22.79
N THR L 253 18.11 44.54 21.99
CA THR L 253 18.04 45.18 20.70
C THR L 253 17.96 44.10 19.62
N PRO L 254 16.91 44.10 18.79
CA PRO L 254 16.80 43.03 17.78
C PRO L 254 17.81 43.22 16.67
N VAL L 255 18.49 42.13 16.32
CA VAL L 255 19.40 42.13 15.18
C VAL L 255 18.64 41.63 13.98
N GLN L 256 18.96 42.18 12.81
CA GLN L 256 18.25 41.86 11.58
C GLN L 256 19.07 40.90 10.73
N ILE L 257 18.39 39.98 10.06
CA ILE L 257 19.03 39.00 9.21
C ILE L 257 18.20 38.81 7.95
N ASN L 258 18.78 39.10 6.79
CA ASN L 258 18.11 38.97 5.50
C ASN L 258 18.62 37.70 4.81
N CYS L 259 17.70 36.82 4.45
CA CYS L 259 18.01 35.57 3.78
C CYS L 259 17.24 35.50 2.47
N THR L 260 17.93 35.10 1.39
CA THR L 260 17.30 34.92 0.09
C THR L 260 17.76 33.62 -0.53
N ARG L 261 16.90 33.09 -1.41
CA ARG L 261 17.24 31.98 -2.30
C ARG L 261 17.19 32.55 -3.72
N PRO L 262 18.33 32.98 -4.26
CA PRO L 262 18.30 33.66 -5.56
C PRO L 262 17.81 32.78 -6.69
N ASN L 263 17.89 31.46 -6.55
CA ASN L 263 17.48 30.56 -7.62
C ASN L 263 15.98 30.72 -7.90
N ASN L 264 15.66 30.95 -9.17
CA ASN L 264 14.27 31.10 -9.61
C ASN L 264 13.78 29.72 -10.07
N ASN L 265 13.42 28.89 -9.09
CA ASN L 265 13.03 27.51 -9.35
C ASN L 265 11.68 27.45 -10.04
N THR L 266 11.43 26.30 -10.68
CA THR L 266 10.19 26.03 -11.39
C THR L 266 9.59 24.72 -10.92
N ARG L 267 8.27 24.62 -10.98
CA ARG L 267 7.54 23.47 -10.47
C ARG L 267 7.16 22.53 -11.63
N LYS L 268 7.67 21.31 -11.58
CA LYS L 268 7.45 20.32 -12.63
C LYS L 268 6.54 19.23 -12.06
N SER L 269 5.24 19.36 -12.31
CA SER L 269 4.27 18.39 -11.80
C SER L 269 4.22 17.18 -12.73
N ILE L 270 4.47 16.00 -12.18
CA ILE L 270 4.44 14.75 -12.91
C ILE L 270 3.53 13.78 -12.20
N ARG L 271 2.53 13.26 -12.91
CA ARG L 271 1.55 12.36 -12.33
C ARG L 271 2.17 10.98 -12.11
N ILE L 272 2.06 10.47 -10.89
CA ILE L 272 2.63 9.19 -10.50
C ILE L 272 1.54 8.19 -10.11
N GLY L 273 0.28 8.51 -10.38
CA GLY L 273 -0.83 7.65 -10.04
C GLY L 273 -2.15 8.36 -10.19
N PRO L 274 -3.25 7.60 -10.19
CA PRO L 274 -4.58 8.21 -10.33
C PRO L 274 -4.88 9.23 -9.24
N GLY L 275 -4.71 10.51 -9.55
CA GLY L 275 -4.87 11.57 -8.59
C GLY L 275 -3.62 11.93 -7.83
N GLN L 276 -2.58 11.10 -7.91
CA GLN L 276 -1.33 11.34 -7.20
C GLN L 276 -0.42 12.21 -8.07
N TRP L 277 -0.12 13.41 -7.60
CA TRP L 277 0.71 14.37 -8.34
C TRP L 277 1.96 14.69 -7.53
N PHE L 278 3.10 14.19 -8.00
CA PHE L 278 4.39 14.48 -7.38
C PHE L 278 4.98 15.72 -8.03
N TYR L 279 5.23 16.76 -7.23
CA TYR L 279 5.79 18.01 -7.71
C TYR L 279 7.30 17.97 -7.55
N ALA L 280 8.02 17.97 -8.66
CA ALA L 280 9.48 17.93 -8.67
C ALA L 280 10.02 19.30 -9.08
N THR L 281 11.35 19.42 -9.00
CA THR L 281 12.04 20.66 -9.33
C THR L 281 12.43 20.66 -10.80
N GLY L 282 11.91 21.62 -11.55
CA GLY L 282 12.31 21.82 -12.92
C GLY L 282 13.59 22.64 -13.01
N ASP L 283 13.97 22.93 -14.25
CA ASP L 283 15.21 23.66 -14.48
C ASP L 283 15.13 25.07 -13.90
N ILE L 284 16.19 25.46 -13.20
CA ILE L 284 16.24 26.79 -12.59
C ILE L 284 16.43 27.83 -13.68
N ILE L 285 15.54 28.82 -13.72
CA ILE L 285 15.57 29.89 -14.71
C ILE L 285 16.50 30.98 -14.22
N GLY L 286 17.55 31.26 -14.98
CA GLY L 286 18.50 32.28 -14.58
C GLY L 286 19.82 31.70 -14.11
N ASP L 287 20.48 32.38 -13.17
CA ASP L 287 21.77 31.96 -12.68
C ASP L 287 21.62 31.00 -11.50
N ILE L 288 22.62 30.15 -11.32
CA ILE L 288 22.68 29.27 -10.16
C ILE L 288 23.42 30.03 -9.07
N ARG L 289 22.72 30.34 -7.97
CA ARG L 289 23.29 31.05 -6.85
C ARG L 289 22.82 30.39 -5.56
N GLN L 290 23.78 29.99 -4.73
CA GLN L 290 23.42 29.35 -3.47
C GLN L 290 22.87 30.37 -2.49
N ALA L 291 21.98 29.90 -1.61
CA ALA L 291 21.33 30.78 -0.66
C ALA L 291 22.31 31.28 0.40
N HIS L 292 22.02 32.45 0.94
CA HIS L 292 22.89 33.05 1.95
C HIS L 292 22.07 34.04 2.77
N CYS L 293 22.67 34.50 3.87
CA CYS L 293 22.04 35.44 4.77
C CYS L 293 23.03 36.52 5.15
N ASN L 294 22.55 37.77 5.22
CA ASN L 294 23.37 38.92 5.58
C ASN L 294 22.98 39.43 6.96
N VAL L 295 23.97 39.55 7.84
CA VAL L 295 23.80 40.13 9.16
C VAL L 295 24.77 41.29 9.29
N SER L 296 24.26 42.43 9.77
CA SER L 296 25.11 43.61 9.93
C SER L 296 26.21 43.34 10.94
N LYS L 297 27.46 43.43 10.47
CA LYS L 297 28.61 43.20 11.35
C LYS L 297 28.69 44.24 12.45
N ALA L 298 28.31 45.49 12.16
CA ALA L 298 28.33 46.54 13.18
C ALA L 298 27.30 46.26 14.27
N THR L 299 26.13 45.72 13.89
CA THR L 299 25.09 45.43 14.87
C THR L 299 25.41 44.15 15.64
N TRP L 300 25.90 43.11 14.95
CA TRP L 300 26.18 41.84 15.61
C TRP L 300 27.31 41.99 16.61
N ASN L 301 28.40 42.66 16.23
CA ASN L 301 29.50 42.92 17.15
C ASN L 301 29.02 43.73 18.35
N GLU L 302 28.17 44.73 18.10
CA GLU L 302 27.61 45.52 19.19
C GLU L 302 26.77 44.65 20.11
N THR L 303 25.86 43.85 19.54
CA THR L 303 25.00 43.00 20.35
C THR L 303 25.81 41.93 21.08
N LEU L 304 26.80 41.35 20.41
CA LEU L 304 27.63 40.34 21.06
C LEU L 304 28.35 40.93 22.26
N GLY L 305 28.79 42.18 22.16
CA GLY L 305 29.44 42.82 23.29
C GLY L 305 28.50 43.02 24.47
N LYS L 306 27.25 43.36 24.20
CA LYS L 306 26.28 43.49 25.27
C LYS L 306 25.99 42.16 25.96
N VAL L 307 26.25 41.04 25.28
CA VAL L 307 26.02 39.73 25.87
C VAL L 307 27.17 39.36 26.80
N VAL L 308 28.42 39.60 26.38
CA VAL L 308 29.56 39.23 27.20
C VAL L 308 29.63 40.05 28.48
N LYS L 309 28.98 41.22 28.52
CA LYS L 309 28.92 41.98 29.76
C LYS L 309 28.08 41.27 30.81
N GLN L 310 27.01 40.58 30.38
CA GLN L 310 26.21 39.80 31.30
C GLN L 310 26.79 38.41 31.55
N LEU L 311 27.61 37.90 30.63
CA LEU L 311 28.29 36.62 30.87
C LEU L 311 29.35 36.74 31.94
N ARG L 312 30.03 37.89 32.00
CA ARG L 312 31.03 38.11 33.05
C ARG L 312 30.40 38.28 34.42
N LYS L 313 29.10 38.59 34.49
CA LYS L 313 28.41 38.63 35.76
C LYS L 313 28.23 37.24 36.37
N HIS L 314 28.51 36.18 35.62
CA HIS L 314 28.41 34.81 36.10
C HIS L 314 29.70 34.03 35.96
N PHE L 315 30.76 34.62 35.39
CA PHE L 315 32.04 33.94 35.23
C PHE L 315 33.22 34.83 35.59
N GLY L 316 33.03 35.75 36.54
CA GLY L 316 34.11 36.64 36.95
C GLY L 316 34.09 37.96 36.21
N ASN L 317 34.33 39.05 36.95
CA ASN L 317 34.26 40.39 36.36
C ASN L 317 35.26 40.55 35.22
N ASN L 318 36.41 39.87 35.30
CA ASN L 318 37.41 39.88 34.25
C ASN L 318 37.79 38.44 33.92
N THR L 319 37.50 38.01 32.70
CA THR L 319 37.80 36.65 32.28
C THR L 319 37.85 36.61 30.76
N ILE L 320 38.35 35.49 30.25
CA ILE L 320 38.51 35.29 28.81
C ILE L 320 37.27 34.56 28.28
N ILE L 321 36.60 35.17 27.32
CA ILE L 321 35.39 34.63 26.72
C ILE L 321 35.58 34.59 25.21
N ARG L 322 35.53 33.40 24.63
CA ARG L 322 35.66 33.23 23.19
C ARG L 322 34.44 32.51 22.63
N PHE L 323 34.26 32.65 21.32
CA PHE L 323 33.13 32.07 20.60
C PHE L 323 33.64 31.32 19.38
N ALA L 324 33.26 30.05 19.25
CA ALA L 324 33.68 29.21 18.14
C ALA L 324 32.45 28.58 17.49
N ASN L 325 32.67 27.94 16.35
CA ASN L 325 31.56 27.28 15.66
C ASN L 325 31.28 25.91 16.28
N SER L 326 30.09 25.39 15.98
CA SER L 326 29.67 24.11 16.55
C SER L 326 30.61 23.00 16.12
N SER L 327 31.30 22.42 17.10
CA SER L 327 32.27 21.37 16.84
C SER L 327 31.67 19.97 16.91
N GLY L 328 30.41 19.85 17.28
CA GLY L 328 29.78 18.55 17.40
C GLY L 328 28.44 18.52 16.70
N GLY L 329 28.11 17.38 16.14
CA GLY L 329 26.82 17.16 15.51
C GLY L 329 26.92 17.19 14.00
N ASP L 330 25.77 16.94 13.38
CA ASP L 330 25.65 16.94 11.93
C ASP L 330 24.28 17.52 11.55
N LEU L 331 24.06 17.63 10.24
CA LEU L 331 22.77 18.01 9.68
C LEU L 331 22.31 19.37 10.18
N GLU L 332 21.28 19.37 11.03
CA GLU L 332 20.56 20.57 11.40
C GLU L 332 21.01 21.18 12.72
N VAL L 333 21.73 20.43 13.55
CA VAL L 333 22.20 20.97 14.82
C VAL L 333 23.49 21.77 14.66
N THR L 334 24.22 21.60 13.56
CA THR L 334 25.45 22.33 13.29
C THR L 334 25.23 23.55 12.41
N THR L 335 24.03 23.73 11.86
CA THR L 335 23.71 24.88 11.02
C THR L 335 22.47 25.57 11.55
N HIS L 336 22.36 26.87 11.28
CA HIS L 336 21.16 27.61 11.62
C HIS L 336 20.02 27.20 10.70
N SER L 337 19.29 26.16 11.08
CA SER L 337 18.23 25.62 10.24
C SER L 337 16.90 26.30 10.56
N PHE L 338 16.17 26.66 9.51
CA PHE L 338 14.87 27.28 9.65
C PHE L 338 14.14 27.22 8.32
N ASN L 339 12.84 27.49 8.35
CA ASN L 339 12.01 27.54 7.17
C ASN L 339 11.72 28.98 6.79
N CYS L 340 11.62 29.25 5.49
CA CYS L 340 11.43 30.62 5.00
C CYS L 340 10.78 30.54 3.63
N GLY L 341 9.50 30.91 3.57
CA GLY L 341 8.73 30.85 2.34
C GLY L 341 8.40 29.48 1.83
N GLY L 342 8.73 28.42 2.59
CA GLY L 342 8.49 27.04 2.17
C GLY L 342 9.76 26.22 2.07
N GLU L 343 10.89 26.86 1.78
CA GLU L 343 12.16 26.17 1.70
C GLU L 343 12.84 26.16 3.07
N PHE L 344 13.54 25.08 3.35
CA PHE L 344 14.23 24.89 4.62
C PHE L 344 15.71 25.19 4.43
N PHE L 345 16.19 26.22 5.10
CA PHE L 345 17.57 26.65 4.98
C PHE L 345 18.44 25.93 6.00
N TYR L 346 19.74 25.87 5.69
CA TYR L 346 20.74 25.27 6.58
C TYR L 346 22.00 26.13 6.45
N CYS L 347 22.10 27.15 7.29
CA CYS L 347 23.13 28.18 7.15
C CYS L 347 24.28 27.92 8.11
N ASP L 348 25.50 28.00 7.60
CA ASP L 348 26.71 27.82 8.39
C ASP L 348 27.01 29.10 9.14
N THR L 349 26.93 29.05 10.48
CA THR L 349 27.17 30.21 11.32
C THR L 349 28.60 30.25 11.85
N SER L 350 29.57 29.81 11.05
CA SER L 350 30.96 29.88 11.46
C SER L 350 31.45 31.32 11.54
N GLY L 351 30.90 32.20 10.69
CA GLY L 351 31.29 33.59 10.68
C GLY L 351 30.69 34.45 11.79
N LEU L 352 29.67 33.95 12.47
CA LEU L 352 29.06 34.68 13.59
C LEU L 352 29.77 34.39 14.91
N PHE L 353 30.19 33.16 15.13
CA PHE L 353 30.87 32.75 16.35
C PHE L 353 32.34 32.54 16.06
N ASN L 354 33.06 33.66 15.91
CA ASN L 354 34.48 33.68 15.59
C ASN L 354 35.08 34.94 16.21
N SER L 355 35.01 35.03 17.54
CA SER L 355 35.53 36.18 18.25
C SER L 355 36.18 35.73 19.55
N THR L 356 36.95 36.64 20.14
CA THR L 356 37.59 36.40 21.43
C THR L 356 37.56 37.70 22.22
N TRP L 357 37.12 37.62 23.48
CA TRP L 357 36.89 38.80 24.30
C TRP L 357 37.78 38.79 25.53
N ILE L 358 38.34 39.96 25.85
CA ILE L 358 39.19 40.13 27.03
C ILE L 358 39.00 41.55 27.55
N SER L 359 39.28 41.72 28.84
CA SER L 359 39.17 43.02 29.51
C SER L 359 37.77 43.63 29.35
N ASN L 372 26.47 47.69 5.09
CA ASN L 372 27.66 48.29 5.70
C ASN L 372 28.58 47.20 6.25
N ASP L 373 29.31 46.55 5.33
CA ASP L 373 30.27 45.51 5.68
C ASP L 373 29.60 44.40 6.50
N SER L 374 28.48 43.89 5.97
CA SER L 374 27.72 42.86 6.65
C SER L 374 28.38 41.48 6.51
N ILE L 375 27.97 40.57 7.38
CA ILE L 375 28.50 39.21 7.38
C ILE L 375 27.62 38.35 6.49
N THR L 376 28.26 37.60 5.58
CA THR L 376 27.56 36.71 4.67
C THR L 376 27.68 35.27 5.18
N LEU L 377 26.57 34.56 5.23
CA LEU L 377 26.52 33.21 5.76
C LEU L 377 26.10 32.23 4.67
N PRO L 378 26.97 31.31 4.25
CA PRO L 378 26.57 30.32 3.25
C PRO L 378 25.47 29.41 3.78
N CYS L 379 24.46 29.20 2.95
CA CYS L 379 23.32 28.37 3.31
C CYS L 379 23.10 27.29 2.27
N ARG L 380 22.76 26.09 2.73
CA ARG L 380 22.40 24.99 1.86
C ARG L 380 20.96 24.60 2.14
N ILE L 381 20.26 24.14 1.10
CA ILE L 381 18.83 23.88 1.18
C ILE L 381 18.58 22.41 0.90
N LYS L 382 17.69 21.81 1.68
CA LYS L 382 17.25 20.43 1.51
C LYS L 382 15.78 20.40 1.10
N GLN L 383 15.32 19.20 0.74
CA GLN L 383 13.91 18.95 0.49
C GLN L 383 13.37 17.75 1.23
N ILE L 384 14.22 16.86 1.73
CA ILE L 384 13.82 15.74 2.55
C ILE L 384 14.35 16.02 3.95
N ILE L 385 13.45 16.36 4.87
CA ILE L 385 13.84 16.83 6.19
C ILE L 385 13.30 15.88 7.26
N ASN L 386 13.99 15.85 8.41
CA ASN L 386 13.67 14.97 9.53
C ASN L 386 13.68 15.80 10.82
N MET L 387 12.58 16.48 11.10
CA MET L 387 12.50 17.37 12.25
C MET L 387 11.83 16.68 13.43
N TRP L 388 12.25 17.10 14.63
CA TRP L 388 11.71 16.61 15.90
C TRP L 388 12.02 15.13 16.12
N GLN L 389 13.27 14.75 15.86
CA GLN L 389 13.76 13.41 16.15
C GLN L 389 12.97 12.32 15.43
N ARG L 390 12.09 12.69 14.51
CA ARG L 390 11.15 11.75 13.90
C ARG L 390 11.91 10.72 13.09
N ILE L 391 12.14 9.55 13.69
CA ILE L 391 12.77 8.43 13.00
C ILE L 391 11.64 7.55 12.47
N GLY L 392 11.39 7.62 11.17
CA GLY L 392 10.32 6.85 10.57
C GLY L 392 9.48 7.64 9.59
N GLN L 393 9.42 8.96 9.78
CA GLN L 393 8.62 9.82 8.89
C GLN L 393 9.50 10.95 8.38
N ALA L 394 9.60 11.06 7.06
CA ALA L 394 10.34 12.11 6.39
C ALA L 394 9.40 12.88 5.46
N MET L 395 9.52 14.20 5.44
CA MET L 395 8.66 15.06 4.65
C MET L 395 9.42 15.59 3.44
N TYR L 396 8.74 15.62 2.30
CA TYR L 396 9.28 16.21 1.08
C TYR L 396 8.65 17.58 0.88
N ALA L 397 9.46 18.62 0.96
CA ALA L 397 8.98 19.97 0.73
C ALA L 397 8.83 20.19 -0.78
N PRO L 398 7.64 20.48 -1.27
CA PRO L 398 7.49 20.72 -2.71
C PRO L 398 8.24 21.97 -3.12
N PRO L 399 8.68 22.05 -4.38
CA PRO L 399 9.49 23.20 -4.81
C PRO L 399 8.68 24.49 -4.76
N ILE L 400 9.24 25.49 -4.07
CA ILE L 400 8.62 26.80 -4.00
C ILE L 400 8.97 27.56 -5.27
N GLN L 401 7.95 27.90 -6.06
CA GLN L 401 8.17 28.51 -7.36
C GLN L 401 8.47 30.00 -7.20
N GLY L 402 9.55 30.45 -7.82
CA GLY L 402 9.96 31.84 -7.78
C GLY L 402 11.22 32.07 -6.99
N VAL L 403 11.46 33.33 -6.66
CA VAL L 403 12.60 33.75 -5.85
C VAL L 403 12.11 34.06 -4.45
N ILE L 404 12.87 33.62 -3.45
CA ILE L 404 12.47 33.68 -2.05
C ILE L 404 13.32 34.72 -1.33
N ARG L 405 12.67 35.56 -0.53
CA ARG L 405 13.37 36.53 0.31
C ARG L 405 12.55 36.78 1.57
N CYS L 406 13.17 36.58 2.73
CA CYS L 406 12.53 36.85 4.03
C CYS L 406 13.54 37.57 4.93
N VAL L 407 13.02 38.50 5.73
CA VAL L 407 13.83 39.30 6.65
C VAL L 407 13.36 39.00 8.06
N SER L 408 14.27 38.52 8.91
CA SER L 408 13.93 38.06 10.25
C SER L 408 14.62 38.92 11.30
N ASN L 409 14.10 38.82 12.52
CA ASN L 409 14.71 39.42 13.71
C ASN L 409 15.31 38.30 14.55
N ILE L 410 16.63 38.18 14.56
CA ILE L 410 17.27 37.25 15.48
C ILE L 410 17.25 37.87 16.87
N THR L 411 16.54 37.22 17.79
CA THR L 411 16.34 37.74 19.13
C THR L 411 16.89 36.86 20.23
N GLY L 412 17.40 35.67 19.90
CA GLY L 412 17.90 34.77 20.92
C GLY L 412 18.98 33.86 20.37
N LEU L 413 19.68 33.20 21.30
CA LEU L 413 20.73 32.26 20.98
C LEU L 413 20.62 31.05 21.88
N ILE L 414 21.18 29.93 21.44
CA ILE L 414 21.27 28.70 22.23
C ILE L 414 22.74 28.29 22.24
N LEU L 415 23.42 28.58 23.33
CA LEU L 415 24.86 28.36 23.44
C LEU L 415 25.15 27.09 24.25
N THR L 416 26.42 26.70 24.27
CA THR L 416 26.86 25.53 25.01
C THR L 416 28.35 25.66 25.30
N ARG L 417 28.72 25.47 26.57
CA ARG L 417 30.12 25.51 26.95
C ARG L 417 30.83 24.26 26.46
N ASP L 418 32.17 24.34 26.43
CA ASP L 418 32.97 23.16 26.12
C ASP L 418 33.47 22.43 27.36
N GLY L 419 33.53 23.11 28.50
CA GLY L 419 34.01 22.45 29.71
C GLY L 419 35.48 22.10 29.62
N GLY L 420 35.86 21.07 30.36
CA GLY L 420 37.23 20.60 30.38
C GLY L 420 37.93 20.95 31.69
N SER L 421 39.21 20.57 31.75
CA SER L 421 40.03 20.74 32.94
C SER L 421 40.69 22.10 33.01
N THR L 422 40.11 23.12 32.38
CA THR L 422 40.67 24.46 32.45
C THR L 422 40.46 25.06 33.83
N ASP L 423 41.47 25.79 34.31
CA ASP L 423 41.44 26.39 35.64
C ASP L 423 40.76 27.75 35.63
N SER L 424 39.58 27.82 34.99
CA SER L 424 38.79 29.05 34.88
C SER L 424 39.58 30.20 34.27
N THR L 425 40.55 29.87 33.42
CA THR L 425 41.32 30.92 32.74
C THR L 425 40.61 31.41 31.49
N THR L 426 40.22 30.48 30.61
CA THR L 426 39.49 30.78 29.40
C THR L 426 38.17 30.01 29.40
N GLU L 427 37.20 30.54 28.65
CA GLU L 427 35.88 29.93 28.55
C GLU L 427 35.37 30.12 27.13
N THR L 428 35.09 29.00 26.46
CA THR L 428 34.58 29.03 25.10
C THR L 428 33.09 28.76 25.10
N PHE L 429 32.41 29.24 24.05
CA PHE L 429 30.98 29.08 23.88
C PHE L 429 30.68 28.66 22.45
N ARG L 430 29.84 27.65 22.29
CA ARG L 430 29.49 27.15 20.96
C ARG L 430 27.98 27.04 20.82
N PRO L 431 27.44 27.35 19.63
CA PRO L 431 26.00 27.25 19.44
C PRO L 431 25.56 25.80 19.28
N SER L 432 24.34 25.52 19.69
CA SER L 432 23.78 24.17 19.60
C SER L 432 22.26 24.27 19.52
N GLY L 433 21.63 23.11 19.32
CA GLY L 433 20.19 23.03 19.22
C GLY L 433 19.71 21.61 19.40
N GLY L 434 20.12 21.00 20.51
CA GLY L 434 19.84 19.59 20.74
C GLY L 434 18.37 19.26 20.90
N ASP L 435 17.53 20.24 21.21
CA ASP L 435 16.10 20.01 21.37
C ASP L 435 15.33 21.21 20.82
N MET L 436 14.04 20.97 20.57
CA MET L 436 13.14 22.01 20.11
C MET L 436 12.32 22.62 21.26
N ARG L 437 12.28 21.96 22.41
CA ARG L 437 11.58 22.53 23.56
C ARG L 437 12.23 23.81 24.04
N ASP L 438 13.52 24.02 23.76
CA ASP L 438 14.19 25.23 24.19
C ASP L 438 13.68 26.45 23.42
N ASN L 439 13.19 26.24 22.20
CA ASN L 439 12.59 27.34 21.47
C ASN L 439 11.35 27.87 22.19
N TRP L 440 10.51 26.97 22.69
CA TRP L 440 9.27 27.38 23.35
C TRP L 440 9.50 27.93 24.75
N ARG L 441 10.59 27.55 25.42
CA ARG L 441 10.86 28.09 26.75
C ARG L 441 11.21 29.56 26.71
N SER L 442 11.81 30.02 25.60
CA SER L 442 12.12 31.44 25.45
C SER L 442 10.89 32.30 25.30
N GLU L 443 9.71 31.69 25.13
CA GLU L 443 8.45 32.41 25.07
C GLU L 443 7.49 32.02 26.19
N LEU L 444 7.86 31.05 27.03
CA LEU L 444 7.02 30.62 28.14
C LEU L 444 7.72 30.76 29.49
N TYR L 445 8.85 31.45 29.55
CA TYR L 445 9.57 31.59 30.81
C TYR L 445 8.79 32.39 31.83
N LYS L 446 7.94 33.31 31.38
CA LYS L 446 7.21 34.19 32.30
C LYS L 446 5.83 33.67 32.66
N TYR L 447 5.31 32.69 31.93
CA TYR L 447 3.96 32.19 32.18
C TYR L 447 3.99 30.99 33.12
N LYS L 448 2.87 30.80 33.82
CA LYS L 448 2.73 29.71 34.78
C LYS L 448 1.25 29.44 34.99
N VAL L 449 0.85 28.18 34.88
CA VAL L 449 -0.55 27.78 34.98
C VAL L 449 -0.84 27.36 36.42
N VAL L 450 -1.90 27.92 37.00
CA VAL L 450 -2.37 27.57 38.33
C VAL L 450 -3.88 27.44 38.29
N LYS L 451 -4.42 26.59 39.16
CA LYS L 451 -5.86 26.42 39.28
C LYS L 451 -6.39 27.29 40.41
N ILE L 452 -7.62 27.78 40.23
CA ILE L 452 -8.26 28.69 41.18
C ILE L 452 -9.12 27.87 42.12
N GLU L 453 -8.91 28.06 43.43
CA GLU L 453 -9.69 27.39 44.47
C GLU L 453 -10.46 28.45 45.24
N PRO L 454 -11.71 28.72 44.90
CA PRO L 454 -12.44 29.84 45.52
C PRO L 454 -13.07 29.52 46.87
N LEU L 455 -12.82 28.34 47.42
CA LEU L 455 -13.43 27.94 48.69
C LEU L 455 -12.42 28.10 49.82
N GLY L 456 -12.83 28.84 50.86
CA GLY L 456 -11.99 29.03 52.02
C GLY L 456 -12.79 29.19 53.29
N VAL L 457 -12.39 28.51 54.34
CA VAL L 457 -13.06 28.58 55.63
C VAL L 457 -12.22 29.44 56.57
N ALA L 458 -12.91 30.13 57.49
CA ALA L 458 -12.24 31.00 58.44
C ALA L 458 -13.13 31.19 59.65
N PRO L 459 -12.57 31.21 60.86
CA PRO L 459 -13.40 31.42 62.05
C PRO L 459 -13.77 32.89 62.24
N THR L 460 -15.04 33.12 62.56
CA THR L 460 -15.53 34.43 62.93
C THR L 460 -16.44 34.28 64.14
N ARG L 461 -17.01 35.40 64.60
CA ARG L 461 -17.94 35.41 65.72
C ARG L 461 -19.38 35.43 65.26
N CYS L 462 -19.67 34.75 64.15
CA CYS L 462 -21.02 34.64 63.61
C CYS L 462 -21.45 33.19 63.57
N LYS L 463 -22.67 32.92 64.01
CA LYS L 463 -23.25 31.58 64.00
C LYS L 463 -24.55 31.59 63.21
N ARG L 464 -24.81 30.49 62.51
CA ARG L 464 -26.07 30.33 61.79
C ARG L 464 -27.23 30.24 62.78
N ARG L 465 -28.35 30.89 62.44
CA ARG L 465 -29.49 30.91 63.32
C ARG L 465 -30.14 29.52 63.41
N VAL L 466 -30.38 29.06 64.64
CA VAL L 466 -30.91 27.72 64.85
C VAL L 466 -32.33 27.61 64.31
N VAL L 467 -33.17 28.60 64.61
CA VAL L 467 -34.58 28.67 64.21
C VAL L 467 -35.28 27.31 64.29
N VAL M 2 38.18 -59.06 24.41
CA VAL M 2 38.15 -60.15 23.43
C VAL M 2 39.28 -59.96 22.42
N GLN M 3 39.54 -61.01 21.62
CA GLN M 3 40.61 -61.01 20.64
C GLN M 3 40.05 -61.06 19.23
N LEU M 4 40.65 -60.29 18.33
CA LEU M 4 40.27 -60.26 16.92
C LEU M 4 41.49 -60.53 16.06
N GLN M 5 41.29 -61.31 15.00
CA GLN M 5 42.37 -61.57 14.04
C GLN M 5 41.76 -61.76 12.66
N GLU M 6 42.32 -61.04 11.68
CA GLU M 6 41.82 -61.04 10.32
C GLU M 6 42.67 -61.93 9.42
N SER M 7 42.02 -62.49 8.40
CA SER M 7 42.68 -63.31 7.39
C SER M 7 42.31 -62.81 6.01
N GLY M 8 43.29 -62.68 5.14
CA GLY M 8 43.05 -62.17 3.81
C GLY M 8 43.75 -62.99 2.74
N PRO M 9 43.26 -62.87 1.49
CA PRO M 9 43.92 -63.60 0.39
C PRO M 9 45.30 -63.08 0.07
N GLY M 10 45.61 -61.85 0.46
CA GLY M 10 46.91 -61.26 0.17
C GLY M 10 46.97 -60.51 -1.14
N LEU M 11 46.49 -61.13 -2.22
CA LEU M 11 46.58 -60.54 -3.54
C LEU M 11 45.37 -60.93 -4.37
N VAL M 12 44.67 -59.94 -4.90
CA VAL M 12 43.48 -60.15 -5.72
C VAL M 12 43.64 -59.35 -7.01
N ARG M 13 43.14 -59.90 -8.12
CA ARG M 13 43.19 -59.17 -9.36
C ARG M 13 42.00 -58.22 -9.47
N PRO M 14 42.17 -57.09 -10.17
CA PRO M 14 41.09 -56.10 -10.26
C PRO M 14 39.85 -56.68 -10.93
N SER M 15 38.73 -55.97 -10.75
CA SER M 15 37.44 -56.36 -11.31
C SER M 15 37.05 -57.77 -10.87
N GLU M 16 37.25 -58.06 -9.58
CA GLU M 16 36.89 -59.36 -9.02
C GLU M 16 36.13 -59.17 -7.71
N THR M 17 36.48 -59.97 -6.69
CA THR M 17 35.84 -59.90 -5.39
C THR M 17 36.88 -60.08 -4.30
N LEU M 18 36.86 -59.18 -3.32
CA LEU M 18 37.74 -59.28 -2.15
C LEU M 18 36.99 -59.99 -1.03
N SER M 19 37.70 -60.87 -0.33
CA SER M 19 37.09 -61.69 0.72
C SER M 19 38.06 -61.83 1.89
N VAL M 20 37.67 -61.30 3.05
CA VAL M 20 38.45 -61.42 4.28
C VAL M 20 37.54 -62.00 5.36
N THR M 21 38.17 -62.51 6.42
CA THR M 21 37.46 -63.14 7.52
C THR M 21 38.03 -62.64 8.84
N CYS M 22 37.16 -62.59 9.85
CA CYS M 22 37.50 -62.07 11.18
C CYS M 22 37.08 -63.11 12.22
N ILE M 23 38.07 -63.73 12.87
CA ILE M 23 37.82 -64.73 13.90
C ILE M 23 37.84 -64.04 15.26
N VAL M 24 36.70 -64.08 15.95
CA VAL M 24 36.60 -63.49 17.27
C VAL M 24 36.86 -64.57 18.32
N SER M 25 37.30 -64.13 19.50
CA SER M 25 37.64 -65.06 20.58
C SER M 25 37.42 -64.36 21.91
N GLY M 26 36.72 -65.03 22.82
CA GLY M 26 36.47 -64.51 24.15
C GLY M 26 35.03 -64.09 24.41
N GLY M 27 34.13 -64.25 23.45
CA GLY M 27 32.75 -63.84 23.65
C GLY M 27 31.89 -64.31 22.50
N SER M 28 30.59 -64.09 22.66
CA SER M 28 29.63 -64.50 21.66
C SER M 28 29.51 -63.47 20.55
N ILE M 29 29.32 -63.94 19.33
CA ILE M 29 29.23 -63.06 18.17
C ILE M 29 27.82 -62.47 18.00
N SER M 30 26.78 -63.21 18.38
CA SER M 30 25.40 -62.75 18.21
C SER M 30 24.99 -61.71 19.24
N ASN M 31 25.95 -61.16 20.00
CA ASN M 31 25.65 -60.19 21.04
C ASN M 31 26.35 -58.86 20.84
N TYR M 32 27.11 -58.70 19.76
CA TYR M 32 27.87 -57.48 19.52
C TYR M 32 27.54 -56.90 18.15
N TYR M 33 27.86 -55.62 17.99
CA TYR M 33 27.88 -54.97 16.68
C TYR M 33 29.29 -55.09 16.10
N TRP M 34 29.38 -55.54 14.86
CA TRP M 34 30.66 -55.74 14.19
C TRP M 34 30.75 -54.85 12.97
N THR M 35 31.89 -54.18 12.80
CA THR M 35 32.12 -53.24 11.72
C THR M 35 33.47 -53.53 11.06
N TRP M 36 33.70 -52.92 9.91
CA TRP M 36 34.94 -53.09 9.16
C TRP M 36 35.54 -51.73 8.82
N ILE M 37 36.84 -51.58 9.08
CA ILE M 37 37.58 -50.36 8.77
C ILE M 37 38.79 -50.74 7.92
N ARG M 38 39.11 -49.91 6.92
CA ARG M 38 40.25 -50.14 6.06
C ARG M 38 41.08 -48.86 5.97
N GLN M 39 42.28 -48.98 5.39
CA GLN M 39 43.19 -47.85 5.26
C GLN M 39 44.07 -48.08 4.04
N SER M 40 43.83 -47.32 2.98
CA SER M 40 44.59 -47.38 1.75
C SER M 40 45.84 -46.51 1.84
N PRO M 41 46.89 -46.83 1.07
CA PRO M 41 48.10 -46.00 1.11
C PRO M 41 47.81 -44.58 0.67
N GLY M 42 48.25 -43.62 1.49
CA GLY M 42 47.99 -42.23 1.22
C GLY M 42 46.60 -41.74 1.59
N LYS M 43 45.81 -42.57 2.26
CA LYS M 43 44.46 -42.21 2.67
C LYS M 43 44.27 -42.50 4.15
N GLY M 44 43.22 -41.92 4.72
CA GLY M 44 42.89 -42.12 6.12
C GLY M 44 42.02 -43.33 6.33
N LEU M 45 41.52 -43.46 7.56
CA LEU M 45 40.64 -44.57 7.90
C LEU M 45 39.29 -44.40 7.22
N GLU M 46 38.84 -45.44 6.54
CA GLU M 46 37.56 -45.42 5.83
C GLU M 46 36.64 -46.44 6.48
N TRP M 47 35.49 -45.97 6.94
CA TRP M 47 34.47 -46.85 7.51
C TRP M 47 33.70 -47.52 6.37
N ILE M 48 33.70 -48.85 6.36
CA ILE M 48 33.04 -49.61 5.30
C ILE M 48 31.58 -49.81 5.64
N GLY M 49 31.31 -50.46 6.76
CA GLY M 49 29.95 -50.71 7.19
C GLY M 49 29.95 -51.51 8.47
N TYR M 50 28.73 -51.76 8.97
CA TYR M 50 28.58 -52.51 10.22
C TYR M 50 27.30 -53.34 10.15
N ILE M 51 27.27 -54.39 10.97
CA ILE M 51 26.11 -55.25 11.09
C ILE M 51 25.66 -55.26 12.55
N SER M 52 24.36 -55.37 12.75
CA SER M 52 23.76 -55.34 14.08
C SER M 52 23.65 -56.75 14.63
N ASP M 53 23.01 -56.88 15.79
CA ASP M 53 22.73 -58.21 16.35
C ASP M 53 21.52 -58.86 15.71
N ARG M 54 20.72 -58.10 14.94
CA ARG M 54 19.60 -58.65 14.18
C ARG M 54 20.03 -59.14 12.80
N GLU M 55 21.34 -59.17 12.53
CA GLU M 55 21.89 -59.52 11.21
C GLU M 55 21.43 -58.55 10.13
N THR M 56 21.20 -57.29 10.50
CA THR M 56 20.85 -56.23 9.56
C THR M 56 22.05 -55.32 9.37
N THR M 57 22.38 -55.03 8.12
CA THR M 57 23.58 -54.28 7.79
C THR M 57 23.23 -52.84 7.41
N THR M 58 24.25 -51.99 7.42
CA THR M 58 24.12 -50.61 6.97
C THR M 58 25.50 -50.17 6.49
N TYR M 59 25.63 -49.96 5.18
CA TYR M 59 26.93 -49.70 4.57
C TYR M 59 27.13 -48.22 4.30
N ASN M 60 28.39 -47.83 4.21
CA ASN M 60 28.76 -46.47 3.84
C ASN M 60 28.45 -46.25 2.36
N PRO M 61 27.69 -45.21 2.01
CA PRO M 61 27.39 -44.97 0.58
C PRO M 61 28.61 -44.72 -0.27
N SER M 62 29.79 -44.48 0.32
CA SER M 62 31.00 -44.28 -0.45
C SER M 62 31.53 -45.57 -1.06
N LEU M 63 30.97 -46.72 -0.71
CA LEU M 63 31.37 -47.99 -1.31
C LEU M 63 30.47 -48.39 -2.47
N ASN M 64 29.38 -47.66 -2.71
CA ASN M 64 28.51 -47.89 -3.86
C ASN M 64 27.93 -49.30 -3.86
N SER M 65 27.60 -49.80 -2.67
CA SER M 65 26.96 -51.10 -2.50
C SER M 65 27.82 -52.25 -3.04
N ARG M 66 29.13 -52.07 -3.02
CA ARG M 66 30.05 -53.12 -3.43
C ARG M 66 30.51 -54.00 -2.28
N ALA M 67 30.10 -53.69 -1.04
CA ALA M 67 30.51 -54.44 0.14
C ALA M 67 29.31 -55.13 0.76
N VAL M 68 29.55 -56.33 1.30
CA VAL M 68 28.52 -57.10 1.99
C VAL M 68 29.18 -57.79 3.18
N ILE M 69 28.59 -57.61 4.37
CA ILE M 69 29.09 -58.20 5.61
C ILE M 69 28.12 -59.29 6.05
N SER M 70 28.67 -60.40 6.53
CA SER M 70 27.86 -61.52 6.98
C SER M 70 28.45 -62.12 8.24
N ARG M 71 27.61 -62.85 8.97
CA ARG M 71 27.98 -63.52 10.20
C ARG M 71 27.92 -65.03 10.02
N ASP M 72 28.67 -65.74 10.86
CA ASP M 72 28.66 -67.20 10.86
C ASP M 72 28.82 -67.65 12.31
N THR M 73 27.69 -67.91 12.99
CA THR M 73 27.74 -68.34 14.38
C THR M 73 28.20 -69.78 14.52
N SER M 74 28.06 -70.60 13.47
CA SER M 74 28.53 -71.98 13.54
C SER M 74 30.06 -72.05 13.61
N LYS M 75 30.76 -71.02 13.15
CA LYS M 75 32.21 -70.94 13.27
C LYS M 75 32.67 -69.68 13.99
N ASN M 76 31.75 -68.82 14.43
CA ASN M 76 32.08 -67.64 15.24
C ASN M 76 33.01 -66.69 14.47
N GLN M 77 32.76 -66.51 13.18
CA GLN M 77 33.60 -65.69 12.33
C GLN M 77 32.79 -64.58 11.68
N LEU M 78 33.49 -63.52 11.28
CA LEU M 78 32.90 -62.36 10.62
C LEU M 78 33.49 -62.23 9.23
N SER M 79 32.62 -62.05 8.23
CA SER M 79 33.02 -62.07 6.84
C SER M 79 32.75 -60.72 6.18
N LEU M 80 33.60 -60.37 5.21
CA LEU M 80 33.46 -59.17 4.42
C LEU M 80 33.78 -59.50 2.97
N GLN M 81 32.87 -59.17 2.06
CA GLN M 81 33.06 -59.40 0.63
C GLN M 81 32.91 -58.09 -0.11
N LEU M 82 33.96 -57.67 -0.81
CA LEU M 82 33.97 -56.42 -1.56
C LEU M 82 34.05 -56.78 -3.05
N ARG M 83 32.92 -56.69 -3.74
CA ARG M 83 32.87 -56.99 -5.16
C ARG M 83 33.40 -55.81 -5.97
N SER M 84 33.95 -56.13 -7.15
CA SER M 84 34.48 -55.14 -8.08
C SER M 84 35.52 -54.24 -7.42
N VAL M 85 36.78 -54.65 -7.45
CA VAL M 85 37.84 -53.95 -6.74
C VAL M 85 38.78 -53.29 -7.75
N THR M 86 39.42 -52.21 -7.32
CA THR M 86 40.42 -51.52 -8.13
C THR M 86 41.73 -51.40 -7.34
N THR M 87 42.68 -50.64 -7.86
CA THR M 87 43.93 -50.43 -7.13
C THR M 87 43.73 -49.60 -5.87
N ALA M 88 42.66 -48.81 -5.80
CA ALA M 88 42.38 -47.99 -4.62
C ALA M 88 41.85 -48.81 -3.45
N ASP M 89 41.37 -50.02 -3.69
CA ASP M 89 40.89 -50.90 -2.62
C ASP M 89 42.03 -51.68 -1.97
N THR M 90 43.26 -51.54 -2.44
CA THR M 90 44.42 -52.10 -1.75
C THR M 90 44.55 -51.41 -0.40
N ALA M 91 44.30 -52.15 0.68
CA ALA M 91 44.30 -51.56 2.01
C ALA M 91 44.50 -52.65 3.04
N ILE M 92 44.65 -52.24 4.29
CA ILE M 92 44.71 -53.14 5.43
C ILE M 92 43.35 -53.09 6.10
N TYR M 93 42.64 -54.21 6.09
CA TYR M 93 41.27 -54.27 6.59
C TYR M 93 41.28 -54.69 8.06
N PHE M 94 40.64 -53.89 8.90
CA PHE M 94 40.46 -54.19 10.30
C PHE M 94 38.99 -54.52 10.56
N CYS M 95 38.76 -55.52 11.41
CA CYS M 95 37.44 -55.74 11.98
C CYS M 95 37.45 -55.26 13.42
N ALA M 96 36.37 -54.64 13.84
CA ALA M 96 36.31 -54.01 15.15
C ALA M 96 34.94 -54.23 15.77
N THR M 97 34.86 -53.93 17.07
CA THR M 97 33.61 -53.99 17.81
C THR M 97 33.01 -52.60 17.89
N ALA M 98 31.70 -52.51 17.70
CA ALA M 98 30.99 -51.24 17.68
C ALA M 98 30.05 -51.17 18.88
N ARG M 99 30.25 -50.16 19.73
CA ARG M 99 29.39 -49.91 20.87
C ARG M 99 28.45 -48.76 20.54
N ARG M 100 27.15 -48.98 20.73
CA ARG M 100 26.15 -47.97 20.39
C ARG M 100 25.89 -47.11 21.62
N GLY M 101 26.26 -45.84 21.55
CA GLY M 101 26.01 -44.89 22.61
C GLY M 101 24.82 -44.00 22.28
N GLN M 102 24.13 -43.55 23.33
CA GLN M 102 22.93 -42.73 23.19
C GLN M 102 23.19 -41.38 23.84
N ARG M 103 23.23 -40.34 23.02
CA ARG M 103 23.42 -38.97 23.49
C ARG M 103 22.04 -38.31 23.57
N ILE M 104 21.57 -38.09 24.80
CA ILE M 104 20.24 -37.51 25.02
C ILE M 104 20.40 -36.05 25.41
N TYR M 105 19.65 -35.18 24.73
CA TYR M 105 19.73 -33.74 24.95
C TYR M 105 18.36 -33.11 25.19
N GLY M 106 17.31 -33.92 25.35
CA GLY M 106 15.99 -33.39 25.57
C GLY M 106 14.97 -34.44 25.94
N VAL M 107 13.76 -34.31 25.40
CA VAL M 107 12.67 -35.24 25.72
C VAL M 107 12.84 -36.50 24.88
N VAL M 108 12.84 -37.66 25.55
CA VAL M 108 12.94 -38.92 24.83
C VAL M 108 11.64 -39.22 24.10
N SER M 109 10.50 -38.84 24.68
CA SER M 109 9.22 -39.02 23.99
C SER M 109 9.17 -38.23 22.69
N PHE M 110 9.88 -37.12 22.62
CA PHE M 110 9.96 -36.30 21.42
C PHE M 110 11.08 -36.73 20.49
N GLY M 111 11.82 -37.79 20.84
CA GLY M 111 12.91 -38.26 19.99
C GLY M 111 14.13 -37.36 19.99
N GLU M 112 14.34 -36.62 21.07
CA GLU M 112 15.41 -35.62 21.12
C GLU M 112 16.71 -36.25 21.60
N PHE M 113 17.18 -37.21 20.81
CA PHE M 113 18.40 -37.96 21.08
C PHE M 113 18.88 -38.56 19.77
N PHE M 114 20.12 -39.04 19.77
CA PHE M 114 20.69 -39.70 18.61
C PHE M 114 21.72 -40.71 19.06
N TYR M 115 21.80 -41.83 18.33
CA TYR M 115 22.80 -42.84 18.64
C TYR M 115 24.14 -42.49 18.01
N TYR M 116 25.21 -42.99 18.61
CA TYR M 116 26.55 -42.86 18.07
C TYR M 116 27.32 -44.14 18.33
N TYR M 117 28.15 -44.54 17.37
CA TYR M 117 28.91 -45.78 17.45
C TYR M 117 30.39 -45.46 17.59
N TYR M 118 31.03 -46.03 18.60
CA TYR M 118 32.46 -45.91 18.80
C TYR M 118 33.07 -47.30 18.87
N MET M 119 34.30 -47.42 18.36
CA MET M 119 35.01 -48.69 18.33
C MET M 119 36.01 -48.75 19.48
N ASP M 120 35.91 -49.80 20.27
CA ASP M 120 36.78 -50.02 21.43
C ASP M 120 37.76 -51.18 21.25
N VAL M 121 37.34 -52.24 20.56
CA VAL M 121 38.16 -53.43 20.35
C VAL M 121 38.48 -53.54 18.87
N TRP M 122 39.77 -53.66 18.56
CA TRP M 122 40.26 -53.75 17.19
C TRP M 122 41.07 -55.02 16.99
N GLY M 123 41.27 -55.39 15.73
CA GLY M 123 42.18 -56.45 15.36
C GLY M 123 43.48 -55.91 14.81
N LYS M 124 44.41 -56.83 14.54
CA LYS M 124 45.70 -56.42 14.00
C LYS M 124 45.62 -56.08 12.51
N GLY M 125 44.60 -56.55 11.82
CA GLY M 125 44.42 -56.25 10.41
C GLY M 125 45.16 -57.23 9.51
N THR M 126 44.74 -57.25 8.25
CA THR M 126 45.36 -58.09 7.23
C THR M 126 45.61 -57.25 5.98
N ALA M 127 46.73 -57.51 5.32
CA ALA M 127 47.15 -56.73 4.16
C ALA M 127 46.63 -57.39 2.90
N VAL M 128 45.88 -56.62 2.11
CA VAL M 128 45.33 -57.09 0.84
C VAL M 128 45.75 -56.12 -0.25
N THR M 129 46.33 -56.65 -1.33
CA THR M 129 46.79 -55.85 -2.45
C THR M 129 46.03 -56.26 -3.71
N VAL M 130 45.69 -55.27 -4.53
CA VAL M 130 44.98 -55.49 -5.78
C VAL M 130 45.98 -55.25 -6.91
N SER M 131 46.46 -56.34 -7.51
CA SER M 131 47.43 -56.28 -8.59
C SER M 131 47.16 -57.42 -9.57
N SER M 132 47.79 -57.34 -10.74
CA SER M 132 47.64 -58.34 -11.78
C SER M 132 48.78 -59.35 -11.80
N ALA M 133 49.79 -59.17 -10.97
CA ALA M 133 50.94 -60.06 -10.95
C ALA M 133 50.65 -61.28 -10.08
N SER M 134 51.51 -62.29 -10.22
CA SER M 134 51.40 -63.52 -9.46
C SER M 134 52.25 -63.46 -8.20
N THR M 135 51.97 -64.34 -7.25
CA THR M 135 52.72 -64.40 -6.01
C THR M 135 54.09 -65.02 -6.24
N LYS M 136 55.00 -64.76 -5.31
CA LYS M 136 56.36 -65.28 -5.41
C LYS M 136 56.88 -65.58 -4.01
N GLY M 137 57.44 -66.78 -3.84
CA GLY M 137 58.02 -67.18 -2.59
C GLY M 137 59.41 -66.61 -2.38
N PRO M 138 59.72 -66.21 -1.15
CA PRO M 138 61.02 -65.59 -0.88
C PRO M 138 62.14 -66.61 -0.81
N SER M 139 63.29 -66.23 -1.38
CA SER M 139 64.49 -67.06 -1.34
C SER M 139 65.37 -66.52 -0.21
N VAL M 140 65.25 -67.14 0.96
CA VAL M 140 65.95 -66.68 2.15
C VAL M 140 67.36 -67.26 2.17
N PHE M 141 68.29 -66.49 2.74
CA PHE M 141 69.68 -66.89 2.87
C PHE M 141 70.17 -66.57 4.28
N PRO M 142 70.88 -67.50 4.92
CA PRO M 142 71.38 -67.24 6.27
C PRO M 142 72.53 -66.24 6.27
N LEU M 143 72.42 -65.23 7.13
CA LEU M 143 73.49 -64.26 7.32
C LEU M 143 74.36 -64.74 8.48
N ALA M 144 75.46 -65.39 8.15
CA ALA M 144 76.31 -65.99 9.17
C ALA M 144 77.01 -64.91 10.00
N PRO M 145 77.19 -65.13 11.30
CA PRO M 145 77.89 -64.18 12.19
C PRO M 145 79.38 -64.08 11.88
N SER M 151 84.12 -59.41 19.99
CA SER M 151 83.25 -58.54 19.21
C SER M 151 82.21 -57.87 20.12
N GLY M 152 82.67 -57.39 21.27
CA GLY M 152 81.79 -56.78 22.24
C GLY M 152 81.01 -57.76 23.10
N GLY M 153 81.33 -59.04 23.04
CA GLY M 153 80.63 -60.06 23.79
C GLY M 153 79.46 -60.68 23.07
N THR M 154 78.96 -60.05 22.00
CA THR M 154 77.86 -60.58 21.21
C THR M 154 78.18 -60.46 19.73
N ALA M 155 77.40 -61.15 18.91
CA ALA M 155 77.58 -61.16 17.47
C ALA M 155 76.23 -60.99 16.78
N ALA M 156 76.29 -60.62 15.50
CA ALA M 156 75.09 -60.40 14.71
C ALA M 156 74.67 -61.69 14.01
N LEU M 157 73.37 -61.97 14.04
CA LEU M 157 72.82 -63.21 13.49
C LEU M 157 71.49 -62.89 12.83
N GLY M 158 71.44 -62.97 11.49
CA GLY M 158 70.25 -62.61 10.75
C GLY M 158 69.99 -63.55 9.59
N CYS M 159 68.90 -63.26 8.88
CA CYS M 159 68.49 -64.02 7.70
C CYS M 159 68.10 -63.05 6.60
N LEU M 160 68.61 -63.28 5.38
CA LEU M 160 68.39 -62.39 4.25
C LEU M 160 67.17 -62.88 3.48
N VAL M 161 66.01 -62.33 3.82
CA VAL M 161 64.77 -62.62 3.08
C VAL M 161 64.81 -61.81 1.79
N LYS M 162 64.95 -62.50 0.66
CA LYS M 162 65.20 -61.86 -0.62
C LYS M 162 64.09 -62.18 -1.61
N ASP M 163 63.57 -61.14 -2.27
CA ASP M 163 62.68 -61.26 -3.42
C ASP M 163 61.39 -62.01 -3.11
N TYR M 164 60.34 -61.28 -2.73
CA TYR M 164 59.02 -61.86 -2.57
C TYR M 164 57.98 -60.82 -2.95
N PHE M 165 56.76 -61.29 -3.19
CA PHE M 165 55.66 -60.40 -3.56
C PHE M 165 54.32 -61.08 -3.35
N PRO M 166 53.36 -60.42 -2.68
CA PRO M 166 53.56 -59.10 -2.07
C PRO M 166 53.86 -59.18 -0.59
N GLU M 167 53.53 -58.11 0.14
CA GLU M 167 53.69 -58.09 1.58
C GLU M 167 52.54 -58.81 2.26
N PRO M 168 52.74 -59.28 3.51
CA PRO M 168 53.96 -59.23 4.31
C PRO M 168 54.67 -60.57 4.42
N VAL M 169 55.70 -60.62 5.27
CA VAL M 169 56.43 -61.84 5.58
C VAL M 169 56.70 -61.86 7.07
N THR M 170 56.25 -62.91 7.75
CA THR M 170 56.44 -63.05 9.20
C THR M 170 57.75 -63.78 9.46
N VAL M 171 58.63 -63.16 10.25
CA VAL M 171 59.93 -63.73 10.58
C VAL M 171 59.97 -63.97 12.08
N SER M 172 60.11 -65.24 12.47
CA SER M 172 60.24 -65.63 13.86
C SER M 172 61.55 -66.39 14.06
N TRP M 173 62.02 -66.42 15.30
CA TRP M 173 63.29 -67.05 15.65
C TRP M 173 63.07 -67.98 16.83
N ASN M 174 63.16 -69.29 16.58
CA ASN M 174 63.06 -70.32 17.62
C ASN M 174 61.76 -70.18 18.42
N SER M 175 60.68 -69.84 17.73
CA SER M 175 59.37 -69.66 18.33
C SER M 175 59.42 -68.65 19.46
N GLY M 176 59.47 -69.13 20.70
CA GLY M 176 59.47 -68.25 21.85
C GLY M 176 60.81 -68.15 22.57
N ALA M 177 61.79 -68.92 22.12
CA ALA M 177 63.12 -68.86 22.73
C ALA M 177 63.78 -67.52 22.48
N LEU M 178 63.94 -67.14 21.21
CA LEU M 178 64.53 -65.87 20.83
C LEU M 178 63.43 -64.81 20.75
N THR M 179 63.42 -63.89 21.70
CA THR M 179 62.53 -62.74 21.68
C THR M 179 63.27 -61.41 21.73
N SER M 180 64.47 -61.37 22.32
CA SER M 180 65.26 -60.17 22.39
C SER M 180 66.73 -60.55 22.48
N GLY M 181 67.58 -59.82 21.77
CA GLY M 181 67.14 -58.72 20.93
C GLY M 181 66.96 -59.11 19.47
N VAL M 182 65.72 -59.40 19.10
CA VAL M 182 65.37 -59.76 17.73
C VAL M 182 64.70 -58.54 17.09
N HIS M 183 65.32 -58.02 16.03
CA HIS M 183 64.83 -56.84 15.34
C HIS M 183 64.62 -57.18 13.87
N THR M 184 63.37 -57.13 13.42
CA THR M 184 63.02 -57.39 12.03
C THR M 184 62.89 -56.04 11.32
N PHE M 185 63.81 -55.76 10.40
CA PHE M 185 63.84 -54.50 9.70
C PHE M 185 62.79 -54.49 8.58
N PRO M 186 62.22 -53.31 8.28
CA PRO M 186 61.22 -53.23 7.21
C PRO M 186 61.81 -53.61 5.86
N ALA M 187 60.92 -54.00 4.95
CA ALA M 187 61.32 -54.45 3.63
C ALA M 187 61.65 -53.27 2.73
N VAL M 188 62.30 -53.56 1.61
CA VAL M 188 62.67 -52.57 0.60
C VAL M 188 61.99 -52.94 -0.71
N LEU M 189 61.42 -51.93 -1.38
CA LEU M 189 60.75 -52.13 -2.65
C LEU M 189 61.74 -51.92 -3.77
N GLN M 190 62.18 -53.00 -4.41
CA GLN M 190 63.12 -52.91 -5.50
C GLN M 190 62.45 -52.34 -6.74
N SER M 191 63.27 -51.98 -7.74
CA SER M 191 62.74 -51.42 -8.98
C SER M 191 61.92 -52.43 -9.76
N SER M 192 62.09 -53.72 -9.50
CA SER M 192 61.30 -54.77 -10.14
C SER M 192 59.95 -54.99 -9.48
N GLY M 193 59.67 -54.31 -8.37
CA GLY M 193 58.43 -54.51 -7.66
C GLY M 193 58.44 -55.61 -6.63
N LEU M 194 59.61 -56.04 -6.18
CA LEU M 194 59.74 -57.12 -5.21
C LEU M 194 60.30 -56.59 -3.89
N TYR M 195 59.85 -57.19 -2.79
CA TYR M 195 60.26 -56.80 -1.46
C TYR M 195 61.34 -57.72 -0.93
N SER M 196 62.09 -57.21 0.05
CA SER M 196 63.15 -57.97 0.70
C SER M 196 63.50 -57.30 2.02
N LEU M 197 63.60 -58.08 3.09
CA LEU M 197 63.92 -57.57 4.41
C LEU M 197 64.98 -58.44 5.07
N SER M 198 65.34 -58.07 6.29
CA SER M 198 66.33 -58.81 7.07
C SER M 198 66.04 -58.63 8.54
N SER M 199 66.15 -59.72 9.30
CA SER M 199 65.87 -59.73 10.73
C SER M 199 67.08 -60.29 11.45
N VAL M 200 67.79 -59.44 12.20
CA VAL M 200 69.02 -59.83 12.88
C VAL M 200 68.72 -60.04 14.36
N VAL M 201 69.54 -60.88 14.99
CA VAL M 201 69.42 -61.22 16.41
C VAL M 201 70.77 -61.04 17.06
N THR M 202 70.80 -60.37 18.22
CA THR M 202 72.03 -60.18 18.98
C THR M 202 72.30 -61.44 19.80
N VAL M 203 73.32 -62.20 19.41
CA VAL M 203 73.64 -63.48 20.02
C VAL M 203 75.06 -63.40 20.57
N PRO M 204 75.31 -63.82 21.81
CA PRO M 204 76.68 -63.80 22.34
C PRO M 204 77.59 -64.74 21.55
N SER M 205 78.89 -64.42 21.60
CA SER M 205 79.88 -65.23 20.87
C SER M 205 80.07 -66.60 21.51
N SER M 206 79.99 -66.68 22.85
CA SER M 206 80.11 -67.96 23.52
C SER M 206 78.96 -68.91 23.20
N SER M 207 77.79 -68.37 22.83
CA SER M 207 76.65 -69.21 22.43
C SER M 207 76.80 -69.77 21.03
N LEU M 208 77.69 -69.20 20.21
CA LEU M 208 77.92 -69.72 18.87
C LEU M 208 78.69 -71.03 18.92
N GLY M 209 78.28 -71.99 18.09
CA GLY M 209 78.86 -73.30 18.10
C GLY M 209 78.25 -74.26 19.09
N THR M 210 77.45 -73.77 20.04
CA THR M 210 76.78 -74.59 21.03
C THR M 210 75.26 -74.51 20.94
N GLN M 211 74.72 -73.34 20.63
CA GLN M 211 73.29 -73.15 20.51
C GLN M 211 72.87 -73.11 19.05
N THR M 212 71.63 -73.52 18.79
CA THR M 212 71.08 -73.57 17.44
C THR M 212 70.05 -72.47 17.27
N TYR M 213 70.01 -71.89 16.07
CA TYR M 213 69.11 -70.79 15.77
C TYR M 213 68.55 -70.95 14.36
N ILE M 214 67.24 -70.74 14.23
CA ILE M 214 66.55 -70.81 12.95
C ILE M 214 65.60 -69.63 12.84
N CYS M 215 65.38 -69.16 11.61
CA CYS M 215 64.49 -68.04 11.33
C CYS M 215 63.27 -68.59 10.59
N ASN M 216 62.10 -68.50 11.22
CA ASN M 216 60.87 -69.03 10.66
C ASN M 216 60.23 -67.98 9.76
N VAL M 217 60.25 -68.22 8.46
CA VAL M 217 59.73 -67.30 7.46
C VAL M 217 58.34 -67.77 7.05
N ASN M 218 57.36 -66.88 7.16
CA ASN M 218 55.97 -67.16 6.79
C ASN M 218 55.51 -66.12 5.78
N HIS M 219 55.55 -66.46 4.50
CA HIS M 219 54.98 -65.61 3.45
C HIS M 219 53.62 -66.19 3.07
N LYS M 220 52.63 -65.90 3.91
CA LYS M 220 51.29 -66.46 3.73
C LYS M 220 50.68 -66.23 2.35
N PRO M 221 50.82 -65.07 1.69
CA PRO M 221 50.19 -64.92 0.37
C PRO M 221 50.81 -65.78 -0.73
N SER M 222 51.90 -66.51 -0.47
CA SER M 222 52.59 -67.18 -1.58
C SER M 222 51.92 -68.51 -1.96
N ASN M 223 51.79 -69.48 -1.03
CA ASN M 223 52.28 -69.48 0.35
C ASN M 223 53.54 -70.35 0.44
N THR M 224 54.45 -70.00 1.35
CA THR M 224 55.71 -70.71 1.50
C THR M 224 56.05 -70.87 2.98
N LYS M 225 57.04 -71.72 3.25
CA LYS M 225 57.49 -71.97 4.62
C LYS M 225 58.89 -72.56 4.53
N VAL M 226 59.91 -71.74 4.81
CA VAL M 226 61.30 -72.16 4.72
C VAL M 226 62.01 -71.80 6.02
N ASP M 227 62.52 -72.80 6.72
CA ASP M 227 63.35 -72.61 7.88
C ASP M 227 64.82 -72.66 7.49
N LYS M 228 65.63 -71.81 8.09
CA LYS M 228 67.05 -71.72 7.78
C LYS M 228 67.86 -71.74 9.07
N LYS M 229 68.74 -72.71 9.20
CA LYS M 229 69.61 -72.85 10.36
C LYS M 229 70.91 -72.10 10.09
N VAL M 230 71.09 -70.96 10.72
CA VAL M 230 72.26 -70.12 10.48
C VAL M 230 73.43 -70.65 11.30
N GLU M 231 74.56 -70.88 10.64
CA GLU M 231 75.77 -71.38 11.27
C GLU M 231 76.99 -70.62 10.74
N PRO M 232 77.97 -70.34 11.59
CA PRO M 232 79.20 -69.65 11.17
C PRO M 232 80.09 -70.51 10.29
N VAL N 2 -47.14 -23.10 -55.39
CA VAL N 2 -46.63 -23.05 -56.75
C VAL N 2 -45.80 -24.30 -57.04
N GLN N 3 -45.46 -24.52 -58.31
CA GLN N 3 -44.72 -25.69 -58.75
C GLN N 3 -43.34 -25.26 -59.25
N LEU N 4 -42.33 -26.09 -58.99
CA LEU N 4 -40.96 -25.79 -59.39
C LEU N 4 -40.39 -26.96 -60.18
N GLN N 5 -39.49 -26.65 -61.11
CA GLN N 5 -38.80 -27.66 -61.90
C GLN N 5 -37.43 -27.13 -62.32
N GLU N 6 -36.41 -27.94 -62.11
CA GLU N 6 -35.04 -27.56 -62.41
C GLU N 6 -34.55 -28.21 -63.71
N SER N 7 -33.61 -27.54 -64.36
CA SER N 7 -32.96 -28.06 -65.56
C SER N 7 -31.46 -27.78 -65.45
N GLY N 8 -30.66 -28.78 -65.80
CA GLY N 8 -29.22 -28.65 -65.70
C GLY N 8 -28.50 -29.19 -66.91
N PRO N 9 -27.27 -28.72 -67.13
CA PRO N 9 -26.49 -29.18 -68.30
C PRO N 9 -26.13 -30.65 -68.23
N GLY N 10 -26.13 -31.25 -67.05
CA GLY N 10 -25.78 -32.66 -66.89
C GLY N 10 -24.32 -32.93 -66.63
N LEU N 11 -23.44 -32.38 -67.45
CA LEU N 11 -22.01 -32.62 -67.32
C LEU N 11 -21.26 -31.35 -67.70
N VAL N 12 -20.33 -30.94 -66.85
CA VAL N 12 -19.51 -29.76 -67.07
C VAL N 12 -18.05 -30.12 -66.84
N ARG N 13 -17.16 -29.56 -67.65
CA ARG N 13 -15.74 -29.77 -67.47
C ARG N 13 -15.19 -28.81 -66.41
N PRO N 14 -14.11 -29.21 -65.74
CA PRO N 14 -13.52 -28.33 -64.71
C PRO N 14 -13.07 -27.00 -65.28
N SER N 15 -12.90 -26.02 -64.37
CA SER N 15 -12.42 -24.68 -64.71
C SER N 15 -13.32 -24.01 -65.74
N GLU N 16 -14.63 -24.19 -65.60
CA GLU N 16 -15.59 -23.57 -66.51
C GLU N 16 -16.67 -22.83 -65.75
N THR N 17 -17.92 -22.96 -66.21
CA THR N 17 -19.05 -22.28 -65.60
C THR N 17 -20.24 -23.23 -65.55
N LEU N 18 -20.88 -23.32 -64.38
CA LEU N 18 -22.08 -24.11 -64.19
C LEU N 18 -23.29 -23.19 -64.26
N SER N 19 -24.37 -23.65 -64.89
CA SER N 19 -25.56 -22.83 -65.05
C SER N 19 -26.79 -23.73 -65.07
N VAL N 20 -27.69 -23.52 -64.10
CA VAL N 20 -28.95 -24.25 -64.00
C VAL N 20 -30.10 -23.27 -64.02
N THR N 21 -31.29 -23.79 -64.32
CA THR N 21 -32.49 -22.99 -64.47
C THR N 21 -33.63 -23.60 -63.67
N CYS N 22 -34.52 -22.75 -63.17
CA CYS N 22 -35.64 -23.15 -62.33
C CYS N 22 -36.90 -22.45 -62.82
N ILE N 23 -37.86 -23.22 -63.31
CA ILE N 23 -39.10 -22.69 -63.88
C ILE N 23 -40.17 -22.76 -62.81
N VAL N 24 -40.63 -21.62 -62.34
CA VAL N 24 -41.72 -21.56 -61.38
C VAL N 24 -43.02 -21.47 -62.17
N SER N 25 -44.10 -21.99 -61.59
CA SER N 25 -45.39 -22.01 -62.27
C SER N 25 -46.50 -21.82 -61.25
N GLY N 26 -47.48 -20.98 -61.61
CA GLY N 26 -48.69 -20.80 -60.82
C GLY N 26 -48.77 -19.51 -60.05
N GLY N 27 -47.74 -18.67 -60.08
CA GLY N 27 -47.78 -17.43 -59.33
C GLY N 27 -46.64 -16.52 -59.74
N SER N 28 -46.69 -15.30 -59.21
CA SER N 28 -45.71 -14.29 -59.58
C SER N 28 -44.39 -14.52 -58.86
N ILE N 29 -43.29 -14.33 -59.60
CA ILE N 29 -41.96 -14.54 -59.05
C ILE N 29 -41.42 -13.31 -58.32
N SER N 30 -41.90 -12.13 -58.66
CA SER N 30 -41.40 -10.89 -58.08
C SER N 30 -41.94 -10.62 -56.67
N ASN N 31 -42.65 -11.56 -56.08
CA ASN N 31 -43.25 -11.38 -54.76
C ASN N 31 -42.67 -12.30 -53.70
N TYR N 32 -41.71 -13.15 -54.04
CA TYR N 32 -41.18 -14.14 -53.12
C TYR N 32 -39.66 -14.10 -53.13
N TYR N 33 -39.08 -14.64 -52.06
CA TYR N 33 -37.64 -14.86 -51.97
C TYR N 33 -37.31 -16.21 -52.59
N TRP N 34 -36.22 -16.25 -53.35
CA TRP N 34 -35.82 -17.47 -54.04
C TRP N 34 -34.37 -17.80 -53.72
N THR N 35 -34.11 -19.08 -53.43
CA THR N 35 -32.79 -19.52 -53.02
C THR N 35 -32.43 -20.81 -53.74
N TRP N 36 -31.16 -21.19 -53.62
CA TRP N 36 -30.61 -22.39 -54.25
C TRP N 36 -29.89 -23.23 -53.22
N ILE N 37 -30.19 -24.53 -53.20
CA ILE N 37 -29.57 -25.49 -52.30
C ILE N 37 -28.98 -26.62 -53.15
N ARG N 38 -27.82 -27.12 -52.74
CA ARG N 38 -27.18 -28.24 -53.41
C ARG N 38 -26.85 -29.32 -52.39
N GLN N 39 -26.43 -30.48 -52.88
CA GLN N 39 -26.03 -31.58 -52.01
C GLN N 39 -25.06 -32.47 -52.78
N SER N 40 -23.79 -32.43 -52.39
CA SER N 40 -22.80 -33.30 -53.01
C SER N 40 -22.85 -34.68 -52.38
N PRO N 41 -22.46 -35.72 -53.13
CA PRO N 41 -22.45 -37.08 -52.57
C PRO N 41 -21.50 -37.18 -51.39
N GLY N 42 -22.00 -37.69 -50.27
CA GLY N 42 -21.23 -37.81 -49.06
C GLY N 42 -21.20 -36.56 -48.20
N LYS N 43 -21.89 -35.50 -48.59
CA LYS N 43 -21.95 -34.27 -47.82
C LYS N 43 -23.41 -33.87 -47.62
N GLY N 44 -23.62 -32.95 -46.69
CA GLY N 44 -24.95 -32.48 -46.38
C GLY N 44 -25.40 -31.34 -47.28
N LEU N 45 -26.60 -30.85 -47.00
CA LEU N 45 -27.15 -29.74 -47.77
C LEU N 45 -26.33 -28.49 -47.53
N GLU N 46 -25.98 -27.78 -48.60
CA GLU N 46 -25.17 -26.57 -48.53
C GLU N 46 -25.99 -25.41 -49.09
N TRP N 47 -26.19 -24.38 -48.27
CA TRP N 47 -26.90 -23.18 -48.69
C TRP N 47 -25.98 -22.34 -49.57
N ILE N 48 -26.45 -22.03 -50.78
CA ILE N 48 -25.63 -21.30 -51.75
C ILE N 48 -25.90 -19.81 -51.63
N GLY N 49 -27.14 -19.41 -51.83
CA GLY N 49 -27.49 -18.00 -51.74
C GLY N 49 -28.96 -17.82 -52.00
N TYR N 50 -29.40 -16.57 -51.86
CA TYR N 50 -30.80 -16.24 -52.05
C TYR N 50 -30.93 -14.83 -52.61
N ILE N 51 -32.04 -14.59 -53.30
CA ILE N 51 -32.33 -13.29 -53.90
C ILE N 51 -33.65 -12.79 -53.32
N SER N 52 -33.74 -11.49 -53.10
CA SER N 52 -34.90 -10.88 -52.47
C SER N 52 -35.97 -10.56 -53.53
N ASP N 53 -37.04 -9.91 -53.09
CA ASP N 53 -38.04 -9.38 -54.02
C ASP N 53 -37.58 -8.08 -54.66
N ARG N 54 -36.59 -7.40 -54.08
CA ARG N 54 -35.98 -6.22 -54.67
C ARG N 54 -34.82 -6.58 -55.58
N GLU N 55 -34.68 -7.85 -55.97
CA GLU N 55 -33.57 -8.32 -56.79
C GLU N 55 -32.22 -8.03 -56.14
N THR N 56 -32.17 -8.09 -54.81
CA THR N 56 -30.92 -7.96 -54.06
C THR N 56 -30.50 -9.33 -53.56
N THR N 57 -29.26 -9.70 -53.88
CA THR N 57 -28.76 -11.03 -53.59
C THR N 57 -27.89 -11.05 -52.34
N THR N 58 -27.73 -12.24 -51.77
CA THR N 58 -26.84 -12.45 -50.63
C THR N 58 -26.35 -13.89 -50.71
N TYR N 59 -25.06 -14.05 -50.94
CA TYR N 59 -24.47 -15.36 -51.18
C TYR N 59 -23.77 -15.88 -49.93
N ASN N 60 -23.56 -17.19 -49.90
CA ASN N 60 -22.87 -17.82 -48.79
C ASN N 60 -21.36 -17.68 -48.97
N PRO N 61 -20.64 -17.13 -48.00
CA PRO N 61 -19.20 -16.91 -48.18
C PRO N 61 -18.38 -18.17 -48.38
N SER N 62 -18.93 -19.36 -48.12
CA SER N 62 -18.19 -20.59 -48.34
C SER N 62 -18.08 -20.96 -49.81
N LEU N 63 -18.77 -20.23 -50.70
CA LEU N 63 -18.63 -20.44 -52.14
C LEU N 63 -17.62 -19.50 -52.77
N ASN N 64 -17.06 -18.55 -52.00
CA ASN N 64 -16.00 -17.66 -52.46
C ASN N 64 -16.46 -16.80 -53.65
N SER N 65 -17.71 -16.34 -53.59
CA SER N 65 -18.26 -15.44 -54.60
C SER N 65 -18.20 -16.04 -56.01
N ARG N 66 -18.31 -17.36 -56.12
CA ARG N 66 -18.29 -18.03 -57.41
C ARG N 66 -19.69 -18.28 -57.95
N ALA N 67 -20.73 -17.95 -57.20
CA ALA N 67 -22.10 -18.16 -57.62
C ALA N 67 -22.82 -16.83 -57.77
N VAL N 68 -23.76 -16.79 -58.72
CA VAL N 68 -24.56 -15.60 -58.97
C VAL N 68 -25.97 -16.05 -59.35
N ILE N 69 -26.96 -15.48 -58.67
CA ILE N 69 -28.37 -15.78 -58.93
C ILE N 69 -29.01 -14.56 -59.55
N SER N 70 -29.88 -14.78 -60.54
CA SER N 70 -30.56 -13.69 -61.23
C SER N 70 -32.01 -14.07 -61.46
N ARG N 71 -32.83 -13.05 -61.67
CA ARG N 71 -34.25 -13.20 -61.89
C ARG N 71 -34.60 -12.78 -63.32
N ASP N 72 -35.66 -13.41 -63.86
CA ASP N 72 -36.11 -13.12 -65.23
C ASP N 72 -37.65 -13.15 -65.21
N THR N 73 -38.24 -11.97 -65.05
CA THR N 73 -39.69 -11.86 -65.07
C THR N 73 -40.27 -12.06 -66.46
N SER N 74 -39.45 -11.90 -67.50
CA SER N 74 -39.95 -12.06 -68.87
C SER N 74 -40.29 -13.51 -69.20
N LYS N 75 -39.73 -14.47 -68.47
CA LYS N 75 -40.05 -15.88 -68.69
C LYS N 75 -40.31 -16.63 -67.40
N ASN N 76 -40.33 -15.94 -66.26
CA ASN N 76 -40.66 -16.55 -64.96
C ASN N 76 -39.69 -17.66 -64.60
N GLN N 77 -38.40 -17.44 -64.88
CA GLN N 77 -37.38 -18.42 -64.60
C GLN N 77 -36.35 -17.84 -63.64
N LEU N 78 -35.77 -18.74 -62.83
CA LEU N 78 -34.73 -18.40 -61.88
C LEU N 78 -33.46 -19.13 -62.28
N SER N 79 -32.35 -18.41 -62.34
CA SER N 79 -31.10 -18.97 -62.82
C SER N 79 -30.03 -18.90 -61.75
N LEU N 80 -29.13 -19.89 -61.77
CA LEU N 80 -27.96 -19.93 -60.89
C LEU N 80 -26.74 -20.26 -61.72
N GLN N 81 -25.72 -19.41 -61.65
CA GLN N 81 -24.50 -19.58 -62.42
C GLN N 81 -23.30 -19.68 -61.48
N LEU N 82 -22.62 -20.83 -61.52
CA LEU N 82 -21.45 -21.09 -60.70
C LEU N 82 -20.24 -21.18 -61.62
N ARG N 83 -19.31 -20.25 -61.48
CA ARG N 83 -18.09 -20.24 -62.27
C ARG N 83 -16.99 -21.04 -61.55
N SER N 84 -15.90 -21.29 -62.27
CA SER N 84 -14.70 -21.97 -61.75
C SER N 84 -15.05 -23.19 -60.92
N VAL N 85 -15.43 -24.29 -61.57
CA VAL N 85 -15.97 -25.45 -60.88
C VAL N 85 -14.89 -26.53 -60.76
N THR N 86 -15.03 -27.36 -59.73
CA THR N 86 -14.12 -28.48 -59.51
C THR N 86 -14.91 -29.78 -59.38
N THR N 87 -14.23 -30.87 -59.04
CA THR N 87 -14.92 -32.14 -58.83
C THR N 87 -15.79 -32.12 -57.59
N ALA N 88 -15.55 -31.20 -56.65
CA ALA N 88 -16.35 -31.08 -55.44
C ALA N 88 -17.69 -30.40 -55.68
N ASP N 89 -17.87 -29.73 -56.81
CA ASP N 89 -19.10 -29.05 -57.12
C ASP N 89 -20.13 -29.97 -57.79
N THR N 90 -19.79 -31.24 -57.98
CA THR N 90 -20.76 -32.21 -58.49
C THR N 90 -21.83 -32.43 -57.43
N ALA N 91 -23.06 -32.02 -57.73
CA ALA N 91 -24.14 -32.09 -56.76
C ALA N 91 -25.47 -32.03 -57.48
N ILE N 92 -26.54 -32.24 -56.72
CA ILE N 92 -27.90 -32.08 -57.20
C ILE N 92 -28.40 -30.72 -56.70
N TYR N 93 -28.63 -29.81 -57.62
CA TYR N 93 -28.99 -28.43 -57.26
C TYR N 93 -30.50 -28.29 -57.18
N PHE N 94 -30.99 -27.77 -56.06
CA PHE N 94 -32.41 -27.54 -55.81
C PHE N 94 -32.68 -26.05 -55.71
N CYS N 95 -33.78 -25.61 -56.31
CA CYS N 95 -34.30 -24.27 -56.10
C CYS N 95 -35.49 -24.34 -55.16
N ALA N 96 -35.59 -23.36 -54.25
CA ALA N 96 -36.61 -23.40 -53.22
C ALA N 96 -37.13 -21.99 -52.96
N THR N 97 -38.27 -21.95 -52.28
CA THR N 97 -38.92 -20.72 -51.86
C THR N 97 -38.54 -20.41 -50.42
N ALA N 98 -38.00 -19.21 -50.18
CA ALA N 98 -37.60 -18.80 -48.85
C ALA N 98 -38.62 -17.80 -48.31
N ARG N 99 -39.13 -18.07 -47.12
CA ARG N 99 -40.03 -17.16 -46.42
C ARG N 99 -39.28 -16.57 -45.23
N ARG N 100 -39.36 -15.26 -45.07
CA ARG N 100 -38.63 -14.57 -44.01
C ARG N 100 -39.53 -14.39 -42.81
N GLY N 101 -39.08 -14.92 -41.67
CA GLY N 101 -39.80 -14.76 -40.41
C GLY N 101 -39.05 -13.84 -39.46
N GLN N 102 -39.78 -13.23 -38.53
CA GLN N 102 -39.22 -12.22 -37.62
C GLN N 102 -39.32 -12.76 -36.20
N ARG N 103 -38.18 -13.06 -35.61
CA ARG N 103 -38.11 -13.54 -34.22
C ARG N 103 -37.83 -12.34 -33.33
N ILE N 104 -38.83 -11.93 -32.55
CA ILE N 104 -38.72 -10.77 -31.67
C ILE N 104 -38.55 -11.25 -30.25
N TYR N 105 -37.54 -10.73 -29.55
CA TYR N 105 -37.26 -11.10 -28.18
C TYR N 105 -37.21 -9.92 -27.23
N GLY N 106 -37.61 -8.73 -27.68
CA GLY N 106 -37.56 -7.56 -26.84
C GLY N 106 -38.15 -6.32 -27.48
N VAL N 107 -37.55 -5.16 -27.19
CA VAL N 107 -38.06 -3.89 -27.71
C VAL N 107 -37.73 -3.78 -29.18
N VAL N 108 -38.73 -3.46 -29.99
CA VAL N 108 -38.52 -3.33 -31.42
C VAL N 108 -37.65 -2.12 -31.73
N SER N 109 -37.82 -1.04 -30.96
CA SER N 109 -37.07 0.19 -31.22
C SER N 109 -35.57 -0.04 -31.07
N PHE N 110 -35.17 -0.98 -30.20
CA PHE N 110 -33.77 -1.24 -29.94
C PHE N 110 -33.18 -2.26 -30.91
N GLY N 111 -33.93 -2.70 -31.91
CA GLY N 111 -33.46 -3.73 -32.80
C GLY N 111 -33.28 -5.07 -32.14
N GLU N 112 -34.08 -5.36 -31.12
CA GLU N 112 -33.98 -6.61 -30.37
C GLU N 112 -34.81 -7.70 -31.04
N PHE N 113 -34.42 -8.01 -32.28
CA PHE N 113 -35.04 -9.06 -33.07
C PHE N 113 -34.10 -9.42 -34.21
N PHE N 114 -34.40 -10.54 -34.87
CA PHE N 114 -33.57 -11.00 -35.99
C PHE N 114 -34.43 -11.78 -36.96
N TYR N 115 -34.04 -11.74 -38.23
CA TYR N 115 -34.77 -12.43 -39.29
C TYR N 115 -34.18 -13.81 -39.54
N TYR N 116 -35.06 -14.74 -39.93
CA TYR N 116 -34.67 -16.10 -40.28
C TYR N 116 -35.43 -16.51 -41.53
N TYR N 117 -34.81 -17.40 -42.31
CA TYR N 117 -35.37 -17.86 -43.57
C TYR N 117 -35.61 -19.36 -43.51
N TYR N 118 -36.80 -19.79 -43.91
CA TYR N 118 -37.15 -21.21 -43.97
C TYR N 118 -37.72 -21.51 -45.35
N MET N 119 -37.34 -22.66 -45.89
CA MET N 119 -37.75 -23.07 -47.23
C MET N 119 -38.95 -24.02 -47.13
N ASP N 120 -40.08 -23.61 -47.70
CA ASP N 120 -41.31 -24.38 -47.64
C ASP N 120 -41.64 -25.10 -48.94
N VAL N 121 -41.30 -24.50 -50.09
CA VAL N 121 -41.58 -25.07 -51.39
C VAL N 121 -40.26 -25.41 -52.07
N TRP N 122 -40.14 -26.63 -52.55
CA TRP N 122 -38.92 -27.09 -53.21
C TRP N 122 -39.26 -27.69 -54.56
N GLY N 123 -38.22 -27.85 -55.39
CA GLY N 123 -38.32 -28.58 -56.63
C GLY N 123 -37.62 -29.94 -56.50
N LYS N 124 -37.77 -30.76 -57.54
CA LYS N 124 -37.19 -32.10 -57.49
C LYS N 124 -35.68 -32.11 -57.72
N GLY N 125 -35.10 -30.99 -58.15
CA GLY N 125 -33.67 -30.90 -58.31
C GLY N 125 -33.17 -31.56 -59.58
N THR N 126 -32.01 -31.09 -60.04
CA THR N 126 -31.37 -31.61 -61.23
C THR N 126 -29.96 -32.08 -60.88
N ALA N 127 -29.55 -33.19 -61.50
CA ALA N 127 -28.24 -33.77 -61.26
C ALA N 127 -27.20 -33.12 -62.14
N VAL N 128 -26.13 -32.62 -61.54
CA VAL N 128 -25.03 -31.97 -62.25
C VAL N 128 -23.74 -32.69 -61.89
N THR N 129 -23.01 -33.15 -62.90
CA THR N 129 -21.76 -33.86 -62.73
C THR N 129 -20.62 -33.04 -63.32
N VAL N 130 -19.49 -33.03 -62.63
CA VAL N 130 -18.27 -32.39 -63.12
C VAL N 130 -17.24 -33.49 -63.35
N SER N 131 -17.00 -33.82 -64.62
CA SER N 131 -16.08 -34.88 -64.99
C SER N 131 -15.26 -34.43 -66.20
N SER N 132 -14.22 -35.21 -66.50
CA SER N 132 -13.35 -34.96 -67.64
C SER N 132 -13.41 -36.07 -68.68
N ALA N 133 -14.24 -37.09 -68.47
CA ALA N 133 -14.25 -38.28 -69.30
C ALA N 133 -15.25 -38.17 -70.43
N SER N 134 -14.96 -38.86 -71.54
CA SER N 134 -15.86 -38.98 -72.66
C SER N 134 -16.61 -40.30 -72.59
N THR N 135 -17.58 -40.47 -73.49
CA THR N 135 -18.38 -41.68 -73.50
C THR N 135 -17.52 -42.89 -73.87
N LYS N 136 -17.95 -44.06 -73.40
CA LYS N 136 -17.21 -45.29 -73.66
C LYS N 136 -18.19 -46.45 -73.76
N GLY N 137 -17.99 -47.31 -74.74
CA GLY N 137 -18.82 -48.46 -74.94
C GLY N 137 -18.32 -49.68 -74.20
N PRO N 138 -19.24 -50.43 -73.60
CA PRO N 138 -18.83 -51.60 -72.82
C PRO N 138 -18.58 -52.82 -73.70
N SER N 139 -17.55 -53.59 -73.33
CA SER N 139 -17.25 -54.87 -73.97
C SER N 139 -17.75 -55.96 -73.03
N VAL N 140 -18.97 -56.42 -73.28
CA VAL N 140 -19.62 -57.38 -72.40
C VAL N 140 -19.10 -58.78 -72.70
N PHE N 141 -19.15 -59.66 -71.70
CA PHE N 141 -18.70 -61.03 -71.81
C PHE N 141 -19.73 -61.98 -71.24
N PRO N 142 -19.97 -63.12 -71.88
CA PRO N 142 -20.98 -64.05 -71.38
C PRO N 142 -20.51 -64.75 -70.11
N LEU N 143 -21.36 -64.73 -69.08
CA LEU N 143 -21.11 -65.46 -67.84
C LEU N 143 -21.64 -66.88 -68.04
N ALA N 144 -20.75 -67.83 -68.33
CA ALA N 144 -21.16 -69.19 -68.62
C ALA N 144 -21.76 -69.84 -67.37
N PRO N 145 -22.82 -70.65 -67.52
CA PRO N 145 -23.46 -71.34 -66.40
C PRO N 145 -22.60 -72.47 -65.83
N SER N 151 -28.18 -79.33 -59.05
CA SER N 151 -27.84 -78.00 -58.57
C SER N 151 -29.10 -77.19 -58.28
N GLY N 152 -30.09 -77.84 -57.68
CA GLY N 152 -31.35 -77.20 -57.37
C GLY N 152 -32.35 -77.16 -58.51
N GLY N 153 -32.04 -77.77 -59.64
CA GLY N 153 -32.92 -77.79 -60.79
C GLY N 153 -32.73 -76.65 -61.77
N THR N 154 -32.06 -75.58 -61.36
CA THR N 154 -31.80 -74.44 -62.23
C THR N 154 -30.34 -74.02 -62.11
N ALA N 155 -29.91 -73.19 -63.05
CA ALA N 155 -28.56 -72.68 -63.09
C ALA N 155 -28.58 -71.18 -63.34
N ALA N 156 -27.44 -70.54 -63.08
CA ALA N 156 -27.30 -69.10 -63.26
C ALA N 156 -26.71 -68.79 -64.63
N LEU N 157 -27.24 -67.75 -65.28
CA LEU N 157 -26.86 -67.39 -66.64
C LEU N 157 -26.88 -65.87 -66.75
N GLY N 158 -25.71 -65.26 -66.92
CA GLY N 158 -25.60 -63.82 -66.93
C GLY N 158 -24.68 -63.31 -68.02
N CYS N 159 -24.60 -61.98 -68.10
CA CYS N 159 -23.70 -61.28 -69.01
C CYS N 159 -23.02 -60.16 -68.23
N LEU N 160 -21.70 -60.05 -68.38
CA LEU N 160 -20.90 -59.08 -67.63
C LEU N 160 -20.67 -57.85 -68.50
N VAL N 161 -21.52 -56.83 -68.30
CA VAL N 161 -21.35 -55.54 -68.96
C VAL N 161 -20.25 -54.80 -68.21
N LYS N 162 -19.07 -54.68 -68.81
CA LYS N 162 -17.89 -54.17 -68.14
C LYS N 162 -17.43 -52.87 -68.81
N ASP N 163 -17.11 -51.87 -67.99
CA ASP N 163 -16.44 -50.64 -68.41
C ASP N 163 -17.25 -49.85 -69.44
N TYR N 164 -18.15 -48.99 -68.97
CA TYR N 164 -18.88 -48.08 -69.84
C TYR N 164 -19.07 -46.75 -69.13
N PHE N 165 -19.49 -45.74 -69.89
CA PHE N 165 -19.70 -44.39 -69.36
C PHE N 165 -20.52 -43.58 -70.35
N PRO N 166 -21.58 -42.90 -69.91
CA PRO N 166 -22.09 -42.98 -68.53
C PRO N 166 -23.28 -43.93 -68.39
N GLU N 167 -24.11 -43.69 -67.39
CA GLU N 167 -25.31 -44.46 -67.17
C GLU N 167 -26.45 -43.96 -68.05
N PRO N 168 -27.50 -44.77 -68.27
CA PRO N 168 -27.72 -46.14 -67.81
C PRO N 168 -27.50 -47.20 -68.90
N VAL N 169 -27.88 -48.44 -68.61
CA VAL N 169 -27.80 -49.54 -69.56
C VAL N 169 -29.05 -50.40 -69.39
N THR N 170 -29.82 -50.55 -70.46
CA THR N 170 -31.01 -51.40 -70.46
C THR N 170 -30.63 -52.78 -70.97
N VAL N 171 -30.92 -53.81 -70.17
CA VAL N 171 -30.56 -55.19 -70.50
C VAL N 171 -31.85 -55.99 -70.69
N SER N 172 -31.99 -56.59 -71.87
CA SER N 172 -33.11 -57.45 -72.19
C SER N 172 -32.60 -58.83 -72.60
N TRP N 173 -33.47 -59.82 -72.50
CA TRP N 173 -33.13 -61.21 -72.81
C TRP N 173 -34.21 -61.79 -73.70
N ASN N 174 -33.85 -62.10 -74.95
CA ASN N 174 -34.74 -62.74 -75.92
C ASN N 174 -36.02 -61.92 -76.10
N SER N 175 -35.88 -60.60 -76.10
CA SER N 175 -37.00 -59.67 -76.26
C SER N 175 -38.07 -59.91 -75.19
N GLY N 176 -39.10 -60.67 -75.55
CA GLY N 176 -40.20 -60.93 -74.63
C GLY N 176 -40.25 -62.35 -74.11
N ALA N 177 -39.34 -63.20 -74.57
CA ALA N 177 -39.34 -64.59 -74.14
C ALA N 177 -38.92 -64.72 -72.68
N LEU N 178 -37.71 -64.24 -72.35
CA LEU N 178 -37.19 -64.30 -71.00
C LEU N 178 -37.65 -63.07 -70.22
N THR N 179 -38.56 -63.27 -69.27
CA THR N 179 -39.03 -62.20 -68.39
C THR N 179 -38.77 -62.48 -66.92
N SER N 180 -38.73 -63.74 -66.51
CA SER N 180 -38.44 -64.10 -65.12
C SER N 180 -37.81 -65.49 -65.09
N GLY N 181 -36.81 -65.66 -64.25
CA GLY N 181 -36.34 -64.61 -63.36
C GLY N 181 -35.11 -63.87 -63.89
N VAL N 182 -35.33 -62.75 -64.56
CA VAL N 182 -34.26 -61.92 -65.09
C VAL N 182 -34.06 -60.74 -64.14
N HIS N 183 -32.85 -60.61 -63.62
CA HIS N 183 -32.50 -59.56 -62.66
C HIS N 183 -31.29 -58.81 -63.15
N THR N 184 -31.45 -57.51 -63.43
CA THR N 184 -30.35 -56.65 -63.84
C THR N 184 -29.89 -55.86 -62.62
N PHE N 185 -28.69 -56.18 -62.13
CA PHE N 185 -28.16 -55.54 -60.94
C PHE N 185 -27.71 -54.11 -61.25
N PRO N 186 -27.79 -53.20 -60.28
CA PRO N 186 -27.34 -51.83 -60.51
C PRO N 186 -25.85 -51.77 -60.80
N ALA N 187 -25.45 -50.66 -61.43
CA ALA N 187 -24.08 -50.48 -61.86
C ALA N 187 -23.19 -50.05 -60.70
N VAL N 188 -21.87 -50.17 -60.91
CA VAL N 188 -20.86 -49.75 -59.95
C VAL N 188 -20.00 -48.67 -60.57
N LEU N 189 -19.69 -47.65 -59.78
CA LEU N 189 -18.86 -46.54 -60.24
C LEU N 189 -17.41 -46.84 -59.88
N GLN N 190 -16.62 -47.22 -60.88
CA GLN N 190 -15.23 -47.55 -60.66
C GLN N 190 -14.42 -46.28 -60.41
N SER N 191 -13.18 -46.47 -59.93
CA SER N 191 -12.31 -45.35 -59.65
C SER N 191 -11.84 -44.65 -60.92
N SER N 192 -11.87 -45.33 -62.07
CA SER N 192 -11.48 -44.74 -63.33
C SER N 192 -12.59 -43.92 -63.97
N GLY N 193 -13.77 -43.86 -63.35
CA GLY N 193 -14.91 -43.17 -63.93
C GLY N 193 -15.71 -44.00 -64.90
N LEU N 194 -15.63 -45.33 -64.82
CA LEU N 194 -16.33 -46.23 -65.72
C LEU N 194 -17.35 -47.04 -64.94
N TYR N 195 -18.49 -47.30 -65.56
CA TYR N 195 -19.56 -48.07 -64.94
C TYR N 195 -19.55 -49.51 -65.44
N SER N 196 -20.19 -50.39 -64.68
CA SER N 196 -20.26 -51.81 -65.00
C SER N 196 -21.37 -52.44 -64.19
N LEU N 197 -22.16 -53.31 -64.84
CA LEU N 197 -23.25 -54.01 -64.17
C LEU N 197 -23.23 -55.47 -64.59
N SER N 198 -24.21 -56.23 -64.08
CA SER N 198 -24.33 -57.64 -64.40
C SER N 198 -25.81 -58.04 -64.29
N SER N 199 -26.27 -58.81 -65.27
CA SER N 199 -27.67 -59.24 -65.32
C SER N 199 -27.70 -60.76 -65.50
N VAL N 200 -28.11 -61.47 -64.45
CA VAL N 200 -28.15 -62.93 -64.46
C VAL N 200 -29.58 -63.41 -64.66
N VAL N 201 -29.71 -64.62 -65.20
CA VAL N 201 -31.01 -65.24 -65.48
C VAL N 201 -31.00 -66.65 -64.91
N THR N 202 -32.06 -67.02 -64.19
CA THR N 202 -32.18 -68.35 -63.61
C THR N 202 -32.75 -69.29 -64.67
N VAL N 203 -31.94 -70.23 -65.13
CA VAL N 203 -32.30 -71.12 -66.24
C VAL N 203 -32.23 -72.56 -65.72
N PRO N 204 -33.22 -73.40 -65.99
CA PRO N 204 -33.14 -74.81 -65.57
C PRO N 204 -32.00 -75.54 -66.28
N SER N 205 -31.55 -76.62 -65.64
CA SER N 205 -30.41 -77.37 -66.16
C SER N 205 -30.78 -78.15 -67.42
N SER N 206 -32.00 -78.68 -67.48
CA SER N 206 -32.41 -79.46 -68.64
C SER N 206 -32.56 -78.59 -69.89
N SER N 207 -32.78 -77.28 -69.72
CA SER N 207 -32.93 -76.39 -70.86
C SER N 207 -31.60 -76.03 -71.50
N LEU N 208 -30.48 -76.21 -70.80
CA LEU N 208 -29.17 -75.94 -71.37
C LEU N 208 -28.83 -76.98 -72.42
N GLY N 209 -28.29 -76.52 -73.54
CA GLY N 209 -28.01 -77.37 -74.67
C GLY N 209 -29.14 -77.51 -75.66
N THR N 210 -30.36 -77.10 -75.29
CA THR N 210 -31.51 -77.13 -76.16
C THR N 210 -32.06 -75.74 -76.47
N GLN N 211 -32.08 -74.85 -75.50
CA GLN N 211 -32.57 -73.49 -75.67
C GLN N 211 -31.41 -72.52 -75.83
N THR N 212 -31.67 -71.45 -76.57
CA THR N 212 -30.68 -70.41 -76.82
C THR N 212 -31.03 -69.15 -76.03
N TYR N 213 -29.99 -68.45 -75.58
CA TYR N 213 -30.17 -67.27 -74.74
C TYR N 213 -29.22 -66.18 -75.17
N ILE N 214 -29.73 -64.95 -75.29
CA ILE N 214 -28.95 -63.78 -75.65
C ILE N 214 -29.33 -62.63 -74.73
N CYS N 215 -28.37 -61.76 -74.45
CA CYS N 215 -28.57 -60.61 -73.58
C CYS N 215 -28.45 -59.34 -74.41
N ASN N 216 -29.57 -58.65 -74.59
CA ASN N 216 -29.61 -57.41 -75.37
C ASN N 216 -29.20 -56.25 -74.48
N VAL N 217 -27.97 -55.77 -74.67
CA VAL N 217 -27.44 -54.66 -73.88
C VAL N 217 -27.68 -53.36 -74.64
N ASN N 218 -28.32 -52.40 -73.98
CA ASN N 218 -28.65 -51.10 -74.58
C ASN N 218 -28.04 -49.99 -73.74
N HIS N 219 -26.87 -49.50 -74.14
CA HIS N 219 -26.23 -48.35 -73.51
C HIS N 219 -26.48 -47.10 -74.36
N LYS N 220 -27.74 -46.67 -74.35
CA LYS N 220 -28.19 -45.59 -75.23
C LYS N 220 -27.32 -44.33 -75.19
N PRO N 221 -26.85 -43.85 -74.03
CA PRO N 221 -26.04 -42.61 -74.05
C PRO N 221 -24.68 -42.74 -74.73
N SER N 222 -24.26 -43.94 -75.15
CA SER N 222 -22.90 -44.09 -75.65
C SER N 222 -22.78 -43.82 -77.15
N ASN N 223 -23.51 -44.55 -78.02
CA ASN N 223 -24.38 -45.70 -77.75
C ASN N 223 -23.66 -46.98 -78.12
N THR N 224 -24.02 -48.11 -77.49
CA THR N 224 -23.33 -49.38 -77.71
C THR N 224 -24.35 -50.51 -77.77
N LYS N 225 -23.91 -51.61 -78.37
CA LYS N 225 -24.71 -52.84 -78.42
C LYS N 225 -23.76 -54.00 -78.67
N VAL N 226 -23.72 -54.96 -77.74
CA VAL N 226 -22.84 -56.12 -77.85
C VAL N 226 -23.69 -57.37 -77.67
N ASP N 227 -23.77 -58.20 -78.71
CA ASP N 227 -24.50 -59.46 -78.67
C ASP N 227 -23.58 -60.57 -78.21
N LYS N 228 -24.06 -61.41 -77.29
CA LYS N 228 -23.27 -62.51 -76.75
C LYS N 228 -24.18 -63.71 -76.53
N LYS N 229 -23.91 -64.80 -77.24
CA LYS N 229 -24.65 -66.04 -77.08
C LYS N 229 -23.99 -66.84 -75.96
N VAL N 230 -24.61 -66.81 -74.78
CA VAL N 230 -24.04 -67.44 -73.60
C VAL N 230 -24.21 -68.95 -73.69
N GLU N 231 -23.09 -69.68 -73.58
CA GLU N 231 -23.07 -71.13 -73.63
C GLU N 231 -22.10 -71.66 -72.59
N PRO N 232 -22.42 -72.78 -71.93
CA PRO N 232 -21.54 -73.38 -70.92
C PRO N 232 -20.27 -73.98 -71.52
N VAL O 2 46.98 49.94 -30.60
CA VAL O 2 48.29 49.45 -30.97
C VAL O 2 48.25 48.85 -32.38
N GLN O 3 49.41 48.53 -32.94
CA GLN O 3 49.53 48.05 -34.31
C GLN O 3 49.99 46.60 -34.34
N LEU O 4 49.41 45.82 -35.24
CA LEU O 4 49.76 44.41 -35.42
C LEU O 4 49.94 44.13 -36.91
N GLN O 5 50.92 43.28 -37.23
CA GLN O 5 51.15 42.89 -38.61
C GLN O 5 51.69 41.47 -38.66
N GLU O 6 51.13 40.66 -39.56
CA GLU O 6 51.47 39.24 -39.66
C GLU O 6 52.38 38.99 -40.85
N SER O 7 53.19 37.94 -40.75
CA SER O 7 54.06 37.49 -41.82
C SER O 7 53.98 35.97 -41.91
N GLY O 8 53.83 35.46 -43.12
CA GLY O 8 53.69 34.03 -43.33
C GLY O 8 54.36 33.55 -44.59
N PRO O 9 54.78 32.28 -44.60
CA PRO O 9 55.39 31.71 -45.81
C PRO O 9 54.45 31.64 -47.00
N GLY O 10 53.14 31.60 -46.78
CA GLY O 10 52.19 31.64 -47.87
C GLY O 10 51.59 30.30 -48.23
N LEU O 11 52.45 29.34 -48.61
CA LEU O 11 51.96 28.06 -49.10
C LEU O 11 52.93 26.95 -48.69
N VAL O 12 52.41 25.92 -48.02
CA VAL O 12 53.21 24.78 -47.59
C VAL O 12 52.47 23.49 -47.90
N ARG O 13 53.25 22.42 -48.11
CA ARG O 13 52.67 21.14 -48.45
C ARG O 13 52.01 20.50 -47.23
N PRO O 14 50.91 19.76 -47.43
CA PRO O 14 50.15 19.23 -46.29
C PRO O 14 50.94 18.24 -45.47
N SER O 15 50.44 17.98 -44.26
CA SER O 15 50.97 16.95 -43.37
C SER O 15 52.42 17.22 -42.97
N GLU O 16 52.72 18.49 -42.66
CA GLU O 16 54.03 18.82 -42.09
C GLU O 16 53.87 19.78 -40.92
N THR O 17 54.48 20.95 -41.01
CA THR O 17 54.52 21.89 -39.89
C THR O 17 54.21 23.29 -40.41
N LEU O 18 53.35 24.00 -39.68
CA LEU O 18 53.00 25.38 -40.01
C LEU O 18 53.58 26.32 -38.96
N SER O 19 54.06 27.48 -39.40
CA SER O 19 54.65 28.46 -38.49
C SER O 19 54.42 29.85 -39.05
N VAL O 20 53.68 30.68 -38.31
CA VAL O 20 53.47 32.07 -38.66
C VAL O 20 53.89 32.95 -37.49
N THR O 21 54.09 34.24 -37.77
CA THR O 21 54.58 35.17 -36.78
C THR O 21 53.75 36.45 -36.82
N CYS O 22 53.70 37.15 -35.70
CA CYS O 22 52.94 38.39 -35.55
C CYS O 22 53.79 39.38 -34.78
N ILE O 23 54.14 40.50 -35.41
CA ILE O 23 54.97 41.53 -34.82
C ILE O 23 54.06 42.59 -34.22
N VAL O 24 54.14 42.78 -32.91
CA VAL O 24 53.31 43.74 -32.20
C VAL O 24 53.98 45.10 -32.22
N SER O 25 53.15 46.15 -32.18
CA SER O 25 53.64 47.52 -32.17
C SER O 25 52.63 48.39 -31.43
N GLY O 26 53.12 49.23 -30.53
CA GLY O 26 52.27 50.14 -29.79
C GLY O 26 52.10 49.82 -28.32
N GLY O 27 52.67 48.71 -27.86
CA GLY O 27 52.53 48.34 -26.45
C GLY O 27 53.45 47.18 -26.14
N SER O 28 53.44 46.80 -24.86
CA SER O 28 54.30 45.73 -24.40
C SER O 28 53.67 44.36 -24.69
N ILE O 29 54.52 43.41 -25.06
CA ILE O 29 54.04 42.08 -25.43
C ILE O 29 53.84 41.21 -24.20
N SER O 30 54.68 41.37 -23.17
CA SER O 30 54.49 40.70 -21.89
C SER O 30 53.40 41.37 -21.04
N ASN O 31 52.61 42.25 -21.66
CA ASN O 31 51.66 43.09 -20.96
C ASN O 31 50.19 42.75 -21.27
N TYR O 32 49.92 41.92 -22.25
CA TYR O 32 48.55 41.74 -22.71
C TYR O 32 48.27 40.25 -22.91
N TYR O 33 47.00 39.93 -23.09
CA TYR O 33 46.56 38.63 -23.56
C TYR O 33 46.53 38.65 -25.08
N TRP O 34 47.22 37.71 -25.72
CA TRP O 34 47.29 37.64 -27.17
C TRP O 34 46.59 36.40 -27.67
N THR O 35 45.80 36.56 -28.74
CA THR O 35 45.01 35.49 -29.29
C THR O 35 45.20 35.43 -30.80
N TRP O 36 44.74 34.33 -31.40
CA TRP O 36 44.81 34.11 -32.83
C TRP O 36 43.43 33.72 -33.33
N ILE O 37 43.00 34.33 -34.44
CA ILE O 37 41.73 34.03 -35.07
C ILE O 37 42.00 33.74 -36.54
N ARG O 38 41.25 32.81 -37.12
CA ARG O 38 41.36 32.48 -38.52
C ARG O 38 39.99 32.49 -39.17
N GLN O 39 39.97 32.38 -40.50
CA GLN O 39 38.71 32.34 -41.24
C GLN O 39 38.96 31.64 -42.57
N SER O 40 38.39 30.43 -42.73
CA SER O 40 38.52 29.69 -43.96
C SER O 40 37.46 30.11 -44.97
N PRO O 41 37.75 29.95 -46.26
CA PRO O 41 36.73 30.27 -47.28
C PRO O 41 35.50 29.40 -47.10
N GLY O 42 34.34 30.05 -47.03
CA GLY O 42 33.10 29.35 -46.79
C GLY O 42 32.82 29.03 -45.34
N LYS O 43 33.65 29.53 -44.41
CA LYS O 43 33.48 29.29 -42.99
C LYS O 43 33.58 30.62 -42.25
N GLY O 44 33.12 30.62 -41.00
CA GLY O 44 33.17 31.79 -40.16
C GLY O 44 34.48 31.89 -39.39
N LEU O 45 34.55 32.92 -38.55
CA LEU O 45 35.73 33.11 -37.71
C LEU O 45 35.86 31.97 -36.71
N GLU O 46 37.03 31.35 -36.66
CA GLU O 46 37.31 30.25 -35.75
C GLU O 46 38.37 30.68 -34.75
N TRP O 47 37.99 30.76 -33.48
CA TRP O 47 38.93 31.08 -32.42
C TRP O 47 39.90 29.92 -32.22
N ILE O 48 41.20 30.23 -32.20
CA ILE O 48 42.23 29.21 -32.08
C ILE O 48 42.71 29.06 -30.65
N GLY O 49 43.07 30.16 -30.00
CA GLY O 49 43.53 30.09 -28.63
C GLY O 49 44.05 31.44 -28.18
N TYR O 50 44.45 31.48 -26.92
CA TYR O 50 45.00 32.72 -26.36
C TYR O 50 46.02 32.38 -25.30
N ILE O 51 46.94 33.32 -25.07
CA ILE O 51 47.98 33.18 -24.07
C ILE O 51 47.86 34.32 -23.08
N SER O 52 48.20 34.02 -21.82
CA SER O 52 48.06 34.97 -20.74
C SER O 52 49.32 35.80 -20.58
N ASP O 53 49.35 36.64 -19.54
CA ASP O 53 50.55 37.39 -19.21
C ASP O 53 51.55 36.57 -18.40
N ARG O 54 51.11 35.45 -17.83
CA ARG O 54 51.99 34.51 -17.15
C ARG O 54 52.54 33.45 -18.10
N GLU O 55 52.42 33.66 -19.41
CA GLU O 55 52.83 32.70 -20.43
C GLU O 55 52.13 31.35 -20.26
N THR O 56 50.87 31.39 -19.83
CA THR O 56 50.04 30.20 -19.75
C THR O 56 49.04 30.24 -20.90
N THR O 57 48.90 29.13 -21.60
CA THR O 57 48.13 29.07 -22.84
C THR O 57 46.79 28.37 -22.60
N THR O 58 45.87 28.60 -23.52
CA THR O 58 44.55 27.98 -23.48
C THR O 58 44.03 27.90 -24.90
N TYR O 59 43.95 26.69 -25.44
CA TYR O 59 43.63 26.49 -26.84
C TYR O 59 42.18 26.04 -27.02
N ASN O 60 41.68 26.23 -28.23
CA ASN O 60 40.35 25.78 -28.59
C ASN O 60 40.34 24.26 -28.74
N PRO O 61 39.48 23.54 -28.03
CA PRO O 61 39.47 22.07 -28.17
C PRO O 61 39.00 21.58 -29.53
N SER O 62 38.41 22.43 -30.37
CA SER O 62 38.00 21.99 -31.70
C SER O 62 39.17 21.85 -32.66
N LEU O 63 40.36 22.31 -32.28
CA LEU O 63 41.56 22.14 -33.08
C LEU O 63 42.31 20.84 -32.74
N ASN O 64 41.84 20.10 -31.75
CA ASN O 64 42.46 18.84 -31.33
C ASN O 64 43.93 19.05 -30.96
N SER O 65 44.18 20.07 -30.13
CA SER O 65 45.49 20.34 -29.54
C SER O 65 46.58 20.48 -30.60
N ARG O 66 46.22 20.93 -31.80
CA ARG O 66 47.18 21.11 -32.87
C ARG O 66 47.82 22.49 -32.88
N ALA O 67 47.42 23.37 -31.98
CA ALA O 67 47.93 24.74 -31.95
C ALA O 67 48.78 24.98 -30.71
N VAL O 68 49.81 25.79 -30.87
CA VAL O 68 50.68 26.19 -29.75
C VAL O 68 51.06 27.65 -29.94
N ILE O 69 50.84 28.44 -28.91
CA ILE O 69 51.14 29.87 -28.91
C ILE O 69 52.25 30.13 -27.90
N SER O 70 53.18 31.00 -28.25
CA SER O 70 54.27 31.37 -27.36
C SER O 70 54.63 32.83 -27.57
N ARG O 71 55.34 33.39 -26.60
CA ARG O 71 55.76 34.78 -26.63
C ARG O 71 57.28 34.88 -26.76
N ASP O 72 57.72 35.94 -27.43
CA ASP O 72 59.15 36.22 -27.61
C ASP O 72 59.35 37.71 -27.36
N THR O 73 59.73 38.04 -26.11
CA THR O 73 59.96 39.44 -25.76
C THR O 73 61.26 39.98 -26.33
N SER O 74 62.20 39.11 -26.70
CA SER O 74 63.46 39.57 -27.28
C SER O 74 63.23 40.27 -28.62
N LYS O 75 62.14 39.92 -29.31
CA LYS O 75 61.79 40.57 -30.57
C LYS O 75 60.36 41.09 -30.61
N ASN O 76 59.62 41.00 -29.49
CA ASN O 76 58.25 41.52 -29.40
C ASN O 76 57.36 40.92 -30.49
N GLN O 77 57.47 39.61 -30.67
CA GLN O 77 56.74 38.91 -31.71
C GLN O 77 55.87 37.81 -31.12
N LEU O 78 54.73 37.59 -31.77
CA LEU O 78 53.78 36.55 -31.38
C LEU O 78 53.83 35.44 -32.42
N SER O 79 53.87 34.20 -31.94
CA SER O 79 54.03 33.04 -32.80
C SER O 79 52.84 32.09 -32.64
N LEU O 80 52.44 31.48 -33.75
CA LEU O 80 51.40 30.47 -33.76
C LEU O 80 51.81 29.34 -34.69
N GLN O 81 51.76 28.11 -34.18
CA GLN O 81 52.06 26.92 -34.97
C GLN O 81 50.85 26.00 -34.94
N LEU O 82 50.30 25.70 -36.11
CA LEU O 82 49.15 24.82 -36.23
C LEU O 82 49.55 23.38 -36.59
N ARG O 83 50.83 23.13 -36.79
CA ARG O 83 51.39 21.76 -36.93
C ARG O 83 50.75 21.10 -38.16
N SER O 84 50.49 19.79 -38.11
CA SER O 84 50.07 19.03 -39.28
C SER O 84 48.63 19.38 -39.65
N VAL O 85 48.45 20.06 -40.77
CA VAL O 85 47.15 20.50 -41.24
C VAL O 85 46.92 19.96 -42.65
N THR O 86 45.67 20.02 -43.08
CA THR O 86 45.25 19.59 -44.41
C THR O 86 44.66 20.78 -45.16
N THR O 87 44.01 20.49 -46.28
CA THR O 87 43.48 21.54 -47.15
C THR O 87 42.36 22.34 -46.47
N ALA O 88 41.72 21.77 -45.45
CA ALA O 88 40.64 22.47 -44.77
C ALA O 88 41.12 23.60 -43.86
N ASP O 89 42.42 23.68 -43.60
CA ASP O 89 42.98 24.71 -42.74
C ASP O 89 43.43 25.94 -43.52
N THR O 90 43.21 25.97 -44.84
CA THR O 90 43.47 27.16 -45.64
C THR O 90 42.60 28.31 -45.16
N ALA O 91 43.21 29.35 -44.60
CA ALA O 91 42.45 30.44 -43.99
C ALA O 91 43.35 31.68 -43.91
N ILE O 92 42.76 32.77 -43.41
CA ILE O 92 43.46 34.02 -43.16
C ILE O 92 43.62 34.16 -41.66
N TYR O 93 44.85 34.08 -41.17
CA TYR O 93 45.10 34.07 -39.73
C TYR O 93 45.30 35.49 -39.22
N PHE O 94 44.52 35.86 -38.20
CA PHE O 94 44.61 37.17 -37.55
C PHE O 94 45.13 37.01 -36.13
N CYS O 95 46.07 37.89 -35.76
CA CYS O 95 46.48 38.03 -34.37
C CYS O 95 45.83 39.28 -33.79
N ALA O 96 45.40 39.20 -32.54
CA ALA O 96 44.63 40.27 -31.94
C ALA O 96 44.96 40.39 -30.46
N THR O 97 44.51 41.48 -29.87
CA THR O 97 44.65 41.73 -28.45
C THR O 97 43.36 41.36 -27.73
N ALA O 98 43.49 40.68 -26.59
CA ALA O 98 42.35 40.20 -25.84
C ALA O 98 42.33 40.85 -24.46
N ARG O 99 41.23 41.53 -24.14
CA ARG O 99 41.02 42.14 -22.84
C ARG O 99 40.03 41.28 -22.06
N ARG O 100 40.36 40.97 -20.81
CA ARG O 100 39.53 40.10 -19.98
C ARG O 100 38.63 40.93 -19.09
N GLY O 101 37.32 40.78 -19.28
CA GLY O 101 36.33 41.44 -18.46
C GLY O 101 35.71 40.49 -17.45
N GLN O 102 35.25 41.04 -16.34
CA GLN O 102 34.66 40.28 -15.24
C GLN O 102 33.18 40.63 -15.15
N ARG O 103 32.32 39.67 -15.50
CA ARG O 103 30.88 39.84 -15.48
C ARG O 103 30.35 39.32 -14.15
N ILE O 104 29.97 40.24 -13.25
CA ILE O 104 29.54 39.88 -11.90
C ILE O 104 28.01 39.93 -11.85
N TYR O 105 27.41 38.86 -11.33
CA TYR O 105 25.96 38.80 -11.14
C TYR O 105 25.57 38.42 -9.72
N GLY O 106 26.48 38.50 -8.77
CA GLY O 106 26.16 38.16 -7.40
C GLY O 106 27.34 38.29 -6.46
N VAL O 107 27.39 37.43 -5.44
CA VAL O 107 28.46 37.49 -4.44
C VAL O 107 29.74 36.96 -5.04
N VAL O 108 30.84 37.68 -4.83
CA VAL O 108 32.13 37.26 -5.36
C VAL O 108 32.61 36.00 -4.65
N SER O 109 32.39 35.91 -3.33
CA SER O 109 32.86 34.75 -2.58
C SER O 109 32.22 33.46 -3.07
N PHE O 110 31.01 33.53 -3.61
CA PHE O 110 30.31 32.35 -4.10
C PHE O 110 30.66 32.01 -5.55
N GLY O 111 31.62 32.73 -6.14
CA GLY O 111 31.94 32.50 -7.53
C GLY O 111 30.83 32.83 -8.49
N GLU O 112 29.97 33.78 -8.13
CA GLU O 112 28.82 34.15 -8.95
C GLU O 112 29.22 35.21 -9.98
N PHE O 113 30.22 34.83 -10.78
CA PHE O 113 30.76 35.68 -11.84
C PHE O 113 31.47 34.80 -12.85
N PHE O 114 31.72 35.35 -14.03
CA PHE O 114 32.45 34.63 -15.06
C PHE O 114 33.24 35.61 -15.91
N TYR O 115 34.37 35.14 -16.42
CA TYR O 115 35.25 35.94 -17.25
C TYR O 115 34.86 35.84 -18.72
N TYR O 116 35.08 36.93 -19.45
CA TYR O 116 34.84 36.98 -20.88
C TYR O 116 35.96 37.75 -21.54
N TYR O 117 36.32 37.33 -22.76
CA TYR O 117 37.39 37.95 -23.52
C TYR O 117 36.81 38.63 -24.74
N TYR O 118 37.16 39.89 -24.95
CA TYR O 118 36.78 40.62 -26.14
C TYR O 118 38.03 41.19 -26.81
N MET O 119 38.05 41.12 -28.13
CA MET O 119 39.19 41.57 -28.92
C MET O 119 38.90 42.96 -29.48
N ASP O 120 39.73 43.93 -29.10
CA ASP O 120 39.58 45.31 -29.54
C ASP O 120 40.57 45.73 -30.62
N VAL O 121 41.79 45.20 -30.60
CA VAL O 121 42.82 45.53 -31.57
C VAL O 121 43.11 44.28 -32.40
N TRP O 122 43.08 44.43 -33.72
CA TRP O 122 43.32 43.34 -34.65
C TRP O 122 44.45 43.68 -35.60
N GLY O 123 44.93 42.64 -36.30
CA GLY O 123 45.85 42.81 -37.40
C GLY O 123 45.15 42.59 -38.74
N LYS O 124 45.88 42.90 -39.81
CA LYS O 124 45.30 42.80 -41.14
C LYS O 124 45.20 41.35 -41.62
N GLY O 125 45.91 40.43 -40.99
CA GLY O 125 45.86 39.04 -41.37
C GLY O 125 46.85 38.69 -42.47
N THR O 126 47.12 37.39 -42.61
CA THR O 126 48.00 36.88 -43.63
C THR O 126 47.33 35.73 -44.36
N ALA O 127 47.51 35.68 -45.68
CA ALA O 127 46.88 34.66 -46.51
C ALA O 127 47.74 33.41 -46.53
N VAL O 128 47.14 32.27 -46.18
CA VAL O 128 47.83 30.98 -46.16
C VAL O 128 47.05 30.01 -47.01
N THR O 129 47.73 29.32 -47.91
CA THR O 129 47.13 28.31 -48.78
C THR O 129 47.87 26.99 -48.58
N VAL O 130 47.13 25.90 -48.60
CA VAL O 130 47.67 24.56 -48.41
C VAL O 130 47.46 23.79 -49.71
N SER O 131 48.54 23.58 -50.45
CA SER O 131 48.49 22.83 -51.70
C SER O 131 49.70 21.92 -51.78
N SER O 132 49.66 21.01 -52.75
CA SER O 132 50.75 20.07 -52.98
C SER O 132 51.73 20.55 -54.03
N ALA O 133 51.39 21.60 -54.78
CA ALA O 133 52.27 22.15 -55.79
C ALA O 133 53.17 23.23 -55.20
N SER O 134 54.19 23.62 -55.97
CA SER O 134 55.11 24.66 -55.56
C SER O 134 54.63 26.02 -56.08
N THR O 135 55.18 27.07 -55.50
CA THR O 135 54.80 28.42 -55.88
C THR O 135 55.27 28.74 -57.30
N LYS O 136 54.64 29.74 -57.91
CA LYS O 136 54.95 30.14 -59.27
C LYS O 136 54.92 31.66 -59.37
N GLY O 137 55.96 32.21 -60.00
CA GLY O 137 56.06 33.64 -60.16
C GLY O 137 55.40 34.13 -61.44
N PRO O 138 54.71 35.26 -61.36
CA PRO O 138 54.02 35.79 -62.54
C PRO O 138 54.95 36.54 -63.48
N SER O 139 54.72 36.35 -64.77
CA SER O 139 55.44 37.09 -65.81
C SER O 139 54.51 38.21 -66.28
N VAL O 140 54.66 39.38 -65.68
CA VAL O 140 53.76 40.49 -65.97
C VAL O 140 54.19 41.17 -67.27
N PHE O 141 53.23 41.82 -67.92
CA PHE O 141 53.46 42.50 -69.18
C PHE O 141 52.81 43.88 -69.15
N PRO O 142 53.47 44.89 -69.72
CA PRO O 142 52.89 46.24 -69.72
C PRO O 142 51.71 46.34 -70.67
N LEU O 143 50.60 46.88 -70.17
CA LEU O 143 49.42 47.13 -71.00
C LEU O 143 49.51 48.57 -71.51
N ALA O 144 49.93 48.72 -72.76
CA ALA O 144 50.17 50.05 -73.31
C ALA O 144 48.86 50.81 -73.46
N PRO O 145 48.86 52.12 -73.20
CA PRO O 145 47.66 52.96 -73.33
C PRO O 145 47.24 53.17 -74.79
N SER O 151 40.41 61.75 -76.18
CA SER O 151 39.88 60.51 -75.61
C SER O 151 39.39 60.73 -74.18
N GLY O 152 38.68 61.84 -73.98
CA GLY O 152 38.17 62.20 -72.68
C GLY O 152 39.17 62.88 -71.76
N GLY O 153 40.39 63.15 -72.25
CA GLY O 153 41.41 63.79 -71.45
C GLY O 153 42.31 62.84 -70.69
N THR O 154 41.91 61.58 -70.54
CA THR O 154 42.70 60.59 -69.80
C THR O 154 42.77 59.30 -70.60
N ALA O 155 43.71 58.44 -70.22
CA ALA O 155 43.91 57.15 -70.87
C ALA O 155 44.11 56.08 -69.82
N ALA O 156 43.93 54.83 -70.23
CA ALA O 156 44.09 53.68 -69.35
C ALA O 156 45.51 53.17 -69.42
N LEU O 157 46.08 52.82 -68.26
CA LEU O 157 47.46 52.38 -68.15
C LEU O 157 47.54 51.31 -67.07
N GLY O 158 47.84 50.07 -67.46
CA GLY O 158 47.84 48.96 -66.53
C GLY O 158 48.97 47.99 -66.79
N CYS O 159 49.06 46.98 -65.93
CA CYS O 159 50.03 45.89 -66.04
C CYS O 159 49.30 44.57 -65.85
N LEU O 160 49.57 43.62 -66.74
CA LEU O 160 48.88 42.32 -66.73
C LEU O 160 49.71 41.32 -65.94
N VAL O 161 49.37 41.15 -64.67
CA VAL O 161 49.99 40.13 -63.83
C VAL O 161 49.35 38.79 -64.19
N LYS O 162 50.10 37.94 -64.88
CA LYS O 162 49.56 36.71 -65.45
C LYS O 162 50.26 35.49 -64.85
N ASP O 163 49.45 34.48 -64.51
CA ASP O 163 49.94 33.17 -64.11
C ASP O 163 50.84 33.21 -62.88
N TYR O 164 50.24 33.17 -61.69
CA TYR O 164 50.99 33.05 -60.45
C TYR O 164 50.21 32.15 -59.48
N PHE O 165 50.87 31.74 -58.42
CA PHE O 165 50.26 30.85 -57.42
C PHE O 165 51.10 30.84 -56.15
N PRO O 166 50.47 31.10 -54.98
CA PRO O 166 49.06 31.44 -54.84
C PRO O 166 48.82 32.94 -54.62
N GLU O 167 47.68 33.26 -54.03
CA GLU O 167 47.34 34.64 -53.71
C GLU O 167 48.04 35.07 -52.43
N PRO O 168 48.16 36.39 -52.18
CA PRO O 168 47.75 37.52 -53.02
C PRO O 168 48.92 38.18 -53.73
N VAL O 169 48.67 39.33 -54.36
CA VAL O 169 49.70 40.12 -55.02
C VAL O 169 49.44 41.59 -54.71
N THR O 170 50.42 42.26 -54.12
CA THR O 170 50.32 43.68 -53.83
C THR O 170 50.89 44.48 -54.99
N VAL O 171 50.09 45.37 -55.57
CA VAL O 171 50.48 46.17 -56.71
C VAL O 171 50.53 47.64 -56.29
N SER O 172 51.69 48.25 -56.43
CA SER O 172 51.88 49.67 -56.16
C SER O 172 52.43 50.35 -57.41
N TRP O 173 52.22 51.66 -57.49
CA TRP O 173 52.63 52.45 -58.65
C TRP O 173 53.40 53.67 -58.18
N ASN O 174 54.68 53.74 -58.56
CA ASN O 174 55.54 54.89 -58.25
C ASN O 174 55.60 55.16 -56.75
N SER O 175 55.63 54.09 -55.96
CA SER O 175 55.65 54.17 -54.51
C SER O 175 54.47 54.98 -53.98
N GLY O 176 54.70 56.25 -53.67
CA GLY O 176 53.65 57.10 -53.12
C GLY O 176 53.15 58.13 -54.10
N ALA O 177 53.77 58.21 -55.27
CA ALA O 177 53.36 59.21 -56.26
C ALA O 177 51.98 58.91 -56.82
N LEU O 178 51.81 57.74 -57.43
CA LEU O 178 50.52 57.33 -57.99
C LEU O 178 49.67 56.70 -56.89
N THR O 179 48.63 57.42 -56.47
CA THR O 179 47.66 56.91 -55.51
C THR O 179 46.24 56.88 -56.05
N SER O 180 45.90 57.75 -56.99
CA SER O 180 44.57 57.77 -57.59
C SER O 180 44.68 58.38 -58.98
N GLY O 181 43.95 57.78 -59.93
CA GLY O 181 43.10 56.63 -59.67
C GLY O 181 43.75 55.32 -60.04
N VAL O 182 44.29 54.64 -59.03
CA VAL O 182 44.93 53.34 -59.20
C VAL O 182 43.98 52.27 -58.67
N HIS O 183 43.57 51.36 -59.55
CA HIS O 183 42.61 50.30 -59.20
C HIS O 183 43.24 48.95 -59.53
N THR O 184 43.45 48.13 -58.50
CA THR O 184 43.95 46.77 -58.67
C THR O 184 42.77 45.81 -58.60
N PHE O 185 42.45 45.18 -59.73
CA PHE O 185 41.31 44.30 -59.82
C PHE O 185 41.60 42.95 -59.14
N PRO O 186 40.58 42.31 -58.58
CA PRO O 186 40.80 41.02 -57.91
C PRO O 186 41.28 39.96 -58.90
N ALA O 187 41.93 38.93 -58.35
CA ALA O 187 42.53 37.88 -59.14
C ALA O 187 41.45 36.92 -59.66
N VAL O 188 41.84 36.10 -60.63
CA VAL O 188 40.98 35.08 -61.21
C VAL O 188 41.65 33.73 -61.03
N LEU O 189 40.86 32.74 -60.61
CA LEU O 189 41.35 31.37 -60.43
C LEU O 189 41.17 30.61 -61.74
N GLN O 190 42.27 30.39 -62.45
CA GLN O 190 42.21 29.68 -63.71
C GLN O 190 42.02 28.18 -63.47
N SER O 191 41.63 27.48 -64.55
CA SER O 191 41.41 26.04 -64.46
C SER O 191 42.71 25.28 -64.18
N SER O 192 43.86 25.85 -64.52
CA SER O 192 45.14 25.23 -64.24
C SER O 192 45.60 25.42 -62.81
N GLY O 193 44.85 26.17 -62.00
CA GLY O 193 45.27 26.47 -60.65
C GLY O 193 46.20 27.65 -60.52
N LEU O 194 46.18 28.57 -61.49
CA LEU O 194 47.04 29.74 -61.48
C LEU O 194 46.18 30.99 -61.39
N TYR O 195 46.67 31.98 -60.65
CA TYR O 195 45.97 33.24 -60.47
C TYR O 195 46.51 34.30 -61.40
N SER O 196 45.70 35.33 -61.63
CA SER O 196 46.07 36.44 -62.49
C SER O 196 45.19 37.64 -62.18
N LEU O 197 45.80 38.82 -62.13
CA LEU O 197 45.07 40.06 -61.85
C LEU O 197 45.56 41.13 -62.81
N SER O 198 44.98 42.33 -62.67
CA SER O 198 45.35 43.48 -63.49
C SER O 198 45.08 44.74 -62.68
N SER O 199 45.99 45.71 -62.77
CA SER O 199 45.88 46.96 -62.03
C SER O 199 46.11 48.11 -63.00
N VAL O 200 45.05 48.89 -63.27
CA VAL O 200 45.12 49.98 -64.22
C VAL O 200 45.13 51.31 -63.47
N VAL O 201 45.69 52.32 -64.13
CA VAL O 201 45.80 53.67 -63.57
C VAL O 201 45.30 54.65 -64.62
N THR O 202 44.44 55.59 -64.20
CA THR O 202 43.91 56.61 -65.09
C THR O 202 44.94 57.72 -65.25
N VAL O 203 45.51 57.85 -66.44
CA VAL O 203 46.60 58.78 -66.71
C VAL O 203 46.14 59.75 -67.79
N PRO O 204 46.33 61.05 -67.62
CA PRO O 204 45.98 62.00 -68.68
C PRO O 204 46.81 61.78 -69.95
N SER O 205 46.26 62.22 -71.07
CA SER O 205 46.93 62.01 -72.36
C SER O 205 48.14 62.91 -72.51
N SER O 206 48.07 64.14 -72.01
CA SER O 206 49.18 65.07 -72.12
C SER O 206 50.39 64.64 -71.29
N SER O 207 50.16 63.86 -70.23
CA SER O 207 51.26 63.41 -69.39
C SER O 207 52.04 62.26 -70.01
N LEU O 208 51.48 61.57 -71.00
CA LEU O 208 52.20 60.51 -71.68
C LEU O 208 53.33 61.09 -72.52
N GLY O 209 54.49 60.43 -72.46
CA GLY O 209 55.68 60.90 -73.12
C GLY O 209 56.52 61.85 -72.28
N THR O 210 55.99 62.37 -71.19
CA THR O 210 56.72 63.26 -70.29
C THR O 210 56.91 62.66 -68.91
N GLN O 211 55.92 61.96 -68.38
CA GLN O 211 56.00 61.33 -67.08
C GLN O 211 56.25 59.84 -67.24
N THR O 212 56.94 59.26 -66.26
CA THR O 212 57.28 57.85 -66.26
C THR O 212 56.41 57.10 -65.25
N TYR O 213 56.07 55.86 -65.58
CA TYR O 213 55.19 55.05 -64.75
C TYR O 213 55.70 53.63 -64.66
N ILE O 214 55.68 53.08 -63.44
CA ILE O 214 56.09 51.70 -63.18
C ILE O 214 55.09 51.07 -62.22
N CYS O 215 54.90 49.76 -62.35
CA CYS O 215 53.97 49.00 -61.52
C CYS O 215 54.77 48.05 -60.65
N ASN O 216 54.77 48.31 -59.35
CA ASN O 216 55.50 47.48 -58.39
C ASN O 216 54.62 46.29 -57.99
N VAL O 217 54.96 45.12 -58.51
CA VAL O 217 54.21 43.89 -58.25
C VAL O 217 54.90 43.16 -57.09
N ASN O 218 54.14 42.86 -56.05
CA ASN O 218 54.65 42.16 -54.87
C ASN O 218 53.86 40.88 -54.68
N HIS O 219 54.41 39.77 -55.16
CA HIS O 219 53.82 38.44 -54.93
C HIS O 219 54.60 37.75 -53.81
N LYS O 220 54.45 38.30 -52.61
CA LYS O 220 55.20 37.82 -51.44
C LYS O 220 55.18 36.30 -51.24
N PRO O 221 54.06 35.58 -51.44
CA PRO O 221 54.09 34.13 -51.20
C PRO O 221 54.93 33.34 -52.19
N SER O 222 55.48 33.96 -53.24
CA SER O 222 56.17 33.16 -54.25
C SER O 222 57.66 32.96 -53.95
N ASN O 223 58.46 34.03 -53.80
CA ASN O 223 58.13 35.45 -53.96
C ASN O 223 58.66 35.92 -55.32
N THR O 224 58.05 36.97 -55.88
CA THR O 224 58.40 37.44 -57.21
C THR O 224 58.40 38.96 -57.23
N LYS O 225 59.10 39.51 -58.22
CA LYS O 225 59.11 40.95 -58.48
C LYS O 225 59.48 41.18 -59.93
N VAL O 226 58.57 41.75 -60.71
CA VAL O 226 58.79 42.03 -62.12
C VAL O 226 58.53 43.51 -62.36
N ASP O 227 59.57 44.24 -62.77
CA ASP O 227 59.45 45.66 -63.08
C ASP O 227 59.17 45.84 -64.57
N LYS O 228 58.20 46.70 -64.87
CA LYS O 228 57.79 46.95 -66.25
C LYS O 228 57.49 48.43 -66.44
N LYS O 229 58.25 49.09 -67.30
CA LYS O 229 58.03 50.49 -67.65
C LYS O 229 57.05 50.51 -68.82
N VAL O 230 55.80 50.87 -68.52
CA VAL O 230 54.74 50.84 -69.53
C VAL O 230 54.85 52.08 -70.41
N GLU O 231 54.93 51.86 -71.72
CA GLU O 231 55.03 52.93 -72.70
C GLU O 231 54.11 52.61 -73.89
N PRO O 232 53.48 53.63 -74.49
CA PRO O 232 52.60 53.44 -75.63
C PRO O 232 53.35 53.06 -76.90
N VAL P 7 -21.68 9.29 63.30
CA VAL P 7 -21.43 7.93 62.83
C VAL P 7 -21.74 7.84 61.34
N PHE P 8 -20.70 7.79 60.52
CA PHE P 8 -20.83 7.67 59.08
C PHE P 8 -20.34 6.31 58.62
N LEU P 9 -21.10 5.68 57.73
CA LEU P 9 -20.76 4.35 57.21
C LEU P 9 -20.07 4.39 55.86
N GLY P 10 -20.39 5.38 55.02
CA GLY P 10 -19.81 5.52 53.71
C GLY P 10 -20.89 5.62 52.66
N PHE P 11 -20.45 5.63 51.40
CA PHE P 11 -21.37 5.77 50.28
C PHE P 11 -22.31 4.56 50.20
N LEU P 12 -23.61 4.84 50.09
CA LEU P 12 -24.64 3.80 50.11
C LEU P 12 -24.63 2.99 51.40
N GLY P 13 -24.14 3.61 52.49
CA GLY P 13 -24.05 2.89 53.74
C GLY P 13 -25.39 2.54 54.33
N ALA P 14 -26.37 3.43 54.16
CA ALA P 14 -27.72 3.24 54.69
C ALA P 14 -28.68 2.70 53.62
N ALA P 15 -28.16 1.90 52.68
CA ALA P 15 -29.03 1.31 51.67
C ALA P 15 -29.98 0.29 52.28
N GLY P 16 -29.48 -0.52 53.21
CA GLY P 16 -30.30 -1.50 53.90
C GLY P 16 -30.94 -1.03 55.17
N SER P 17 -30.76 0.23 55.54
CA SER P 17 -31.36 0.78 56.75
C SER P 17 -32.78 1.27 56.46
N THR P 18 -33.49 1.62 57.53
CA THR P 18 -34.84 2.16 57.40
C THR P 18 -34.78 3.55 56.75
N MET P 19 -35.91 3.94 56.17
CA MET P 19 -35.98 5.24 55.50
C MET P 19 -35.76 6.39 56.48
N GLY P 20 -36.09 6.19 57.75
CA GLY P 20 -35.87 7.23 58.74
C GLY P 20 -34.41 7.34 59.14
N ALA P 21 -33.73 6.21 59.23
CA ALA P 21 -32.31 6.24 59.54
C ALA P 21 -31.48 6.65 58.33
N ALA P 22 -31.96 6.34 57.11
CA ALA P 22 -31.21 6.71 55.92
C ALA P 22 -31.31 8.19 55.61
N SER P 23 -32.42 8.83 55.99
CA SER P 23 -32.61 10.25 55.70
C SER P 23 -31.68 11.14 56.51
N MET P 24 -31.04 10.62 57.56
CA MET P 24 -30.09 11.40 58.33
C MET P 24 -28.70 11.42 57.71
N THR P 25 -28.50 10.76 56.57
CA THR P 25 -27.19 10.70 55.90
C THR P 25 -27.33 11.07 54.44
N LEU P 26 -28.07 12.14 54.16
CA LEU P 26 -28.26 12.57 52.78
C LEU P 26 -27.02 13.24 52.20
N THR P 27 -26.15 13.82 53.05
CA THR P 27 -24.95 14.46 52.56
C THR P 27 -23.91 13.47 52.07
N VAL P 28 -24.05 12.19 52.44
CA VAL P 28 -23.07 11.19 52.03
C VAL P 28 -23.22 10.87 50.54
N GLN P 29 -24.45 10.57 50.11
CA GLN P 29 -24.68 10.33 48.69
C GLN P 29 -24.59 11.60 47.87
N ALA P 30 -24.71 12.77 48.49
CA ALA P 30 -24.66 14.02 47.75
C ALA P 30 -23.23 14.34 47.31
N ARG P 31 -22.24 14.02 48.14
CA ARG P 31 -20.85 14.30 47.77
C ARG P 31 -20.38 13.40 46.64
N ASN P 32 -20.46 12.09 46.83
CA ASN P 32 -19.97 11.12 45.86
C ASN P 32 -20.94 10.89 44.70
N LEU P 33 -21.64 11.94 44.26
CA LEU P 33 -22.60 11.83 43.18
C LEU P 33 -22.17 12.56 41.92
N LEU P 34 -21.30 13.55 42.02
CA LEU P 34 -20.87 14.35 40.89
C LEU P 34 -19.39 14.18 40.59
N SER P 35 -18.53 14.24 41.60
CA SER P 35 -17.10 14.10 41.39
C SER P 35 -16.67 12.65 41.58
N LEU P 54 0.49 11.94 21.78
CA LEU P 54 0.26 13.09 20.91
C LEU P 54 -1.22 13.30 20.61
N LEU P 55 -1.98 12.21 20.60
CA LEU P 55 -3.40 12.23 20.31
C LEU P 55 -4.17 11.62 21.47
N LYS P 56 -5.21 12.33 21.92
CA LYS P 56 -6.09 11.83 22.97
C LYS P 56 -7.30 11.07 22.41
N LEU P 57 -7.14 10.40 21.27
CA LEU P 57 -8.18 9.58 20.68
C LEU P 57 -8.14 8.15 21.19
N THR P 58 -7.43 7.90 22.28
CA THR P 58 -7.35 6.56 22.85
C THR P 58 -8.75 6.07 23.21
N VAL P 59 -8.93 4.74 23.18
CA VAL P 59 -10.22 4.17 23.53
C VAL P 59 -10.60 4.55 24.95
N TRP P 60 -9.62 4.65 25.86
CA TRP P 60 -9.91 5.02 27.24
C TRP P 60 -10.21 6.51 27.38
N GLY P 61 -9.56 7.35 26.57
CA GLY P 61 -9.89 8.76 26.59
C GLY P 61 -11.32 9.02 26.14
N ILE P 62 -11.72 8.40 25.03
CA ILE P 62 -13.10 8.53 24.55
C ILE P 62 -14.07 8.10 25.64
N LYS P 63 -13.79 6.97 26.28
CA LYS P 63 -14.63 6.53 27.39
C LYS P 63 -14.62 7.56 28.51
N GLN P 64 -13.43 7.98 28.95
CA GLN P 64 -13.32 8.87 30.10
C GLN P 64 -14.03 10.20 29.84
N LEU P 65 -13.83 10.78 28.66
CA LEU P 65 -14.51 12.02 28.33
C LEU P 65 -16.02 11.82 28.27
N GLN P 66 -16.46 10.71 27.67
CA GLN P 66 -17.89 10.45 27.57
C GLN P 66 -18.51 10.11 28.91
N ALA P 67 -17.70 9.64 29.87
CA ALA P 67 -18.20 9.37 31.21
C ALA P 67 -18.37 10.63 32.03
N ARG P 68 -17.49 11.62 31.84
CA ARG P 68 -17.62 12.88 32.55
C ARG P 68 -18.84 13.65 32.07
N VAL P 69 -19.07 13.65 30.75
CA VAL P 69 -20.23 14.34 30.18
C VAL P 69 -21.52 13.64 30.61
N LEU P 70 -21.53 12.30 30.60
CA LEU P 70 -22.69 11.57 31.07
C LEU P 70 -22.93 11.80 32.56
N ALA P 71 -21.87 12.03 33.32
CA ALA P 71 -22.03 12.24 34.75
C ALA P 71 -22.67 13.59 35.05
N VAL P 72 -22.14 14.66 34.46
CA VAL P 72 -22.67 15.99 34.72
C VAL P 72 -24.06 16.17 34.13
N GLU P 73 -24.45 15.34 33.15
CA GLU P 73 -25.81 15.41 32.63
C GLU P 73 -26.81 14.89 33.65
N ARG P 74 -26.51 13.75 34.28
CA ARG P 74 -27.42 13.19 35.28
C ARG P 74 -27.49 14.07 36.52
N TYR P 75 -26.39 14.74 36.87
CA TYR P 75 -26.40 15.61 38.04
C TYR P 75 -27.33 16.80 37.83
N LEU P 76 -27.20 17.48 36.69
CA LEU P 76 -28.07 18.61 36.41
C LEU P 76 -29.51 18.19 36.14
N ARG P 77 -29.74 16.93 35.77
CA ARG P 77 -31.10 16.44 35.59
C ARG P 77 -31.88 16.50 36.91
N ASP P 78 -31.26 16.01 37.98
CA ASP P 78 -31.92 16.06 39.30
C ASP P 78 -32.01 17.48 39.81
N GLN P 79 -30.93 18.27 39.67
CA GLN P 79 -30.98 19.67 40.09
C GLN P 79 -32.01 20.44 39.27
N GLN P 80 -32.28 20.01 38.04
CA GLN P 80 -33.32 20.66 37.23
C GLN P 80 -34.69 20.51 37.88
N LEU P 81 -35.00 19.30 38.37
CA LEU P 81 -36.27 19.08 39.06
C LEU P 81 -36.33 19.82 40.38
N LEU P 82 -35.20 19.93 41.08
CA LEU P 82 -35.18 20.68 42.33
C LEU P 82 -35.40 22.17 42.11
N GLY P 83 -35.18 22.66 40.90
CA GLY P 83 -35.45 24.05 40.59
C GLY P 83 -36.94 24.32 40.43
N ILE P 84 -37.61 23.47 39.67
CA ILE P 84 -39.05 23.64 39.43
C ILE P 84 -39.90 23.19 40.60
N TRP P 85 -39.32 22.52 41.59
CA TRP P 85 -40.02 22.12 42.80
C TRP P 85 -39.77 23.06 43.97
N GLY P 86 -38.98 24.11 43.78
CA GLY P 86 -38.68 25.04 44.86
C GLY P 86 -37.82 24.48 45.95
N CYS P 87 -37.07 23.42 45.68
CA CYS P 87 -36.24 22.73 46.65
C CYS P 87 -34.77 22.78 46.26
N SER P 88 -34.33 23.92 45.73
CA SER P 88 -33.01 24.00 45.12
C SER P 88 -31.90 23.90 46.16
N GLY P 89 -32.05 24.60 47.29
CA GLY P 89 -30.97 24.68 48.25
C GLY P 89 -31.02 23.64 49.36
N LYS P 90 -32.16 22.99 49.54
CA LYS P 90 -32.39 22.09 50.66
C LYS P 90 -32.21 20.63 50.23
N LEU P 91 -31.98 19.78 51.24
CA LEU P 91 -31.96 18.34 51.08
C LEU P 91 -33.25 17.67 51.50
N ILE P 92 -33.99 18.29 52.41
CA ILE P 92 -35.33 17.85 52.80
C ILE P 92 -36.26 19.03 52.61
N CYS P 93 -37.34 18.81 51.85
CA CYS P 93 -38.17 19.89 51.34
C CYS P 93 -39.64 19.51 51.49
N CYS P 94 -40.39 20.32 52.23
CA CYS P 94 -41.82 20.11 52.36
C CYS P 94 -42.56 20.84 51.25
N THR P 95 -43.71 20.29 50.86
CA THR P 95 -44.44 20.81 49.73
C THR P 95 -45.88 21.14 50.08
N ASN P 96 -46.70 21.43 49.07
CA ASN P 96 -48.13 21.64 49.23
C ASN P 96 -48.96 20.50 48.69
N VAL P 97 -48.32 19.49 48.09
CA VAL P 97 -49.04 18.40 47.43
C VAL P 97 -49.52 17.40 48.47
N PRO P 98 -50.83 17.17 48.56
CA PRO P 98 -51.33 16.13 49.46
C PRO P 98 -51.09 14.74 48.89
N TRP P 99 -50.73 13.81 49.77
CA TRP P 99 -50.45 12.45 49.37
C TRP P 99 -51.77 11.72 49.11
N ASN P 100 -51.96 11.24 47.88
CA ASN P 100 -53.14 10.45 47.56
C ASN P 100 -52.99 9.04 48.10
N SER P 101 -54.09 8.49 48.62
CA SER P 101 -54.06 7.14 49.16
C SER P 101 -53.88 6.08 48.09
N SER P 102 -54.17 6.41 46.83
CA SER P 102 -54.01 5.44 45.75
C SER P 102 -52.55 5.11 45.48
N TRP P 103 -51.63 5.96 45.90
CA TRP P 103 -50.21 5.70 45.69
C TRP P 103 -49.67 4.70 46.71
N SER P 104 -50.02 4.90 47.98
CA SER P 104 -49.70 3.94 49.03
C SER P 104 -50.61 4.24 50.22
N ASN P 105 -51.11 3.17 50.85
CA ASN P 105 -52.01 3.30 51.98
C ASN P 105 -51.31 3.03 53.31
N ARG P 106 -49.99 2.90 53.31
CA ARG P 106 -49.26 2.61 54.53
C ARG P 106 -49.18 3.84 55.41
N ASN P 107 -49.02 3.60 56.71
CA ASN P 107 -48.88 4.67 57.68
C ASN P 107 -47.41 4.99 57.92
N LEU P 108 -47.18 6.10 58.64
CA LEU P 108 -45.82 6.58 58.85
C LEU P 108 -44.97 5.56 59.59
N SER P 109 -45.59 4.73 60.42
CA SER P 109 -44.83 3.70 61.14
C SER P 109 -44.36 2.60 60.19
N GLU P 110 -45.21 2.22 59.24
CA GLU P 110 -44.88 1.14 58.33
C GLU P 110 -43.91 1.57 57.24
N ILE P 111 -43.74 2.87 57.02
CA ILE P 111 -42.93 3.38 55.92
C ILE P 111 -41.55 3.76 56.42
N TRP P 112 -41.50 4.64 57.43
CA TRP P 112 -40.23 5.19 57.88
C TRP P 112 -39.49 4.30 58.88
N ASP P 113 -40.16 3.29 59.44
CA ASP P 113 -39.53 2.48 60.47
C ASP P 113 -39.69 0.99 60.20
N ASN P 114 -39.83 0.62 58.93
CA ASN P 114 -39.95 -0.80 58.59
C ASN P 114 -39.56 -1.04 57.13
N MET P 115 -39.63 0.01 56.31
CA MET P 115 -39.31 -0.10 54.90
C MET P 115 -38.01 0.65 54.57
N THR P 116 -37.31 0.16 53.56
CA THR P 116 -36.14 0.80 53.02
C THR P 116 -36.51 1.59 51.76
N TRP P 117 -35.68 2.58 51.44
CA TRP P 117 -35.91 3.37 50.25
C TRP P 117 -35.90 2.53 48.97
N LEU P 118 -35.23 1.38 48.99
CA LEU P 118 -35.23 0.51 47.82
C LEU P 118 -36.61 -0.09 47.57
N GLN P 119 -37.14 -0.80 48.57
CA GLN P 119 -38.48 -1.38 48.42
C GLN P 119 -39.58 -0.34 48.43
N TRP P 120 -39.29 0.87 48.92
CA TRP P 120 -40.24 1.97 48.81
C TRP P 120 -40.24 2.57 47.41
N ASP P 121 -39.06 2.72 46.80
CA ASP P 121 -39.00 3.20 45.43
C ASP P 121 -39.63 2.20 44.47
N LYS P 122 -39.60 0.92 44.81
CA LYS P 122 -40.26 -0.08 43.97
C LYS P 122 -41.78 -0.01 44.09
N GLU P 123 -42.30 0.43 45.24
CA GLU P 123 -43.74 0.48 45.44
C GLU P 123 -44.36 1.73 44.84
N ILE P 124 -43.60 2.83 44.74
CA ILE P 124 -44.12 4.07 44.16
C ILE P 124 -43.67 4.25 42.72
N SER P 125 -42.91 3.31 42.16
CA SER P 125 -42.38 3.47 40.81
C SER P 125 -43.49 3.59 39.77
N ASN P 126 -44.66 2.97 40.02
CA ASN P 126 -45.78 3.09 39.10
C ASN P 126 -46.47 4.44 39.17
N TYR P 127 -46.16 5.26 40.17
CA TYR P 127 -46.80 6.56 40.33
C TYR P 127 -45.82 7.73 40.44
N THR P 128 -44.52 7.47 40.40
CA THR P 128 -43.54 8.53 40.52
C THR P 128 -43.70 9.58 39.43
N GLN P 129 -44.09 9.16 38.22
CA GLN P 129 -44.32 10.11 37.15
C GLN P 129 -45.50 11.02 37.45
N ILE P 130 -46.59 10.45 37.97
CA ILE P 130 -47.77 11.24 38.30
C ILE P 130 -47.47 12.21 39.43
N ILE P 131 -46.72 11.76 40.43
CA ILE P 131 -46.37 12.64 41.55
C ILE P 131 -45.53 13.81 41.06
N TYR P 132 -44.57 13.55 40.17
CA TYR P 132 -43.72 14.61 39.66
C TYR P 132 -44.52 15.68 38.95
N GLY P 133 -45.54 15.27 38.19
CA GLY P 133 -46.35 16.24 37.46
C GLY P 133 -47.07 17.21 38.39
N LEU P 134 -47.69 16.68 39.45
CA LEU P 134 -48.32 17.55 40.43
C LEU P 134 -47.30 18.31 41.27
N LEU P 135 -46.07 17.78 41.37
CA LEU P 135 -45.07 18.39 42.24
C LEU P 135 -44.55 19.70 41.64
N GLU P 136 -44.59 19.84 40.32
CA GLU P 136 -44.14 21.06 39.67
C GLU P 136 -45.27 22.02 39.31
N GLU P 137 -46.50 21.52 39.24
CA GLU P 137 -47.65 22.30 38.82
C GLU P 137 -48.45 22.83 40.00
N SER P 138 -48.69 22.00 41.03
CA SER P 138 -49.57 22.40 42.12
C SER P 138 -48.99 23.53 42.95
N GLN P 139 -47.66 23.58 43.10
CA GLN P 139 -47.06 24.56 43.99
C GLN P 139 -46.32 25.65 43.24
N ASN P 140 -45.06 25.37 42.83
CA ASN P 140 -44.21 26.41 42.30
C ASN P 140 -44.72 27.01 41.00
N GLN P 141 -45.63 26.33 40.31
CA GLN P 141 -46.30 26.97 39.19
C GLN P 141 -47.41 27.90 39.66
N GLN P 142 -47.98 27.65 40.83
CA GLN P 142 -49.00 28.51 41.40
C GLN P 142 -48.45 29.48 42.44
N GLU P 143 -47.44 29.07 43.22
CA GLU P 143 -46.94 29.91 44.31
C GLU P 143 -46.25 31.16 43.78
N LYS P 144 -45.48 31.03 42.69
CA LYS P 144 -44.75 32.17 42.17
C LYS P 144 -45.69 33.24 41.62
N ASN P 145 -46.83 32.83 41.06
CA ASN P 145 -47.81 33.81 40.62
C ASN P 145 -48.49 34.48 41.81
N GLU P 146 -48.76 33.71 42.87
CA GLU P 146 -49.31 34.29 44.09
C GLU P 146 -48.28 35.14 44.81
N GLN P 147 -47.00 34.74 44.77
CA GLN P 147 -45.94 35.57 45.32
C GLN P 147 -45.85 36.91 44.60
N ASP P 148 -46.11 36.91 43.29
CA ASP P 148 -46.12 38.16 42.53
C ASP P 148 -47.29 39.04 42.95
N LEU P 149 -48.47 38.43 43.15
CA LEU P 149 -49.65 39.21 43.50
C LEU P 149 -49.65 39.62 44.97
N LEU P 150 -49.04 38.82 45.85
CA LEU P 150 -48.96 39.19 47.25
C LEU P 150 -47.91 40.28 47.49
N ALA P 151 -46.79 40.21 46.78
CA ALA P 151 -45.78 41.26 46.83
C ALA P 151 -46.10 42.41 45.87
N LEU P 152 -47.31 42.45 45.32
CA LEU P 152 -47.67 43.50 44.39
C LEU P 152 -47.93 44.83 45.08
N ASP P 153 -48.19 44.81 46.39
CA ASP P 153 -48.49 46.02 47.14
C ASP P 153 -47.60 46.15 48.37
N VAL Q 7 -54.56 22.43 32.58
CA VAL Q 7 -54.66 22.49 31.13
C VAL Q 7 -53.28 22.71 30.52
N PHE Q 8 -52.70 21.64 29.97
CA PHE Q 8 -51.39 21.70 29.33
C PHE Q 8 -51.54 21.46 27.83
N LEU Q 9 -50.84 22.28 27.05
CA LEU Q 9 -50.88 22.17 25.59
C LEU Q 9 -49.66 21.46 25.02
N GLY Q 10 -48.51 21.54 25.67
CA GLY Q 10 -47.28 20.95 25.21
C GLY Q 10 -46.16 21.96 25.17
N PHE Q 11 -45.01 21.50 24.68
CA PHE Q 11 -43.83 22.36 24.58
C PHE Q 11 -44.11 23.53 23.66
N LEU Q 12 -43.84 24.75 24.14
CA LEU Q 12 -44.11 25.99 23.40
C LEU Q 12 -45.59 26.13 23.06
N GLY Q 13 -46.46 25.53 23.88
CA GLY Q 13 -47.88 25.57 23.58
C GLY Q 13 -48.45 26.97 23.61
N ALA Q 14 -48.00 27.80 24.56
CA ALA Q 14 -48.50 29.16 24.72
C ALA Q 14 -47.64 30.18 23.98
N ALA Q 15 -47.09 29.80 22.82
CA ALA Q 15 -46.25 30.73 22.08
C ALA Q 15 -47.06 31.87 21.48
N GLY Q 16 -48.29 31.60 21.06
CA GLY Q 16 -49.15 32.61 20.49
C GLY Q 16 -50.14 33.24 21.44
N SER Q 17 -50.17 32.80 22.69
CA SER Q 17 -51.07 33.41 23.66
C SER Q 17 -50.44 34.68 24.25
N THR Q 18 -51.25 35.42 24.99
CA THR Q 18 -50.77 36.62 25.64
C THR Q 18 -49.72 36.28 26.69
N MET Q 19 -48.95 37.30 27.08
CA MET Q 19 -47.90 37.11 28.08
C MET Q 19 -48.48 36.70 29.42
N GLY Q 20 -49.72 37.12 29.72
CA GLY Q 20 -50.33 36.72 30.97
C GLY Q 20 -50.74 35.26 30.99
N ALA Q 21 -51.19 34.74 29.84
CA ALA Q 21 -51.55 33.32 29.77
C ALA Q 21 -50.33 32.44 29.56
N ALA Q 22 -49.28 32.97 28.94
CA ALA Q 22 -48.07 32.17 28.70
C ALA Q 22 -47.19 32.07 29.93
N SER Q 23 -47.19 33.09 30.78
CA SER Q 23 -46.37 33.08 31.98
C SER Q 23 -46.86 32.08 33.02
N MET Q 24 -48.08 31.55 32.87
CA MET Q 24 -48.59 30.54 33.78
C MET Q 24 -48.11 29.14 33.44
N THR Q 25 -47.31 28.97 32.38
CA THR Q 25 -46.79 27.68 31.94
C THR Q 25 -45.28 27.72 31.81
N LEU Q 26 -44.61 28.31 32.81
CA LEU Q 26 -43.16 28.39 32.77
C LEU Q 26 -42.49 27.03 32.98
N THR Q 27 -43.15 26.10 33.66
CA THR Q 27 -42.57 24.78 33.90
C THR Q 27 -42.53 23.93 32.64
N VAL Q 28 -43.33 24.26 31.63
CA VAL Q 28 -43.35 23.46 30.42
C VAL Q 28 -42.05 23.63 29.64
N GLN Q 29 -41.66 24.88 29.37
CA GLN Q 29 -40.42 25.12 28.65
C GLN Q 29 -39.19 24.84 29.50
N ALA Q 30 -39.32 24.88 30.83
CA ALA Q 30 -38.17 24.64 31.69
C ALA Q 30 -37.74 23.19 31.72
N ARG Q 31 -38.67 22.25 31.56
CA ARG Q 31 -38.32 20.83 31.57
C ARG Q 31 -37.53 20.44 30.33
N ASN Q 32 -38.12 20.65 29.16
CA ASN Q 32 -37.48 20.30 27.88
C ASN Q 32 -36.40 21.30 27.47
N LEU Q 33 -35.64 21.81 28.44
CA LEU Q 33 -34.54 22.72 28.18
C LEU Q 33 -33.18 22.09 28.45
N LEU Q 34 -33.12 21.00 29.17
CA LEU Q 34 -31.86 20.35 29.52
C LEU Q 34 -31.82 18.88 29.16
N SER Q 35 -32.91 18.14 29.36
CA SER Q 35 -32.96 16.74 29.01
C SER Q 35 -33.69 16.51 27.69
N LEU Q 54 -16.08 -0.74 17.41
CA LEU Q 54 -14.82 -0.68 18.14
C LEU Q 54 -14.40 0.76 18.42
N LEU Q 55 -14.75 1.67 17.51
CA LEU Q 55 -14.42 3.08 17.63
C LEU Q 55 -15.70 3.90 17.65
N LYS Q 56 -15.87 4.72 18.70
CA LYS Q 56 -17.00 5.63 18.80
C LYS Q 56 -16.73 6.97 18.10
N LEU Q 57 -15.85 6.97 17.10
CA LEU Q 57 -15.54 8.18 16.34
C LEU Q 57 -16.42 8.36 15.11
N THR Q 58 -17.60 7.73 15.10
CA THR Q 58 -18.52 7.87 13.98
C THR Q 58 -19.00 9.32 13.87
N VAL Q 59 -19.42 9.70 12.66
CA VAL Q 59 -19.95 11.05 12.44
C VAL Q 59 -21.13 11.32 13.36
N TRP Q 60 -21.91 10.29 13.69
CA TRP Q 60 -23.05 10.48 14.58
C TRP Q 60 -22.64 10.55 16.05
N GLY Q 61 -21.55 9.88 16.42
CA GLY Q 61 -21.10 9.93 17.79
C GLY Q 61 -20.42 11.24 18.15
N ILE Q 62 -19.57 11.75 17.24
CA ILE Q 62 -18.91 13.02 17.48
C ILE Q 62 -19.93 14.15 17.55
N LYS Q 63 -20.94 14.12 16.67
CA LYS Q 63 -22.00 15.12 16.71
C LYS Q 63 -22.82 15.00 17.98
N GLN Q 64 -23.10 13.77 18.42
CA GLN Q 64 -23.89 13.57 19.63
C GLN Q 64 -23.17 14.10 20.86
N LEU Q 65 -21.87 13.82 20.97
CA LEU Q 65 -21.10 14.28 22.13
C LEU Q 65 -21.01 15.80 22.17
N GLN Q 66 -20.80 16.42 21.01
CA GLN Q 66 -20.70 17.88 20.96
C GLN Q 66 -22.05 18.55 21.18
N ALA Q 67 -23.15 17.83 20.93
CA ALA Q 67 -24.48 18.39 21.16
C ALA Q 67 -24.86 18.35 22.63
N ARG Q 68 -24.43 17.32 23.36
CA ARG Q 68 -24.77 17.22 24.78
C ARG Q 68 -24.04 18.28 25.60
N VAL Q 69 -22.78 18.56 25.26
CA VAL Q 69 -22.06 19.64 25.93
C VAL Q 69 -22.66 20.99 25.55
N LEU Q 70 -23.07 21.14 24.29
CA LEU Q 70 -23.75 22.36 23.88
C LEU Q 70 -25.05 22.56 24.63
N ALA Q 71 -25.77 21.47 24.93
CA ALA Q 71 -27.04 21.58 25.64
C ALA Q 71 -26.84 22.06 27.07
N VAL Q 72 -25.88 21.44 27.79
CA VAL Q 72 -25.65 21.80 29.18
C VAL Q 72 -24.98 23.16 29.31
N GLU Q 73 -24.33 23.65 28.26
CA GLU Q 73 -23.73 24.97 28.33
C GLU Q 73 -24.78 26.08 28.21
N ARG Q 74 -25.73 25.91 27.29
CA ARG Q 74 -26.82 26.87 27.19
C ARG Q 74 -27.64 26.92 28.47
N TYR Q 75 -27.82 25.76 29.12
CA TYR Q 75 -28.60 25.71 30.36
C TYR Q 75 -27.88 26.45 31.48
N LEU Q 76 -26.60 26.15 31.69
CA LEU Q 76 -25.84 26.84 32.74
C LEU Q 76 -25.62 28.31 32.42
N ARG Q 77 -25.75 28.72 31.16
CA ARG Q 77 -25.64 30.14 30.84
C ARG Q 77 -26.78 30.92 31.46
N ASP Q 78 -28.01 30.42 31.31
CA ASP Q 78 -29.16 31.11 31.89
C ASP Q 78 -29.15 31.02 33.41
N GLN Q 79 -28.74 29.87 33.95
CA GLN Q 79 -28.67 29.73 35.40
C GLN Q 79 -27.61 30.65 36.00
N GLN Q 80 -26.52 30.90 35.27
CA GLN Q 80 -25.50 31.81 35.76
C GLN Q 80 -26.04 33.23 35.90
N LEU Q 81 -26.80 33.69 34.90
CA LEU Q 81 -27.37 35.04 34.96
C LEU Q 81 -28.42 35.14 36.06
N LEU Q 82 -29.19 34.07 36.28
CA LEU Q 82 -30.15 34.07 37.36
C LEU Q 82 -29.46 34.02 38.72
N GLY Q 83 -28.19 33.64 38.76
CA GLY Q 83 -27.44 33.62 40.00
C GLY Q 83 -26.98 34.99 40.44
N ILE Q 84 -26.56 35.81 39.46
CA ILE Q 84 -26.16 37.20 39.76
C ILE Q 84 -27.36 38.12 39.88
N TRP Q 85 -28.56 37.64 39.59
CA TRP Q 85 -29.79 38.39 39.79
C TRP Q 85 -30.52 37.99 41.06
N GLY Q 86 -29.99 37.02 41.81
CA GLY Q 86 -30.65 36.55 43.00
C GLY Q 86 -31.93 35.78 42.76
N CYS Q 87 -32.09 35.20 41.58
CA CYS Q 87 -33.32 34.53 41.18
C CYS Q 87 -33.05 33.09 40.75
N SER Q 88 -32.12 32.42 41.43
CA SER Q 88 -31.63 31.13 40.97
C SER Q 88 -32.73 30.06 41.04
N GLY Q 89 -33.43 29.97 42.16
CA GLY Q 89 -34.41 28.93 42.32
C GLY Q 89 -35.83 29.25 41.92
N LYS Q 90 -36.13 30.54 41.70
CA LYS Q 90 -37.49 30.97 41.42
C LYS Q 90 -37.75 31.05 39.92
N LEU Q 91 -39.02 30.90 39.56
CA LEU Q 91 -39.47 31.04 38.17
C LEU Q 91 -40.00 32.43 37.86
N ILE Q 92 -40.55 33.12 38.85
CA ILE Q 92 -40.97 34.52 38.71
C ILE Q 92 -40.32 35.29 39.85
N CYS Q 93 -39.45 36.23 39.50
CA CYS Q 93 -38.57 36.88 40.46
C CYS Q 93 -38.71 38.39 40.32
N CYS Q 94 -39.04 39.06 41.42
CA CYS Q 94 -39.18 40.52 41.42
C CYS Q 94 -37.88 41.16 41.88
N THR Q 95 -37.63 42.37 41.38
CA THR Q 95 -36.35 43.02 41.58
C THR Q 95 -36.51 44.44 42.12
N ASN Q 96 -35.40 45.18 42.16
CA ASN Q 96 -35.40 46.56 42.58
C ASN Q 96 -35.16 47.53 41.42
N VAL Q 97 -34.99 47.03 40.21
CA VAL Q 97 -34.71 47.89 39.07
C VAL Q 97 -35.99 48.56 38.61
N PRO Q 98 -36.04 49.89 38.55
CA PRO Q 98 -37.22 50.57 38.03
C PRO Q 98 -37.27 50.52 36.51
N TRP Q 99 -38.47 50.26 35.98
CA TRP Q 99 -38.67 50.14 34.55
C TRP Q 99 -38.64 51.52 33.91
N ASN Q 100 -37.69 51.76 33.01
CA ASN Q 100 -37.60 53.04 32.34
C ASN Q 100 -38.62 53.14 31.22
N SER Q 101 -39.23 54.32 31.09
CA SER Q 101 -40.23 54.53 30.07
C SER Q 101 -39.65 54.51 28.66
N SER Q 102 -38.34 54.74 28.52
CA SER Q 102 -37.72 54.70 27.21
C SER Q 102 -37.71 53.30 26.61
N TRP Q 103 -37.85 52.26 27.42
CA TRP Q 103 -37.84 50.89 26.92
C TRP Q 103 -39.17 50.56 26.24
N SER Q 104 -40.29 50.88 26.88
CA SER Q 104 -41.60 50.71 26.29
C SER Q 104 -42.58 51.62 27.02
N ASN Q 105 -43.51 52.20 26.27
CA ASN Q 105 -44.48 53.13 26.81
C ASN Q 105 -45.87 52.52 26.96
N ARG Q 106 -46.00 51.23 26.67
CA ARG Q 106 -47.30 50.58 26.78
C ARG Q 106 -47.68 50.37 28.24
N ASN Q 107 -48.98 50.18 28.46
CA ASN Q 107 -49.50 49.90 29.78
C ASN Q 107 -49.56 48.40 30.04
N LEU Q 108 -49.76 48.05 31.31
CA LEU Q 108 -49.81 46.64 31.68
C LEU Q 108 -50.91 45.90 30.93
N SER Q 109 -52.04 46.57 30.70
CA SER Q 109 -53.11 45.96 29.93
C SER Q 109 -52.75 45.84 28.45
N GLU Q 110 -51.94 46.77 27.94
CA GLU Q 110 -51.50 46.73 26.55
C GLU Q 110 -50.32 45.80 26.32
N ILE Q 111 -49.71 45.30 27.40
CA ILE Q 111 -48.58 44.38 27.30
C ILE Q 111 -49.02 42.94 27.58
N TRP Q 112 -49.66 42.73 28.73
CA TRP Q 112 -50.03 41.39 29.16
C TRP Q 112 -51.33 40.90 28.55
N ASP Q 113 -52.11 41.78 27.90
CA ASP Q 113 -53.40 41.38 27.33
C ASP Q 113 -53.52 41.84 25.88
N ASN Q 114 -52.41 41.92 25.17
CA ASN Q 114 -52.43 42.32 23.77
C ASN Q 114 -51.19 41.80 23.05
N MET Q 115 -50.09 41.65 23.78
CA MET Q 115 -48.83 41.22 23.22
C MET Q 115 -48.46 39.80 23.68
N THR Q 116 -47.71 39.11 22.84
CA THR Q 116 -47.13 37.82 23.17
C THR Q 116 -45.66 37.98 23.51
N TRP Q 117 -45.09 36.93 24.12
CA TRP Q 117 -43.68 36.98 24.48
C TRP Q 117 -42.77 37.07 23.27
N LEU Q 118 -43.24 36.66 22.10
CA LEU Q 118 -42.42 36.76 20.89
C LEU Q 118 -42.27 38.21 20.45
N GLN Q 119 -43.40 38.89 20.21
CA GLN Q 119 -43.33 40.28 19.77
C GLN Q 119 -42.90 41.23 20.89
N TRP Q 120 -43.05 40.82 22.16
CA TRP Q 120 -42.52 41.63 23.25
C TRP Q 120 -41.01 41.53 23.32
N ASP Q 121 -40.46 40.33 23.08
CA ASP Q 121 -39.01 40.18 23.06
C ASP Q 121 -38.38 40.93 21.90
N LYS Q 122 -39.12 41.12 20.81
CA LYS Q 122 -38.60 41.88 19.68
C LYS Q 122 -38.55 43.36 19.98
N GLU Q 123 -39.50 43.88 20.75
CA GLU Q 123 -39.55 45.31 21.02
C GLU Q 123 -38.47 45.73 22.02
N ILE Q 124 -38.20 44.89 23.04
CA ILE Q 124 -37.20 45.22 24.04
C ILE Q 124 -35.83 44.63 23.71
N SER Q 125 -35.69 43.96 22.56
CA SER Q 125 -34.42 43.34 22.20
C SER Q 125 -33.29 44.36 22.12
N ASN Q 126 -33.61 45.63 21.84
CA ASN Q 126 -32.60 46.67 21.80
C ASN Q 126 -32.19 47.15 23.19
N TYR Q 127 -32.88 46.71 24.23
CA TYR Q 127 -32.61 47.15 25.60
C TYR Q 127 -32.33 46.01 26.55
N THR Q 128 -32.40 44.75 26.10
CA THR Q 128 -32.20 43.61 26.99
C THR Q 128 -30.79 43.60 27.58
N GLN Q 129 -29.80 44.06 26.82
CA GLN Q 129 -28.44 44.08 27.33
C GLN Q 129 -28.27 45.16 28.40
N ILE Q 130 -28.97 46.28 28.26
CA ILE Q 130 -28.90 47.34 29.26
C ILE Q 130 -29.64 46.92 30.52
N ILE Q 131 -30.80 46.26 30.35
CA ILE Q 131 -31.53 45.77 31.51
C ILE Q 131 -30.71 44.73 32.27
N TYR Q 132 -30.08 43.81 31.54
CA TYR Q 132 -29.27 42.79 32.19
C TYR Q 132 -28.11 43.40 32.96
N GLY Q 133 -27.49 44.44 32.41
CA GLY Q 133 -26.39 45.09 33.10
C GLY Q 133 -26.82 45.77 34.38
N LEU Q 134 -28.00 46.41 34.35
CA LEU Q 134 -28.55 47.03 35.55
C LEU Q 134 -29.17 46.02 36.49
N LEU Q 135 -29.58 44.85 35.97
CA LEU Q 135 -30.23 43.85 36.81
C LEU Q 135 -29.25 43.22 37.79
N GLU Q 136 -27.97 43.15 37.44
CA GLU Q 136 -26.97 42.59 38.34
C GLU Q 136 -26.37 43.63 39.27
N GLU Q 137 -26.43 44.91 38.91
CA GLU Q 137 -25.78 45.98 39.63
C GLU Q 137 -26.70 46.69 40.62
N SER Q 138 -27.97 46.89 40.25
CA SER Q 138 -28.87 47.67 41.09
C SER Q 138 -29.24 46.93 42.36
N GLN Q 139 -29.38 45.60 42.31
CA GLN Q 139 -29.83 44.87 43.48
C GLN Q 139 -28.73 44.02 44.09
N ASN Q 140 -28.48 42.84 43.50
CA ASN Q 140 -27.62 41.86 44.16
C ASN Q 140 -26.17 42.30 44.28
N GLN Q 141 -25.75 43.32 43.52
CA GLN Q 141 -24.43 43.89 43.77
C GLN Q 141 -24.48 44.86 44.95
N GLN Q 142 -25.65 45.43 45.23
CA GLN Q 142 -25.84 46.34 46.35
C GLN Q 142 -26.45 45.67 47.57
N GLU Q 143 -27.35 44.69 47.36
CA GLU Q 143 -28.02 44.05 48.49
C GLU Q 143 -27.06 43.24 49.33
N LYS Q 144 -26.13 42.52 48.70
CA LYS Q 144 -25.23 41.65 49.45
C LYS Q 144 -24.39 42.43 50.44
N ASN Q 145 -23.94 43.63 50.06
CA ASN Q 145 -23.21 44.47 51.01
C ASN Q 145 -24.13 44.95 52.12
N GLU Q 146 -25.35 45.37 51.77
CA GLU Q 146 -26.31 45.77 52.79
C GLU Q 146 -26.81 44.57 53.60
N GLN Q 147 -26.93 43.41 52.96
CA GLN Q 147 -27.28 42.20 53.71
C GLN Q 147 -26.19 41.83 54.70
N ASP Q 148 -24.94 42.13 54.38
CA ASP Q 148 -23.85 41.87 55.31
C ASP Q 148 -23.84 42.88 56.45
N LEU Q 149 -24.17 44.14 56.15
CA LEU Q 149 -24.14 45.18 57.17
C LEU Q 149 -25.38 45.17 58.06
N LEU Q 150 -26.52 44.70 57.54
CA LEU Q 150 -27.72 44.60 58.35
C LEU Q 150 -27.65 43.42 59.31
N ALA Q 151 -27.07 42.30 58.86
CA ALA Q 151 -26.84 41.14 59.71
C ALA Q 151 -25.52 41.20 60.45
N LEU Q 152 -24.86 42.36 60.45
CA LEU Q 152 -23.60 42.53 61.16
C LEU Q 152 -23.79 42.70 62.66
N ASP Q 153 -24.98 43.08 63.10
CA ASP Q 153 -25.25 43.32 64.51
C ASP Q 153 -26.34 42.40 65.05
N VAL R 7 -13.54 51.23 44.11
CA VAL R 7 -12.15 50.90 43.81
C VAL R 7 -12.01 49.40 43.55
N PHE R 8 -11.92 49.04 42.27
CA PHE R 8 -11.74 47.65 41.86
C PHE R 8 -10.36 47.47 41.27
N LEU R 9 -9.70 46.36 41.64
CA LEU R 9 -8.38 46.05 41.11
C LEU R 9 -8.42 44.99 40.02
N GLY R 10 -9.38 44.07 40.06
CA GLY R 10 -9.53 43.05 39.06
C GLY R 10 -9.57 41.67 39.68
N PHE R 11 -9.59 40.66 38.82
CA PHE R 11 -9.62 39.27 39.26
C PHE R 11 -8.37 38.96 40.09
N LEU R 12 -8.59 38.44 41.29
CA LEU R 12 -7.53 38.13 42.25
C LEU R 12 -6.70 39.38 42.60
N GLY R 13 -7.32 40.56 42.49
CA GLY R 13 -6.60 41.80 42.74
C GLY R 13 -6.11 41.95 44.16
N ALA R 14 -6.88 41.45 45.13
CA ALA R 14 -6.51 41.50 46.54
C ALA R 14 -5.90 40.18 47.00
N ALA R 15 -5.13 39.52 46.13
CA ALA R 15 -4.54 38.23 46.48
C ALA R 15 -3.46 38.39 47.54
N GLY R 16 -2.74 39.50 47.53
CA GLY R 16 -1.77 39.79 48.56
C GLY R 16 -2.29 40.61 49.71
N SER R 17 -3.56 41.02 49.65
CA SER R 17 -4.16 41.80 50.71
C SER R 17 -4.44 40.93 51.93
N THR R 18 -4.76 41.59 53.04
CA THR R 18 -5.25 40.89 54.22
C THR R 18 -6.58 40.21 53.90
N MET R 19 -6.92 39.22 54.74
CA MET R 19 -8.15 38.48 54.53
C MET R 19 -9.39 39.35 54.69
N GLY R 20 -9.28 40.47 55.41
CA GLY R 20 -10.41 41.37 55.55
C GLY R 20 -10.62 42.28 54.36
N ALA R 21 -9.54 42.70 53.72
CA ALA R 21 -9.66 43.54 52.53
C ALA R 21 -10.02 42.73 51.30
N ALA R 22 -9.60 41.47 51.24
CA ALA R 22 -9.93 40.63 50.09
C ALA R 22 -11.36 40.12 50.15
N SER R 23 -11.91 39.94 51.35
CA SER R 23 -13.27 39.45 51.49
C SER R 23 -14.30 40.49 51.06
N MET R 24 -13.91 41.75 50.95
CA MET R 24 -14.82 42.80 50.52
C MET R 24 -15.01 42.83 49.00
N THR R 25 -14.27 42.02 48.26
CA THR R 25 -14.34 41.98 46.80
C THR R 25 -14.53 40.55 46.33
N LEU R 26 -15.44 39.82 46.98
CA LEU R 26 -15.73 38.44 46.57
C LEU R 26 -16.56 38.40 45.29
N THR R 27 -17.25 39.49 44.95
CA THR R 27 -18.02 39.53 43.71
C THR R 27 -17.12 39.59 42.48
N VAL R 28 -15.86 40.00 42.63
CA VAL R 28 -14.97 40.13 41.50
C VAL R 28 -14.56 38.75 40.99
N GLN R 29 -14.08 37.88 41.89
CA GLN R 29 -13.64 36.55 41.47
C GLN R 29 -14.79 35.63 41.13
N ALA R 30 -16.00 35.95 41.56
CA ALA R 30 -17.15 35.10 41.26
C ALA R 30 -17.60 35.23 39.81
N ARG R 31 -17.40 36.41 39.20
CA ARG R 31 -17.82 36.59 37.82
C ARG R 31 -16.90 35.85 36.85
N ASN R 32 -15.60 36.10 36.93
CA ASN R 32 -14.62 35.47 36.05
C ASN R 32 -14.26 34.04 36.48
N LEU R 33 -15.23 33.28 37.01
CA LEU R 33 -14.99 31.90 37.40
C LEU R 33 -15.71 30.90 36.51
N LEU R 34 -16.70 31.33 35.73
CA LEU R 34 -17.39 30.46 34.79
C LEU R 34 -17.29 30.96 33.35
N SER R 35 -17.45 32.26 33.13
CA SER R 35 -17.33 32.83 31.79
C SER R 35 -15.94 33.43 31.57
N LEU R 54 -14.19 21.19 7.37
CA LEU R 54 -15.27 20.23 7.23
C LEU R 54 -15.39 19.33 8.47
N LEU R 55 -14.28 19.13 9.18
CA LEU R 55 -14.23 18.27 10.34
C LEU R 55 -13.81 19.08 11.56
N LYS R 56 -14.53 18.91 12.68
CA LYS R 56 -14.17 19.53 13.95
C LYS R 56 -13.27 18.64 14.80
N LEU R 57 -12.48 17.77 14.16
CA LEU R 57 -11.54 16.89 14.85
C LEU R 57 -10.15 17.49 14.98
N THR R 58 -10.03 18.81 14.81
CA THR R 58 -8.74 19.48 14.97
C THR R 58 -8.23 19.26 16.39
N VAL R 59 -6.90 19.27 16.53
CA VAL R 59 -6.30 19.18 17.86
C VAL R 59 -6.79 20.31 18.75
N TRP R 60 -7.02 21.49 18.17
CA TRP R 60 -7.56 22.60 18.94
C TRP R 60 -9.03 22.36 19.28
N GLY R 61 -9.78 21.74 18.36
CA GLY R 61 -11.15 21.40 18.65
C GLY R 61 -11.27 20.41 19.80
N ILE R 62 -10.41 19.39 19.80
CA ILE R 62 -10.37 18.45 20.92
C ILE R 62 -9.98 19.18 22.19
N LYS R 63 -9.03 20.11 22.10
CA LYS R 63 -8.61 20.87 23.27
C LYS R 63 -9.74 21.78 23.75
N GLN R 64 -10.44 22.44 22.83
CA GLN R 64 -11.56 23.27 23.24
C GLN R 64 -12.66 22.44 23.87
N LEU R 65 -12.99 21.29 23.27
CA LEU R 65 -14.06 20.45 23.80
C LEU R 65 -13.72 19.97 25.22
N GLN R 66 -12.48 19.52 25.43
CA GLN R 66 -12.10 19.04 26.75
C GLN R 66 -11.90 20.17 27.75
N ALA R 67 -11.68 21.40 27.28
CA ALA R 67 -11.55 22.54 28.18
C ALA R 67 -12.91 23.04 28.65
N ARG R 68 -13.93 22.98 27.80
CA ARG R 68 -15.26 23.42 28.19
C ARG R 68 -15.88 22.45 29.21
N VAL R 69 -15.66 21.15 29.02
CA VAL R 69 -16.15 20.19 30.00
C VAL R 69 -15.36 20.31 31.29
N LEU R 70 -14.06 20.59 31.19
CA LEU R 70 -13.25 20.79 32.38
C LEU R 70 -13.69 22.02 33.16
N ALA R 71 -14.17 23.05 32.45
CA ALA R 71 -14.53 24.30 33.11
C ALA R 71 -15.83 24.14 33.90
N VAL R 72 -16.85 23.52 33.31
CA VAL R 72 -18.12 23.35 34.00
C VAL R 72 -18.01 22.31 35.10
N GLU R 73 -16.99 21.44 35.05
CA GLU R 73 -16.82 20.48 36.13
C GLU R 73 -16.36 21.17 37.41
N ARG R 74 -15.38 22.08 37.29
CA ARG R 74 -14.91 22.80 38.47
C ARG R 74 -15.94 23.80 38.97
N TYR R 75 -16.75 24.37 38.07
CA TYR R 75 -17.77 25.30 38.50
C TYR R 75 -18.87 24.60 39.29
N LEU R 76 -19.44 23.53 38.73
CA LEU R 76 -20.48 22.79 39.43
C LEU R 76 -19.96 22.12 40.69
N ARG R 77 -18.65 21.83 40.75
CA ARG R 77 -18.08 21.24 41.96
C ARG R 77 -18.16 22.20 43.14
N ASP R 78 -17.88 23.49 42.91
CA ASP R 78 -17.96 24.46 43.99
C ASP R 78 -19.41 24.74 44.38
N GLN R 79 -20.31 24.79 43.39
CA GLN R 79 -21.72 25.02 43.68
C GLN R 79 -22.34 23.81 44.37
N GLN R 80 -21.83 22.61 44.09
CA GLN R 80 -22.33 21.43 44.78
C GLN R 80 -22.02 21.49 46.27
N LEU R 81 -20.81 21.92 46.62
CA LEU R 81 -20.44 22.02 48.03
C LEU R 81 -21.22 23.13 48.73
N LEU R 82 -21.46 24.24 48.03
CA LEU R 82 -22.27 25.30 48.61
C LEU R 82 -23.74 24.89 48.76
N GLY R 83 -24.19 23.92 47.99
CA GLY R 83 -25.56 23.45 48.07
C GLY R 83 -25.81 22.59 49.29
N ILE R 84 -24.87 21.69 49.59
CA ILE R 84 -25.01 20.83 50.77
C ILE R 84 -24.61 21.53 52.06
N TRP R 85 -24.11 22.76 51.97
CA TRP R 85 -23.79 23.57 53.15
C TRP R 85 -24.84 24.65 53.41
N GLY R 86 -25.90 24.71 52.61
CA GLY R 86 -26.92 25.72 52.79
C GLY R 86 -26.47 27.13 52.49
N CYS R 87 -25.47 27.29 51.62
CA CYS R 87 -24.91 28.59 51.27
C CYS R 87 -24.96 28.81 49.76
N SER R 88 -26.05 28.38 49.13
CA SER R 88 -26.10 28.37 47.67
C SER R 88 -26.10 29.78 47.09
N GLY R 89 -26.89 30.68 47.65
CA GLY R 89 -27.09 31.98 47.06
C GLY R 89 -26.19 33.08 47.59
N LYS R 90 -25.55 32.86 48.74
CA LYS R 90 -24.77 33.88 49.40
C LYS R 90 -23.28 33.70 49.12
N LEU R 91 -22.53 34.79 49.29
CA LEU R 91 -21.08 34.76 49.19
C LEU R 91 -20.37 34.74 50.54
N ILE R 92 -21.02 35.24 51.59
CA ILE R 92 -20.53 35.13 52.96
C ILE R 92 -21.63 34.47 53.77
N CYS R 93 -21.32 33.33 54.38
CA CYS R 93 -22.34 32.44 54.93
C CYS R 93 -21.87 31.95 56.29
N CYS R 94 -22.68 32.16 57.32
CA CYS R 94 -22.37 31.69 58.66
C CYS R 94 -22.92 30.29 58.87
N THR R 95 -22.30 29.56 59.80
CA THR R 95 -22.65 28.16 60.01
C THR R 95 -22.83 27.83 61.48
N ASN R 96 -23.02 26.55 61.79
CA ASN R 96 -23.16 26.09 63.17
C ASN R 96 -21.90 25.44 63.71
N VAL R 97 -20.91 25.18 62.87
CA VAL R 97 -19.71 24.47 63.30
C VAL R 97 -18.87 25.37 64.18
N PRO R 98 -18.57 24.96 65.41
CA PRO R 98 -17.66 25.75 66.26
C PRO R 98 -16.22 25.55 65.84
N TRP R 99 -15.44 26.63 65.89
CA TRP R 99 -14.06 26.57 65.44
C TRP R 99 -13.22 25.86 66.49
N ASN R 100 -12.61 24.75 66.10
CA ASN R 100 -11.75 23.97 66.96
C ASN R 100 -10.38 24.64 67.06
N SER R 101 -9.86 24.74 68.29
CA SER R 101 -8.59 25.42 68.51
C SER R 101 -7.41 24.65 67.92
N SER R 102 -7.57 23.35 67.67
CA SER R 102 -6.50 22.57 67.06
C SER R 102 -6.25 22.96 65.61
N TRP R 103 -7.23 23.58 64.96
CA TRP R 103 -7.06 24.00 63.56
C TRP R 103 -6.15 25.21 63.46
N SER R 104 -6.44 26.25 64.24
CA SER R 104 -5.57 27.42 64.34
C SER R 104 -5.91 28.16 65.63
N ASN R 105 -4.88 28.61 66.32
CA ASN R 105 -5.05 29.30 67.59
C ASN R 105 -4.93 30.82 67.46
N ARG R 106 -4.73 31.33 66.25
CA ARG R 106 -4.55 32.77 66.06
C ARG R 106 -5.76 33.55 66.54
N ASN R 107 -5.54 34.81 66.91
CA ASN R 107 -6.61 35.69 67.31
C ASN R 107 -7.26 36.32 66.09
N LEU R 108 -8.44 36.92 66.31
CA LEU R 108 -9.17 37.55 65.21
C LEU R 108 -8.38 38.69 64.59
N SER R 109 -7.64 39.44 65.42
CA SER R 109 -6.80 40.51 64.89
C SER R 109 -5.60 39.96 64.14
N GLU R 110 -5.16 38.76 64.49
CA GLU R 110 -3.98 38.15 63.88
C GLU R 110 -4.29 37.44 62.56
N ILE R 111 -5.57 37.28 62.22
CA ILE R 111 -5.95 36.54 61.03
C ILE R 111 -6.40 37.53 59.96
N TRP R 112 -7.42 38.32 60.28
CA TRP R 112 -8.01 39.21 59.29
C TRP R 112 -7.23 40.49 59.10
N ASP R 113 -6.26 40.80 59.97
CA ASP R 113 -5.47 42.02 59.85
C ASP R 113 -3.98 41.73 59.91
N ASN R 114 -3.57 40.54 59.47
CA ASN R 114 -2.14 40.20 59.47
C ASN R 114 -1.80 39.10 58.48
N MET R 115 -2.78 38.27 58.12
CA MET R 115 -2.54 37.15 57.21
C MET R 115 -3.36 37.32 55.93
N THR R 116 -2.85 36.72 54.85
CA THR R 116 -3.54 36.68 53.57
C THR R 116 -4.19 35.33 53.36
N TRP R 117 -5.14 35.28 52.42
CA TRP R 117 -5.87 34.05 52.17
C TRP R 117 -4.96 32.97 51.62
N LEU R 118 -3.86 33.35 50.96
CA LEU R 118 -2.93 32.35 50.42
C LEU R 118 -2.25 31.59 51.55
N GLN R 119 -1.56 32.32 52.44
CA GLN R 119 -0.89 31.69 53.57
C GLN R 119 -1.88 31.15 54.59
N TRP R 120 -3.13 31.63 54.58
CA TRP R 120 -4.14 31.06 55.45
C TRP R 120 -4.63 29.72 54.93
N ASP R 121 -4.85 29.61 53.61
CA ASP R 121 -5.27 28.35 53.02
C ASP R 121 -4.20 27.29 53.13
N LYS R 122 -2.92 27.71 53.15
CA LYS R 122 -1.83 26.75 53.35
C LYS R 122 -1.79 26.24 54.78
N GLU R 123 -2.24 27.05 55.74
CA GLU R 123 -2.18 26.66 57.14
C GLU R 123 -3.32 25.71 57.51
N ILE R 124 -4.50 25.91 56.93
CA ILE R 124 -5.66 25.07 57.23
C ILE R 124 -5.78 23.90 56.27
N SER R 125 -4.83 23.73 55.35
CA SER R 125 -4.95 22.70 54.32
C SER R 125 -5.03 21.30 54.92
N ASN R 126 -4.42 21.07 56.08
CA ASN R 126 -4.45 19.76 56.69
C ASN R 126 -5.77 19.46 57.41
N TYR R 127 -6.63 20.46 57.59
CA TYR R 127 -7.90 20.26 58.28
C TYR R 127 -9.12 20.61 57.43
N THR R 128 -8.92 21.01 56.17
CA THR R 128 -10.06 21.38 55.33
C THR R 128 -10.95 20.19 55.02
N GLN R 129 -10.38 18.97 54.99
CA GLN R 129 -11.19 17.79 54.71
C GLN R 129 -12.07 17.43 55.90
N ILE R 130 -11.57 17.63 57.12
CA ILE R 130 -12.36 17.36 58.32
C ILE R 130 -13.44 18.43 58.49
N ILE R 131 -13.09 19.69 58.22
CA ILE R 131 -14.05 20.78 58.37
C ILE R 131 -15.23 20.60 57.43
N TYR R 132 -14.95 20.23 56.17
CA TYR R 132 -16.02 20.06 55.19
C TYR R 132 -16.96 18.94 55.61
N GLY R 133 -16.43 17.87 56.18
CA GLY R 133 -17.28 16.78 56.65
C GLY R 133 -18.20 17.21 57.77
N LEU R 134 -17.68 17.98 58.73
CA LEU R 134 -18.50 18.55 59.79
C LEU R 134 -19.34 19.72 59.31
N LEU R 135 -18.93 20.38 58.23
CA LEU R 135 -19.66 21.55 57.76
C LEU R 135 -21.00 21.16 57.13
N GLU R 136 -21.10 19.96 56.58
CA GLU R 136 -22.32 19.51 55.94
C GLU R 136 -23.19 18.63 56.84
N GLU R 137 -22.60 18.00 57.85
CA GLU R 137 -23.32 17.06 58.70
C GLU R 137 -23.88 17.72 59.95
N SER R 138 -23.11 18.62 60.57
CA SER R 138 -23.53 19.22 61.82
C SER R 138 -24.73 20.13 61.65
N GLN R 139 -24.85 20.80 60.50
CA GLN R 139 -25.94 21.76 60.31
C GLN R 139 -26.94 21.30 59.27
N ASN R 140 -26.62 21.47 57.99
CA ASN R 140 -27.63 21.27 56.95
C ASN R 140 -28.06 19.82 56.81
N GLN R 141 -27.30 18.87 57.34
CA GLN R 141 -27.82 17.52 57.45
C GLN R 141 -28.76 17.39 58.64
N GLN R 142 -28.58 18.23 59.66
CA GLN R 142 -29.43 18.24 60.84
C GLN R 142 -30.54 19.28 60.72
N GLU R 143 -30.24 20.44 60.12
CA GLU R 143 -31.20 21.53 60.06
C GLU R 143 -32.45 21.14 59.27
N LYS R 144 -32.26 20.44 58.15
CA LYS R 144 -33.40 20.10 57.30
C LYS R 144 -34.40 19.22 58.03
N ASN R 145 -33.92 18.32 58.90
CA ASN R 145 -34.83 17.49 59.68
C ASN R 145 -35.46 18.30 60.80
N GLU R 146 -34.70 19.18 61.44
CA GLU R 146 -35.27 20.04 62.47
C GLU R 146 -36.27 21.02 61.88
N GLN R 147 -35.96 21.59 60.71
CA GLN R 147 -36.91 22.46 60.04
C GLN R 147 -38.15 21.71 59.59
N ASP R 148 -37.99 20.43 59.24
CA ASP R 148 -39.14 19.59 58.90
C ASP R 148 -40.04 19.41 60.11
N LEU R 149 -39.46 19.18 61.29
CA LEU R 149 -40.24 18.99 62.50
C LEU R 149 -40.71 20.30 63.12
N LEU R 150 -39.99 21.41 62.86
CA LEU R 150 -40.47 22.71 63.33
C LEU R 150 -41.69 23.16 62.53
N ALA R 151 -41.71 22.89 61.23
CA ALA R 151 -42.84 23.17 60.37
C ALA R 151 -43.87 22.04 60.38
N LEU R 152 -43.79 21.13 61.36
CA LEU R 152 -44.73 20.02 61.44
C LEU R 152 -46.11 20.46 61.89
N ASP R 153 -46.21 21.60 62.57
CA ASP R 153 -47.48 22.10 63.08
C ASP R 153 -47.73 23.54 62.65
C1 NAG S . -38.61 3.87 -4.84
C2 NAG S . -37.23 3.31 -5.18
C3 NAG S . -37.38 1.94 -5.84
C4 NAG S . -38.18 1.01 -4.95
C5 NAG S . -39.52 1.65 -4.59
C6 NAG S . -40.34 0.85 -3.61
C7 NAG S . -35.16 4.27 -6.09
C8 NAG S . -34.57 5.27 -7.03
N2 NAG S . -36.49 4.22 -6.04
O3 NAG S . -36.08 1.39 -6.08
O4 NAG S . -38.38 -0.24 -5.62
O5 NAG S . -39.31 2.95 -4.00
O6 NAG S . -40.95 -0.27 -4.21
O7 NAG S . -34.46 3.52 -5.42
C1 NAG S . -37.99 -1.34 -4.75
C2 NAG S . -38.52 -2.66 -5.34
C3 NAG S . -38.13 -3.83 -4.43
C4 NAG S . -36.62 -3.82 -4.16
C5 NAG S . -36.18 -2.45 -3.65
C6 NAG S . -34.67 -2.35 -3.49
C7 NAG S . -40.64 -3.45 -6.31
C8 NAG S . -42.12 -3.24 -6.38
N2 NAG S . -39.96 -2.61 -5.52
O3 NAG S . -38.50 -5.06 -5.04
O4 NAG S . -36.31 -4.81 -3.18
O5 NAG S . -36.56 -1.43 -4.58
O6 NAG S . -34.21 -3.18 -2.44
O7 NAG S . -40.09 -4.34 -6.94
C1 BMA S . -35.54 -5.87 -3.80
C2 BMA S . -34.59 -6.49 -2.73
C3 BMA S . -33.82 -7.66 -3.36
C4 BMA S . -34.78 -8.65 -4.06
C5 BMA S . -35.69 -7.91 -5.06
C6 BMA S . -36.73 -8.81 -5.71
O2 BMA S . -35.32 -7.01 -1.62
O3 BMA S . -33.02 -8.35 -2.39
O4 BMA S . -34.03 -9.65 -4.74
O5 BMA S . -36.39 -6.87 -4.36
O6 BMA S . -36.12 -10.06 -6.02
C1 NAG T . -30.45 -15.91 -15.53
C2 NAG T . -31.85 -16.33 -15.06
C3 NAG T . -31.75 -17.47 -14.04
C4 NAG T . -30.88 -18.61 -14.57
C5 NAG T . -29.54 -18.07 -15.06
C6 NAG T . -28.67 -19.12 -15.73
C7 NAG T . -33.85 -15.18 -14.20
C8 NAG T . -34.38 -13.92 -13.58
N2 NAG T . -32.54 -15.19 -14.47
O3 NAG T . -33.06 -17.97 -13.77
O4 NAG T . -30.64 -19.51 -13.49
O5 NAG T . -29.77 -17.05 -16.05
O6 NAG T . -29.45 -20.01 -16.52
O7 NAG T . -34.57 -16.14 -14.43
C1 NAG T . -30.99 -20.88 -13.83
C2 NAG T . -31.11 -21.67 -12.52
C3 NAG T . -31.50 -23.12 -12.81
C4 NAG T . -32.75 -23.17 -13.68
C5 NAG T . -32.57 -22.32 -14.94
C6 NAG T . -33.81 -22.24 -15.78
C7 NAG T . -29.68 -20.79 -10.72
C8 NAG T . -28.34 -20.88 -10.06
N2 NAG T . -29.87 -21.62 -11.76
O3 NAG T . -31.73 -23.80 -11.58
O4 NAG T . -33.01 -24.51 -14.07
O5 NAG T . -32.22 -20.97 -14.56
O6 NAG T . -34.95 -21.84 -15.01
O7 NAG T . -30.55 -20.03 -10.34
C1 NAG U . -42.07 -1.28 -21.71
C2 NAG U . -42.23 -2.73 -21.29
C3 NAG U . -41.65 -3.66 -22.35
C4 NAG U . -42.22 -3.34 -23.73
C5 NAG U . -42.15 -1.84 -24.02
C6 NAG U . -42.90 -1.45 -25.27
C7 NAG U . -42.22 -2.74 -18.83
C8 NAG U . -41.42 -3.04 -17.60
N2 NAG U . -41.60 -2.96 -20.00
O3 NAG U . -41.94 -4.99 -21.98
O4 NAG U . -41.48 -3.99 -24.74
O5 NAG U . -42.73 -1.08 -22.95
O6 NAG U . -43.14 -0.05 -25.31
O7 NAG U . -43.37 -2.32 -18.79
C1 NAG U . -41.99 -5.31 -25.04
C2 NAG U . -41.72 -5.68 -26.49
C3 NAG U . -42.20 -7.10 -26.79
C4 NAG U . -41.65 -8.09 -25.76
C5 NAG U . -41.84 -7.57 -24.33
C6 NAG U . -41.12 -8.42 -23.30
C7 NAG U . -43.66 -4.54 -27.55
C8 NAG U . -44.08 -3.52 -28.57
N2 NAG U . -42.34 -4.72 -27.41
O3 NAG U . -41.75 -7.42 -28.10
O4 NAG U . -42.38 -9.31 -25.77
O5 NAG U . -41.32 -6.23 -24.20
O6 NAG U . -42.00 -8.78 -22.25
O7 NAG U . -44.48 -5.17 -26.89
C1 BMA U . -42.40 -10.04 -27.00
C2 BMA U . -42.42 -11.50 -26.68
C3 BMA U . -42.32 -12.28 -27.97
C4 BMA U . -43.28 -11.76 -29.09
C5 BMA U . -43.71 -10.25 -28.99
C6 BMA U . -45.16 -10.00 -29.36
O2 BMA U . -43.69 -11.85 -26.13
O3 BMA U . -42.64 -13.62 -27.73
O4 BMA U . -42.68 -12.00 -30.36
O5 BMA U . -43.57 -9.73 -27.66
O6 BMA U . -45.49 -10.67 -30.56
C1 MAN U . -41.51 -14.49 -27.50
C2 MAN U . -42.22 -15.75 -26.94
C3 MAN U . -41.92 -16.00 -25.48
C4 MAN U . -40.44 -15.97 -25.27
C5 MAN U . -39.99 -14.52 -25.42
C6 MAN U . -38.47 -14.38 -25.37
O2 MAN U . -41.85 -16.90 -27.65
O3 MAN U . -42.45 -17.26 -25.03
O4 MAN U . -40.16 -16.41 -23.95
O5 MAN U . -40.46 -13.89 -26.69
O6 MAN U . -37.92 -15.09 -26.48
C1 MAN U . -43.09 -17.45 -28.13
C2 MAN U . -42.95 -18.96 -28.01
C3 MAN U . -41.85 -19.42 -28.96
C4 MAN U . -42.21 -19.00 -30.38
C5 MAN U . -42.38 -17.48 -30.45
C6 MAN U . -42.90 -17.03 -31.79
O2 MAN U . -44.12 -19.58 -28.49
O3 MAN U . -41.66 -20.82 -28.89
O4 MAN U . -41.20 -19.42 -31.28
O5 MAN U . -43.34 -17.04 -29.47
O6 MAN U . -42.47 -17.97 -32.75
C1 MAN U . -45.13 -19.48 -27.48
C2 MAN U . -45.63 -20.89 -27.28
C3 MAN U . -46.17 -21.37 -28.62
C4 MAN U . -47.27 -20.42 -29.12
C5 MAN U . -46.73 -18.98 -29.20
C6 MAN U . -47.79 -17.95 -29.55
O2 MAN U . -46.74 -20.91 -26.38
O3 MAN U . -46.65 -22.71 -28.56
O4 MAN U . -47.70 -20.83 -30.42
O5 MAN U . -46.15 -18.62 -27.92
O6 MAN U . -48.75 -17.92 -28.49
C1 MAN U . -46.54 -11.65 -30.37
C2 MAN U . -47.07 -11.92 -31.79
C3 MAN U . -47.83 -10.70 -32.25
C4 MAN U . -49.03 -10.46 -31.31
C5 MAN U . -48.54 -10.19 -29.88
C6 MAN U . -49.67 -10.12 -28.86
O2 MAN U . -48.02 -12.99 -31.79
O3 MAN U . -48.26 -10.83 -33.60
O4 MAN U . -49.78 -9.34 -31.76
O5 MAN U . -47.59 -11.23 -29.45
O6 MAN U . -49.11 -9.83 -27.58
C1 NAG V . -31.44 16.44 -27.48
C2 NAG V . -30.45 15.28 -27.54
C3 NAG V . -29.44 15.52 -28.66
C4 NAG V . -30.15 15.76 -29.97
C5 NAG V . -31.17 16.89 -29.82
C6 NAG V . -32.00 17.11 -31.07
C7 NAG V . -29.01 15.98 -25.66
C8 NAG V . -28.42 15.57 -24.35
N2 NAG V . -29.78 15.08 -26.26
O3 NAG V . -28.57 14.39 -28.76
O4 NAG V . -29.19 16.12 -30.97
O5 NAG V . -32.09 16.60 -28.76
O6 NAG V . -32.27 15.90 -31.75
O7 NAG V . -28.80 17.09 -26.15
C1 NAG V . -28.97 15.04 -31.89
C2 NAG V . -28.08 15.60 -33.01
C3 NAG V . -27.71 14.52 -34.03
C4 NAG V . -27.15 13.29 -33.33
C5 NAG V . -28.09 12.83 -32.22
C6 NAG V . -27.53 11.68 -31.42
C7 NAG V . -29.78 16.95 -34.34
C8 NAG V . -30.64 15.72 -34.53
N2 NAG V . -28.63 16.80 -33.64
O3 NAG V . -26.75 15.03 -34.94
O4 NAG V . -26.99 12.23 -34.28
O5 NAG V . -28.32 13.90 -31.30
O6 NAG V . -28.52 11.12 -30.55
O7 NAG V . -30.10 18.02 -34.81
C1 NAG W . -46.13 5.70 -4.46
C2 NAG W . -46.74 6.76 -3.57
C3 NAG W . -47.79 6.13 -2.64
C4 NAG W . -48.66 5.08 -3.33
C5 NAG W . -47.94 4.28 -4.42
C6 NAG W . -48.87 3.55 -5.34
C7 NAG W . -45.04 8.49 -3.19
C8 NAG W . -44.00 9.01 -2.24
N2 NAG W . -45.71 7.41 -2.78
O3 NAG W . -48.61 7.17 -2.12
O4 NAG W . -48.95 4.12 -2.33
O5 NAG W . -47.11 5.13 -5.23
O6 NAG W . -49.82 2.77 -4.62
O7 NAG W . -45.24 9.00 -4.29
C1 NAG W . -50.15 4.23 -1.53
C2 NAG W . -49.90 3.06 -0.59
C3 NAG W . -51.13 2.85 0.28
C4 NAG W . -51.43 4.13 1.05
C5 NAG W . -51.51 5.35 0.13
C6 NAG W . -51.53 6.65 0.91
C7 NAG W . -48.26 1.46 -1.44
C8 NAG W . -48.04 0.20 -2.21
N2 NAG W . -49.53 1.86 -1.31
O3 NAG W . -50.87 1.78 1.18
O4 NAG W . -52.69 3.99 1.71
O5 NAG W . -50.37 5.42 -0.76
O6 NAG W . -51.17 6.44 2.27
O7 NAG W . -47.34 2.10 -0.94
C1 NAG X . 1.07 -15.45 34.48
C2 NAG X . 1.65 -15.34 33.07
C3 NAG X . 3.16 -15.57 33.09
C4 NAG X . 3.83 -14.67 34.12
C5 NAG X . 3.14 -14.86 35.48
C6 NAG X . 3.70 -13.97 36.55
C7 NAG X . 1.06 -16.20 30.83
C8 NAG X . 0.30 -17.25 30.08
N2 NAG X . 0.99 -16.27 32.17
O3 NAG X . 3.71 -15.31 31.80
O4 NAG X . 5.21 -14.96 34.28
O5 NAG X . 1.76 -14.56 35.36
O6 NAG X . 5.03 -14.33 36.89
O7 NAG X . 1.71 -15.34 30.26
C1 NAG X . 6.02 -13.95 33.61
C2 NAG X . 7.17 -13.44 34.50
C3 NAG X . 8.07 -12.49 33.72
C4 NAG X . 8.52 -13.11 32.40
C5 NAG X . 7.32 -13.62 31.61
C6 NAG X . 7.71 -14.38 30.36
C7 NAG X . 5.99 -11.66 35.76
C8 NAG X . 5.61 -11.17 37.12
N2 NAG X . 6.68 -12.82 35.72
O3 NAG X . 9.19 -12.15 34.51
O4 NAG X . 9.20 -12.12 31.63
O5 NAG X . 6.55 -14.53 32.42
O6 NAG X . 8.13 -13.50 29.32
O7 NAG X . 5.68 -11.04 34.74
C1 BMA X . 10.60 -12.47 31.53
C2 BMA X . 11.16 -11.81 30.26
C3 BMA X . 12.64 -12.15 30.12
C4 BMA X . 13.43 -11.87 31.42
C5 BMA X . 12.73 -12.49 32.65
C6 BMA X . 13.39 -12.12 33.96
O2 BMA X . 11.07 -10.40 30.36
O3 BMA X . 13.23 -11.45 29.04
O4 BMA X . 14.75 -12.41 31.32
O5 BMA X . 11.35 -12.06 32.68
O6 BMA X . 14.81 -12.22 33.80
C1 NAG Y . 8.14 -25.31 37.37
C2 NAG Y . 8.14 -26.66 38.08
C3 NAG Y . 8.23 -26.47 39.60
C4 NAG Y . 9.41 -25.57 39.95
C5 NAG Y . 9.36 -24.28 39.14
C6 NAG Y . 10.56 -23.39 39.34
C7 NAG Y . 6.82 -28.74 37.94
C8 NAG Y . 5.51 -29.34 37.52
N2 NAG Y . 6.94 -27.42 37.74
O3 NAG Y . 8.40 -27.74 40.23
O4 NAG Y . 9.35 -25.26 41.34
O5 NAG Y . 9.31 -24.59 37.73
O6 NAG Y . 10.49 -22.69 40.57
O7 NAG Y . 7.72 -29.41 38.43
C1 NAG Y . 10.60 -25.61 41.99
C2 NAG Y . 10.56 -25.04 43.41
C3 NAG Y . 11.86 -25.37 44.15
C4 NAG Y . 12.14 -26.87 44.09
C5 NAG Y . 12.08 -27.38 42.65
C6 NAG Y . 12.20 -28.88 42.55
C7 NAG Y . 9.10 -23.07 43.44
C8 NAG Y . 9.04 -21.57 43.41
N2 NAG Y . 10.32 -23.61 43.39
O3 NAG Y . 11.75 -24.96 45.50
O4 NAG Y . 13.45 -27.12 44.60
O5 NAG Y . 10.82 -27.03 42.05
O6 NAG Y . 13.42 -29.34 43.11
O7 NAG Y . 8.08 -23.76 43.49
C1 NAG Z . 21.41 -18.72 22.27
C2 NAG Z . 21.83 -18.68 23.75
C3 NAG Z . 22.79 -17.52 24.00
C4 NAG Z . 23.93 -17.49 22.99
C5 NAG Z . 23.40 -17.62 21.56
C6 NAG Z . 24.48 -17.77 20.52
C7 NAG Z . 20.69 -18.84 25.92
C8 NAG Z . 19.38 -18.67 26.64
N2 NAG Z . 20.67 -18.58 24.61
O3 NAG Z . 23.32 -17.63 25.32
O4 NAG Z . 24.63 -16.25 23.08
O5 NAG Z . 22.57 -18.78 21.45
O6 NAG Z . 25.71 -18.18 21.12
O7 NAG Z . 21.71 -19.19 26.50
C1 NAG Z . 25.80 -16.28 23.91
C2 NAG Z . 26.75 -15.16 23.44
C3 NAG Z . 27.97 -15.07 24.36
C4 NAG Z . 27.54 -14.98 25.82
C5 NAG Z . 26.62 -16.13 26.17
C6 NAG Z . 26.10 -16.06 27.58
C7 NAG Z . 26.67 -14.67 21.04
C8 NAG Z . 27.21 -15.02 19.68
N2 NAG Z . 27.16 -15.38 22.06
O3 NAG Z . 28.74 -13.94 24.00
O4 NAG Z . 28.69 -15.01 26.66
O5 NAG Z . 25.48 -16.11 25.30
O6 NAG Z . 25.06 -15.09 27.72
O7 NAG Z . 25.82 -13.80 21.19
C1 NAG AA . 9.31 -31.08 31.60
C2 NAG AA . 10.65 -30.36 31.71
C3 NAG AA . 11.66 -30.98 30.73
C4 NAG AA . 11.76 -32.48 30.94
C5 NAG AA . 10.37 -33.12 30.90
C6 NAG AA . 10.39 -34.59 31.24
C7 NAG AA . 10.18 -28.07 32.43
C8 NAG AA . 10.07 -26.64 32.02
N2 NAG AA . 10.50 -28.94 31.47
O3 NAG AA . 12.93 -30.35 30.89
O4 NAG AA . 12.58 -33.06 29.92
O5 NAG AA . 9.49 -32.48 31.84
O6 NAG AA . 9.08 -35.06 31.53
O7 NAG AA . 9.97 -28.43 33.60
C1 NAG AA . 13.92 -33.32 30.42
C2 NAG AA . 14.32 -34.75 30.08
C3 NAG AA . 15.75 -35.04 30.54
C4 NAG AA . 16.73 -33.96 30.08
C5 NAG AA . 16.18 -32.57 30.40
C6 NAG AA . 17.03 -31.46 29.84
C7 NAG AA . 12.91 -36.78 30.06
C8 NAG AA . 13.43 -37.03 28.67
N2 NAG AA . 13.39 -35.69 30.68
O3 NAG AA . 16.17 -36.31 30.04
O4 NAG AA . 17.95 -34.08 30.80
O5 NAG AA . 14.86 -32.41 29.85
O6 NAG AA . 17.66 -30.72 30.89
O7 NAG AA . 12.12 -37.54 30.60
C1 NAG AA . 18.98 -34.81 30.11
C2 NAG AA . 20.32 -34.33 30.64
C3 NAG AA . 21.44 -35.08 29.95
C4 NAG AA . 21.27 -36.57 30.18
C5 NAG AA . 19.88 -37.02 29.73
C6 NAG AA . 19.58 -38.45 30.13
C7 NAG AA . 20.81 -32.08 31.49
C8 NAG AA . 20.96 -30.63 31.15
N2 NAG AA . 20.48 -32.88 30.48
O3 NAG AA . 22.70 -34.62 30.46
O4 NAG AA . 22.26 -37.30 29.47
O5 NAG AA . 18.86 -36.21 30.33
O6 NAG AA . 20.76 -39.14 30.49
O7 NAG AA . 20.99 -32.51 32.63
C1 MAN AA . 23.63 -34.32 29.39
C2 MAN AA . 24.85 -33.50 30.00
C3 MAN AA . 24.57 -32.01 30.03
C4 MAN AA . 24.19 -31.54 28.65
C5 MAN AA . 22.87 -32.19 28.28
C6 MAN AA . 22.44 -31.76 26.89
O2 MAN AA . 26.02 -33.64 29.18
O3 MAN AA . 25.71 -31.28 30.47
O4 MAN AA . 24.05 -30.13 28.64
O5 MAN AA . 22.99 -33.65 28.27
O6 MAN AA . 23.59 -31.19 26.24
C1 MAN AA . 27.03 -34.29 30.00
C2 MAN AA . 28.41 -34.14 29.30
C3 MAN AA . 28.35 -34.92 27.99
C4 MAN AA . 27.98 -36.40 28.24
C5 MAN AA . 26.64 -36.49 29.00
C6 MAN AA . 26.31 -37.91 29.44
O2 MAN AA . 29.44 -34.77 30.10
O3 MAN AA . 29.57 -34.84 27.27
O4 MAN AA . 27.83 -37.07 27.00
O5 MAN AA . 26.71 -35.66 30.20
O6 MAN AA . 27.08 -38.23 30.60
C1 MAN AA . 30.02 -33.85 31.08
C2 MAN AA . 31.33 -34.50 31.62
C3 MAN AA . 30.99 -35.76 32.39
C4 MAN AA . 30.08 -35.41 33.56
C5 MAN AA . 28.80 -34.71 33.06
C6 MAN AA . 28.03 -34.09 34.19
O2 MAN AA . 32.00 -33.64 32.55
O3 MAN AA . 32.16 -36.43 32.85
O4 MAN AA . 29.71 -36.61 34.23
O5 MAN AA . 29.13 -33.59 32.17
O6 MAN AA . 28.68 -32.87 34.53
C1 MAN AA . 20.46 -40.21 31.40
C2 MAN AA . 20.13 -39.58 32.77
C3 MAN AA . 21.39 -38.95 33.40
C4 MAN AA . 22.62 -39.86 33.25
C5 MAN AA . 22.77 -40.33 31.80
C6 MAN AA . 23.99 -41.21 31.58
O2 MAN AA . 19.68 -40.57 33.72
O3 MAN AA . 21.19 -38.63 34.77
O4 MAN AA . 23.81 -39.18 33.62
O5 MAN AA . 21.57 -41.05 31.46
O6 MAN AA . 23.59 -42.40 30.92
C1 MAN AA . 21.30 -37.21 34.97
C2 MAN AA . 22.75 -36.88 35.43
C3 MAN AA . 23.02 -37.44 36.82
C4 MAN AA . 21.92 -37.01 37.79
C5 MAN AA . 20.55 -37.42 37.25
C6 MAN AA . 19.43 -36.94 38.12
O2 MAN AA . 22.96 -35.47 35.54
O3 MAN AA . 24.29 -37.04 37.33
O4 MAN AA . 22.12 -37.61 39.06
O5 MAN AA . 20.36 -36.82 35.94
O6 MAN AA . 19.55 -35.53 38.24
C1 MAN AA . 24.23 -43.49 31.60
C2 MAN AA . 25.61 -43.80 30.88
C3 MAN AA . 25.43 -44.74 29.68
C4 MAN AA . 24.54 -45.94 30.02
C5 MAN AA . 23.18 -45.40 30.45
C6 MAN AA . 22.20 -46.50 30.77
O2 MAN AA . 26.50 -44.46 31.77
O3 MAN AA . 26.67 -45.19 29.16
O4 MAN AA . 24.39 -46.77 28.88
O5 MAN AA . 23.36 -44.63 31.67
O6 MAN AA . 21.08 -45.89 31.41
C1 NAG BA . -7.98 -37.63 20.61
C2 NAG BA . -7.07 -37.18 19.44
C3 NAG BA . -7.21 -38.16 18.27
C4 NAG BA . -6.96 -39.59 18.73
C5 NAG BA . -7.86 -39.91 19.93
C6 NAG BA . -7.60 -41.28 20.50
C7 NAG BA . -6.80 -34.75 19.54
C8 NAG BA . -7.25 -33.43 18.99
N2 NAG BA . -7.39 -35.82 19.02
O3 NAG BA . -6.27 -37.80 17.26
O4 NAG BA . -7.28 -40.52 17.69
O5 NAG BA . -7.64 -38.97 20.98
O6 NAG BA . -8.22 -42.29 19.72
O7 NAG BA . -5.94 -34.83 20.41
C1 NAG BA . -6.15 -40.89 16.87
C2 NAG BA . -6.41 -42.28 16.22
C3 NAG BA . -5.33 -42.64 15.20
C4 NAG BA . -5.13 -41.51 14.21
C5 NAG BA . -4.83 -40.21 14.96
C6 NAG BA . -4.69 -39.02 14.03
C7 NAG BA . -5.74 -43.88 18.08
C8 NAG BA . -4.36 -43.28 18.13
N2 NAG BA . -6.62 -43.36 17.20
O3 NAG BA . -5.70 -43.83 14.51
O4 NAG BA . -4.03 -41.81 13.34
O5 NAG BA . -5.93 -39.92 15.85
O6 NAG BA . -4.50 -39.43 12.69
O7 NAG BA . -6.07 -44.79 18.82
C1 NAG CA . -0.27 -18.19 41.71
C2 NAG CA . 0.17 -16.74 41.85
C3 NAG CA . 1.04 -16.56 43.09
C4 NAG CA . 0.34 -17.11 44.32
C5 NAG CA . -0.14 -18.55 44.08
C6 NAG CA . -0.96 -19.10 45.21
C7 NAG CA . 2.02 -16.82 40.20
C8 NAG CA . 2.56 -16.20 38.95
N2 NAG CA . 0.87 -16.29 40.66
O3 NAG CA . 1.33 -15.18 43.27
O4 NAG CA . 1.23 -17.10 45.43
O5 NAG CA . -0.96 -18.60 42.90
O6 NAG CA . -0.15 -19.60 46.26
O7 NAG CA . 2.58 -17.75 40.76
C1 NAG CA . 0.70 -16.20 46.42
C2 NAG CA . 1.76 -16.00 47.51
C3 NAG CA . 1.26 -15.01 48.57
C4 NAG CA . 0.82 -13.71 47.91
C5 NAG CA . -0.17 -13.99 46.79
C6 NAG CA . -0.55 -12.76 45.99
C7 NAG CA . 1.29 -18.08 48.78
C8 NAG CA . 1.88 -19.33 49.35
N2 NAG CA . 2.14 -17.27 48.14
O3 NAG CA . 2.32 -14.76 49.51
O4 NAG CA . 0.21 -12.87 48.88
O5 NAG CA . 0.38 -14.93 45.85
O6 NAG CA . -1.37 -11.89 46.75
O7 NAG CA . 0.09 -17.81 48.91
C1 BMA CA . 0.90 -11.60 49.04
C2 BMA CA . 1.82 -11.67 50.31
C3 BMA CA . 2.56 -10.35 50.47
C4 BMA CA . 3.26 -9.93 49.17
C5 BMA CA . 2.27 -9.94 47.99
C6 BMA CA . 2.91 -9.59 46.66
O2 BMA CA . 2.82 -12.66 50.18
O3 BMA CA . 3.49 -10.39 51.55
O4 BMA CA . 3.82 -8.63 49.31
O5 BMA CA . 1.69 -11.26 47.89
O6 BMA CA . 3.48 -8.29 46.77
C1 NAG DA . 19.05 16.98 -16.84
C2 NAG DA . 19.48 18.15 -17.71
C3 NAG DA . 18.38 18.44 -18.74
C4 NAG DA . 18.06 17.18 -19.53
C5 NAG DA . 17.74 16.01 -18.61
C6 NAG DA . 17.60 14.70 -19.34
C7 NAG DA . 21.02 19.74 -16.67
C8 NAG DA . 21.15 21.00 -15.87
N2 NAG DA . 19.78 19.34 -16.94
O3 NAG DA . 18.79 19.49 -19.60
O4 NAG DA . 16.92 17.41 -20.35
O5 NAG DA . 18.80 15.84 -17.65
O6 NAG DA . 16.97 13.71 -18.53
O7 NAG DA . 22.01 19.11 -17.05
C1 NAG DA . 17.29 17.66 -21.72
C2 NAG DA . 16.35 18.77 -22.19
C3 NAG DA . 16.63 19.12 -23.64
C4 NAG DA . 18.11 19.46 -23.83
C5 NAG DA . 19.00 18.35 -23.28
C6 NAG DA . 20.47 18.69 -23.31
C7 NAG DA . 14.37 17.31 -22.46
C8 NAG DA . 12.92 17.14 -22.13
N2 NAG DA . 14.96 18.42 -21.99
O3 NAG DA . 15.83 20.22 -24.04
O4 NAG DA . 18.40 19.66 -25.20
O5 NAG DA . 18.66 18.07 -21.91
O6 NAG DA . 21.25 17.71 -22.63
O7 NAG DA . 14.98 16.47 -23.12
C1 NAG EA . 9.36 36.30 10.51
C2 NAG EA . 8.94 35.22 9.51
C3 NAG EA . 9.06 35.76 8.09
C4 NAG EA . 8.21 37.03 7.95
C5 NAG EA . 8.64 38.04 9.01
C6 NAG EA . 7.76 39.28 9.02
C7 NAG EA . 11.03 33.89 9.66
C8 NAG EA . 11.58 32.52 9.86
N2 NAG EA . 9.69 33.99 9.68
O3 NAG EA . 8.64 34.77 7.15
O4 NAG EA . 8.31 37.61 6.65
O5 NAG EA . 8.55 37.47 10.32
O6 NAG EA . 6.49 39.00 9.57
O7 NAG EA . 11.75 34.87 9.48
C1 NAG EA . 7.15 37.25 5.87
C2 NAG EA . 6.37 38.50 5.39
C3 NAG EA . 5.25 38.10 4.43
C4 NAG EA . 5.78 37.22 3.31
C5 NAG EA . 6.50 36.01 3.92
C6 NAG EA . 7.11 35.09 2.89
C7 NAG EA . 5.28 40.46 6.44
C8 NAG EA . 4.76 41.04 7.72
N2 NAG EA . 5.83 39.23 6.52
O3 NAG EA . 4.66 39.26 3.86
O4 NAG EA . 4.70 36.79 2.48
O5 NAG EA . 7.57 36.49 4.74
O6 NAG EA . 7.84 35.81 1.91
O7 NAG EA . 5.21 41.06 5.37
C1 BMA EA . 4.91 37.27 1.13
C2 BMA EA . 4.97 36.04 0.19
C3 BMA EA . 5.20 36.51 -1.23
C4 BMA EA . 4.18 37.59 -1.66
C5 BMA EA . 4.12 38.74 -0.62
C6 BMA EA . 3.02 39.75 -0.94
O2 BMA EA . 3.75 35.32 0.20
O3 BMA EA . 5.16 35.42 -2.14
O4 BMA EA . 4.54 38.12 -2.93
O5 BMA EA . 3.87 38.17 0.70
O6 BMA EA . 3.49 41.06 -0.65
C1 NAG FA . 11.29 33.75 -12.55
C2 NAG FA . 11.16 35.26 -12.68
C3 NAG FA . 9.81 35.66 -13.27
C4 NAG FA . 9.50 34.86 -14.53
C5 NAG FA . 9.67 33.37 -14.27
C6 NAG FA . 9.46 32.50 -15.49
C7 NAG FA . 11.57 37.20 -11.22
C8 NAG FA . 11.74 37.67 -9.80
N2 NAG FA . 11.35 35.89 -11.38
O3 NAG FA . 9.79 37.04 -13.58
O4 NAG FA . 8.15 35.12 -14.93
O5 NAG FA . 11.01 33.13 -13.82
O6 NAG FA . 10.01 33.11 -16.66
O7 NAG FA . 11.62 37.98 -12.17
C1 NAG FA . 8.10 35.68 -16.25
C2 NAG FA . 6.78 35.25 -16.87
C3 NAG FA . 6.63 35.83 -18.28
C4 NAG FA . 6.83 37.34 -18.25
C5 NAG FA . 8.16 37.68 -17.58
C6 NAG FA . 8.38 39.16 -17.43
C7 NAG FA . 5.51 33.14 -17.01
C8 NAG FA . 5.60 31.65 -17.03
N2 NAG FA . 6.67 33.80 -16.91
O3 NAG FA . 5.34 35.53 -18.79
O4 NAG FA . 6.82 37.86 -19.57
O5 NAG FA . 8.19 37.12 -16.26
O6 NAG FA . 8.80 39.75 -18.66
O7 NAG FA . 4.43 33.73 -17.10
C1 NAG GA . 24.41 40.35 1.05
C2 NAG GA . 23.53 40.72 -0.14
C3 NAG GA . 24.21 40.37 -1.46
C4 NAG GA . 25.62 40.95 -1.49
C5 NAG GA . 26.39 40.58 -0.22
C6 NAG GA . 27.76 41.23 -0.13
C7 NAG GA . 22.05 38.74 0.00
C8 NAG GA . 20.64 38.29 0.13
N2 NAG GA . 22.22 40.07 -0.03
O3 NAG GA . 23.44 40.87 -2.54
O4 NAG GA . 26.33 40.46 -2.61
O5 NAG GA . 25.65 41.01 0.93
O6 NAG GA . 27.65 42.64 -0.04
O7 NAG GA . 22.98 37.95 -0.08
C1 NAG GA . 26.40 41.52 -3.58
C2 NAG GA . 27.62 41.30 -4.45
C3 NAG GA . 27.70 42.36 -5.54
C4 NAG GA . 26.38 42.46 -6.31
C5 NAG GA . 25.20 42.57 -5.35
C6 NAG GA . 23.86 42.46 -6.05
C7 NAG GA . 29.31 42.33 -2.96
C8 NAG GA . 30.59 42.09 -2.21
N2 NAG GA . 28.85 41.28 -3.67
O3 NAG GA . 28.76 42.05 -6.45
O4 NAG GA . 26.41 43.62 -7.13
O5 NAG GA . 25.23 41.50 -4.39
O6 NAG GA . 23.72 41.21 -6.70
O7 NAG GA . 28.73 43.40 -2.92
C1 BMA GA . 26.51 43.20 -8.50
C2 BMA GA . 25.15 43.54 -9.15
C3 BMA GA . 25.22 43.40 -10.65
C4 BMA GA . 26.45 44.11 -11.21
C5 BMA GA . 27.71 43.57 -10.53
C6 BMA GA . 28.94 44.27 -11.04
O2 BMA GA . 24.80 44.90 -8.90
O3 BMA GA . 24.05 43.94 -11.21
O4 BMA GA . 26.57 43.91 -12.59
O5 BMA GA . 27.59 43.84 -9.13
O6 BMA GA . 28.64 45.65 -11.11
C1 MAN GA . 29.56 46.38 -10.27
C2 MAN GA . 28.73 47.37 -9.41
C3 MAN GA . 29.56 48.58 -9.04
C4 MAN GA . 31.05 48.19 -8.94
C5 MAN GA . 31.53 47.84 -10.36
C6 MAN GA . 32.88 47.11 -10.42
O2 MAN GA . 28.32 46.81 -8.15
O3 MAN GA . 29.10 49.17 -7.83
O4 MAN GA . 31.80 49.26 -8.41
O5 MAN GA . 30.54 47.03 -11.07
O6 MAN GA . 33.29 47.05 -11.81
C1 MAN GA . 28.81 50.57 -8.01
C2 MAN GA . 28.37 51.11 -6.61
C3 MAN GA . 26.98 50.60 -6.29
C4 MAN GA . 25.98 51.00 -7.38
C5 MAN GA . 26.44 50.39 -8.71
C6 MAN GA . 25.56 50.81 -9.88
O2 MAN GA . 28.30 52.54 -6.60
O3 MAN GA . 26.52 51.06 -5.01
O4 MAN GA . 24.67 50.53 -7.07
O5 MAN GA . 27.80 50.81 -9.02
O6 MAN GA . 25.53 52.23 -9.91
C1 MAN GA . 34.01 48.25 -12.17
C2 MAN GA . 33.19 49.00 -13.27
C3 MAN GA . 33.30 48.28 -14.61
C4 MAN GA . 34.79 48.06 -14.98
C5 MAN GA . 35.47 47.25 -13.86
C6 MAN GA . 36.95 47.01 -14.12
O2 MAN GA . 33.70 50.32 -13.50
O3 MAN GA . 32.63 48.98 -15.64
O4 MAN GA . 34.90 47.37 -16.21
O5 MAN GA . 35.35 47.95 -12.60
O6 MAN GA . 37.43 46.11 -13.14
C1 MAN HA . 24.18 42.81 -14.06
C2 MAN HA . 23.35 44.10 -14.25
C3 MAN HA . 21.94 43.99 -13.64
C4 MAN HA . 21.32 42.61 -13.87
C5 MAN HA . 22.30 41.52 -13.40
C6 MAN HA . 21.77 40.11 -13.56
O2 MAN HA . 23.20 44.40 -15.64
O3 MAN HA . 21.07 45.01 -14.13
O4 MAN HA . 20.10 42.49 -13.13
O5 MAN HA . 23.47 41.62 -14.20
O6 MAN HA . 21.79 39.78 -14.95
C1 MAN HA . 23.75 45.70 -15.92
C2 MAN HA . 23.66 45.94 -17.45
C3 MAN HA . 24.66 45.07 -18.15
C4 MAN HA . 26.06 45.44 -17.67
C5 MAN HA . 26.16 45.16 -16.18
C6 MAN HA . 27.47 45.64 -15.60
O2 MAN HA . 24.08 47.26 -17.76
O3 MAN HA . 24.58 45.19 -19.56
O4 MAN HA . 27.04 44.68 -18.36
O5 MAN HA . 25.09 45.85 -15.44
O6 MAN HA . 27.31 45.71 -14.19
C1 MAN HA . 23.02 48.19 -17.55
C2 MAN HA . 23.23 49.27 -18.60
C3 MAN HA . 24.58 49.91 -18.35
C4 MAN HA . 24.69 50.44 -16.90
C5 MAN HA . 24.32 49.35 -15.89
C6 MAN HA . 24.20 49.88 -14.46
O2 MAN HA . 22.27 50.32 -18.45
O3 MAN HA . 24.85 50.95 -19.28
O4 MAN HA . 26.01 50.89 -16.65
O5 MAN HA . 23.06 48.74 -16.25
O6 MAN HA . 23.38 48.99 -13.71
C1 NAG IA . 34.21 24.99 12.12
C2 NAG IA . 33.81 24.18 10.90
C3 NAG IA . 34.96 23.27 10.47
C4 NAG IA . 36.25 24.05 10.29
C5 NAG IA . 36.53 24.92 11.53
C6 NAG IA . 37.68 25.87 11.34
C7 NAG IA . 31.84 22.89 10.20
C8 NAG IA . 30.64 22.12 10.66
N2 NAG IA . 32.61 23.41 11.16
O3 NAG IA . 34.62 22.64 9.23
O4 NAG IA . 37.31 23.12 10.11
O5 NAG IA . 35.39 25.73 11.84
O6 NAG IA . 38.92 25.18 11.12
O7 NAG IA . 32.10 23.04 9.00
C1 NAG IA . 37.98 23.30 8.83
C2 NAG IA . 39.32 22.57 8.91
C3 NAG IA . 40.09 22.75 7.60
C4 NAG IA . 39.24 22.32 6.41
C5 NAG IA . 37.87 23.00 6.45
C6 NAG IA . 36.93 22.47 5.39
C7 NAG IA . 40.20 22.35 11.18
C8 NAG IA . 41.06 22.97 12.25
N2 NAG IA . 40.11 23.03 10.04
O3 NAG IA . 41.28 21.99 7.64
O4 NAG IA . 39.89 22.65 5.20
O5 NAG IA . 37.22 22.79 7.71
O6 NAG IA . 37.31 21.18 4.94
O7 NAG IA . 39.63 21.28 11.35
C1 NAG JA . -17.81 -1.85 -31.80
C2 NAG JA . -17.18 -1.23 -33.05
C3 NAG JA . -17.23 0.30 -32.98
C4 NAG JA . -18.64 0.78 -32.68
C5 NAG JA . -19.16 0.10 -31.43
C6 NAG JA . -20.58 0.48 -31.09
C7 NAG JA . -15.07 -1.49 -34.31
C8 NAG JA . -13.68 -2.03 -34.29
N2 NAG JA . -15.80 -1.68 -33.21
O3 NAG JA . -16.80 0.85 -34.22
O4 NAG JA . -18.64 2.19 -32.49
O5 NAG JA . -19.14 -1.32 -31.61
O6 NAG JA . -21.52 -0.20 -31.91
O7 NAG JA . -15.52 -0.90 -35.29
C1 NAG KA . -14.51 -12.93 -24.05
C2 NAG KA . -15.26 -14.15 -24.64
C3 NAG KA . -14.54 -15.46 -24.31
C4 NAG KA . -13.05 -15.37 -24.66
C5 NAG KA . -12.44 -14.15 -24.00
C6 NAG KA . -10.98 -13.95 -24.34
C7 NAG KA . -17.55 -13.25 -24.31
C8 NAG KA . -18.90 -13.54 -23.76
N2 NAG KA . -16.64 -14.22 -24.17
O3 NAG KA . -15.13 -16.53 -25.02
O4 NAG KA . -12.39 -16.54 -24.19
O5 NAG KA . -13.13 -12.98 -24.44
O6 NAG KA . -10.82 -13.41 -25.64
O7 NAG KA . -17.29 -12.18 -24.87
C1 NAG LA . 0.83 -10.10 -20.02
C2 NAG LA . 2.05 -10.90 -19.54
C3 NAG LA . 2.98 -11.19 -20.71
C4 NAG LA . 2.22 -11.88 -21.83
C5 NAG LA . 0.96 -11.09 -22.20
C6 NAG LA . 0.08 -11.80 -23.20
C7 NAG LA . 2.90 -10.68 -17.24
C8 NAG LA . 3.66 -9.81 -16.28
N2 NAG LA . 2.75 -10.18 -18.48
O3 NAG LA . 4.06 -12.00 -20.27
O4 NAG LA . 3.04 -12.02 -22.97
O5 NAG LA . 0.16 -10.85 -21.04
O6 NAG LA . -1.11 -11.07 -23.48
O7 NAG LA . 2.45 -11.77 -16.92
C1 NAG MA . -44.70 33.59 -1.32
C2 NAG MA . -44.33 34.55 -2.44
C3 NAG MA . -43.89 35.89 -1.87
C4 NAG MA . -44.96 36.45 -0.94
C5 NAG MA . -45.31 35.42 0.14
C6 NAG MA . -46.44 35.86 1.03
C7 NAG MA . -43.56 33.51 -4.53
C8 NAG MA . -42.37 32.98 -5.27
N2 NAG MA . -43.30 34.00 -3.31
O3 NAG MA . -43.64 36.81 -2.94
O4 NAG MA . -44.49 37.64 -0.31
O5 NAG MA . -45.72 34.18 -0.48
O6 NAG MA . -46.14 37.08 1.69
O7 NAG MA . -44.68 33.51 -5.01
C1 NAG NA . -45.57 -0.97 -13.90
C2 NAG NA . -46.68 -0.93 -14.95
C3 NAG NA . -48.04 -1.01 -14.27
C4 NAG NA . -48.12 -2.22 -13.35
C5 NAG NA . -46.94 -2.20 -12.37
C6 NAG NA . -46.87 -3.44 -11.49
C7 NAG NA . -45.99 0.31 -16.96
C8 NAG NA . -46.00 1.63 -17.66
N2 NAG NA . -46.58 0.28 -15.77
O3 NAG NA . -49.07 -1.10 -15.26
O4 NAG NA . -49.34 -2.21 -12.62
O5 NAG NA . -45.71 -2.14 -13.10
O6 NAG NA . -46.48 -4.59 -12.23
O7 NAG NA . -45.47 -0.69 -17.45
C1 NAG OA . -52.45 16.13 -23.52
C2 NAG OA . -52.66 15.87 -25.00
C3 NAG OA . -53.40 17.05 -25.65
C4 NAG OA . -54.67 17.37 -24.88
C5 NAG OA . -54.37 17.56 -23.39
C6 NAG OA . -55.61 17.77 -22.55
C7 NAG OA . -50.86 14.42 -25.83
C8 NAG OA . -49.54 14.37 -26.55
N2 NAG OA . -51.39 15.64 -25.67
O3 NAG OA . -53.72 16.72 -27.00
O4 NAG OA . -55.26 18.57 -25.39
O5 NAG OA . -53.71 16.39 -22.88
O6 NAG OA . -56.21 16.52 -22.20
O7 NAG OA . -51.41 13.41 -25.42
C1 NAG PA . -56.38 34.75 -15.48
C2 NAG PA . -55.75 34.63 -14.09
C3 NAG PA . -56.82 34.42 -13.02
C4 NAG PA . -57.92 35.46 -13.13
C5 NAG PA . -58.49 35.45 -14.54
C6 NAG PA . -59.56 36.49 -14.77
C7 NAG PA . -53.48 33.71 -14.36
C8 NAG PA . -52.63 32.49 -14.28
N2 NAG PA . -54.78 33.55 -14.06
O3 NAG PA . -56.20 34.50 -11.73
O4 NAG PA . -58.96 35.17 -12.20
O5 NAG PA . -57.43 35.72 -15.47
O6 NAG PA . -59.01 37.80 -14.84
O7 NAG PA . -53.02 34.81 -14.68
C1 NAG QA . -40.93 15.07 -30.78
C2 NAG QA . -40.21 13.87 -31.40
C3 NAG QA . -40.16 14.02 -32.91
C4 NAG QA . -41.56 14.25 -33.47
C5 NAG QA . -42.26 15.41 -32.75
C6 NAG QA . -43.70 15.58 -33.15
C7 NAG QA . -38.54 12.78 -29.97
C8 NAG QA . -37.11 12.77 -29.52
N2 NAG QA . -38.87 13.72 -30.86
O3 NAG QA . -39.60 12.84 -33.49
O4 NAG QA . -41.49 14.54 -34.87
O5 NAG QA . -42.24 15.18 -31.32
O6 NAG QA . -44.53 14.64 -32.48
O7 NAG QA . -39.37 11.97 -29.54
C1 NAG RA . -29.58 -3.84 59.70
C2 NAG RA . -29.70 -2.39 60.21
C3 NAG RA . -29.35 -2.29 61.70
C4 NAG RA . -30.13 -3.32 62.50
C5 NAG RA . -29.93 -4.71 61.91
C6 NAG RA . -30.75 -5.78 62.61
C7 NAG RA . -27.60 -1.33 59.23
C8 NAG RA . -26.73 -2.33 59.93
N2 NAG RA . -28.94 -1.43 59.40
O3 NAG RA . -29.67 -0.98 62.17
O4 NAG RA . -29.67 -3.33 63.85
O5 NAG RA . -30.35 -4.71 60.53
O6 NAG RA . -30.34 -5.94 63.96
O7 NAG RA . -27.12 -0.46 58.51
C1 NAG SA . 18.49 -22.77 4.33
C2 NAG SA . 19.71 -22.70 5.28
C3 NAG SA . 20.85 -21.90 4.63
C4 NAG SA . 21.17 -22.46 3.25
C5 NAG SA . 19.91 -22.49 2.40
C6 NAG SA . 20.15 -23.11 1.04
C7 NAG SA . 18.85 -20.92 6.76
C8 NAG SA . 18.59 -20.54 8.18
N2 NAG SA . 19.36 -22.15 6.58
O3 NAG SA . 22.00 -21.95 5.47
O4 NAG SA . 22.16 -21.65 2.63
O5 NAG SA . 18.90 -23.28 3.05
O6 NAG SA . 21.26 -22.53 0.38
O7 NAG SA . 18.61 -20.17 5.84
C1 NAG TA . 13.58 -15.01 -8.10
C2 NAG TA . 12.72 -16.11 -8.69
C3 NAG TA . 13.53 -16.99 -9.63
C4 NAG TA . 14.20 -16.14 -10.70
C5 NAG TA . 15.03 -15.03 -10.05
C6 NAG TA . 15.63 -14.07 -11.04
C7 NAG TA . 10.91 -16.62 -7.10
C8 NAG TA . 10.43 -17.56 -6.04
N2 NAG TA . 12.10 -16.91 -7.64
O3 NAG TA . 12.69 -17.96 -10.24
O4 NAG TA . 15.05 -16.94 -11.51
O5 NAG TA . 14.20 -14.25 -9.17
O6 NAG TA . 16.70 -13.33 -10.49
O7 NAG TA . 10.25 -15.65 -7.46
C1 NAG UA . -27.86 -21.33 42.20
C2 NAG UA . -28.53 -20.17 42.95
C3 NAG UA . -30.06 -20.37 43.04
C4 NAG UA . -30.64 -20.67 41.66
C5 NAG UA . -29.88 -21.82 41.00
C6 NAG UA . -30.35 -22.10 39.59
C7 NAG UA . -27.92 -20.63 45.38
C8 NAG UA . -28.53 -21.99 45.31
N2 NAG UA . -27.95 -19.86 44.26
O3 NAG UA . -30.68 -19.22 43.60
O4 NAG UA . -32.00 -21.03 41.79
O5 NAG UA . -28.48 -21.51 40.92
O6 NAG UA . -31.74 -21.82 39.44
O7 NAG UA . -27.38 -20.22 46.41
C1 NAG VA . -5.31 -39.25 42.86
C2 NAG VA . -5.26 -40.72 42.48
C3 NAG VA . -6.05 -41.56 43.48
C4 NAG VA . -5.57 -41.27 44.90
C5 NAG VA . -5.57 -39.77 45.19
C6 NAG VA . -4.97 -39.42 46.52
C7 NAG VA . -4.98 -41.13 40.07
C8 NAG VA . -5.68 -41.34 38.76
N2 NAG VA . -5.77 -40.94 41.13
O3 NAG VA . -5.89 -42.94 43.19
O4 NAG VA . -6.42 -41.92 45.84
O5 NAG VA . -4.81 -39.08 44.19
O6 NAG VA . -3.57 -39.18 46.41
O7 NAG VA . -3.75 -41.15 40.17
C1 NAG WA . -25.10 -38.13 48.67
C2 NAG WA . -24.95 -37.86 50.17
C3 NAG WA . -26.31 -37.83 50.84
C4 NAG WA . -27.23 -36.83 50.14
C5 NAG WA . -27.29 -37.13 48.65
C6 NAG WA . -28.09 -36.11 47.87
C7 NAG WA . -22.78 -38.68 50.95
C8 NAG WA . -22.04 -39.82 51.60
N2 NAG WA . -24.09 -38.86 50.79
O3 NAG WA . -26.16 -37.47 52.21
O4 NAG WA . -28.54 -36.90 50.69
O5 NAG WA . -25.97 -37.13 48.10
O6 NAG WA . -29.37 -35.89 48.46
O7 NAG WA . -22.20 -37.67 50.58
C1 NAG XA . -5.07 -42.57 28.46
C2 NAG XA . -3.81 -42.79 27.64
C3 NAG XA . -3.67 -44.26 27.28
C4 NAG XA . -3.74 -45.13 28.53
C5 NAG XA . -5.01 -44.82 29.32
C6 NAG XA . -5.08 -45.55 30.63
C7 NAG XA . -3.15 -40.80 26.37
C8 NAG XA . -3.25 -40.08 25.06
N2 NAG XA . -3.80 -41.97 26.45
O3 NAG XA . -2.43 -44.48 26.61
O4 NAG XA . -3.74 -46.51 28.17
O5 NAG XA . -5.06 -43.41 29.62
O6 NAG XA . -4.25 -44.95 31.62
O7 NAG XA . -2.50 -40.35 27.32
C1 NAG YA . -0.11 46.21 49.23
C2 NAG YA . -1.62 46.15 49.50
C3 NAG YA . -2.19 47.54 49.69
C4 NAG YA . -1.42 48.29 50.78
C5 NAG YA . 0.07 48.29 50.46
C6 NAG YA . 0.91 48.92 51.55
C7 NAG YA . -2.34 44.12 48.34
C8 NAG YA . -3.10 43.55 47.17
N2 NAG YA . -2.31 45.44 48.44
O3 NAG YA . -3.56 47.46 50.04
O4 NAG YA . -1.89 49.63 50.88
O5 NAG YA . 0.54 46.95 50.30
O6 NAG YA . 0.72 48.27 52.80
O7 NAG YA . -1.77 43.39 49.15
C1 NAG ZA . 30.58 16.26 -11.03
C2 NAG ZA . 31.99 16.82 -11.23
C3 NAG ZA . 32.98 16.21 -10.23
C4 NAG ZA . 32.44 16.30 -8.80
C5 NAG ZA . 31.04 15.70 -8.74
C6 NAG ZA . 30.41 15.80 -7.37
C7 NAG ZA . 33.44 17.29 -13.17
C8 NAG ZA . 33.76 16.91 -14.59
N2 NAG ZA . 32.44 16.60 -12.59
O3 NAG ZA . 34.23 16.88 -10.32
O4 NAG ZA . 33.30 15.60 -7.91
O5 NAG ZA . 30.19 16.39 -9.65
O6 NAG ZA . 31.27 16.44 -6.45
O7 NAG ZA . 34.05 18.16 -12.57
C1 NAG AB . 14.43 2.30 -17.18
C2 NAG AB . 15.86 2.28 -16.65
C3 NAG AB . 16.83 1.93 -17.78
C4 NAG AB . 16.41 0.62 -18.45
C5 NAG AB . 14.95 0.69 -18.88
C6 NAG AB . 14.44 -0.63 -19.42
C7 NAG AB . 16.40 3.74 -14.75
C8 NAG AB . 16.79 5.12 -14.31
N2 NAG AB . 16.23 3.56 -16.06
O3 NAG AB . 18.14 1.81 -17.26
O4 NAG AB . 17.23 0.37 -19.59
O5 NAG AB . 14.11 1.03 -17.77
O6 NAG AB . 14.50 -1.64 -18.43
O7 NAG AB . 16.24 2.83 -13.94
C1 NAG BB . 18.12 33.15 39.69
C2 NAG BB . 18.67 31.72 39.65
C3 NAG BB . 18.50 31.06 41.01
C4 NAG BB . 19.14 31.91 42.10
C5 NAG BB . 18.61 33.34 42.04
C6 NAG BB . 19.32 34.28 42.99
C7 NAG BB . 18.60 30.64 37.45
C8 NAG BB . 17.79 29.81 36.50
N2 NAG BB . 18.02 30.93 38.61
O3 NAG BB . 19.11 29.77 41.00
O4 NAG BB . 18.85 31.36 43.38
O5 NAG BB . 18.79 33.89 40.73
O6 NAG BB . 20.66 33.85 43.23
O7 NAG BB . 19.73 31.04 37.16
C1 NAG CB . 17.46 43.84 4.91
C2 NAG CB . 18.64 44.78 5.15
C3 NAG CB . 18.15 46.16 5.60
C4 NAG CB . 17.12 46.70 4.63
C5 NAG CB . 15.99 45.69 4.43
C6 NAG CB . 14.97 46.13 3.40
C7 NAG CB . 20.58 43.43 5.80
C8 NAG CB . 21.43 42.94 6.94
N2 NAG CB . 19.56 44.23 6.13
O3 NAG CB . 19.25 47.05 5.70
O4 NAG CB . 16.58 47.93 5.13
O5 NAG CB . 16.53 44.45 3.98
O6 NAG CB . 14.26 47.29 3.83
O7 NAG CB . 20.81 43.10 4.64
C1 NAG DB . 33.90 45.03 17.78
C2 NAG DB . 35.03 45.05 16.75
C3 NAG DB . 36.36 45.36 17.41
C4 NAG DB . 36.26 46.64 18.25
C5 NAG DB . 35.10 46.53 19.23
C6 NAG DB . 34.87 47.79 20.03
C7 NAG DB . 34.54 43.57 14.85
C8 NAG DB . 34.72 42.19 14.28
N2 NAG DB . 35.10 43.77 16.04
O3 NAG DB . 37.37 45.52 16.42
O4 NAG DB . 37.47 46.85 18.96
O5 NAG DB . 33.88 46.27 18.51
O6 NAG DB . 34.88 48.95 19.20
O7 NAG DB . 33.92 44.44 14.26
C1 NAG EB . 37.77 34.26 11.96
C2 NAG EB . 37.83 34.06 10.43
C3 NAG EB . 39.25 34.32 9.92
C4 NAG EB . 39.74 35.69 10.38
C5 NAG EB . 39.64 35.78 11.90
C6 NAG EB . 40.04 37.14 12.43
C7 NAG EB . 36.90 32.44 8.84
C8 NAG EB . 36.49 31.01 8.64
N2 NAG EB . 37.38 32.74 10.06
O3 NAG EB . 39.28 34.25 8.50
O4 NAG EB . 41.09 35.89 9.96
O5 NAG EB . 38.29 35.56 12.30
O6 NAG EB . 39.39 38.19 11.73
O7 NAG EB . 36.80 33.28 7.96
C1 NAG FB . 11.63 43.36 14.29
C2 NAG FB . 10.16 43.03 14.03
C3 NAG FB . 9.35 44.31 13.82
C4 NAG FB . 9.55 45.25 15.00
C5 NAG FB . 11.04 45.52 15.19
C6 NAG FB . 11.32 46.39 16.40
C7 NAG FB . 9.99 40.82 12.99
C8 NAG FB . 9.86 40.05 11.71
N2 NAG FB . 10.02 42.15 12.89
O3 NAG FB . 7.97 43.98 13.70
O4 NAG FB . 8.85 46.47 14.78
O5 NAG FB . 11.73 44.29 15.38
O6 NAG FB . 11.10 45.67 17.60
O7 NAG FB . 10.06 40.24 14.08
C1 NAG GB . -56.71 9.92 44.34
C2 NAG GB . -57.84 10.95 44.53
C3 NAG GB . -59.17 10.36 44.05
C4 NAG GB . -59.05 9.82 42.63
C5 NAG GB . -57.89 8.83 42.56
C6 NAG GB . -57.66 8.28 41.17
C7 NAG GB . -57.24 12.39 46.43
C8 NAG GB . -57.47 12.67 47.88
N2 NAG GB . -57.93 11.37 45.91
O3 NAG GB . -60.17 11.38 44.10
O4 NAG GB . -60.26 9.18 42.24
O5 NAG GB . -56.68 9.48 42.97
O6 NAG GB . -57.38 9.33 40.24
O7 NAG GB . -56.47 13.06 45.74
C1 NAG HB . -50.06 0.73 60.15
C2 NAG HB . -51.19 0.33 61.09
C3 NAG HB . -50.91 -1.05 61.68
C4 NAG HB . -50.67 -2.07 60.58
C5 NAG HB . -49.58 -1.56 59.62
C6 NAG HB . -49.36 -2.46 58.44
C7 NAG HB . -50.45 1.66 63.05
C8 NAG HB . -50.85 2.72 64.02
N2 NAG HB . -51.37 1.32 62.13
O3 NAG HB . -52.03 -1.46 62.47
O4 NAG HB . -50.26 -3.31 61.13
O5 NAG HB . -49.92 -0.27 59.12
O6 NAG HB . -50.33 -2.23 57.42
O7 NAG HB . -49.35 1.12 63.09
C1 NAG IB . -46.71 -1.77 38.88
C2 NAG IB . -47.18 -2.63 40.06
C3 NAG IB . -46.80 -4.10 39.84
C4 NAG IB . -47.33 -4.58 38.50
C5 NAG IB . -46.84 -3.66 37.38
C6 NAG IB . -47.43 -4.01 36.03
C7 NAG IB . -47.28 -1.38 42.16
C8 NAG IB . -46.56 -0.99 43.42
N2 NAG IB . -46.62 -2.15 41.31
O3 NAG IB . -47.34 -4.89 40.88
O4 NAG IB . -46.89 -5.91 38.25
O5 NAG IB . -47.24 -2.31 37.65
O6 NAG IB . -48.82 -4.31 36.13
O7 NAG IB . -48.43 -0.98 41.93
C1 NAG JB . -34.43 56.58 31.86
C2 NAG JB . -34.44 57.24 33.25
C3 NAG JB . -34.03 58.71 33.14
C4 NAG JB . -32.70 58.84 32.39
C5 NAG JB . -32.79 58.12 31.05
C6 NAG JB . -31.48 58.12 30.30
C7 NAG JB . -36.11 56.17 34.70
C8 NAG JB . -37.51 56.21 35.24
N2 NAG JB . -35.76 57.14 33.86
O3 NAG JB . -33.90 59.25 34.45
O4 NAG JB . -32.40 60.21 32.17
O5 NAG JB . -33.14 56.74 31.27
O6 NAG JB . -30.42 57.60 31.08
O7 NAG JB . -35.32 55.28 35.04
C1 NAG KB . -34.27 48.16 17.37
C2 NAG KB . -34.08 49.39 16.48
C3 NAG KB . -34.64 49.14 15.09
C4 NAG KB . -34.07 47.87 14.50
C5 NAG KB . -34.26 46.70 15.47
C6 NAG KB . -33.61 45.42 15.00
C7 NAG KB . -34.00 51.51 17.72
C8 NAG KB . -34.79 52.65 18.28
N2 NAG KB . -34.68 50.57 17.08
O3 NAG KB . -34.35 50.25 14.25
O4 NAG KB . -34.70 47.56 13.26
O5 NAG KB . -33.67 47.01 16.74
O6 NAG KB . -34.08 45.03 13.70
O7 NAG KB . -32.77 51.44 17.85
C1 NAG LB . -11.26 19.18 68.06
C2 NAG LB . -12.50 18.26 68.00
C3 NAG LB . -12.09 16.79 68.15
C4 NAG LB . -11.00 16.42 67.17
C5 NAG LB . -9.80 17.32 67.41
C6 NAG LB . -8.66 17.07 66.46
C7 NAG LB . -14.54 19.36 68.80
C8 NAG LB . -15.42 19.62 69.99
N2 NAG LB . -13.45 18.61 69.04
O3 NAG LB . -13.23 15.97 67.91
O4 NAG LB . -10.60 15.06 67.34
O5 NAG LB . -10.21 18.68 67.20
O6 NAG LB . -8.86 17.73 65.21
O7 NAG LB . -14.80 19.81 67.69
C1 NAG MB . -4.07 36.69 71.49
C2 NAG MB . -2.99 35.59 71.58
C3 NAG MB . -2.31 35.63 72.96
C4 NAG MB . -1.81 37.03 73.27
C5 NAG MB . -2.95 38.02 73.17
C6 NAG MB . -2.52 39.45 73.38
C7 NAG MB . -2.93 33.33 70.62
C8 NAG MB . -1.60 33.70 70.04
N2 NAG MB . -3.55 34.28 71.33
O3 NAG MB . -1.24 34.70 72.99
O4 NAG MB . -1.27 37.07 74.58
O5 NAG MB . -3.52 37.96 71.84
O6 NAG MB . -3.63 40.32 73.57
O7 NAG MB . -3.42 32.22 70.45
#